data_8WM3
#
_entry.id   8WM3
#
_cell.length_a   1.00
_cell.length_b   1.00
_cell.length_c   1.00
_cell.angle_alpha   90.00
_cell.angle_beta   90.00
_cell.angle_gamma   90.00
#
_symmetry.space_group_name_H-M   'P 1'
#
loop_
_entity.id
_entity.type
_entity.pdbx_description
1 polymer 'Sodium- and chloride-dependent transporter XTRP3'
2 polymer 'Angiotensin-converting enzyme 2'
3 branched 2-acetamido-2-deoxy-beta-D-glucopyranose-(1-4)-2-acetamido-2-deoxy-beta-D-glucopyranose
4 non-polymer 2-acetamido-2-deoxy-beta-D-glucopyranose
5 non-polymer Tiagabine
#
loop_
_entity_poly.entity_id
_entity_poly.type
_entity_poly.pdbx_seq_one_letter_code
_entity_poly.pdbx_strand_id
1 'polypeptide(L)'
;DYKDDDDKSGPDEVDASGRMEKARPLWANSLQFVFACTSYAVGLGNVWRFPYLCQMYGGGSFLVPYIIMLIVEGMPLLYL
ELAVGQRMRQGSIGAWRTISPYLSGVGVASVVVSFFLSMYYNVINAWAFWYLFHSFQDPLPWSVCPLNGNHTGYDEECEK
ASSTQYFWYRKTLNISPSLQENGGVQWEPALCLLLAWLVVYLCILRGTESTGKVVYFTASLPYCVLIIYLIRGLTLHGAT
NGLMYMFTPKIEQLANPKAWINAATQIFFSLGLGFGSLIAFASYNEPSNNCQKHAIIVSLINSFTSIFASIVTFSIYGFK
ATFNYENCLKKVSLLLTNTFDLEDGFLTASNLEQVKGYLASAYPSKYSEMFPQIKNCSLESELDTAVQGTGLAFIVYTEA
IKNMEVSQLWSVLYFFMLLMLGIGSMLGNTAAILTPLTDSKIISSHLPKEAISGLVCLVNCAIGMVFTMEAGNYWFDIFN
DYAATLSLLLIVLVETIAVCYVYGLRRFESDLKAMTGRAVSWYWKVMWAGVSPLLIVSLFVFYLSDYILTGTLKYQAWDA
SQGQLVTKDYPAYALAVIGLLVASSTMCIPLAALGTFVQRRLKRGDADPVA
;
A,C
2 'polypeptide(L)'
;MSSSSWLLLSLVAVTAAQSSIEEQAKTFLDKFNHEAEDLFYQSSLASWNYNTNITEENVQNMNNAGDKWSAFLKEQSTLA
QMYPLQEIQNLTVKLQLQALQQNGSSVLSEDKSKRLNTILNTMSTIYSTGKVCNPDNPQECLLLEPGLNEIMANSLDYNE
RLWAWESWRSEVGKQLRPLYEEYVVLKNEMARANHYEDYGDYWRGDYEVNGVDGYDYSRGQLIEDVEHTFEEIKPLYEHL
HAYVRAKLMNAYPSYISPIGCLPAHLLGDMWGRFWTNLYSLTVPFGQKPNIDVTDAMVDQAWDAQRIFKEAEKFFVSVGL
PNMTQGFWENSMLTDPGNVQKAVCHPTAWDLGKGDFRILMCTKVTMDDFLTAHHEMGHIQYDMAYAAQPFLLRNGANEGF
HEAVGEIMSLSAATPKHLKSIGLLSPDFQEDNETEINFLLKQALTIVGTLPFTYMLEKWRWMVFKGEIPKDQWMKKWWEM
KREIVGVVEPVPHDETYCDPASLFHVSNDYSFIRYYTRTLYQFQFQEALCQAAKHEGPLHKCDISNSTEAGQKLFNMLRL
GKSEPWTLALENVVGAKNMNVRPLLNYFEPLFTWLKDQNKNSFVGWSTDWSPYADQSIKVRISLKSALGDKAYEWNDNEM
YLFRSSVAYAMRQYFLKVKNQMILFGEEDVRVANLKPRISFNFFVTAPKNVSDIIPRTEVEKAIRMSRSRINDAFRLNDN
SLEFLGIQPTLGPPNQPPVSIWLIVFGVVMGVIVVGIVILIFTGIRDRKKKNKARSGENPYASIDISKGENNPGFQNTDD
VQTSFLEHHHHHHHHHH
;
B,D
#
# COMPACT_ATOMS: atom_id res chain seq x y z
N LEU A 31 16.23 -68.12 15.26
CA LEU A 31 15.78 -67.37 14.09
C LEU A 31 15.38 -65.95 14.47
N GLN A 32 14.39 -65.41 13.76
CA GLN A 32 13.98 -64.04 14.00
C GLN A 32 13.27 -63.88 15.35
N PHE A 33 12.61 -64.94 15.82
CA PHE A 33 11.93 -64.86 17.11
C PHE A 33 12.94 -64.73 18.25
N VAL A 34 14.11 -65.36 18.12
CA VAL A 34 15.14 -65.23 19.15
C VAL A 34 15.59 -63.77 19.26
N PHE A 35 15.84 -63.13 18.12
CA PHE A 35 16.25 -61.73 18.15
C PHE A 35 15.14 -60.83 18.66
N ALA A 36 13.89 -61.10 18.25
CA ALA A 36 12.76 -60.32 18.75
C ALA A 36 12.62 -60.45 20.26
N CYS A 37 12.90 -61.62 20.82
CA CYS A 37 12.84 -61.79 22.28
C CYS A 37 14.01 -61.10 22.96
N THR A 38 15.21 -61.21 22.39
CA THR A 38 16.38 -60.58 22.99
C THR A 38 16.33 -59.05 22.89
N SER A 39 15.50 -58.51 21.99
CA SER A 39 15.35 -57.07 21.89
C SER A 39 14.69 -56.49 23.15
N TYR A 40 14.31 -57.31 24.10
CA TYR A 40 13.78 -56.72 25.32
C TYR A 40 14.94 -56.26 26.19
N ALA A 41 16.14 -56.24 25.63
CA ALA A 41 17.28 -55.71 26.39
C ALA A 41 17.35 -54.21 26.32
N VAL A 42 16.54 -53.61 25.46
CA VAL A 42 16.52 -52.17 25.27
C VAL A 42 15.63 -51.53 26.33
N GLY A 43 16.00 -50.32 26.75
CA GLY A 43 15.27 -49.65 27.79
C GLY A 43 15.54 -48.16 27.78
N LEU A 44 15.32 -47.54 28.93
CA LEU A 44 15.49 -46.10 29.09
C LEU A 44 16.91 -45.72 29.49
N GLY A 45 17.79 -46.71 29.65
CA GLY A 45 19.19 -46.44 29.91
C GLY A 45 19.95 -46.24 28.62
N ASN A 46 19.27 -46.49 27.50
CA ASN A 46 19.90 -46.35 26.19
C ASN A 46 19.47 -45.09 25.45
N VAL A 47 18.27 -44.58 25.73
CA VAL A 47 17.70 -43.45 25.02
C VAL A 47 17.61 -42.21 25.91
N TRP A 48 17.22 -42.39 27.17
CA TRP A 48 17.00 -41.24 28.04
C TRP A 48 18.26 -40.86 28.82
N ARG A 49 19.07 -41.85 29.19
CA ARG A 49 20.19 -41.58 30.08
C ARG A 49 21.54 -41.53 29.37
N PHE A 50 21.73 -42.32 28.32
CA PHE A 50 23.02 -42.31 27.62
C PHE A 50 23.33 -40.97 26.97
N PRO A 51 22.43 -40.35 26.19
CA PRO A 51 22.78 -39.04 25.60
C PRO A 51 23.06 -37.98 26.63
N TYR A 52 22.36 -38.01 27.77
CA TYR A 52 22.59 -37.03 28.83
C TYR A 52 24.02 -37.14 29.35
N LEU A 53 24.48 -38.36 29.62
CA LEU A 53 25.85 -38.56 30.07
C LEU A 53 26.84 -38.18 28.98
N CYS A 54 26.52 -38.50 27.72
CA CYS A 54 27.42 -38.17 26.62
C CYS A 54 27.63 -36.67 26.52
N GLN A 55 26.54 -35.90 26.61
CA GLN A 55 26.66 -34.44 26.63
C GLN A 55 27.40 -33.96 27.86
N MET A 56 27.16 -34.60 29.00
CA MET A 56 27.75 -34.14 30.26
C MET A 56 29.28 -34.15 30.22
N TYR A 57 29.88 -35.14 29.55
CA TYR A 57 31.32 -35.33 29.57
C TYR A 57 31.94 -35.09 28.21
N GLY A 58 31.50 -34.06 27.51
CA GLY A 58 32.19 -33.56 26.33
C GLY A 58 31.90 -34.29 25.03
N GLY A 59 31.09 -35.35 25.06
CA GLY A 59 30.74 -36.02 23.82
C GLY A 59 31.75 -37.05 23.37
N GLY A 60 32.63 -36.66 22.45
CA GLY A 60 33.60 -37.60 21.90
C GLY A 60 34.47 -38.23 22.96
N SER A 61 34.94 -37.43 23.92
CA SER A 61 35.79 -37.95 24.99
C SER A 61 35.08 -38.97 25.85
N PHE A 62 33.75 -39.05 25.78
CA PHE A 62 32.99 -40.08 26.47
C PHE A 62 32.73 -41.31 25.62
N LEU A 63 32.84 -41.21 24.29
CA LEU A 63 32.55 -42.36 23.46
C LEU A 63 33.62 -43.43 23.58
N VAL A 64 34.89 -43.06 23.50
CA VAL A 64 35.96 -44.05 23.49
C VAL A 64 36.06 -44.86 24.78
N PRO A 65 35.95 -44.27 25.99
CA PRO A 65 36.05 -45.14 27.18
C PRO A 65 34.96 -46.18 27.24
N TYR A 66 33.74 -45.81 26.82
CA TYR A 66 32.62 -46.74 26.82
C TYR A 66 32.99 -48.02 26.07
N ILE A 67 33.53 -47.89 24.86
CA ILE A 67 33.94 -49.05 24.09
C ILE A 67 34.96 -49.88 24.87
N ILE A 68 35.94 -49.20 25.48
CA ILE A 68 36.93 -49.93 26.27
C ILE A 68 36.25 -50.61 27.45
N MET A 69 35.24 -49.97 28.01
CA MET A 69 34.48 -50.58 29.10
C MET A 69 33.39 -51.51 28.60
N LEU A 70 33.19 -51.60 27.28
CA LEU A 70 32.25 -52.55 26.72
C LEU A 70 32.87 -53.90 26.42
N ILE A 71 34.07 -53.92 25.84
CA ILE A 71 34.73 -55.17 25.46
C ILE A 71 35.25 -55.93 26.67
N VAL A 72 35.79 -55.25 27.68
CA VAL A 72 36.54 -55.91 28.74
C VAL A 72 35.74 -56.06 30.03
N GLU A 73 34.62 -55.35 30.20
CA GLU A 73 33.90 -55.38 31.47
C GLU A 73 32.52 -56.03 31.35
N GLY A 74 31.66 -55.51 30.48
CA GLY A 74 30.30 -56.02 30.41
C GLY A 74 30.24 -57.45 29.90
N MET A 75 30.98 -57.74 28.82
CA MET A 75 30.85 -59.05 28.17
C MET A 75 31.23 -60.20 29.12
N PRO A 76 32.42 -60.21 29.74
CA PRO A 76 32.78 -61.39 30.55
C PRO A 76 31.90 -61.55 31.77
N LEU A 77 31.64 -60.46 32.51
CA LEU A 77 30.82 -60.56 33.70
C LEU A 77 29.41 -61.00 33.36
N LEU A 78 28.83 -60.44 32.29
CA LEU A 78 27.49 -60.83 31.89
C LEU A 78 27.44 -62.31 31.54
N TYR A 79 28.38 -62.79 30.73
CA TYR A 79 28.32 -64.19 30.32
C TYR A 79 28.56 -65.12 31.50
N LEU A 80 29.49 -64.77 32.39
CA LEU A 80 29.73 -65.59 33.56
C LEU A 80 28.51 -65.66 34.47
N GLU A 81 27.87 -64.54 34.66
CA GLU A 81 26.68 -64.56 35.46
C GLU A 81 25.71 -65.51 34.81
N LEU A 82 25.38 -65.24 33.57
CA LEU A 82 24.37 -66.04 32.88
C LEU A 82 24.66 -67.53 33.01
N ALA A 83 25.93 -67.92 32.84
CA ALA A 83 26.28 -69.33 32.98
C ALA A 83 26.05 -69.83 34.40
N VAL A 84 26.40 -69.01 35.40
CA VAL A 84 26.17 -69.39 36.79
C VAL A 84 24.68 -69.57 37.05
N GLY A 85 23.86 -68.65 36.56
CA GLY A 85 22.43 -68.77 36.73
C GLY A 85 21.86 -70.00 36.06
N GLN A 86 22.34 -70.31 34.86
CA GLN A 86 21.86 -71.51 34.16
C GLN A 86 22.25 -72.78 34.90
N ARG A 87 23.49 -72.85 35.40
CA ARG A 87 23.96 -74.07 36.05
C ARG A 87 23.33 -74.25 37.44
N MET A 88 23.09 -73.14 38.14
CA MET A 88 22.57 -73.24 39.50
C MET A 88 21.15 -73.78 39.54
N ARG A 89 20.30 -73.36 38.59
CA ARG A 89 18.92 -73.82 38.48
C ARG A 89 18.05 -73.44 39.67
N GLN A 90 18.40 -72.37 40.38
CA GLN A 90 17.60 -71.90 41.49
C GLN A 90 17.84 -70.40 41.68
N GLY A 91 17.10 -69.82 42.64
CA GLY A 91 17.19 -68.39 42.87
C GLY A 91 18.55 -67.96 43.39
N SER A 92 18.78 -66.65 43.30
CA SER A 92 20.08 -66.09 43.68
C SER A 92 20.35 -66.29 45.17
N ILE A 93 19.34 -66.09 46.02
CA ILE A 93 19.52 -66.26 47.45
C ILE A 93 19.95 -67.68 47.77
N GLY A 94 19.21 -68.65 47.24
CA GLY A 94 19.59 -70.04 47.43
C GLY A 94 20.96 -70.36 46.88
N ALA A 95 21.33 -69.74 45.76
CA ALA A 95 22.67 -69.93 45.22
C ALA A 95 23.73 -69.46 46.21
N TRP A 96 23.53 -68.27 46.79
CA TRP A 96 24.50 -67.76 47.77
C TRP A 96 24.58 -68.67 48.97
N ARG A 97 23.44 -69.18 49.45
CA ARG A 97 23.49 -70.12 50.56
C ARG A 97 24.25 -71.39 50.18
N THR A 98 24.06 -71.88 48.95
CA THR A 98 24.75 -73.10 48.54
C THR A 98 26.27 -72.90 48.47
N ILE A 99 26.71 -71.75 47.94
CA ILE A 99 28.15 -71.52 47.86
C ILE A 99 28.76 -71.45 49.25
N SER A 100 28.19 -70.62 50.12
CA SER A 100 28.66 -70.52 51.50
C SER A 100 27.73 -69.62 52.32
N PRO A 101 27.58 -69.87 53.62
CA PRO A 101 26.88 -68.90 54.48
C PRO A 101 27.59 -67.57 54.54
N TYR A 102 28.90 -67.54 54.26
CA TYR A 102 29.65 -66.30 54.23
C TYR A 102 29.14 -65.35 53.15
N LEU A 103 28.74 -65.88 51.98
CA LEU A 103 28.33 -65.04 50.87
C LEU A 103 26.84 -64.71 50.91
N SER A 104 26.12 -65.11 51.95
CA SER A 104 24.71 -64.78 52.05
C SER A 104 24.55 -63.28 52.31
N GLY A 105 23.42 -62.74 51.85
CA GLY A 105 23.05 -61.36 52.09
C GLY A 105 23.23 -60.44 50.90
N VAL A 106 24.07 -60.81 49.94
CA VAL A 106 24.28 -59.96 48.77
C VAL A 106 22.98 -59.78 48.00
N GLY A 107 22.16 -60.83 47.93
CA GLY A 107 20.87 -60.73 47.30
C GLY A 107 19.97 -59.71 47.95
N VAL A 108 20.04 -59.58 49.28
CA VAL A 108 19.25 -58.56 49.97
C VAL A 108 19.67 -57.17 49.53
N ALA A 109 20.99 -56.95 49.41
CA ALA A 109 21.48 -55.67 48.93
C ALA A 109 21.01 -55.41 47.50
N SER A 110 21.01 -56.45 46.66
CA SER A 110 20.51 -56.29 45.30
C SER A 110 19.03 -55.91 45.29
N VAL A 111 18.25 -56.53 46.15
CA VAL A 111 16.82 -56.21 46.24
C VAL A 111 16.62 -54.76 46.68
N VAL A 112 17.39 -54.32 47.68
CA VAL A 112 17.28 -52.93 48.14
C VAL A 112 17.68 -51.97 47.02
N VAL A 113 18.72 -52.32 46.27
CA VAL A 113 19.15 -51.50 45.15
C VAL A 113 18.06 -51.41 44.09
N SER A 114 17.41 -52.53 43.79
CA SER A 114 16.32 -52.51 42.82
C SER A 114 15.17 -51.64 43.30
N PHE A 115 14.84 -51.72 44.59
CA PHE A 115 13.78 -50.88 45.15
C PHE A 115 14.12 -49.40 45.00
N PHE A 116 15.35 -49.03 45.39
CA PHE A 116 15.77 -47.64 45.28
C PHE A 116 15.80 -47.18 43.83
N LEU A 117 16.14 -48.08 42.91
CA LEU A 117 16.07 -47.72 41.50
C LEU A 117 14.63 -47.47 41.07
N SER A 118 13.71 -48.32 41.52
CA SER A 118 12.32 -48.24 41.06
C SER A 118 11.67 -46.94 41.51
N MET A 119 11.92 -46.53 42.75
CA MET A 119 11.23 -45.34 43.27
C MET A 119 11.49 -44.13 42.39
N TYR A 120 12.75 -43.89 42.04
CA TYR A 120 13.11 -42.76 41.20
C TYR A 120 13.02 -43.08 39.72
N TYR A 121 12.79 -44.33 39.36
CA TYR A 121 12.64 -44.69 37.96
C TYR A 121 11.24 -44.41 37.45
N ASN A 122 10.23 -44.62 38.30
CA ASN A 122 8.85 -44.43 37.85
C ASN A 122 8.54 -42.96 37.53
N VAL A 123 9.32 -42.02 38.07
CA VAL A 123 9.04 -40.61 37.83
C VAL A 123 9.27 -40.26 36.36
N ILE A 124 10.13 -41.02 35.67
CA ILE A 124 10.32 -40.79 34.24
C ILE A 124 9.03 -41.11 33.49
N ASN A 125 8.40 -42.22 33.83
CA ASN A 125 7.10 -42.56 33.25
C ASN A 125 6.06 -41.49 33.60
N ALA A 126 6.14 -40.96 34.82
CA ALA A 126 5.22 -39.89 35.19
C ALA A 126 5.38 -38.67 34.29
N TRP A 127 6.63 -38.26 34.05
CA TRP A 127 6.88 -37.11 33.19
C TRP A 127 6.46 -37.39 31.75
N ALA A 128 6.68 -38.62 31.28
CA ALA A 128 6.24 -38.97 29.94
C ALA A 128 4.73 -38.90 29.82
N PHE A 129 4.01 -39.36 30.84
CA PHE A 129 2.55 -39.23 30.86
C PHE A 129 2.14 -37.77 30.81
N TRP A 130 2.81 -36.94 31.60
CA TRP A 130 2.49 -35.50 31.62
C TRP A 130 2.65 -34.89 30.23
N TYR A 131 3.78 -35.20 29.58
CA TYR A 131 4.04 -34.64 28.25
C TYR A 131 3.03 -35.15 27.23
N LEU A 132 2.70 -36.44 27.28
CA LEU A 132 1.72 -36.99 26.36
C LEU A 132 0.35 -36.35 26.55
N PHE A 133 -0.05 -36.14 27.81
CA PHE A 133 -1.34 -35.51 28.07
C PHE A 133 -1.36 -34.08 27.55
N HIS A 134 -0.27 -33.34 27.76
CA HIS A 134 -0.23 -31.97 27.27
C HIS A 134 -0.01 -31.87 25.78
N SER A 135 0.36 -32.96 25.11
CA SER A 135 0.60 -32.95 23.67
C SER A 135 -0.67 -32.98 22.84
N PHE A 136 -1.84 -32.69 23.40
CA PHE A 136 -3.09 -32.77 22.67
C PHE A 136 -3.66 -31.42 22.26
N GLN A 137 -3.06 -30.31 22.71
CA GLN A 137 -3.58 -28.99 22.40
C GLN A 137 -3.15 -28.54 21.01
N ASP A 138 -3.71 -27.41 20.58
CA ASP A 138 -3.36 -26.88 19.27
C ASP A 138 -3.69 -25.41 19.30
N PRO A 139 -2.68 -24.55 19.17
CA PRO A 139 -1.25 -24.81 18.93
C PRO A 139 -0.52 -25.46 20.14
N LEU A 140 0.52 -26.29 19.93
CA LEU A 140 1.18 -26.99 21.00
C LEU A 140 1.92 -26.01 21.91
N PRO A 141 2.04 -26.31 23.20
CA PRO A 141 2.91 -25.49 24.06
C PRO A 141 4.36 -25.60 23.65
N TRP A 142 5.25 -24.91 24.37
CA TRP A 142 6.69 -24.89 24.09
C TRP A 142 7.01 -24.56 22.64
N SER A 143 6.04 -23.98 21.92
CA SER A 143 6.23 -23.50 20.55
C SER A 143 6.17 -21.99 20.47
N VAL A 144 5.19 -21.38 21.15
CA VAL A 144 5.14 -19.93 21.29
C VAL A 144 5.36 -19.60 22.76
N CYS A 145 5.67 -18.35 23.05
CA CYS A 145 5.95 -17.93 24.42
C CYS A 145 4.84 -17.04 24.94
N PRO A 146 4.45 -17.20 26.21
CA PRO A 146 3.46 -16.29 26.80
C PRO A 146 3.97 -14.85 26.78
N LEU A 147 3.05 -13.93 26.49
CA LEU A 147 3.39 -12.53 26.44
C LEU A 147 3.50 -11.96 27.86
N ASN A 148 4.15 -10.80 27.95
CA ASN A 148 4.33 -10.14 29.23
C ASN A 148 2.99 -9.66 29.78
N GLY A 149 3.02 -9.16 31.02
CA GLY A 149 1.83 -8.57 31.60
C GLY A 149 1.39 -7.30 30.91
N ASN A 150 2.25 -6.71 30.09
CA ASN A 150 1.88 -5.52 29.34
C ASN A 150 1.14 -5.86 28.05
N HIS A 151 1.24 -7.13 27.64
CA HIS A 151 0.58 -7.61 26.43
C HIS A 151 1.28 -7.10 25.18
N THR A 152 2.40 -6.41 25.34
CA THR A 152 3.11 -5.84 24.20
C THR A 152 4.30 -6.67 23.76
N GLY A 153 4.96 -7.35 24.69
CA GLY A 153 6.15 -8.10 24.36
C GLY A 153 6.09 -9.49 24.98
N TYR A 154 7.19 -10.21 24.82
CA TYR A 154 7.27 -11.56 25.35
C TYR A 154 7.86 -11.54 26.76
N ASP A 155 7.76 -12.67 27.45
CA ASP A 155 8.31 -12.80 28.79
C ASP A 155 9.83 -12.74 28.74
N GLU A 156 10.42 -12.01 29.69
CA GLU A 156 11.88 -11.88 29.73
C GLU A 156 12.55 -13.25 29.87
N GLU A 157 11.90 -14.17 30.57
CA GLU A 157 12.44 -15.51 30.74
C GLU A 157 12.63 -16.19 29.39
N CYS A 158 11.80 -15.83 28.40
CA CYS A 158 11.90 -16.47 27.09
C CYS A 158 13.12 -15.99 26.32
N GLU A 159 13.41 -14.68 26.35
CA GLU A 159 14.65 -14.24 25.72
C GLU A 159 15.87 -14.67 26.52
N LYS A 160 15.69 -15.00 27.80
CA LYS A 160 16.81 -15.65 28.49
C LYS A 160 16.93 -17.12 28.08
N ALA A 161 15.86 -17.90 28.25
CA ALA A 161 15.86 -19.33 27.93
C ALA A 161 14.76 -19.62 26.93
N SER A 162 15.07 -20.49 25.96
CA SER A 162 14.15 -20.77 24.87
C SER A 162 12.84 -21.36 25.39
N SER A 163 11.87 -21.46 24.47
CA SER A 163 10.51 -21.86 24.86
C SER A 163 10.49 -23.27 25.46
N THR A 164 11.21 -24.21 24.85
CA THR A 164 11.25 -25.57 25.38
C THR A 164 11.88 -25.60 26.76
N GLN A 165 12.98 -24.87 26.95
CA GLN A 165 13.62 -24.81 28.26
C GLN A 165 12.69 -24.21 29.30
N TYR A 166 12.00 -23.13 28.94
CA TYR A 166 11.05 -22.53 29.87
C TYR A 166 9.93 -23.48 30.22
N PHE A 167 9.41 -24.21 29.24
CA PHE A 167 8.35 -25.17 29.49
C PHE A 167 8.83 -26.28 30.44
N TRP A 168 10.05 -26.78 30.22
CA TRP A 168 10.51 -27.88 31.05
C TRP A 168 10.93 -27.43 32.45
N TYR A 169 11.37 -26.19 32.61
CA TYR A 169 11.88 -25.75 33.89
C TYR A 169 10.84 -25.04 34.77
N ARG A 170 9.86 -24.37 34.17
CA ARG A 170 8.88 -23.64 34.95
C ARG A 170 7.46 -24.18 34.82
N LYS A 171 7.02 -24.55 33.62
CA LYS A 171 5.66 -25.05 33.44
C LYS A 171 5.45 -26.42 34.08
N THR A 172 6.41 -27.33 33.94
CA THR A 172 6.24 -28.70 34.41
C THR A 172 7.08 -29.05 35.62
N LEU A 173 7.99 -28.17 36.05
CA LEU A 173 8.80 -28.47 37.23
C LEU A 173 8.72 -27.36 38.27
N ASN A 174 8.67 -26.10 37.82
CA ASN A 174 8.70 -24.95 38.71
C ASN A 174 9.88 -25.04 39.67
N ILE A 175 11.06 -25.29 39.10
CA ILE A 175 12.24 -25.54 39.90
C ILE A 175 12.61 -24.31 40.70
N SER A 176 12.90 -24.51 41.99
CA SER A 176 13.33 -23.42 42.85
C SER A 176 14.74 -22.97 42.48
N PRO A 177 15.08 -21.71 42.79
CA PRO A 177 16.44 -21.24 42.47
C PRO A 177 17.55 -22.04 43.11
N SER A 178 17.32 -22.58 44.31
CA SER A 178 18.35 -23.33 45.00
C SER A 178 17.71 -24.46 45.79
N LEU A 179 18.55 -25.42 46.19
CA LEU A 179 18.06 -26.56 46.96
C LEU A 179 17.57 -26.13 48.33
N GLN A 180 18.21 -25.12 48.92
CA GLN A 180 17.80 -24.65 50.24
C GLN A 180 16.37 -24.14 50.21
N GLU A 181 15.99 -23.40 49.16
CA GLU A 181 14.62 -22.97 49.00
C GLU A 181 13.70 -24.17 48.82
N ASN A 182 12.57 -24.14 49.49
CA ASN A 182 11.61 -25.23 49.43
C ASN A 182 10.20 -24.67 49.32
N GLY A 183 9.32 -25.47 48.73
CA GLY A 183 7.93 -25.11 48.59
C GLY A 183 7.03 -26.29 48.87
N GLY A 184 5.73 -26.04 48.81
CA GLY A 184 4.76 -27.10 49.05
C GLY A 184 4.77 -28.14 47.94
N VAL A 185 4.26 -29.32 48.26
CA VAL A 185 4.19 -30.39 47.28
C VAL A 185 3.24 -29.99 46.16
N GLN A 186 3.65 -30.24 44.93
CA GLN A 186 2.89 -29.80 43.77
C GLN A 186 1.76 -30.78 43.48
N TRP A 187 0.89 -30.41 42.55
CA TRP A 187 -0.34 -31.15 42.27
C TRP A 187 -0.20 -32.04 41.04
N GLU A 188 0.19 -31.46 39.90
CA GLU A 188 0.30 -32.23 38.66
C GLU A 188 1.31 -33.37 38.72
N PRO A 189 2.52 -33.18 39.28
CA PRO A 189 3.46 -34.32 39.29
C PRO A 189 2.99 -35.49 40.14
N ALA A 190 2.53 -35.21 41.36
CA ALA A 190 2.11 -36.28 42.24
C ALA A 190 1.09 -37.08 41.49
N LEU A 191 0.21 -36.39 40.78
CA LEU A 191 -0.81 -37.06 40.02
C LEU A 191 -0.23 -37.98 38.99
N CYS A 192 0.51 -37.41 38.05
CA CYS A 192 1.09 -38.23 37.00
C CYS A 192 1.79 -39.44 37.59
N LEU A 193 2.39 -39.26 38.76
CA LEU A 193 3.05 -40.38 39.41
C LEU A 193 2.03 -41.41 39.90
N LEU A 194 0.92 -40.94 40.50
CA LEU A 194 -0.10 -41.86 40.95
C LEU A 194 -0.73 -42.61 39.79
N LEU A 195 -1.06 -41.91 38.70
CA LEU A 195 -1.69 -42.60 37.58
C LEU A 195 -0.74 -43.63 36.98
N ALA A 196 0.54 -43.29 36.87
CA ALA A 196 1.53 -44.22 36.35
C ALA A 196 1.68 -45.43 37.28
N TRP A 197 1.66 -45.19 38.59
CA TRP A 197 1.82 -46.30 39.53
C TRP A 197 0.64 -47.25 39.49
N LEU A 198 -0.58 -46.73 39.37
CA LEU A 198 -1.72 -47.62 39.20
C LEU A 198 -1.66 -48.36 37.87
N VAL A 199 -1.15 -47.72 36.81
CA VAL A 199 -0.95 -48.46 35.56
C VAL A 199 0.02 -49.62 35.76
N VAL A 200 1.12 -49.36 36.49
CA VAL A 200 2.10 -50.41 36.75
C VAL A 200 1.48 -51.53 37.57
N TYR A 201 0.69 -51.17 38.57
CA TYR A 201 0.04 -52.19 39.41
C TYR A 201 -0.91 -53.05 38.60
N LEU A 202 -1.68 -52.43 37.70
CA LEU A 202 -2.55 -53.21 36.83
C LEU A 202 -1.75 -54.15 35.94
N CYS A 203 -0.64 -53.66 35.39
CA CYS A 203 0.20 -54.49 34.54
C CYS A 203 0.78 -55.66 35.33
N ILE A 204 1.08 -55.44 36.61
CA ILE A 204 1.53 -56.54 37.47
C ILE A 204 0.42 -57.55 37.66
N LEU A 205 -0.78 -57.06 38.00
CA LEU A 205 -1.87 -57.96 38.36
C LEU A 205 -2.30 -58.82 37.17
N ARG A 206 -2.36 -58.23 35.97
CA ARG A 206 -2.77 -59.02 34.82
C ARG A 206 -1.77 -60.13 34.53
N GLY A 207 -0.48 -59.87 34.68
CA GLY A 207 0.53 -60.88 34.47
C GLY A 207 0.58 -61.42 33.06
N THR A 208 0.15 -60.62 32.08
CA THR A 208 0.12 -61.07 30.69
C THR A 208 1.45 -60.76 30.01
N GLU A 209 2.53 -61.21 30.66
CA GLU A 209 3.88 -61.09 30.12
C GLU A 209 4.16 -62.12 29.03
N SER A 210 3.60 -63.32 29.13
CA SER A 210 3.86 -64.37 28.16
C SER A 210 3.20 -64.05 26.83
N THR A 211 4.01 -63.89 25.79
CA THR A 211 3.52 -63.63 24.45
C THR A 211 4.61 -63.99 23.45
N GLY A 212 4.20 -64.16 22.19
CA GLY A 212 5.15 -64.52 21.15
C GLY A 212 4.89 -63.84 19.82
N LYS A 213 3.87 -62.98 19.77
CA LYS A 213 3.50 -62.31 18.52
C LYS A 213 3.59 -60.80 18.57
N VAL A 214 3.29 -60.17 19.71
CA VAL A 214 3.36 -58.71 19.78
C VAL A 214 4.80 -58.23 19.92
N VAL A 215 5.73 -59.12 20.30
CA VAL A 215 7.11 -58.71 20.53
C VAL A 215 7.72 -58.13 19.26
N TYR A 216 7.29 -58.62 18.09
CA TYR A 216 7.75 -58.06 16.83
C TYR A 216 7.42 -56.58 16.75
N PHE A 217 6.16 -56.23 17.07
CA PHE A 217 5.72 -54.85 16.99
C PHE A 217 6.40 -53.99 18.07
N THR A 218 6.52 -54.53 19.28
CA THR A 218 7.13 -53.79 20.38
C THR A 218 8.61 -53.54 20.14
N ALA A 219 9.26 -54.41 19.35
CA ALA A 219 10.66 -54.18 19.00
C ALA A 219 10.82 -53.33 17.75
N SER A 220 9.85 -53.37 16.83
CA SER A 220 9.97 -52.58 15.61
C SER A 220 9.62 -51.12 15.85
N LEU A 221 8.71 -50.82 16.77
CA LEU A 221 8.32 -49.42 17.01
C LEU A 221 9.48 -48.51 17.36
N PRO A 222 10.38 -48.85 18.30
CA PRO A 222 11.46 -47.90 18.63
C PRO A 222 12.30 -47.49 17.43
N TYR A 223 12.81 -48.46 16.69
CA TYR A 223 13.73 -48.15 15.60
C TYR A 223 13.00 -47.39 14.48
N CYS A 224 11.81 -47.85 14.11
CA CYS A 224 11.07 -47.19 13.03
C CYS A 224 10.72 -45.76 13.41
N VAL A 225 10.37 -45.53 14.67
CA VAL A 225 10.14 -44.17 15.15
C VAL A 225 11.43 -43.35 15.04
N LEU A 226 12.55 -43.95 15.40
CA LEU A 226 13.81 -43.20 15.40
C LEU A 226 14.27 -42.84 13.99
N ILE A 227 13.90 -43.63 12.98
CA ILE A 227 14.29 -43.27 11.60
C ILE A 227 13.72 -41.92 11.20
N ILE A 228 12.46 -41.64 11.54
CA ILE A 228 11.86 -40.37 11.14
C ILE A 228 12.62 -39.21 11.75
N TYR A 229 12.95 -39.32 13.04
CA TYR A 229 13.68 -38.24 13.70
C TYR A 229 15.10 -38.12 13.17
N LEU A 230 15.72 -39.24 12.79
CA LEU A 230 17.02 -39.19 12.14
C LEU A 230 16.95 -38.43 10.82
N ILE A 231 15.90 -38.70 10.04
CA ILE A 231 15.69 -38.03 8.75
C ILE A 231 15.56 -36.53 8.99
N ARG A 232 14.70 -36.16 9.94
CA ARG A 232 14.48 -34.73 10.19
C ARG A 232 15.76 -34.07 10.67
N GLY A 233 16.50 -34.73 11.57
CA GLY A 233 17.75 -34.16 12.03
C GLY A 233 18.76 -33.98 10.91
N LEU A 234 18.79 -34.92 9.97
CA LEU A 234 19.68 -34.79 8.82
C LEU A 234 19.23 -33.71 7.84
N THR A 235 17.93 -33.39 7.81
CA THR A 235 17.43 -32.34 6.94
C THR A 235 17.50 -30.95 7.57
N LEU A 236 17.99 -30.84 8.80
CA LEU A 236 18.08 -29.55 9.48
C LEU A 236 19.48 -28.98 9.36
N HIS A 237 19.55 -27.65 9.21
CA HIS A 237 20.83 -26.98 9.01
C HIS A 237 21.71 -27.09 10.24
N GLY A 238 23.01 -27.20 10.00
CA GLY A 238 23.98 -27.23 11.09
C GLY A 238 24.12 -28.55 11.80
N ALA A 239 23.50 -29.62 11.29
CA ALA A 239 23.57 -30.91 11.97
C ALA A 239 24.98 -31.47 11.99
N THR A 240 25.81 -31.11 11.00
CA THR A 240 27.15 -31.67 10.91
C THR A 240 28.01 -31.25 12.09
N ASN A 241 27.83 -30.04 12.60
CA ASN A 241 28.61 -29.58 13.75
C ASN A 241 28.34 -30.44 14.97
N GLY A 242 27.09 -30.84 15.20
CA GLY A 242 26.79 -31.71 16.32
C GLY A 242 27.46 -33.06 16.20
N LEU A 243 27.44 -33.64 15.00
CA LEU A 243 28.11 -34.93 14.78
C LEU A 243 29.61 -34.80 15.02
N MET A 244 30.21 -33.72 14.53
CA MET A 244 31.64 -33.51 14.76
C MET A 244 31.95 -33.35 16.24
N TYR A 245 31.07 -32.66 16.97
CA TYR A 245 31.27 -32.52 18.40
C TYR A 245 31.17 -33.86 19.12
N MET A 246 30.20 -34.68 18.73
CA MET A 246 30.01 -35.96 19.40
C MET A 246 31.09 -36.98 19.05
N PHE A 247 31.67 -36.90 17.85
CA PHE A 247 32.70 -37.85 17.45
C PHE A 247 34.10 -37.47 17.91
N THR A 248 34.47 -36.20 17.75
CA THR A 248 35.84 -35.80 18.05
C THR A 248 36.11 -35.85 19.54
N PRO A 249 37.09 -36.64 19.97
CA PRO A 249 37.43 -36.69 21.40
C PRO A 249 38.27 -35.49 21.82
N LYS A 250 38.29 -35.26 23.13
CA LYS A 250 39.05 -34.17 23.72
C LYS A 250 40.05 -34.73 24.73
N ILE A 251 40.97 -33.86 25.17
CA ILE A 251 42.04 -34.27 26.07
C ILE A 251 41.68 -33.91 27.50
N GLU A 252 41.14 -32.71 27.70
CA GLU A 252 40.83 -32.25 29.05
C GLU A 252 39.78 -33.13 29.72
N GLN A 253 38.74 -33.52 28.99
CA GLN A 253 37.70 -34.36 29.58
C GLN A 253 38.24 -35.73 29.95
N LEU A 254 39.15 -36.28 29.14
CA LEU A 254 39.68 -37.61 29.39
C LEU A 254 40.52 -37.68 30.66
N ALA A 255 41.03 -36.55 31.14
CA ALA A 255 41.88 -36.57 32.33
C ALA A 255 41.11 -37.02 33.57
N ASN A 256 39.88 -36.53 33.73
CA ASN A 256 39.13 -36.83 34.94
C ASN A 256 38.74 -38.30 34.98
N PRO A 257 38.73 -38.93 36.16
CA PRO A 257 38.29 -40.33 36.25
C PRO A 257 36.79 -40.47 36.44
N LYS A 258 36.13 -39.34 36.75
CA LYS A 258 34.69 -39.39 36.97
C LYS A 258 33.96 -39.80 35.70
N ALA A 259 34.51 -39.44 34.53
CA ALA A 259 33.94 -39.91 33.28
C ALA A 259 34.01 -41.43 33.20
N TRP A 260 35.15 -42.00 33.61
CA TRP A 260 35.30 -43.46 33.56
C TRP A 260 34.33 -44.14 34.50
N ILE A 261 34.21 -43.65 35.74
CA ILE A 261 33.33 -44.30 36.70
C ILE A 261 31.88 -44.16 36.26
N ASN A 262 31.51 -43.01 35.70
CA ASN A 262 30.14 -42.82 35.25
C ASN A 262 29.84 -43.69 34.04
N ALA A 263 30.80 -43.88 33.14
CA ALA A 263 30.60 -44.79 32.02
C ALA A 263 30.42 -46.22 32.50
N ALA A 264 31.22 -46.64 33.49
CA ALA A 264 31.07 -47.98 34.05
C ALA A 264 29.69 -48.15 34.68
N THR A 265 29.24 -47.15 35.44
CA THR A 265 27.92 -47.22 36.04
C THR A 265 26.83 -47.26 34.97
N GLN A 266 27.00 -46.48 33.91
CA GLN A 266 26.02 -46.45 32.82
C GLN A 266 25.90 -47.81 32.15
N ILE A 267 27.03 -48.44 31.83
CA ILE A 267 26.98 -49.73 31.14
C ILE A 267 26.43 -50.80 32.07
N PHE A 268 26.79 -50.74 33.36
CA PHE A 268 26.25 -51.69 34.32
C PHE A 268 24.73 -51.55 34.44
N PHE A 269 24.25 -50.31 34.52
CA PHE A 269 22.81 -50.08 34.64
C PHE A 269 22.07 -50.52 33.38
N SER A 270 22.64 -50.24 32.21
CA SER A 270 21.98 -50.62 30.96
C SER A 270 21.91 -52.13 30.82
N LEU A 271 23.02 -52.82 31.10
CA LEU A 271 23.01 -54.28 30.96
C LEU A 271 22.27 -54.95 32.11
N GLY A 272 22.37 -54.40 33.32
CA GLY A 272 21.61 -54.90 34.44
C GLY A 272 22.34 -55.82 35.39
N LEU A 273 23.67 -55.77 35.43
CA LEU A 273 24.42 -56.60 36.37
C LEU A 273 24.12 -56.18 37.80
N GLY A 274 24.18 -57.15 38.72
CA GLY A 274 24.00 -56.90 40.13
C GLY A 274 22.57 -56.80 40.59
N PHE A 275 21.61 -56.76 39.67
CA PHE A 275 20.20 -56.68 40.07
C PHE A 275 19.66 -58.01 40.58
N GLY A 276 20.25 -59.12 40.17
CA GLY A 276 19.72 -60.43 40.52
C GLY A 276 18.56 -60.86 39.68
N SER A 277 18.23 -60.14 38.60
CA SER A 277 17.10 -60.50 37.76
C SER A 277 17.53 -61.48 36.67
N LEU A 278 18.72 -61.28 36.13
CA LEU A 278 19.24 -62.16 35.09
C LEU A 278 19.30 -63.59 35.58
N ILE A 279 19.92 -63.80 36.73
CA ILE A 279 20.01 -65.12 37.31
C ILE A 279 18.63 -65.74 37.30
N ALA A 280 17.65 -65.01 37.84
CA ALA A 280 16.30 -65.55 37.93
C ALA A 280 15.76 -65.91 36.55
N PHE A 281 16.11 -65.12 35.55
CA PHE A 281 15.68 -65.45 34.20
C PHE A 281 16.26 -66.78 33.83
N ALA A 282 17.57 -66.91 33.98
CA ALA A 282 18.22 -68.15 33.60
C ALA A 282 17.46 -69.35 34.10
N SER A 283 16.96 -69.28 35.33
CA SER A 283 16.35 -70.46 35.92
C SER A 283 15.21 -70.99 35.04
N TYR A 284 14.36 -70.08 34.55
CA TYR A 284 13.27 -70.50 33.67
C TYR A 284 13.81 -71.00 32.33
N ASN A 285 14.89 -70.41 31.86
CA ASN A 285 15.42 -70.76 30.54
C ASN A 285 15.86 -72.22 30.50
N GLU A 286 15.68 -72.83 29.32
CA GLU A 286 16.05 -74.22 29.14
C GLU A 286 17.56 -74.39 29.30
N PRO A 287 18.00 -75.44 30.01
CA PRO A 287 19.44 -75.60 30.27
C PRO A 287 20.21 -76.13 29.08
N SER A 288 19.96 -75.56 27.89
CA SER A 288 20.76 -75.91 26.71
C SER A 288 20.72 -74.69 25.77
N ASN A 289 21.76 -73.87 25.84
CA ASN A 289 21.90 -72.70 24.98
C ASN A 289 23.30 -72.13 25.16
N ASN A 290 23.85 -71.61 24.06
CA ASN A 290 25.16 -70.97 24.09
C ASN A 290 24.98 -69.62 24.77
N CYS A 291 25.24 -69.59 26.08
CA CYS A 291 25.06 -68.36 26.84
C CYS A 291 26.02 -67.27 26.35
N GLN A 292 27.18 -67.66 25.83
CA GLN A 292 28.08 -66.67 25.24
C GLN A 292 27.46 -66.03 24.01
N LYS A 293 26.79 -66.83 23.19
CA LYS A 293 26.08 -66.29 22.03
C LYS A 293 25.00 -65.31 22.45
N HIS A 294 24.22 -65.68 23.48
CA HIS A 294 23.20 -64.78 24.00
C HIS A 294 23.81 -63.48 24.50
N ALA A 295 24.91 -63.58 25.24
CA ALA A 295 25.53 -62.40 25.83
C ALA A 295 26.08 -61.46 24.75
N ILE A 296 26.74 -62.01 23.74
CA ILE A 296 27.26 -61.14 22.68
C ILE A 296 26.11 -60.52 21.89
N ILE A 297 25.06 -61.31 21.63
CA ILE A 297 23.95 -60.81 20.83
C ILE A 297 23.15 -59.75 21.58
N VAL A 298 23.21 -59.75 22.91
CA VAL A 298 22.50 -58.70 23.64
C VAL A 298 23.39 -57.47 23.79
N SER A 299 24.68 -57.69 24.07
CA SER A 299 25.58 -56.55 24.25
C SER A 299 25.73 -55.74 22.96
N LEU A 300 25.89 -56.42 21.82
CA LEU A 300 26.01 -55.71 20.55
C LEU A 300 24.75 -54.91 20.25
N ILE A 301 23.58 -55.51 20.49
CA ILE A 301 22.33 -54.82 20.23
C ILE A 301 22.21 -53.58 21.11
N ASN A 302 22.55 -53.71 22.39
CA ASN A 302 22.47 -52.57 23.30
C ASN A 302 23.39 -51.45 22.86
N SER A 303 24.64 -51.78 22.52
CA SER A 303 25.58 -50.75 22.10
C SER A 303 25.13 -50.07 20.82
N PHE A 304 24.65 -50.85 19.85
CA PHE A 304 24.22 -50.28 18.59
C PHE A 304 23.02 -49.35 18.79
N THR A 305 22.05 -49.77 19.60
CA THR A 305 20.90 -48.92 19.87
C THR A 305 21.31 -47.63 20.56
N SER A 306 22.21 -47.72 21.54
CA SER A 306 22.67 -46.52 22.23
C SER A 306 23.36 -45.57 21.27
N ILE A 307 24.21 -46.10 20.40
CA ILE A 307 24.93 -45.25 19.44
C ILE A 307 23.94 -44.58 18.48
N PHE A 308 22.96 -45.33 17.99
CA PHE A 308 21.97 -44.78 17.07
C PHE A 308 21.18 -43.66 17.73
N ALA A 309 20.75 -43.88 18.98
CA ALA A 309 20.02 -42.84 19.69
C ALA A 309 20.88 -41.61 19.92
N SER A 310 22.16 -41.81 20.23
CA SER A 310 23.05 -40.68 20.42
C SER A 310 23.20 -39.88 19.14
N ILE A 311 23.31 -40.57 18.00
CA ILE A 311 23.34 -39.88 16.71
C ILE A 311 22.09 -39.02 16.54
N VAL A 312 20.92 -39.61 16.76
CA VAL A 312 19.66 -38.91 16.51
C VAL A 312 19.55 -37.68 17.41
N THR A 313 19.89 -37.83 18.68
CA THR A 313 19.77 -36.71 19.62
C THR A 313 20.77 -35.60 19.30
N PHE A 314 22.04 -35.98 19.06
CA PHE A 314 23.07 -34.96 18.90
C PHE A 314 22.93 -34.21 17.59
N SER A 315 22.30 -34.81 16.57
CA SER A 315 22.01 -34.02 15.37
C SER A 315 21.14 -32.80 15.70
N ILE A 316 20.03 -33.03 16.39
CA ILE A 316 19.13 -31.94 16.74
C ILE A 316 19.80 -30.98 17.71
N TYR A 317 20.62 -31.52 18.63
CA TYR A 317 21.35 -30.65 19.54
C TYR A 317 22.27 -29.70 18.79
N GLY A 318 22.99 -30.22 17.80
CA GLY A 318 23.84 -29.37 16.99
C GLY A 318 23.05 -28.33 16.22
N PHE A 319 21.89 -28.72 15.70
CA PHE A 319 21.04 -27.75 15.01
C PHE A 319 20.63 -26.61 15.95
N LYS A 320 20.22 -26.95 17.17
CA LYS A 320 19.82 -25.93 18.13
C LYS A 320 20.98 -25.01 18.47
N ALA A 321 22.17 -25.59 18.68
CA ALA A 321 23.34 -24.77 18.98
C ALA A 321 23.66 -23.82 17.83
N THR A 322 23.59 -24.31 16.60
CA THR A 322 23.84 -23.45 15.45
C THR A 322 22.83 -22.31 15.38
N PHE A 323 21.55 -22.61 15.62
CA PHE A 323 20.53 -21.57 15.60
C PHE A 323 20.81 -20.50 16.66
N ASN A 324 21.19 -20.93 17.86
CA ASN A 324 21.48 -19.97 18.91
C ASN A 324 22.69 -19.11 18.54
N TYR A 325 23.71 -19.71 17.94
CA TYR A 325 24.87 -18.94 17.51
C TYR A 325 24.49 -17.91 16.45
N GLU A 326 23.63 -18.30 15.50
CA GLU A 326 23.18 -17.37 14.48
C GLU A 326 22.41 -16.21 15.10
N ASN A 327 21.54 -16.50 16.08
CA ASN A 327 20.80 -15.43 16.74
C ASN A 327 21.76 -14.50 17.48
N CYS A 328 22.78 -15.06 18.13
CA CYS A 328 23.78 -14.24 18.80
C CYS A 328 24.44 -13.28 17.83
N LEU A 329 24.82 -13.79 16.66
CA LEU A 329 25.41 -12.92 15.65
C LEU A 329 24.44 -11.85 15.18
N LYS A 330 23.18 -12.24 14.95
CA LYS A 330 22.20 -11.31 14.41
C LYS A 330 21.94 -10.16 15.36
N LYS A 331 21.84 -10.45 16.67
CA LYS A 331 21.56 -9.38 17.63
C LYS A 331 22.68 -8.34 17.65
N VAL A 332 23.93 -8.81 17.68
CA VAL A 332 25.06 -7.88 17.70
C VAL A 332 25.11 -7.09 16.41
N SER A 333 24.87 -7.74 15.27
CA SER A 333 24.88 -7.03 14.00
C SER A 333 23.82 -5.94 13.96
N LEU A 334 22.61 -6.25 14.43
CA LEU A 334 21.55 -5.26 14.43
C LEU A 334 21.87 -4.11 15.37
N LEU A 335 22.43 -4.40 16.54
CA LEU A 335 22.79 -3.34 17.47
C LEU A 335 23.83 -2.41 16.87
N LEU A 336 24.86 -2.97 16.25
CA LEU A 336 25.89 -2.13 15.63
C LEU A 336 25.31 -1.30 14.50
N THR A 337 24.46 -1.91 13.66
CA THR A 337 23.87 -1.18 12.55
C THR A 337 23.01 -0.02 13.04
N ASN A 338 22.20 -0.26 14.08
CA ASN A 338 21.39 0.82 14.64
C ASN A 338 22.25 1.91 15.25
N THR A 339 23.31 1.53 15.94
CA THR A 339 24.14 2.53 16.61
C THR A 339 24.87 3.43 15.61
N PHE A 340 25.54 2.83 14.63
CA PHE A 340 26.38 3.58 13.71
C PHE A 340 25.69 3.91 12.40
N ASP A 341 24.41 3.56 12.24
CA ASP A 341 23.63 3.92 11.06
C ASP A 341 24.28 3.43 9.77
N LEU A 342 24.79 2.20 9.80
CA LEU A 342 25.37 1.59 8.62
C LEU A 342 24.27 1.01 7.74
N GLU A 343 24.57 0.93 6.44
CA GLU A 343 23.59 0.42 5.48
C GLU A 343 23.24 -1.02 5.80
N ASP A 344 21.95 -1.34 5.72
CA ASP A 344 21.47 -2.68 6.04
C ASP A 344 22.01 -3.70 5.04
N GLY A 345 22.32 -4.89 5.56
CA GLY A 345 22.84 -5.95 4.72
C GLY A 345 24.32 -5.82 4.42
N PHE A 346 24.84 -4.59 4.50
CA PHE A 346 26.26 -4.36 4.25
C PHE A 346 27.13 -5.06 5.29
N LEU A 347 26.72 -5.03 6.55
CA LEU A 347 27.50 -5.63 7.63
C LEU A 347 27.13 -7.10 7.73
N THR A 348 28.03 -7.97 7.28
CA THR A 348 27.81 -9.40 7.28
C THR A 348 28.60 -10.07 8.41
N ALA A 349 28.39 -11.38 8.55
CA ALA A 349 29.13 -12.14 9.56
C ALA A 349 30.59 -12.31 9.16
N SER A 350 30.85 -12.44 7.86
CA SER A 350 32.22 -12.69 7.39
C SER A 350 33.14 -11.52 7.71
N ASN A 351 32.66 -10.29 7.48
CA ASN A 351 33.47 -9.10 7.69
C ASN A 351 33.23 -8.44 9.03
N LEU A 352 32.75 -9.20 10.02
CA LEU A 352 32.41 -8.61 11.32
C LEU A 352 33.64 -8.02 12.00
N GLU A 353 34.75 -8.76 12.00
CA GLU A 353 35.94 -8.30 12.72
C GLU A 353 36.54 -7.06 12.06
N GLN A 354 36.60 -7.05 10.72
CA GLN A 354 37.16 -5.90 10.03
C GLN A 354 36.35 -4.64 10.29
N VAL A 355 35.02 -4.76 10.23
CA VAL A 355 34.17 -3.60 10.48
C VAL A 355 34.28 -3.17 11.94
N LYS A 356 34.39 -4.14 12.86
CA LYS A 356 34.57 -3.81 14.27
C LYS A 356 35.83 -2.99 14.48
N GLY A 357 36.95 -3.45 13.90
CA GLY A 357 38.20 -2.71 14.05
C GLY A 357 38.14 -1.34 13.39
N TYR A 358 37.55 -1.26 12.20
CA TYR A 358 37.44 0.02 11.51
C TYR A 358 36.61 1.02 12.30
N LEU A 359 35.48 0.56 12.86
CA LEU A 359 34.64 1.45 13.65
C LEU A 359 35.32 1.85 14.95
N ALA A 360 36.05 0.93 15.57
CA ALA A 360 36.81 1.28 16.77
C ALA A 360 37.85 2.35 16.46
N SER A 361 38.52 2.22 15.32
CA SER A 361 39.50 3.23 14.91
C SER A 361 38.82 4.57 14.61
N ALA A 362 37.67 4.55 13.95
CA ALA A 362 37.05 5.79 13.49
C ALA A 362 36.59 6.66 14.65
N TYR A 363 35.85 6.09 15.59
CA TYR A 363 35.27 6.84 16.71
C TYR A 363 35.59 6.11 18.01
N PRO A 364 36.83 6.19 18.47
CA PRO A 364 37.22 5.41 19.66
C PRO A 364 36.44 5.74 20.91
N SER A 365 36.01 6.99 21.09
CA SER A 365 35.39 7.41 22.34
C SER A 365 34.09 6.67 22.61
N LYS A 366 33.07 6.90 21.78
CA LYS A 366 31.78 6.28 22.04
C LYS A 366 31.81 4.78 21.78
N TYR A 367 32.70 4.32 20.90
CA TYR A 367 32.89 2.89 20.71
C TYR A 367 33.36 2.24 22.00
N SER A 368 34.36 2.82 22.65
CA SER A 368 34.81 2.30 23.94
C SER A 368 33.72 2.44 24.99
N GLU A 369 32.92 3.49 24.90
CA GLU A 369 31.83 3.68 25.86
C GLU A 369 30.81 2.54 25.76
N MET A 370 30.42 2.16 24.54
CA MET A 370 29.42 1.10 24.41
C MET A 370 30.03 -0.29 24.26
N PHE A 371 31.36 -0.40 24.32
CA PHE A 371 32.03 -1.70 24.29
C PHE A 371 31.46 -2.73 25.26
N PRO A 372 31.13 -2.40 26.51
CA PRO A 372 30.56 -3.43 27.39
C PRO A 372 29.28 -4.06 26.86
N GLN A 373 28.56 -3.38 25.96
CA GLN A 373 27.36 -3.95 25.38
C GLN A 373 27.64 -4.96 24.28
N ILE A 374 28.88 -5.04 23.80
CA ILE A 374 29.22 -6.02 22.77
C ILE A 374 29.47 -7.38 23.39
N LYS A 375 29.00 -8.42 22.72
CA LYS A 375 29.30 -9.79 23.07
C LYS A 375 29.96 -10.48 21.89
N ASN A 376 30.66 -11.58 22.17
CA ASN A 376 31.35 -12.36 21.15
C ASN A 376 30.65 -13.71 21.03
N CYS A 377 30.23 -14.05 19.81
CA CYS A 377 29.59 -15.33 19.57
C CYS A 377 30.65 -16.41 19.43
N SER A 378 30.72 -17.30 20.41
CA SER A 378 31.70 -18.39 20.43
C SER A 378 30.95 -19.67 20.14
N LEU A 379 31.16 -20.22 18.94
CA LEU A 379 30.44 -21.42 18.54
C LEU A 379 30.79 -22.60 19.43
N GLU A 380 32.08 -22.73 19.79
CA GLU A 380 32.51 -23.91 20.55
C GLU A 380 31.96 -23.89 21.98
N SER A 381 32.03 -22.75 22.65
CA SER A 381 31.57 -22.69 24.04
C SER A 381 30.05 -22.70 24.10
N GLU A 382 29.39 -22.16 23.08
CA GLU A 382 27.94 -22.32 23.00
C GLU A 382 27.56 -23.77 22.74
N LEU A 383 28.35 -24.46 21.92
CA LEU A 383 28.03 -25.83 21.57
C LEU A 383 28.21 -26.77 22.75
N ASP A 384 29.32 -26.64 23.48
CA ASP A 384 29.57 -27.55 24.59
C ASP A 384 28.59 -27.29 25.74
N THR A 385 28.09 -26.05 25.85
CA THR A 385 27.08 -25.70 26.86
C THR A 385 25.96 -24.94 26.16
N ALA A 386 24.99 -25.69 25.61
CA ALA A 386 23.79 -25.11 25.03
C ALA A 386 22.54 -25.50 25.82
N VAL A 387 22.30 -26.80 25.97
CA VAL A 387 21.28 -27.32 26.88
C VAL A 387 21.93 -28.40 27.71
N GLN A 388 21.70 -28.38 29.02
CA GLN A 388 22.29 -29.34 29.93
C GLN A 388 21.26 -29.73 30.98
N GLY A 389 21.53 -30.84 31.64
CA GLY A 389 20.69 -31.33 32.71
C GLY A 389 20.12 -32.70 32.39
N THR A 390 19.29 -33.18 33.32
CA THR A 390 18.75 -34.53 33.22
C THR A 390 17.75 -34.63 32.07
N GLY A 391 16.88 -33.65 31.93
CA GLY A 391 15.81 -33.72 30.96
C GLY A 391 16.19 -33.35 29.55
N LEU A 392 17.46 -33.56 29.18
CA LEU A 392 17.93 -33.21 27.85
C LEU A 392 17.06 -33.82 26.77
N ALA A 393 16.85 -35.14 26.84
CA ALA A 393 16.06 -35.81 25.82
C ALA A 393 14.65 -35.25 25.72
N PHE A 394 14.13 -34.66 26.79
CA PHE A 394 12.81 -34.04 26.72
C PHE A 394 12.84 -32.70 26.01
N ILE A 395 13.90 -31.91 26.21
CA ILE A 395 13.94 -30.56 25.66
C ILE A 395 14.58 -30.50 24.29
N VAL A 396 15.03 -31.62 23.75
CA VAL A 396 15.66 -31.65 22.43
C VAL A 396 14.63 -32.09 21.39
N TYR A 397 14.04 -33.26 21.61
CA TYR A 397 13.07 -33.79 20.65
C TYR A 397 11.85 -32.90 20.54
N THR A 398 11.39 -32.33 21.65
CA THR A 398 10.32 -31.34 21.58
C THR A 398 10.72 -30.17 20.71
N GLU A 399 11.99 -29.75 20.79
CA GLU A 399 12.49 -28.73 19.88
C GLU A 399 12.40 -29.21 18.43
N ALA A 400 12.73 -30.49 18.21
CA ALA A 400 12.58 -31.06 16.87
C ALA A 400 11.12 -31.26 16.50
N ILE A 401 10.20 -31.15 17.46
CA ILE A 401 8.78 -31.37 17.18
C ILE A 401 8.13 -30.09 16.67
N LYS A 402 8.48 -28.96 17.27
CA LYS A 402 7.79 -27.71 16.98
C LYS A 402 8.00 -27.23 15.54
N ASN A 403 8.95 -27.82 14.82
CA ASN A 403 9.20 -27.49 13.42
C ASN A 403 8.90 -28.68 12.51
N MET A 404 7.79 -29.36 12.76
CA MET A 404 7.32 -30.46 11.94
C MET A 404 5.99 -30.08 11.30
N GLU A 405 5.68 -30.72 10.17
CA GLU A 405 4.44 -30.40 9.46
C GLU A 405 3.22 -30.72 10.30
N VAL A 406 3.20 -31.89 10.92
CA VAL A 406 2.12 -32.29 11.83
C VAL A 406 2.79 -32.69 13.13
N SER A 407 2.94 -31.73 14.05
CA SER A 407 3.70 -31.97 15.28
C SER A 407 3.02 -33.02 16.15
N GLN A 408 1.69 -32.96 16.24
CA GLN A 408 0.97 -33.80 17.19
C GLN A 408 1.19 -35.28 16.92
N LEU A 409 1.21 -35.67 15.64
CA LEU A 409 1.40 -37.06 15.28
C LEU A 409 2.70 -37.61 15.85
N TRP A 410 3.83 -37.09 15.36
CA TRP A 410 5.12 -37.62 15.79
C TRP A 410 5.33 -37.43 17.28
N SER A 411 4.77 -36.37 17.86
CA SER A 411 4.84 -36.21 19.31
C SER A 411 4.17 -37.38 20.02
N VAL A 412 2.97 -37.76 19.55
CA VAL A 412 2.25 -38.87 20.18
C VAL A 412 3.01 -40.18 20.01
N LEU A 413 3.52 -40.44 18.81
CA LEU A 413 4.29 -41.66 18.60
C LEU A 413 5.52 -41.72 19.51
N TYR A 414 6.27 -40.62 19.60
CA TYR A 414 7.47 -40.61 20.42
C TYR A 414 7.13 -40.82 21.89
N PHE A 415 6.11 -40.12 22.38
CA PHE A 415 5.76 -40.24 23.80
C PHE A 415 5.22 -41.63 24.11
N PHE A 416 4.48 -42.23 23.17
CA PHE A 416 3.96 -43.57 23.40
C PHE A 416 5.08 -44.60 23.40
N MET A 417 6.07 -44.43 22.51
CA MET A 417 7.23 -45.32 22.55
C MET A 417 7.98 -45.20 23.88
N LEU A 418 8.19 -43.97 24.36
CA LEU A 418 8.87 -43.79 25.63
C LEU A 418 8.08 -44.43 26.76
N LEU A 419 6.75 -44.26 26.72
CA LEU A 419 5.89 -44.81 27.76
C LEU A 419 5.95 -46.33 27.77
N MET A 420 5.90 -46.96 26.60
CA MET A 420 5.91 -48.42 26.54
C MET A 420 7.26 -48.97 26.98
N LEU A 421 8.35 -48.31 26.60
CA LEU A 421 9.67 -48.76 27.06
C LEU A 421 9.79 -48.64 28.56
N GLY A 422 9.33 -47.52 29.13
CA GLY A 422 9.36 -47.36 30.57
C GLY A 422 8.49 -48.39 31.29
N ILE A 423 7.34 -48.72 30.69
CA ILE A 423 6.47 -49.72 31.28
C ILE A 423 7.14 -51.08 31.29
N GLY A 424 7.80 -51.45 30.20
CA GLY A 424 8.52 -52.71 30.17
C GLY A 424 9.63 -52.77 31.19
N SER A 425 10.40 -51.68 31.30
CA SER A 425 11.47 -51.63 32.29
C SER A 425 10.92 -51.73 33.70
N MET A 426 9.80 -51.05 33.97
CA MET A 426 9.19 -51.12 35.29
C MET A 426 8.68 -52.51 35.58
N LEU A 427 8.16 -53.20 34.55
CA LEU A 427 7.75 -54.59 34.73
C LEU A 427 8.94 -55.45 35.12
N GLY A 428 10.08 -55.25 34.47
CA GLY A 428 11.28 -55.99 34.85
C GLY A 428 11.69 -55.72 36.28
N ASN A 429 11.67 -54.43 36.67
CA ASN A 429 12.06 -54.08 38.04
C ASN A 429 11.10 -54.69 39.06
N THR A 430 9.80 -54.69 38.75
CA THR A 430 8.83 -55.26 39.67
C THR A 430 9.01 -56.77 39.79
N ALA A 431 9.30 -57.43 38.66
CA ALA A 431 9.60 -58.86 38.73
C ALA A 431 10.83 -59.12 39.58
N ALA A 432 11.82 -58.22 39.51
CA ALA A 432 13.00 -58.37 40.34
C ALA A 432 12.66 -58.22 41.82
N ILE A 433 11.88 -57.20 42.17
CA ILE A 433 11.63 -56.91 43.59
C ILE A 433 10.70 -57.94 44.22
N LEU A 434 9.71 -58.42 43.46
CA LEU A 434 8.66 -59.25 44.05
C LEU A 434 9.17 -60.64 44.43
N THR A 435 10.11 -61.16 43.65
CA THR A 435 10.51 -62.56 43.79
C THR A 435 10.97 -62.96 45.20
N PRO A 436 11.85 -62.23 45.87
CA PRO A 436 12.25 -62.67 47.23
C PRO A 436 11.10 -62.72 48.22
N LEU A 437 10.12 -61.82 48.09
CA LEU A 437 9.01 -61.80 49.04
C LEU A 437 8.02 -62.94 48.78
N THR A 438 8.10 -63.59 47.62
CA THR A 438 7.16 -64.64 47.29
C THR A 438 7.32 -65.84 48.21
N ASP A 439 8.56 -66.20 48.58
CA ASP A 439 8.81 -67.38 49.36
C ASP A 439 8.41 -67.24 50.82
N SER A 440 8.02 -66.05 51.27
CA SER A 440 7.69 -65.81 52.68
C SER A 440 6.34 -66.46 52.97
N LYS A 441 6.39 -67.77 53.22
CA LYS A 441 5.17 -68.51 53.53
C LYS A 441 4.58 -68.08 54.86
N ILE A 442 5.43 -67.58 55.78
CA ILE A 442 4.98 -67.21 57.11
C ILE A 442 3.90 -66.14 57.04
N ILE A 443 4.03 -65.21 56.11
CA ILE A 443 3.05 -64.15 55.91
C ILE A 443 2.05 -64.51 54.82
N SER A 444 2.53 -65.15 53.74
CA SER A 444 1.66 -65.49 52.62
C SER A 444 0.65 -66.57 52.95
N SER A 445 0.78 -67.24 54.10
CA SER A 445 -0.22 -68.23 54.49
C SER A 445 -1.59 -67.61 54.67
N HIS A 446 -1.64 -66.39 55.20
CA HIS A 446 -2.90 -65.68 55.39
C HIS A 446 -2.96 -64.37 54.60
N LEU A 447 -1.99 -64.11 53.74
CA LEU A 447 -1.97 -62.90 52.92
C LEU A 447 -1.86 -63.28 51.45
N PRO A 448 -2.79 -62.84 50.61
CA PRO A 448 -2.68 -63.10 49.18
C PRO A 448 -1.56 -62.27 48.56
N LYS A 449 -1.06 -62.76 47.42
CA LYS A 449 0.04 -62.07 46.75
C LYS A 449 -0.39 -60.72 46.19
N GLU A 450 -1.67 -60.59 45.81
CA GLU A 450 -2.16 -59.31 45.29
C GLU A 450 -2.06 -58.22 46.35
N ALA A 451 -2.42 -58.54 47.59
CA ALA A 451 -2.33 -57.55 48.66
C ALA A 451 -0.90 -57.12 48.90
N ILE A 452 0.04 -58.07 48.87
CA ILE A 452 1.45 -57.73 49.07
C ILE A 452 1.96 -56.86 47.94
N SER A 453 1.60 -57.20 46.70
CA SER A 453 2.03 -56.39 45.56
C SER A 453 1.47 -54.97 45.66
N GLY A 454 0.19 -54.84 46.02
CA GLY A 454 -0.39 -53.53 46.17
C GLY A 454 0.26 -52.73 47.28
N LEU A 455 0.53 -53.37 48.42
CA LEU A 455 1.17 -52.68 49.54
C LEU A 455 2.55 -52.20 49.13
N VAL A 456 3.31 -53.04 48.43
CA VAL A 456 4.64 -52.64 47.97
C VAL A 456 4.55 -51.46 47.02
N CYS A 457 3.58 -51.51 46.10
CA CYS A 457 3.42 -50.42 45.13
C CYS A 457 3.08 -49.10 45.83
N LEU A 458 2.14 -49.12 46.77
CA LEU A 458 1.79 -47.89 47.47
C LEU A 458 2.93 -47.39 48.33
N VAL A 459 3.68 -48.30 48.97
CA VAL A 459 4.80 -47.87 49.80
C VAL A 459 5.85 -47.18 48.93
N ASN A 460 6.17 -47.78 47.78
CA ASN A 460 7.14 -47.16 46.90
C ASN A 460 6.65 -45.82 46.38
N CYS A 461 5.36 -45.74 46.03
CA CYS A 461 4.81 -44.48 45.54
C CYS A 461 4.88 -43.39 46.62
N ALA A 462 4.53 -43.74 47.85
CA ALA A 462 4.53 -42.76 48.94
C ALA A 462 5.95 -42.30 49.23
N ILE A 463 6.92 -43.22 49.26
CA ILE A 463 8.29 -42.80 49.53
C ILE A 463 8.87 -42.03 48.35
N GLY A 464 8.32 -42.22 47.15
CA GLY A 464 8.74 -41.44 46.00
C GLY A 464 8.01 -40.14 45.78
N MET A 465 7.14 -39.73 46.72
CA MET A 465 6.45 -38.45 46.58
C MET A 465 7.41 -37.25 46.62
N VAL A 466 8.62 -37.44 47.16
CA VAL A 466 9.54 -36.31 47.32
C VAL A 466 9.98 -35.76 45.98
N PHE A 467 9.93 -36.58 44.92
CA PHE A 467 10.38 -36.16 43.61
C PHE A 467 9.34 -35.31 42.88
N THR A 468 8.17 -35.12 43.47
CA THR A 468 7.13 -34.28 42.90
C THR A 468 7.06 -32.91 43.56
N MET A 469 8.01 -32.59 44.44
CA MET A 469 7.98 -31.34 45.19
C MET A 469 8.98 -30.37 44.55
N GLU A 470 8.81 -29.08 44.85
CA GLU A 470 9.35 -28.00 44.02
C GLU A 470 10.85 -28.12 43.83
N ALA A 471 11.60 -28.50 44.86
CA ALA A 471 13.03 -28.72 44.75
C ALA A 471 13.37 -30.19 44.59
N GLY A 472 12.38 -31.01 44.21
CA GLY A 472 12.59 -32.45 44.17
C GLY A 472 13.48 -32.90 43.03
N ASN A 473 13.64 -32.04 42.02
CA ASN A 473 14.49 -32.40 40.89
C ASN A 473 15.95 -32.60 41.33
N TYR A 474 16.42 -31.77 42.26
CA TYR A 474 17.77 -31.95 42.79
C TYR A 474 17.90 -33.30 43.48
N TRP A 475 16.89 -33.68 44.26
CA TRP A 475 16.90 -35.00 44.89
C TRP A 475 16.89 -36.10 43.83
N PHE A 476 16.20 -35.87 42.71
CA PHE A 476 16.20 -36.87 41.65
C PHE A 476 17.58 -37.02 41.02
N ASP A 477 18.27 -35.90 40.78
CA ASP A 477 19.64 -36.00 40.26
C ASP A 477 20.54 -36.70 41.26
N ILE A 478 20.31 -36.46 42.56
CA ILE A 478 21.07 -37.17 43.58
C ILE A 478 20.82 -38.67 43.49
N PHE A 479 19.55 -39.05 43.36
CA PHE A 479 19.21 -40.47 43.26
C PHE A 479 19.64 -41.07 41.94
N ASN A 480 20.05 -40.24 40.98
CA ASN A 480 20.47 -40.75 39.69
C ASN A 480 21.99 -40.74 39.50
N ASP A 481 22.68 -39.73 40.02
CA ASP A 481 24.10 -39.55 39.73
C ASP A 481 24.98 -39.73 40.96
N TYR A 482 24.76 -38.96 42.02
CA TYR A 482 25.66 -38.93 43.16
C TYR A 482 25.27 -40.00 44.17
N ALA A 483 26.21 -40.90 44.47
CA ALA A 483 25.98 -42.02 45.38
C ALA A 483 24.77 -42.85 44.95
N ALA A 484 24.59 -43.00 43.64
CA ALA A 484 23.48 -43.73 43.07
C ALA A 484 24.01 -44.95 42.33
N THR A 485 23.53 -46.14 42.72
CA THR A 485 23.93 -47.41 42.11
C THR A 485 25.44 -47.60 42.11
N LEU A 486 26.13 -46.92 43.03
CA LEU A 486 27.57 -47.11 43.17
C LEU A 486 27.91 -48.45 43.80
N SER A 487 27.03 -48.98 44.64
CA SER A 487 27.26 -50.28 45.25
C SER A 487 27.24 -51.41 44.24
N LEU A 488 26.73 -51.15 43.03
CA LEU A 488 26.66 -52.18 41.99
C LEU A 488 28.06 -52.72 41.66
N LEU A 489 29.05 -51.82 41.60
CA LEU A 489 30.42 -52.26 41.35
C LEU A 489 30.92 -53.13 42.50
N LEU A 490 30.54 -52.82 43.73
CA LEU A 490 30.92 -53.68 44.86
C LEU A 490 30.28 -55.06 44.76
N ILE A 491 29.01 -55.10 44.33
CA ILE A 491 28.34 -56.39 44.15
C ILE A 491 29.05 -57.21 43.07
N VAL A 492 29.40 -56.57 41.96
CA VAL A 492 30.12 -57.26 40.90
C VAL A 492 31.47 -57.76 41.41
N LEU A 493 32.16 -56.93 42.20
CA LEU A 493 33.47 -57.29 42.72
C LEU A 493 33.38 -58.51 43.64
N VAL A 494 32.42 -58.50 44.57
CA VAL A 494 32.31 -59.63 45.48
C VAL A 494 31.87 -60.89 44.72
N GLU A 495 31.02 -60.73 43.71
CA GLU A 495 30.61 -61.86 42.90
C GLU A 495 31.81 -62.50 42.20
N THR A 496 32.63 -61.68 41.55
CA THR A 496 33.78 -62.24 40.83
C THR A 496 34.85 -62.74 41.77
N ILE A 497 34.94 -62.18 42.99
CA ILE A 497 35.84 -62.72 43.99
C ILE A 497 35.39 -64.11 44.41
N ALA A 498 34.08 -64.29 44.63
CA ALA A 498 33.55 -65.60 44.96
C ALA A 498 33.79 -66.60 43.83
N VAL A 499 33.63 -66.14 42.59
CA VAL A 499 33.89 -67.01 41.44
C VAL A 499 35.36 -67.40 41.38
N CYS A 500 36.26 -66.45 41.67
CA CYS A 500 37.69 -66.71 41.57
C CYS A 500 38.18 -67.70 42.62
N TYR A 501 37.37 -68.03 43.61
CA TYR A 501 37.77 -68.94 44.67
C TYR A 501 37.69 -70.39 44.16
N VAL A 502 37.80 -71.34 45.08
CA VAL A 502 37.83 -72.77 44.76
C VAL A 502 36.54 -73.17 44.06
N TYR A 503 35.46 -72.43 44.32
CA TYR A 503 34.18 -72.73 43.69
C TYR A 503 34.16 -72.46 42.19
N GLY A 504 35.19 -71.79 41.67
CA GLY A 504 35.25 -71.52 40.24
C GLY A 504 36.49 -72.07 39.58
N LEU A 505 36.30 -72.96 38.61
CA LEU A 505 37.37 -73.53 37.78
C LEU A 505 38.32 -74.42 38.55
N ARG A 506 38.11 -74.58 39.85
CA ARG A 506 38.97 -75.42 40.69
C ARG A 506 38.25 -76.61 41.28
N ARG A 507 37.08 -76.40 41.90
CA ARG A 507 36.27 -77.49 42.43
C ARG A 507 34.91 -77.57 41.76
N PHE A 508 34.22 -76.45 41.60
CA PHE A 508 32.93 -76.40 40.94
C PHE A 508 33.06 -75.62 39.64
N GLU A 509 32.31 -76.06 38.62
CA GLU A 509 32.41 -75.49 37.27
C GLU A 509 33.84 -75.56 36.73
N SER A 510 34.57 -76.61 37.09
CA SER A 510 35.96 -76.74 36.71
C SER A 510 36.09 -77.16 35.25
N ASP A 511 35.72 -76.27 34.33
CA ASP A 511 35.79 -76.53 32.89
C ASP A 511 35.05 -77.82 32.53
N LEU A 512 33.89 -78.01 33.15
CA LEU A 512 33.13 -79.24 32.96
C LEU A 512 32.56 -79.31 31.56
N LYS A 513 32.44 -80.52 31.03
CA LYS A 513 31.80 -80.74 29.74
C LYS A 513 30.28 -80.65 29.81
N ALA A 514 29.71 -80.58 31.02
CA ALA A 514 28.26 -80.58 31.18
C ALA A 514 27.61 -79.38 30.50
N MET A 515 28.25 -78.22 30.53
CA MET A 515 27.70 -77.03 29.89
C MET A 515 28.00 -77.04 28.40
N THR A 516 27.48 -78.03 27.69
CA THR A 516 27.57 -78.19 26.23
C THR A 516 29.01 -78.27 25.73
N GLY A 517 29.98 -78.46 26.62
CA GLY A 517 31.36 -78.65 26.22
C GLY A 517 32.08 -77.40 25.75
N ARG A 518 31.50 -76.23 25.92
CA ARG A 518 32.11 -74.98 25.50
C ARG A 518 32.57 -74.18 26.72
N ALA A 519 33.35 -73.13 26.44
CA ALA A 519 33.90 -72.26 27.48
C ALA A 519 34.66 -73.06 28.54
N VAL A 520 35.45 -74.02 28.09
CA VAL A 520 36.19 -74.91 28.96
C VAL A 520 37.64 -74.47 28.96
N SER A 521 38.02 -73.70 29.99
CA SER A 521 39.40 -73.24 30.17
C SER A 521 39.88 -72.43 28.97
N TRP A 522 38.97 -71.70 28.34
CA TRP A 522 39.34 -70.81 27.26
C TRP A 522 40.07 -69.59 27.82
N TYR A 523 40.78 -68.86 26.96
CA TYR A 523 41.44 -67.65 27.42
C TYR A 523 40.43 -66.57 27.77
N TRP A 524 39.16 -66.75 27.36
CA TRP A 524 38.11 -65.83 27.78
C TRP A 524 38.00 -65.75 29.29
N LYS A 525 38.11 -66.89 29.98
CA LYS A 525 38.12 -66.88 31.44
C LYS A 525 39.00 -65.77 31.97
N VAL A 526 40.03 -65.40 31.20
CA VAL A 526 41.01 -64.41 31.64
C VAL A 526 40.34 -63.10 32.03
N MET A 527 39.45 -62.57 31.19
CA MET A 527 38.89 -61.26 31.57
C MET A 527 38.05 -61.36 32.82
N TRP A 528 37.39 -62.51 33.07
CA TRP A 528 36.73 -62.55 34.38
C TRP A 528 37.56 -63.22 35.45
N ALA A 529 38.81 -63.57 35.18
CA ALA A 529 39.73 -64.01 36.22
C ALA A 529 40.94 -63.11 36.36
N GLY A 530 41.20 -62.25 35.39
CA GLY A 530 42.40 -61.42 35.38
C GLY A 530 42.13 -59.94 35.53
N VAL A 531 42.07 -59.23 34.40
CA VAL A 531 42.14 -57.77 34.40
C VAL A 531 40.94 -57.16 35.13
N SER A 532 39.74 -57.69 34.90
CA SER A 532 38.53 -57.01 35.37
C SER A 532 38.45 -56.86 36.89
N PRO A 533 38.74 -57.89 37.70
CA PRO A 533 38.71 -57.66 39.16
C PRO A 533 39.66 -56.57 39.60
N LEU A 534 40.81 -56.43 38.94
CA LEU A 534 41.69 -55.30 39.19
C LEU A 534 41.06 -54.00 38.70
N LEU A 535 40.30 -54.07 37.61
CA LEU A 535 39.70 -52.86 37.06
C LEU A 535 38.63 -52.28 37.97
N ILE A 536 37.94 -53.14 38.72
CA ILE A 536 36.93 -52.65 39.67
C ILE A 536 37.55 -51.68 40.67
N VAL A 537 38.76 -51.98 41.14
CA VAL A 537 39.43 -51.09 42.09
C VAL A 537 40.35 -50.08 41.43
N SER A 538 40.66 -50.25 40.13
CA SER A 538 41.58 -49.34 39.47
C SER A 538 41.00 -47.93 39.40
N LEU A 539 39.74 -47.81 38.99
CA LEU A 539 39.13 -46.49 38.91
C LEU A 539 38.58 -46.02 40.26
N PHE A 540 38.31 -46.94 41.17
CA PHE A 540 37.81 -46.55 42.49
C PHE A 540 38.84 -45.70 43.24
N VAL A 541 40.10 -46.11 43.21
CA VAL A 541 41.14 -45.37 43.93
C VAL A 541 41.33 -43.99 43.29
N PHE A 542 41.30 -43.91 41.97
CA PHE A 542 41.40 -42.62 41.30
C PHE A 542 40.23 -41.72 41.68
N TYR A 543 39.01 -42.28 41.71
CA TYR A 543 37.83 -41.48 42.06
C TYR A 543 37.96 -40.94 43.48
N LEU A 544 38.26 -41.81 44.44
CA LEU A 544 38.37 -41.36 45.82
C LEU A 544 39.56 -40.43 46.04
N SER A 545 40.58 -40.52 45.18
CA SER A 545 41.70 -39.59 45.28
C SER A 545 41.26 -38.16 45.02
N ASP A 546 40.58 -37.94 43.88
CA ASP A 546 40.07 -36.60 43.60
C ASP A 546 38.98 -36.20 44.57
N TYR A 547 38.20 -37.16 45.07
CA TYR A 547 37.14 -36.85 46.03
C TYR A 547 37.70 -36.10 47.24
N ILE A 548 38.87 -36.52 47.73
CA ILE A 548 39.46 -35.89 48.90
C ILE A 548 40.40 -34.75 48.52
N LEU A 549 41.10 -34.88 47.38
CA LEU A 549 42.04 -33.84 46.98
C LEU A 549 41.31 -32.55 46.61
N THR A 550 40.29 -32.66 45.75
CA THR A 550 39.52 -31.48 45.38
C THR A 550 38.75 -30.93 46.58
N GLY A 551 38.13 -31.82 47.36
CA GLY A 551 37.36 -31.39 48.51
C GLY A 551 36.17 -30.54 48.17
N THR A 552 35.69 -30.61 46.93
CA THR A 552 34.57 -29.78 46.49
C THR A 552 33.62 -30.63 45.67
N LEU A 553 32.35 -30.24 45.68
CA LEU A 553 31.32 -30.94 44.93
C LEU A 553 30.20 -29.96 44.61
N LYS A 554 29.76 -29.97 43.36
CA LYS A 554 28.82 -28.97 42.85
C LYS A 554 27.62 -29.65 42.20
N TYR A 555 26.43 -29.13 42.49
CA TYR A 555 25.22 -29.52 41.80
C TYR A 555 24.76 -28.34 40.94
N GLN A 556 24.15 -28.65 39.80
CA GLN A 556 23.70 -27.61 38.89
C GLN A 556 22.32 -27.12 39.28
N ALA A 557 22.10 -25.82 39.12
CA ALA A 557 20.84 -25.17 39.44
C ALA A 557 20.40 -24.32 38.26
N TRP A 558 19.11 -23.99 38.23
CA TRP A 558 18.49 -23.36 37.07
C TRP A 558 18.90 -21.89 36.93
N ASP A 559 18.77 -21.11 38.01
CA ASP A 559 19.09 -19.68 38.01
C ASP A 559 18.28 -18.94 36.94
N ALA A 560 16.96 -18.92 37.18
CA ALA A 560 16.04 -18.31 36.22
C ALA A 560 16.34 -16.84 35.96
N SER A 561 17.04 -16.18 36.88
CA SER A 561 17.37 -14.77 36.70
C SER A 561 18.21 -14.53 35.46
N GLN A 562 19.01 -15.51 35.04
CA GLN A 562 19.84 -15.39 33.86
C GLN A 562 19.47 -16.36 32.74
N GLY A 563 18.98 -17.56 33.08
CA GLY A 563 18.64 -18.54 32.08
C GLY A 563 19.70 -19.60 31.83
N GLN A 564 20.73 -19.66 32.66
CA GLN A 564 21.79 -20.64 32.52
C GLN A 564 22.03 -21.34 33.86
N LEU A 565 22.35 -22.63 33.78
CA LEU A 565 22.61 -23.40 34.99
C LEU A 565 23.89 -22.92 35.65
N VAL A 566 23.88 -22.87 36.99
CA VAL A 566 25.02 -22.44 37.77
C VAL A 566 25.32 -23.47 38.84
N THR A 567 26.58 -23.53 39.26
CA THR A 567 27.04 -24.52 40.22
C THR A 567 26.83 -24.02 41.64
N LYS A 568 26.37 -24.92 42.52
CA LYS A 568 26.24 -24.60 43.94
C LYS A 568 26.75 -25.79 44.75
N ASP A 569 27.14 -25.49 45.98
CA ASP A 569 27.71 -26.51 46.86
C ASP A 569 26.62 -27.29 47.58
N TYR A 570 26.82 -28.61 47.68
CA TYR A 570 25.89 -29.44 48.43
C TYR A 570 25.91 -29.08 49.91
N PRO A 571 24.76 -29.10 50.57
CA PRO A 571 24.73 -28.85 52.01
C PRO A 571 25.21 -30.06 52.79
N ALA A 572 25.38 -29.84 54.11
CA ALA A 572 25.89 -30.90 54.97
C ALA A 572 24.92 -32.08 55.05
N TYR A 573 23.62 -31.78 55.16
CA TYR A 573 22.65 -32.87 55.30
C TYR A 573 22.55 -33.70 54.03
N ALA A 574 22.82 -33.09 52.87
CA ALA A 574 22.90 -33.87 51.64
C ALA A 574 24.02 -34.89 51.71
N LEU A 575 25.20 -34.47 52.19
CA LEU A 575 26.30 -35.40 52.39
C LEU A 575 25.92 -36.49 53.39
N ALA A 576 25.26 -36.11 54.48
CA ALA A 576 24.85 -37.09 55.47
C ALA A 576 23.91 -38.13 54.86
N VAL A 577 22.94 -37.68 54.06
CA VAL A 577 21.95 -38.60 53.53
C VAL A 577 22.57 -39.51 52.47
N ILE A 578 23.47 -39.00 51.62
CA ILE A 578 24.04 -39.89 50.62
C ILE A 578 25.01 -40.87 51.27
N GLY A 579 25.68 -40.43 52.35
CA GLY A 579 26.53 -41.36 53.09
C GLY A 579 25.73 -42.46 53.74
N LEU A 580 24.60 -42.11 54.34
CA LEU A 580 23.72 -43.12 54.91
C LEU A 580 23.19 -44.05 53.83
N LEU A 581 22.86 -43.51 52.65
CA LEU A 581 22.33 -44.33 51.57
C LEU A 581 23.37 -45.36 51.12
N VAL A 582 24.61 -44.93 50.89
CA VAL A 582 25.63 -45.87 50.45
C VAL A 582 25.97 -46.85 51.57
N ALA A 583 25.97 -46.39 52.83
CA ALA A 583 26.25 -47.29 53.93
C ALA A 583 25.17 -48.36 54.07
N SER A 584 23.92 -48.00 53.76
CA SER A 584 22.83 -48.96 53.90
C SER A 584 23.03 -50.19 53.03
N SER A 585 23.59 -49.99 51.84
CA SER A 585 23.95 -51.12 50.99
C SER A 585 25.36 -51.64 51.28
N THR A 586 26.17 -50.90 52.02
CA THR A 586 27.53 -51.34 52.30
C THR A 586 27.58 -52.34 53.47
N MET A 587 26.93 -52.02 54.59
CA MET A 587 27.16 -52.81 55.79
C MET A 587 26.41 -54.13 55.80
N CYS A 588 25.75 -54.49 54.69
CA CYS A 588 25.00 -55.74 54.65
C CYS A 588 25.94 -56.94 54.79
N ILE A 589 27.09 -56.90 54.13
CA ILE A 589 28.04 -58.00 54.23
C ILE A 589 28.57 -58.19 55.64
N PRO A 590 29.00 -57.14 56.37
CA PRO A 590 29.41 -57.37 57.77
C PRO A 590 28.33 -57.95 58.66
N LEU A 591 27.05 -57.65 58.39
CA LEU A 591 25.99 -58.28 59.16
C LEU A 591 26.00 -59.80 58.96
N ALA A 592 26.15 -60.24 57.71
CA ALA A 592 26.24 -61.67 57.45
C ALA A 592 27.50 -62.27 58.07
N ALA A 593 28.61 -61.52 58.05
CA ALA A 593 29.84 -61.99 58.68
C ALA A 593 29.65 -62.21 60.18
N LEU A 594 28.99 -61.25 60.85
CA LEU A 594 28.70 -61.42 62.26
C LEU A 594 27.75 -62.58 62.50
N GLY A 595 26.78 -62.77 61.60
CA GLY A 595 25.87 -63.89 61.74
C GLY A 595 26.57 -65.24 61.65
N THR A 596 27.52 -65.37 60.72
CA THR A 596 28.23 -66.62 60.52
C THR A 596 29.45 -66.78 61.41
N PHE A 597 29.83 -65.73 62.15
CA PHE A 597 31.00 -65.83 63.02
C PHE A 597 30.79 -66.85 64.14
N VAL A 598 29.56 -67.00 64.62
CA VAL A 598 29.31 -67.98 65.68
C VAL A 598 29.51 -69.39 65.16
N GLN A 599 29.12 -69.65 63.91
CA GLN A 599 29.38 -70.96 63.31
C GLN A 599 30.86 -71.14 63.02
N ARG A 600 31.54 -70.06 62.59
CA ARG A 600 32.96 -70.14 62.28
C ARG A 600 33.77 -70.49 63.52
N ARG A 601 33.48 -69.83 64.64
CA ARG A 601 34.23 -70.07 65.86
C ARG A 601 33.99 -71.46 66.40
N LEU A 602 32.75 -71.94 66.33
CA LEU A 602 32.43 -73.29 66.75
C LEU A 602 31.67 -74.06 65.66
N SER B 20 63.61 49.43 -26.99
CA SER B 20 63.03 49.03 -28.26
C SER B 20 61.51 49.00 -28.17
N ILE B 21 60.95 47.79 -28.04
CA ILE B 21 59.50 47.62 -27.97
C ILE B 21 58.93 48.29 -26.73
N GLU B 22 59.75 48.49 -25.70
CA GLU B 22 59.28 49.21 -24.51
C GLU B 22 58.90 50.64 -24.85
N GLU B 23 59.70 51.30 -25.71
CA GLU B 23 59.34 52.65 -26.15
C GLU B 23 58.05 52.64 -26.95
N GLN B 24 57.84 51.61 -27.77
CA GLN B 24 56.59 51.50 -28.53
C GLN B 24 55.40 51.37 -27.59
N ALA B 25 55.54 50.54 -26.55
CA ALA B 25 54.46 50.41 -25.58
C ALA B 25 54.22 51.73 -24.84
N LYS B 26 55.30 52.43 -24.49
CA LYS B 26 55.17 53.70 -23.79
C LYS B 26 54.45 54.74 -24.64
N THR B 27 54.80 54.84 -25.93
CA THR B 27 54.13 55.81 -26.79
C THR B 27 52.70 55.36 -27.10
N PHE B 28 52.45 54.05 -27.12
CA PHE B 28 51.08 53.57 -27.26
C PHE B 28 50.23 54.03 -26.08
N LEU B 29 50.75 53.88 -24.87
CA LEU B 29 50.02 54.36 -23.69
C LEU B 29 49.88 55.88 -23.71
N ASP B 30 50.90 56.58 -24.19
CA ASP B 30 50.84 58.04 -24.27
C ASP B 30 49.74 58.48 -25.23
N LYS B 31 49.57 57.77 -26.34
CA LYS B 31 48.47 58.06 -27.24
C LYS B 31 47.12 57.68 -26.62
N PHE B 32 47.09 56.56 -25.90
CA PHE B 32 45.82 56.03 -25.41
C PHE B 32 45.26 56.85 -24.25
N ASN B 33 46.12 57.42 -23.41
CA ASN B 33 45.65 58.04 -22.17
C ASN B 33 44.76 59.25 -22.44
N HIS B 34 45.09 60.05 -23.46
CA HIS B 34 44.30 61.23 -23.76
C HIS B 34 42.87 60.85 -24.15
N GLU B 35 42.75 59.88 -25.06
CA GLU B 35 41.42 59.44 -25.48
C GLU B 35 40.67 58.79 -24.32
N ALA B 36 41.37 58.01 -23.50
CA ALA B 36 40.72 57.40 -22.34
C ALA B 36 40.17 58.46 -21.40
N GLU B 37 40.98 59.49 -21.12
CA GLU B 37 40.54 60.57 -20.25
C GLU B 37 39.35 61.30 -20.85
N ASP B 38 39.39 61.58 -22.16
CA ASP B 38 38.29 62.29 -22.80
C ASP B 38 37.00 61.48 -22.72
N LEU B 39 37.06 60.19 -23.05
CA LEU B 39 35.87 59.36 -23.01
C LEU B 39 35.33 59.23 -21.59
N PHE B 40 36.22 59.05 -20.61
CA PHE B 40 35.77 58.93 -19.23
C PHE B 40 35.15 60.24 -18.75
N TYR B 41 35.72 61.38 -19.14
CA TYR B 41 35.15 62.66 -18.76
C TYR B 41 33.78 62.87 -19.38
N GLN B 42 33.61 62.48 -20.64
CA GLN B 42 32.29 62.59 -21.27
C GLN B 42 31.28 61.69 -20.58
N SER B 43 31.67 60.46 -20.25
CA SER B 43 30.76 59.57 -19.55
C SER B 43 30.39 60.11 -18.17
N SER B 44 31.37 60.68 -17.46
CA SER B 44 31.09 61.27 -16.16
C SER B 44 30.15 62.46 -16.27
N LEU B 45 30.35 63.31 -17.28
CA LEU B 45 29.44 64.42 -17.50
C LEU B 45 28.03 63.93 -17.77
N ALA B 46 27.91 62.89 -18.61
CA ALA B 46 26.58 62.36 -18.92
C ALA B 46 25.91 61.82 -17.66
N SER B 47 26.65 61.05 -16.85
CA SER B 47 26.07 60.50 -15.63
C SER B 47 25.65 61.61 -14.67
N TRP B 48 26.48 62.65 -14.56
CA TRP B 48 26.16 63.76 -13.67
C TRP B 48 24.91 64.49 -14.15
N ASN B 49 24.77 64.66 -15.46
CA ASN B 49 23.58 65.31 -16.00
C ASN B 49 22.33 64.47 -15.77
N TYR B 50 22.44 63.15 -15.93
CA TYR B 50 21.29 62.28 -15.70
C TYR B 50 20.87 62.32 -14.23
N ASN B 51 21.83 62.27 -13.32
CA ASN B 51 21.49 62.43 -11.91
C ASN B 51 20.96 63.82 -11.63
N THR B 52 21.32 64.80 -12.48
CA THR B 52 20.66 66.10 -12.42
C THR B 52 19.27 66.03 -13.04
N ASN B 53 19.12 65.29 -14.13
CA ASN B 53 17.95 65.37 -14.99
C ASN B 53 17.61 63.98 -15.50
N ILE B 54 16.53 63.40 -14.97
CA ILE B 54 16.09 62.06 -15.39
C ILE B 54 15.32 62.24 -16.69
N THR B 55 16.03 62.04 -17.81
CA THR B 55 15.42 62.13 -19.13
C THR B 55 15.84 60.94 -19.97
N GLU B 56 15.03 60.61 -20.97
CA GLU B 56 15.31 59.47 -21.82
C GLU B 56 16.57 59.70 -22.65
N GLU B 57 16.75 60.93 -23.15
CA GLU B 57 17.94 61.24 -23.93
C GLU B 57 19.20 61.09 -23.08
N ASN B 58 19.09 61.33 -21.78
CA ASN B 58 20.22 61.09 -20.89
C ASN B 58 20.59 59.60 -20.86
N VAL B 59 19.59 58.72 -20.82
CA VAL B 59 19.84 57.29 -20.86
C VAL B 59 20.45 56.89 -22.19
N GLN B 60 19.98 57.50 -23.28
CA GLN B 60 20.59 57.24 -24.58
C GLN B 60 22.04 57.69 -24.61
N ASN B 61 22.33 58.83 -23.98
CA ASN B 61 23.71 59.29 -23.87
C ASN B 61 24.56 58.30 -23.09
N MET B 62 24.00 57.72 -22.02
CA MET B 62 24.65 56.60 -21.35
C MET B 62 24.99 55.50 -22.33
N ASN B 63 23.99 55.09 -23.13
CA ASN B 63 24.20 54.00 -24.06
C ASN B 63 25.36 54.30 -25.00
N ASN B 64 25.32 55.45 -25.66
CA ASN B 64 26.37 55.78 -26.62
C ASN B 64 27.73 55.93 -25.96
N ALA B 65 27.81 56.68 -24.86
CA ALA B 65 29.10 56.93 -24.22
C ALA B 65 29.71 55.64 -23.68
N GLY B 66 28.90 54.84 -22.97
CA GLY B 66 29.42 53.60 -22.43
C GLY B 66 29.83 52.61 -23.51
N ASP B 67 29.02 52.50 -24.57
CA ASP B 67 29.39 51.59 -25.66
C ASP B 67 30.67 52.04 -26.34
N LYS B 68 30.82 53.35 -26.57
CA LYS B 68 32.02 53.87 -27.21
C LYS B 68 33.24 53.63 -26.32
N TRP B 69 33.10 53.88 -25.02
CA TRP B 69 34.22 53.68 -24.09
C TRP B 69 34.62 52.21 -24.03
N SER B 70 33.63 51.32 -23.96
CA SER B 70 33.93 49.89 -23.91
C SER B 70 34.58 49.41 -25.21
N ALA B 71 34.07 49.87 -26.35
CA ALA B 71 34.65 49.47 -27.63
C ALA B 71 36.08 49.98 -27.75
N PHE B 72 36.33 51.22 -27.33
CA PHE B 72 37.69 51.75 -27.35
C PHE B 72 38.61 50.96 -26.45
N LEU B 73 38.13 50.60 -25.25
CA LEU B 73 38.94 49.79 -24.35
C LEU B 73 39.26 48.43 -24.97
N LYS B 74 38.26 47.79 -25.58
CA LYS B 74 38.47 46.47 -26.16
C LYS B 74 39.44 46.54 -27.33
N GLU B 75 39.29 47.54 -28.20
CA GLU B 75 40.18 47.65 -29.35
C GLU B 75 41.60 47.98 -28.91
N GLN B 76 41.76 48.84 -27.91
CA GLN B 76 43.11 49.14 -27.41
C GLN B 76 43.74 47.92 -26.77
N SER B 77 42.96 47.14 -26.01
CA SER B 77 43.49 45.93 -25.40
C SER B 77 43.90 44.92 -26.45
N THR B 78 43.09 44.74 -27.49
CA THR B 78 43.45 43.82 -28.56
C THR B 78 44.71 44.29 -29.28
N LEU B 79 44.83 45.60 -29.51
CA LEU B 79 46.03 46.12 -30.15
C LEU B 79 47.27 45.90 -29.29
N ALA B 80 47.15 46.13 -27.97
CA ALA B 80 48.28 45.98 -27.07
C ALA B 80 48.56 44.53 -26.69
N GLN B 81 47.67 43.60 -27.05
CA GLN B 81 47.89 42.19 -26.73
C GLN B 81 49.16 41.64 -27.35
N MET B 82 49.68 42.25 -28.41
CA MET B 82 50.87 41.71 -29.06
C MET B 82 52.16 42.04 -28.32
N TYR B 83 52.12 42.96 -27.36
CA TYR B 83 53.30 43.23 -26.55
C TYR B 83 53.58 42.05 -25.64
N PRO B 84 54.79 41.51 -25.62
CA PRO B 84 55.10 40.40 -24.71
C PRO B 84 55.22 40.88 -23.26
N LEU B 85 55.17 39.91 -22.35
CA LEU B 85 55.10 40.23 -20.93
C LEU B 85 56.44 40.18 -20.22
N GLN B 86 57.20 39.10 -20.37
CA GLN B 86 58.43 38.93 -19.59
C GLN B 86 59.60 39.68 -20.23
N GLU B 87 59.39 40.95 -20.56
CA GLU B 87 60.44 41.78 -21.14
C GLU B 87 60.53 43.18 -20.56
N ILE B 88 59.54 43.64 -19.79
CA ILE B 88 59.48 45.02 -19.31
C ILE B 88 60.18 45.08 -17.96
N GLN B 89 61.31 45.78 -17.91
CA GLN B 89 62.02 46.00 -16.65
C GLN B 89 61.43 47.15 -15.85
N ASN B 90 60.61 47.99 -16.48
CA ASN B 90 60.01 49.13 -15.82
C ASN B 90 58.65 48.72 -15.24
N LEU B 91 58.38 49.14 -14.00
CA LEU B 91 57.24 48.62 -13.26
C LEU B 91 55.98 49.46 -13.40
N THR B 92 56.10 50.79 -13.38
CA THR B 92 54.91 51.62 -13.44
C THR B 92 54.25 51.61 -14.81
N VAL B 93 54.91 51.05 -15.82
CA VAL B 93 54.31 50.88 -17.13
C VAL B 93 53.82 49.43 -17.24
N LYS B 94 54.53 48.52 -16.57
CA LYS B 94 54.10 47.12 -16.54
C LYS B 94 52.78 46.98 -15.83
N LEU B 95 52.53 47.78 -14.79
CA LEU B 95 51.25 47.74 -14.10
C LEU B 95 50.11 48.11 -15.03
N GLN B 96 50.28 49.17 -15.82
CA GLN B 96 49.25 49.57 -16.76
C GLN B 96 49.07 48.52 -17.86
N LEU B 97 50.17 47.94 -18.34
CA LEU B 97 50.07 46.89 -19.35
C LEU B 97 49.29 45.69 -18.82
N GLN B 98 49.57 45.30 -17.58
CA GLN B 98 48.82 44.19 -16.97
C GLN B 98 47.35 44.56 -16.78
N ALA B 99 47.08 45.80 -16.35
CA ALA B 99 45.71 46.21 -16.10
C ALA B 99 44.91 46.35 -17.40
N LEU B 100 45.60 46.48 -18.53
CA LEU B 100 44.93 46.49 -19.83
C LEU B 100 45.02 45.16 -20.57
N GLN B 101 45.77 44.19 -20.04
CA GLN B 101 46.03 42.94 -20.75
C GLN B 101 44.91 41.92 -20.59
N GLN B 102 44.01 42.11 -19.63
CA GLN B 102 42.96 41.11 -19.36
C GLN B 102 42.16 40.81 -20.61
N ASN B 103 42.20 39.55 -21.04
CA ASN B 103 41.48 39.15 -22.24
C ASN B 103 39.98 39.22 -22.03
N GLY B 104 39.53 39.15 -20.78
CA GLY B 104 38.12 39.30 -20.47
C GLY B 104 37.32 38.03 -20.68
N SER B 105 36.03 38.14 -20.37
CA SER B 105 35.11 37.03 -20.55
C SER B 105 34.74 36.81 -22.02
N SER B 106 35.16 37.70 -22.92
CA SER B 106 34.86 37.56 -24.33
C SER B 106 35.52 36.33 -24.95
N VAL B 107 36.50 35.74 -24.26
CA VAL B 107 37.15 34.54 -24.77
C VAL B 107 36.17 33.39 -24.93
N LEU B 108 35.06 33.41 -24.21
CA LEU B 108 34.05 32.39 -24.34
C LEU B 108 33.32 32.51 -25.69
N SER B 109 32.59 31.46 -26.03
CA SER B 109 31.84 31.47 -27.28
C SER B 109 30.68 32.47 -27.21
N GLU B 110 30.25 32.93 -28.38
CA GLU B 110 29.21 33.96 -28.46
C GLU B 110 27.89 33.49 -27.88
N ASP B 111 27.48 32.26 -28.20
CA ASP B 111 26.24 31.73 -27.64
C ASP B 111 26.33 31.58 -26.13
N LYS B 112 27.46 31.08 -25.63
CA LYS B 112 27.65 30.99 -24.19
C LYS B 112 27.66 32.38 -23.56
N SER B 113 28.24 33.36 -24.25
CA SER B 113 28.26 34.72 -23.74
C SER B 113 26.85 35.28 -23.61
N LYS B 114 26.01 35.11 -24.64
CA LYS B 114 24.67 35.65 -24.55
C LYS B 114 23.85 34.88 -23.52
N ARG B 115 24.11 33.58 -23.36
CA ARG B 115 23.43 32.82 -22.33
C ARG B 115 23.78 33.36 -20.94
N LEU B 116 25.06 33.63 -20.70
CA LEU B 116 25.49 34.18 -19.43
C LEU B 116 24.88 35.55 -19.18
N ASN B 117 24.86 36.40 -20.21
CA ASN B 117 24.28 37.73 -20.06
C ASN B 117 22.78 37.67 -19.76
N THR B 118 22.06 36.81 -20.48
CA THR B 118 20.64 36.63 -20.23
C THR B 118 20.40 36.14 -18.80
N ILE B 119 21.23 35.20 -18.33
CA ILE B 119 21.02 34.63 -17.02
C ILE B 119 21.31 35.66 -15.93
N LEU B 120 22.38 36.44 -16.09
CA LEU B 120 22.65 37.50 -15.11
C LEU B 120 21.52 38.52 -15.08
N ASN B 121 21.02 38.90 -16.25
CA ASN B 121 19.89 39.84 -16.28
C ASN B 121 18.66 39.23 -15.60
N THR B 122 18.44 37.93 -15.81
CA THR B 122 17.31 37.25 -15.19
C THR B 122 17.45 37.25 -13.67
N MET B 123 18.65 36.98 -13.16
CA MET B 123 18.88 37.04 -11.72
C MET B 123 18.57 38.43 -11.18
N SER B 124 19.10 39.46 -11.84
CA SER B 124 18.86 40.82 -11.35
C SER B 124 17.37 41.14 -11.36
N THR B 125 16.67 40.79 -12.44
CA THR B 125 15.25 41.11 -12.53
C THR B 125 14.43 40.37 -11.48
N ILE B 126 14.71 39.08 -11.27
CA ILE B 126 13.91 38.31 -10.33
C ILE B 126 14.17 38.77 -8.91
N TYR B 127 15.42 39.16 -8.61
CA TYR B 127 15.70 39.71 -7.29
C TYR B 127 15.00 41.04 -7.10
N SER B 128 14.95 41.87 -8.14
CA SER B 128 14.37 43.19 -7.99
C SER B 128 12.84 43.13 -7.92
N THR B 129 12.22 42.14 -8.55
CA THR B 129 10.77 42.12 -8.69
C THR B 129 10.10 40.93 -8.01
N GLY B 130 10.79 40.22 -7.13
CA GLY B 130 10.17 39.15 -6.38
C GLY B 130 9.15 39.68 -5.38
N LYS B 131 8.14 38.87 -5.10
CA LYS B 131 7.09 39.28 -4.19
C LYS B 131 6.43 38.07 -3.55
N VAL B 132 6.10 38.21 -2.26
CA VAL B 132 5.34 37.23 -1.50
C VAL B 132 4.25 37.97 -0.75
N CYS B 133 3.25 37.23 -0.29
CA CYS B 133 2.12 37.85 0.38
C CYS B 133 1.30 36.82 1.15
N ASN B 134 0.38 37.34 1.96
CA ASN B 134 -0.34 36.55 2.96
C ASN B 134 -1.41 35.71 2.30
N PRO B 135 -1.49 34.40 2.60
CA PRO B 135 -2.63 33.61 2.12
C PRO B 135 -3.97 34.11 2.62
N ASP B 136 -4.01 34.82 3.75
CA ASP B 136 -5.28 35.32 4.27
C ASP B 136 -5.94 36.28 3.29
N ASN B 137 -5.16 37.22 2.75
CA ASN B 137 -5.64 38.19 1.76
C ASN B 137 -4.65 38.20 0.62
N PRO B 138 -4.74 37.24 -0.31
CA PRO B 138 -3.72 37.12 -1.36
C PRO B 138 -3.83 38.18 -2.44
N GLN B 139 -4.68 39.18 -2.24
CA GLN B 139 -4.84 40.23 -3.24
C GLN B 139 -3.82 41.36 -3.11
N GLU B 140 -3.31 41.61 -1.91
CA GLU B 140 -2.26 42.61 -1.70
C GLU B 140 -0.96 41.86 -1.44
N CYS B 141 0.09 42.22 -2.19
CA CYS B 141 1.35 41.50 -2.07
C CYS B 141 2.51 42.48 -1.92
N LEU B 142 3.54 42.04 -1.22
CA LEU B 142 4.62 42.91 -0.77
C LEU B 142 5.92 42.55 -1.47
N LEU B 143 6.71 43.58 -1.81
CA LEU B 143 8.02 43.39 -2.42
C LEU B 143 9.06 43.18 -1.33
N LEU B 144 10.34 43.23 -1.70
CA LEU B 144 11.42 43.06 -0.74
C LEU B 144 11.86 44.38 -0.15
N GLU B 145 12.22 45.35 -1.00
CA GLU B 145 12.75 46.62 -0.51
C GLU B 145 11.76 47.37 0.37
N PRO B 146 10.50 47.58 -0.02
CA PRO B 146 9.56 48.23 0.89
C PRO B 146 8.75 47.25 1.71
N GLY B 147 8.36 47.68 2.90
CA GLY B 147 7.46 46.92 3.74
C GLY B 147 8.09 45.72 4.42
N LEU B 148 8.58 44.76 3.63
CA LEU B 148 9.12 43.53 4.19
C LEU B 148 10.33 43.82 5.08
N ASN B 149 11.22 44.70 4.63
CA ASN B 149 12.33 45.12 5.46
C ASN B 149 11.84 45.82 6.72
N GLU B 150 10.83 46.67 6.58
CA GLU B 150 10.24 47.32 7.74
C GLU B 150 9.62 46.30 8.69
N ILE B 151 8.96 45.28 8.13
CA ILE B 151 8.37 44.24 8.96
C ILE B 151 9.45 43.52 9.75
N MET B 152 10.56 43.17 9.10
CA MET B 152 11.63 42.47 9.80
C MET B 152 12.32 43.36 10.82
N ALA B 153 12.42 44.66 10.55
CA ALA B 153 13.15 45.56 11.43
C ALA B 153 12.29 46.20 12.51
N ASN B 154 10.98 45.97 12.52
CA ASN B 154 10.13 46.63 13.50
C ASN B 154 9.27 45.65 14.29
N SER B 155 8.82 44.58 13.65
CA SER B 155 7.87 43.67 14.29
C SER B 155 8.55 42.90 15.42
N LEU B 156 7.76 42.62 16.47
CA LEU B 156 8.19 41.80 17.59
C LEU B 156 7.40 40.51 17.68
N ASP B 157 6.65 40.17 16.62
CA ASP B 157 5.81 38.98 16.60
C ASP B 157 6.60 37.82 16.03
N TYR B 158 6.62 36.70 16.77
CA TYR B 158 7.35 35.52 16.32
C TYR B 158 6.76 34.97 15.03
N ASN B 159 5.43 34.84 14.97
CA ASN B 159 4.78 34.20 13.84
C ASN B 159 4.98 34.99 12.55
N GLU B 160 4.83 36.31 12.63
CA GLU B 160 4.96 37.15 11.43
C GLU B 160 6.39 37.07 10.87
N ARG B 161 7.38 37.18 11.74
CA ARG B 161 8.77 37.10 11.30
C ARG B 161 9.08 35.74 10.70
N LEU B 162 8.62 34.67 11.36
CA LEU B 162 8.86 33.32 10.83
C LEU B 162 8.21 33.17 9.46
N TRP B 163 6.98 33.63 9.30
CA TRP B 163 6.29 33.49 8.03
C TRP B 163 7.01 34.25 6.93
N ALA B 164 7.41 35.49 7.21
CA ALA B 164 8.10 36.28 6.20
C ALA B 164 9.43 35.62 5.81
N TRP B 165 10.21 35.22 6.80
CA TRP B 165 11.51 34.64 6.53
C TRP B 165 11.39 33.36 5.70
N GLU B 166 10.42 32.50 6.05
CA GLU B 166 10.25 31.26 5.31
C GLU B 166 9.72 31.52 3.90
N SER B 167 8.73 32.41 3.79
CA SER B 167 8.07 32.62 2.50
C SER B 167 9.01 33.26 1.48
N TRP B 168 9.82 34.23 1.90
CA TRP B 168 10.72 34.86 0.94
C TRP B 168 11.66 33.84 0.33
N ARG B 169 12.28 33.00 1.17
CA ARG B 169 13.16 31.95 0.66
C ARG B 169 12.40 30.99 -0.23
N SER B 170 11.25 30.48 0.25
CA SER B 170 10.51 29.47 -0.48
C SER B 170 9.98 29.98 -1.83
N GLU B 171 9.85 31.30 -1.99
CA GLU B 171 9.33 31.84 -3.24
C GLU B 171 10.38 32.53 -4.10
N VAL B 172 11.62 32.67 -3.63
CA VAL B 172 12.69 33.25 -4.42
C VAL B 172 13.81 32.24 -4.71
N GLY B 173 14.31 31.58 -3.66
CA GLY B 173 15.43 30.67 -3.85
C GLY B 173 15.07 29.47 -4.71
N LYS B 174 13.83 29.01 -4.63
CA LYS B 174 13.40 27.89 -5.47
C LYS B 174 13.54 28.24 -6.94
N GLN B 175 13.16 29.45 -7.33
CA GLN B 175 13.35 29.88 -8.70
C GLN B 175 14.83 30.10 -9.01
N LEU B 176 15.57 30.66 -8.05
CA LEU B 176 16.95 31.03 -8.33
C LEU B 176 17.90 29.84 -8.38
N ARG B 177 17.48 28.67 -7.89
CA ARG B 177 18.40 27.53 -7.78
C ARG B 177 19.02 27.10 -9.11
N PRO B 178 18.24 26.72 -10.13
CA PRO B 178 18.89 26.20 -11.36
C PRO B 178 19.76 27.23 -12.05
N LEU B 179 19.36 28.50 -12.01
CA LEU B 179 20.13 29.56 -12.64
C LEU B 179 21.52 29.64 -12.03
N TYR B 180 21.61 29.56 -10.69
CA TYR B 180 22.92 29.53 -10.04
C TYR B 180 23.66 28.23 -10.34
N GLU B 181 22.92 27.11 -10.39
CA GLU B 181 23.56 25.83 -10.67
C GLU B 181 24.30 25.85 -11.98
N GLU B 182 23.77 26.56 -12.97
CA GLU B 182 24.44 26.66 -14.26
C GLU B 182 25.39 27.85 -14.35
N TYR B 183 25.11 28.92 -13.59
CA TYR B 183 26.00 30.07 -13.52
C TYR B 183 27.37 29.69 -12.99
N VAL B 184 27.40 28.86 -11.94
CA VAL B 184 28.69 28.42 -11.41
C VAL B 184 29.45 27.64 -12.47
N VAL B 185 28.75 26.85 -13.28
CA VAL B 185 29.40 26.05 -14.32
C VAL B 185 30.02 26.95 -15.37
N LEU B 186 29.27 27.95 -15.84
CA LEU B 186 29.84 28.86 -16.84
C LEU B 186 31.02 29.64 -16.28
N LYS B 187 30.92 30.11 -15.03
CA LYS B 187 32.04 30.83 -14.45
C LYS B 187 33.27 29.94 -14.32
N ASN B 188 33.07 28.68 -13.92
CA ASN B 188 34.20 27.76 -13.85
C ASN B 188 34.83 27.55 -15.20
N GLU B 189 34.02 27.37 -16.25
CA GLU B 189 34.57 27.17 -17.58
C GLU B 189 35.34 28.40 -18.05
N MET B 190 34.80 29.59 -17.81
CA MET B 190 35.46 30.81 -18.24
C MET B 190 36.79 30.97 -17.50
N ALA B 191 36.80 30.71 -16.20
CA ALA B 191 38.04 30.83 -15.43
C ALA B 191 39.07 29.82 -15.89
N ARG B 192 38.63 28.58 -16.17
CA ARG B 192 39.55 27.56 -16.67
C ARG B 192 40.15 27.97 -18.00
N ALA B 193 39.33 28.55 -18.88
CA ALA B 193 39.84 29.10 -20.12
C ALA B 193 40.73 30.32 -19.89
N ASN B 194 40.63 30.97 -18.74
CA ASN B 194 41.43 32.15 -18.43
C ASN B 194 42.57 31.84 -17.48
N HIS B 195 43.12 30.62 -17.57
CA HIS B 195 44.29 30.22 -16.78
C HIS B 195 44.05 30.34 -15.28
N TYR B 196 42.87 29.94 -14.84
CA TYR B 196 42.52 29.94 -13.42
C TYR B 196 41.86 28.63 -13.05
N GLU B 197 42.06 28.20 -11.80
CA GLU B 197 41.42 26.98 -11.33
C GLU B 197 39.91 27.14 -11.28
N ASP B 198 39.42 28.29 -10.81
CA ASP B 198 38.00 28.55 -10.71
C ASP B 198 37.78 30.05 -10.62
N TYR B 199 36.52 30.46 -10.77
CA TYR B 199 36.19 31.87 -10.67
C TYR B 199 36.53 32.43 -9.29
N GLY B 200 36.54 31.57 -8.27
CA GLY B 200 36.99 32.01 -6.95
C GLY B 200 38.44 32.46 -6.97
N ASP B 201 39.28 31.75 -7.73
CA ASP B 201 40.67 32.19 -7.90
C ASP B 201 40.72 33.53 -8.63
N TYR B 202 39.85 33.73 -9.61
CA TYR B 202 39.79 35.01 -10.30
C TYR B 202 39.45 36.13 -9.32
N TRP B 203 38.51 35.89 -8.41
CA TRP B 203 38.17 36.88 -7.40
C TRP B 203 39.34 37.13 -6.46
N ARG B 204 40.00 36.05 -6.01
CA ARG B 204 41.14 36.19 -5.11
C ARG B 204 42.31 36.90 -5.77
N GLY B 205 42.38 36.89 -7.10
CA GLY B 205 43.47 37.55 -7.80
C GLY B 205 43.52 39.05 -7.60
N ASP B 206 42.49 39.65 -7.01
CA ASP B 206 42.52 41.09 -6.74
C ASP B 206 43.65 41.44 -5.79
N TYR B 207 43.84 40.64 -4.74
CA TYR B 207 44.91 40.87 -3.77
C TYR B 207 46.24 40.29 -4.20
N GLU B 208 46.29 39.59 -5.34
CA GLU B 208 47.53 38.95 -5.77
C GLU B 208 48.59 40.00 -6.09
N VAL B 209 49.77 39.81 -5.53
CA VAL B 209 50.92 40.68 -5.77
C VAL B 209 52.13 39.80 -6.06
N ASN B 210 52.81 40.09 -7.16
CA ASN B 210 53.91 39.25 -7.63
C ASN B 210 55.11 40.10 -8.06
N GLY B 211 56.30 39.55 -7.84
CA GLY B 211 57.53 40.15 -8.33
C GLY B 211 57.87 41.52 -7.78
N VAL B 212 57.77 41.70 -6.46
CA VAL B 212 58.09 42.98 -5.85
C VAL B 212 59.18 42.78 -4.81
N ASP B 213 59.98 41.72 -4.97
CA ASP B 213 61.17 41.48 -4.17
C ASP B 213 60.84 41.40 -2.68
N GLY B 214 60.07 40.36 -2.33
CA GLY B 214 59.69 40.09 -0.97
C GLY B 214 58.34 40.63 -0.56
N TYR B 215 57.74 41.51 -1.36
CA TYR B 215 56.40 42.02 -1.09
C TYR B 215 55.32 41.17 -1.74
N ASP B 216 55.70 40.05 -2.36
CA ASP B 216 54.74 39.21 -3.05
C ASP B 216 53.76 38.58 -2.06
N TYR B 217 52.55 38.33 -2.55
CA TYR B 217 51.51 37.68 -1.74
C TYR B 217 50.78 36.68 -2.62
N SER B 218 50.95 35.40 -2.32
CA SER B 218 50.25 34.37 -3.07
C SER B 218 48.75 34.43 -2.81
N ARG B 219 47.98 33.98 -3.80
CA ARG B 219 46.52 34.02 -3.68
C ARG B 219 46.04 33.05 -2.61
N GLY B 220 46.74 31.93 -2.43
CA GLY B 220 46.32 30.95 -1.45
C GLY B 220 46.53 31.40 -0.01
N GLN B 221 47.44 32.35 0.21
CA GLN B 221 47.74 32.78 1.57
C GLN B 221 46.60 33.58 2.18
N LEU B 222 45.69 34.10 1.36
CA LEU B 222 44.57 34.89 1.86
C LEU B 222 43.68 34.05 2.76
N ILE B 223 43.42 32.80 2.38
CA ILE B 223 42.58 31.92 3.19
C ILE B 223 43.21 31.69 4.55
N GLU B 224 44.52 31.43 4.57
CA GLU B 224 45.22 31.21 5.83
C GLU B 224 45.18 32.45 6.71
N ASP B 225 45.37 33.62 6.10
CA ASP B 225 45.33 34.87 6.85
C ASP B 225 43.95 35.09 7.47
N VAL B 226 42.90 34.83 6.69
CA VAL B 226 41.54 34.98 7.19
C VAL B 226 41.27 34.01 8.33
N GLU B 227 41.74 32.77 8.19
CA GLU B 227 41.56 31.78 9.25
C GLU B 227 42.25 32.23 10.54
N HIS B 228 43.50 32.69 10.43
CA HIS B 228 44.23 33.15 11.59
C HIS B 228 43.55 34.34 12.25
N THR B 229 43.04 35.28 11.45
CA THR B 229 42.32 36.42 12.00
C THR B 229 41.06 35.99 12.73
N PHE B 230 40.28 35.07 12.12
CA PHE B 230 39.02 34.66 12.73
C PHE B 230 39.25 33.85 14.00
N GLU B 231 40.40 33.18 14.10
CA GLU B 231 40.69 32.42 15.31
C GLU B 231 40.71 33.31 16.54
N GLU B 232 41.35 34.47 16.43
CA GLU B 232 41.37 35.42 17.55
C GLU B 232 40.03 36.09 17.78
N ILE B 233 39.20 36.22 16.76
CA ILE B 233 37.90 36.87 16.91
C ILE B 233 36.89 35.95 17.58
N LYS B 234 37.04 34.63 17.43
CA LYS B 234 36.05 33.68 17.93
C LYS B 234 35.61 33.90 19.38
N PRO B 235 36.51 34.10 20.36
CA PRO B 235 36.03 34.20 21.75
C PRO B 235 35.14 35.41 22.03
N LEU B 236 35.51 36.59 21.51
CA LEU B 236 34.70 37.78 21.74
C LEU B 236 33.32 37.63 21.12
N TYR B 237 33.26 37.07 19.91
CA TYR B 237 31.99 36.81 19.27
C TYR B 237 31.17 35.81 20.07
N GLU B 238 31.83 34.80 20.63
CA GLU B 238 31.15 33.83 21.48
C GLU B 238 30.50 34.51 22.69
N HIS B 239 31.26 35.37 23.36
CA HIS B 239 30.73 36.08 24.52
C HIS B 239 29.56 36.97 24.14
N LEU B 240 29.69 37.71 23.04
CA LEU B 240 28.62 38.61 22.62
C LEU B 240 27.36 37.82 22.26
N HIS B 241 27.55 36.69 21.56
CA HIS B 241 26.43 35.85 21.19
C HIS B 241 25.72 35.29 22.41
N ALA B 242 26.50 34.85 23.40
CA ALA B 242 25.91 34.33 24.64
C ALA B 242 25.12 35.41 25.35
N TYR B 243 25.67 36.63 25.41
CA TYR B 243 24.98 37.73 26.08
C TYR B 243 23.67 38.07 25.36
N VAL B 244 23.71 38.10 24.03
CA VAL B 244 22.50 38.39 23.25
C VAL B 244 21.45 37.30 23.48
N ARG B 245 21.88 36.03 23.47
CA ARG B 245 20.96 34.94 23.73
C ARG B 245 20.32 35.07 25.10
N ALA B 246 21.11 35.42 26.11
CA ALA B 246 20.57 35.61 27.44
C ALA B 246 19.56 36.75 27.48
N LYS B 247 19.86 37.85 26.79
CA LYS B 247 18.98 39.00 26.79
C LYS B 247 17.71 38.78 25.97
N LEU B 248 17.72 37.82 25.04
CA LEU B 248 16.55 37.58 24.22
C LEU B 248 15.49 36.73 24.90
N MET B 249 15.77 36.22 26.11
CA MET B 249 14.79 35.41 26.84
C MET B 249 13.52 36.19 27.15
N ASN B 250 13.62 37.49 27.41
CA ASN B 250 12.47 38.27 27.86
C ASN B 250 11.47 38.55 26.76
N ALA B 251 11.91 38.69 25.51
CA ALA B 251 11.01 39.02 24.42
C ALA B 251 10.30 37.82 23.84
N TYR B 252 10.96 36.65 23.81
CA TYR B 252 10.38 35.43 23.25
C TYR B 252 10.57 34.28 24.23
N PRO B 253 9.82 34.27 25.33
CA PRO B 253 9.94 33.17 26.28
C PRO B 253 9.46 31.86 25.68
N SER B 254 10.06 30.77 26.16
CA SER B 254 9.75 29.40 25.78
C SER B 254 9.97 29.12 24.29
N TYR B 255 10.79 29.92 23.62
CA TYR B 255 11.08 29.71 22.21
C TYR B 255 12.56 29.49 21.90
N ILE B 256 13.46 29.88 22.79
CA ILE B 256 14.90 29.76 22.57
C ILE B 256 15.53 29.00 23.71
N SER B 257 16.34 28.00 23.38
CA SER B 257 17.06 27.27 24.41
C SER B 257 18.18 28.13 24.98
N PRO B 258 18.42 28.07 26.30
CA PRO B 258 19.50 28.87 26.90
C PRO B 258 20.90 28.45 26.48
N ILE B 259 21.06 27.25 25.91
CA ILE B 259 22.37 26.76 25.50
C ILE B 259 22.39 26.56 24.00
N GLY B 260 21.23 26.66 23.36
CA GLY B 260 21.12 26.42 21.93
C GLY B 260 21.51 27.63 21.10
N CYS B 261 21.44 27.43 19.78
CA CYS B 261 21.74 28.49 18.84
C CYS B 261 20.55 29.42 18.66
N LEU B 262 20.79 30.57 18.05
CA LEU B 262 19.67 31.48 17.88
C LEU B 262 18.91 31.15 16.60
N PRO B 263 17.58 31.19 16.65
CA PRO B 263 16.80 31.07 15.41
C PRO B 263 17.10 32.22 14.47
N ALA B 264 17.08 31.93 13.17
CA ALA B 264 17.51 32.89 12.17
C ALA B 264 16.55 34.06 12.00
N HIS B 265 15.27 33.86 12.27
CA HIS B 265 14.25 34.87 11.99
C HIS B 265 14.07 35.86 13.13
N LEU B 266 15.08 36.03 13.98
CA LEU B 266 15.00 36.96 15.11
C LEU B 266 16.21 37.88 15.16
N LEU B 267 16.86 38.10 14.02
CA LEU B 267 18.09 38.86 13.97
C LEU B 267 17.90 40.31 13.56
N GLY B 268 16.66 40.73 13.31
CA GLY B 268 16.40 42.11 12.94
C GLY B 268 16.55 42.37 11.45
N ASP B 269 17.36 41.57 10.78
CA ASP B 269 17.60 41.71 9.35
C ASP B 269 17.04 40.51 8.61
N MET B 270 16.92 40.66 7.28
CA MET B 270 16.39 39.59 6.46
C MET B 270 17.27 38.34 6.53
N TRP B 271 18.60 38.54 6.48
CA TRP B 271 19.54 37.43 6.53
C TRP B 271 20.41 37.42 7.77
N GLY B 272 20.38 38.47 8.58
CA GLY B 272 21.24 38.55 9.74
C GLY B 272 22.59 39.19 9.49
N ARG B 273 22.74 39.96 8.40
CA ARG B 273 24.02 40.58 8.10
C ARG B 273 24.43 41.57 9.19
N PHE B 274 23.46 42.20 9.84
CA PHE B 274 23.73 43.17 10.89
C PHE B 274 22.80 42.93 12.07
N TRP B 275 23.25 43.34 13.25
CA TRP B 275 22.49 43.16 14.48
C TRP B 275 22.05 44.48 15.08
N THR B 276 21.99 45.54 14.27
CA THR B 276 21.63 46.85 14.79
C THR B 276 20.21 46.87 15.34
N ASN B 277 19.28 46.20 14.67
CA ASN B 277 17.87 46.26 15.03
C ASN B 277 17.61 45.60 16.38
N LEU B 278 18.60 44.89 16.91
CA LEU B 278 18.49 44.28 18.23
C LEU B 278 18.83 45.25 19.36
N TYR B 279 19.26 46.46 19.04
CA TYR B 279 19.68 47.42 20.06
C TYR B 279 18.57 47.67 21.07
N SER B 280 17.33 47.79 20.60
CA SER B 280 16.22 48.05 21.50
C SER B 280 16.01 46.90 22.49
N LEU B 281 16.36 45.68 22.10
CA LEU B 281 16.16 44.52 22.96
C LEU B 281 17.41 44.14 23.75
N THR B 282 18.51 44.88 23.60
CA THR B 282 19.74 44.54 24.30
C THR B 282 20.44 45.75 24.88
N VAL B 283 19.73 46.85 25.09
CA VAL B 283 20.37 48.07 25.61
C VAL B 283 20.85 47.82 27.04
N PRO B 284 22.11 48.14 27.36
CA PRO B 284 22.59 47.91 28.74
C PRO B 284 21.88 48.78 29.76
N PHE B 285 21.80 50.09 29.51
CA PHE B 285 21.20 51.04 30.45
C PHE B 285 20.31 51.99 29.64
N GLY B 286 19.03 51.61 29.51
CA GLY B 286 18.08 52.42 28.76
C GLY B 286 17.58 53.64 29.47
N GLN B 287 17.82 53.76 30.78
CA GLN B 287 17.35 54.93 31.52
C GLN B 287 18.04 56.19 31.03
N LYS B 288 19.37 56.18 30.96
CA LYS B 288 20.12 57.30 30.42
C LYS B 288 20.34 57.10 28.93
N PRO B 289 19.97 58.04 28.08
CA PRO B 289 20.15 57.87 26.64
C PRO B 289 21.61 58.09 26.25
N ASN B 290 21.89 57.87 24.97
CA ASN B 290 23.24 58.07 24.44
C ASN B 290 23.48 59.55 24.21
N ILE B 291 24.60 59.87 23.56
CA ILE B 291 24.93 61.25 23.22
C ILE B 291 24.04 61.67 22.06
N ASP B 292 23.07 62.54 22.35
CA ASP B 292 22.12 63.01 21.36
C ASP B 292 22.23 64.52 21.24
N VAL B 293 22.42 65.01 20.01
CA VAL B 293 22.55 66.44 19.78
C VAL B 293 21.62 66.87 18.66
N THR B 294 20.71 65.97 18.25
CA THR B 294 19.83 66.26 17.12
C THR B 294 18.96 67.47 17.38
N ASP B 295 18.77 67.83 18.64
CA ASP B 295 18.05 69.04 18.99
C ASP B 295 18.96 70.26 19.06
N ALA B 296 20.26 70.06 19.27
CA ALA B 296 21.16 71.19 19.51
C ALA B 296 21.28 72.10 18.29
N MET B 297 21.59 71.52 17.13
CA MET B 297 21.79 72.36 15.96
C MET B 297 20.46 72.88 15.42
N VAL B 298 19.37 72.17 15.68
CA VAL B 298 18.04 72.69 15.35
C VAL B 298 17.73 73.92 16.19
N ASP B 299 18.05 73.86 17.49
CA ASP B 299 17.87 75.03 18.34
C ASP B 299 18.77 76.18 17.89
N GLN B 300 19.98 75.86 17.47
CA GLN B 300 20.90 76.85 16.93
C GLN B 300 20.59 77.21 15.48
N ALA B 301 19.58 76.58 14.88
CA ALA B 301 19.16 76.85 13.50
C ALA B 301 20.32 76.65 12.52
N TRP B 302 20.95 75.48 12.64
CA TRP B 302 22.07 75.10 11.77
C TRP B 302 21.49 74.48 10.51
N ASP B 303 21.31 75.30 9.48
CA ASP B 303 20.71 74.84 8.23
C ASP B 303 21.69 73.93 7.49
N ALA B 304 21.30 73.48 6.30
CA ALA B 304 22.13 72.58 5.51
C ALA B 304 23.14 73.33 4.67
N GLN B 305 23.89 74.25 5.27
CA GLN B 305 25.02 74.90 4.62
C GLN B 305 26.19 74.94 5.58
N ARG B 306 25.88 74.99 6.89
CA ARG B 306 26.93 75.02 7.90
C ARG B 306 27.56 73.65 8.08
N ILE B 307 26.84 72.59 7.71
CA ILE B 307 27.37 71.23 7.87
C ILE B 307 28.64 71.04 7.03
N PHE B 308 28.56 71.41 5.76
CA PHE B 308 29.71 71.22 4.87
C PHE B 308 30.86 72.14 5.26
N LYS B 309 30.56 73.37 5.67
CA LYS B 309 31.61 74.28 6.10
C LYS B 309 32.31 73.76 7.35
N GLU B 310 31.53 73.22 8.30
CA GLU B 310 32.13 72.64 9.51
C GLU B 310 32.99 71.44 9.17
N ALA B 311 32.53 70.59 8.25
CA ALA B 311 33.35 69.45 7.82
C ALA B 311 34.65 69.92 7.17
N GLU B 312 34.56 70.94 6.33
CA GLU B 312 35.76 71.48 5.69
C GLU B 312 36.72 72.05 6.72
N LYS B 313 36.19 72.77 7.71
CA LYS B 313 37.03 73.31 8.77
C LYS B 313 37.71 72.20 9.57
N PHE B 314 36.97 71.12 9.85
CA PHE B 314 37.56 69.99 10.55
C PHE B 314 38.69 69.38 9.75
N PHE B 315 38.48 69.17 8.45
CA PHE B 315 39.51 68.57 7.61
C PHE B 315 40.72 69.50 7.47
N VAL B 316 40.49 70.81 7.48
CA VAL B 316 41.59 71.76 7.45
C VAL B 316 42.39 71.67 8.74
N SER B 317 41.71 71.61 9.88
CA SER B 317 42.40 71.50 11.16
C SER B 317 43.18 70.19 11.24
N VAL B 318 42.68 69.14 10.58
CA VAL B 318 43.43 67.89 10.50
C VAL B 318 44.77 68.13 9.82
N GLY B 319 44.79 68.92 8.77
CA GLY B 319 46.00 69.21 8.03
C GLY B 319 45.80 69.15 6.54
N LEU B 320 44.61 68.71 6.13
CA LEU B 320 44.28 68.62 4.72
C LEU B 320 44.09 70.00 4.13
N PRO B 321 44.44 70.18 2.86
CA PRO B 321 44.31 71.50 2.22
C PRO B 321 42.85 71.78 1.87
N ASN B 322 42.63 72.94 1.26
CA ASN B 322 41.29 73.29 0.82
C ASN B 322 40.84 72.36 -0.32
N MET B 323 39.53 72.24 -0.47
CA MET B 323 38.93 71.42 -1.50
C MET B 323 38.34 72.29 -2.60
N THR B 324 38.26 71.71 -3.79
CA THR B 324 38.00 72.46 -5.03
C THR B 324 36.69 73.24 -4.94
N GLN B 325 36.73 74.49 -5.39
CA GLN B 325 35.52 75.32 -5.34
C GLN B 325 34.46 74.82 -6.30
N GLY B 326 34.80 73.81 -7.10
CA GLY B 326 33.85 73.26 -8.05
C GLY B 326 32.64 72.66 -7.36
N PHE B 327 32.88 71.89 -6.31
CA PHE B 327 31.77 71.29 -5.56
C PHE B 327 30.93 72.39 -4.94
N TRP B 328 31.47 73.59 -4.88
CA TRP B 328 30.71 74.71 -4.33
C TRP B 328 30.01 75.49 -5.44
N GLU B 329 30.46 75.32 -6.68
CA GLU B 329 29.82 75.98 -7.80
C GLU B 329 29.02 75.01 -8.67
N ASN B 330 29.68 74.05 -9.30
CA ASN B 330 29.04 73.20 -10.30
C ASN B 330 28.57 71.87 -9.72
N SER B 331 27.63 71.96 -8.78
CA SER B 331 27.09 70.78 -8.12
C SER B 331 25.61 70.98 -7.82
N MET B 332 24.97 69.94 -7.29
CA MET B 332 23.55 69.94 -6.92
C MET B 332 23.37 69.39 -5.50
N LEU B 333 24.03 70.02 -4.52
CA LEU B 333 24.07 69.44 -3.18
C LEU B 333 22.68 69.08 -2.67
N THR B 334 21.73 70.01 -2.75
CA THR B 334 20.41 69.82 -2.21
C THR B 334 19.44 69.39 -3.30
N ASP B 335 18.46 68.58 -2.93
CA ASP B 335 17.44 68.17 -3.88
C ASP B 335 16.72 69.41 -4.43
N PRO B 336 16.49 69.50 -5.74
CA PRO B 336 15.85 70.70 -6.29
C PRO B 336 14.47 70.96 -5.74
N GLY B 337 13.71 69.92 -5.42
CA GLY B 337 12.42 70.09 -4.79
C GLY B 337 11.26 70.22 -5.76
N ASN B 338 11.54 70.71 -6.96
CA ASN B 338 10.50 70.88 -7.97
C ASN B 338 10.21 69.54 -8.64
N VAL B 339 9.52 69.57 -9.77
CA VAL B 339 9.17 68.35 -10.49
C VAL B 339 10.40 67.55 -10.89
N GLN B 340 11.58 68.18 -10.92
CA GLN B 340 12.82 67.47 -11.21
C GLN B 340 13.12 66.47 -10.10
N LYS B 341 13.05 65.19 -10.42
CA LYS B 341 13.27 64.13 -9.44
C LYS B 341 14.71 63.67 -9.50
N ALA B 342 15.37 63.62 -8.35
CA ALA B 342 16.76 63.18 -8.28
C ALA B 342 16.91 62.26 -7.09
N VAL B 343 17.88 61.35 -7.18
CA VAL B 343 18.16 60.39 -6.14
C VAL B 343 18.94 61.07 -5.01
N CYS B 344 18.48 60.87 -3.78
CA CYS B 344 19.15 61.45 -2.62
C CYS B 344 20.28 60.57 -2.08
N HIS B 345 20.57 59.45 -2.72
CA HIS B 345 21.61 58.55 -2.26
C HIS B 345 22.97 59.25 -2.27
N PRO B 346 23.70 59.26 -1.16
CA PRO B 346 25.01 59.91 -1.14
C PRO B 346 26.00 59.19 -2.05
N THR B 347 26.79 59.96 -2.78
CA THR B 347 27.85 59.39 -3.60
C THR B 347 28.85 60.49 -3.96
N ALA B 348 30.12 60.09 -4.02
CA ALA B 348 31.19 60.96 -4.47
C ALA B 348 31.37 60.80 -5.97
N TRP B 349 31.93 61.83 -6.61
CA TRP B 349 32.14 61.82 -8.05
C TRP B 349 33.61 61.99 -8.39
N ASP B 350 34.02 61.35 -9.47
CA ASP B 350 35.40 61.40 -9.93
C ASP B 350 35.45 61.83 -11.39
N LEU B 351 34.75 62.93 -11.72
CA LEU B 351 34.71 63.41 -13.09
C LEU B 351 36.10 63.67 -13.65
N GLY B 352 37.06 64.00 -12.79
CA GLY B 352 38.39 64.31 -13.25
C GLY B 352 38.48 65.73 -13.76
N LYS B 353 39.61 66.01 -14.42
CA LYS B 353 39.94 67.30 -15.02
C LYS B 353 40.04 68.41 -13.98
N GLY B 354 39.96 68.08 -12.68
CA GLY B 354 40.05 69.06 -11.62
C GLY B 354 38.74 69.42 -10.96
N ASP B 355 37.63 68.78 -11.32
CA ASP B 355 36.33 69.07 -10.73
C ASP B 355 35.77 67.80 -10.10
N PHE B 356 35.31 67.92 -8.86
CA PHE B 356 34.70 66.82 -8.13
C PHE B 356 33.48 67.33 -7.39
N ARG B 357 32.56 66.42 -7.07
CA ARG B 357 31.30 66.82 -6.48
C ARG B 357 30.72 65.65 -5.67
N ILE B 358 29.72 65.96 -4.86
CA ILE B 358 29.06 65.00 -3.99
C ILE B 358 27.55 65.15 -4.15
N LEU B 359 26.84 64.03 -4.21
CA LEU B 359 25.38 64.03 -4.32
C LEU B 359 24.79 63.40 -3.06
N MET B 360 24.17 64.23 -2.23
CA MET B 360 23.45 63.76 -1.05
C MET B 360 22.59 64.89 -0.51
N CYS B 361 21.35 64.56 -0.14
CA CYS B 361 20.36 65.56 0.28
C CYS B 361 20.57 65.87 1.75
N THR B 362 21.11 67.06 2.00
CA THR B 362 21.52 67.44 3.35
C THR B 362 20.31 67.77 4.21
N LYS B 363 20.25 67.16 5.39
CA LYS B 363 19.24 67.47 6.39
C LYS B 363 19.93 67.83 7.69
N VAL B 364 19.12 68.25 8.67
CA VAL B 364 19.64 68.68 9.96
C VAL B 364 19.67 67.49 10.92
N THR B 365 20.73 66.68 10.86
CA THR B 365 20.81 65.46 11.65
C THR B 365 22.26 64.99 11.64
N MET B 366 22.64 64.26 12.70
CA MET B 366 24.02 63.81 12.85
C MET B 366 24.45 62.91 11.71
N ASP B 367 23.59 61.98 11.30
CA ASP B 367 23.97 61.01 10.28
C ASP B 367 24.35 61.69 8.97
N ASP B 368 23.67 62.80 8.64
CA ASP B 368 24.07 63.57 7.46
C ASP B 368 25.46 64.17 7.65
N PHE B 369 25.78 64.63 8.87
CA PHE B 369 27.12 65.15 9.13
C PHE B 369 28.18 64.06 8.95
N LEU B 370 27.91 62.87 9.47
CA LEU B 370 28.84 61.75 9.33
C LEU B 370 29.00 61.36 7.87
N THR B 371 27.90 61.34 7.12
CA THR B 371 27.97 61.02 5.70
C THR B 371 28.76 62.08 4.94
N ALA B 372 28.57 63.34 5.30
CA ALA B 372 29.35 64.41 4.68
C ALA B 372 30.83 64.23 4.95
N HIS B 373 31.19 63.88 6.20
CA HIS B 373 32.59 63.61 6.51
C HIS B 373 33.14 62.45 5.69
N HIS B 374 32.38 61.35 5.63
CA HIS B 374 32.81 60.16 4.89
C HIS B 374 33.04 60.49 3.41
N GLU B 375 32.07 61.16 2.79
CA GLU B 375 32.18 61.48 1.37
C GLU B 375 33.26 62.50 1.10
N MET B 376 33.44 63.45 2.01
CA MET B 376 34.51 64.42 1.84
C MET B 376 35.82 63.66 1.84
N GLY B 377 36.02 62.82 2.85
CA GLY B 377 37.22 62.01 2.90
C GLY B 377 37.40 61.33 1.57
N HIS B 378 36.33 60.72 1.06
CA HIS B 378 36.41 60.04 -0.23
C HIS B 378 36.98 60.98 -1.28
N ILE B 379 36.49 62.22 -1.30
CA ILE B 379 36.89 63.19 -2.30
C ILE B 379 38.37 63.57 -2.12
N GLN B 380 38.80 63.73 -0.87
CA GLN B 380 40.22 64.02 -0.62
C GLN B 380 41.11 62.87 -1.10
N TYR B 381 40.72 61.64 -0.77
CA TYR B 381 41.46 60.49 -1.28
C TYR B 381 41.47 60.50 -2.81
N ASP B 382 40.39 60.98 -3.42
CA ASP B 382 40.32 61.04 -4.87
C ASP B 382 41.35 62.01 -5.43
N MET B 383 41.44 63.23 -4.88
CA MET B 383 42.48 64.13 -5.39
C MET B 383 43.87 63.68 -4.97
N ALA B 384 43.99 62.81 -3.96
CA ALA B 384 45.31 62.37 -3.53
C ALA B 384 46.07 61.67 -4.65
N TYR B 385 45.38 60.85 -5.45
CA TYR B 385 45.99 60.19 -6.59
C TYR B 385 45.64 60.86 -7.91
N ALA B 386 45.24 62.13 -7.88
CA ALA B 386 44.89 62.84 -9.11
C ALA B 386 46.09 63.07 -10.01
N ALA B 387 47.32 63.00 -9.47
CA ALA B 387 48.54 63.17 -10.24
C ALA B 387 49.15 61.84 -10.67
N GLN B 388 48.31 60.85 -10.92
CA GLN B 388 48.73 59.51 -11.29
C GLN B 388 48.22 59.17 -12.69
N PRO B 389 48.81 58.18 -13.36
CA PRO B 389 48.29 57.77 -14.66
C PRO B 389 46.85 57.30 -14.56
N PHE B 390 46.13 57.41 -15.68
CA PHE B 390 44.70 57.10 -15.70
C PHE B 390 44.45 55.67 -15.23
N LEU B 391 45.32 54.75 -15.63
CA LEU B 391 45.19 53.38 -15.15
C LEU B 391 45.39 53.27 -13.64
N LEU B 392 46.13 54.20 -13.04
CA LEU B 392 46.40 54.19 -11.61
C LEU B 392 45.56 55.20 -10.84
N ARG B 393 44.63 55.89 -11.51
CA ARG B 393 43.75 56.85 -10.84
C ARG B 393 42.63 56.10 -10.12
N ASN B 394 43.03 55.39 -9.07
CA ASN B 394 42.12 54.56 -8.31
C ASN B 394 42.76 54.27 -6.96
N GLY B 395 42.04 53.52 -6.12
CA GLY B 395 42.58 53.10 -4.84
C GLY B 395 43.58 51.97 -4.98
N ALA B 396 44.25 51.67 -3.87
CA ALA B 396 45.24 50.60 -3.87
C ALA B 396 44.59 49.25 -4.14
N ASN B 397 43.46 48.98 -3.52
CA ASN B 397 42.74 47.73 -3.74
C ASN B 397 41.25 48.00 -3.56
N GLU B 398 40.46 46.93 -3.42
CA GLU B 398 39.02 47.07 -3.31
C GLU B 398 38.58 47.61 -1.95
N GLY B 399 39.42 47.49 -0.93
CA GLY B 399 39.00 47.87 0.41
C GLY B 399 39.69 49.10 0.97
N PHE B 400 40.20 49.96 0.10
CA PHE B 400 40.92 51.15 0.54
C PHE B 400 40.06 52.41 0.58
N HIS B 401 39.15 52.59 -0.38
CA HIS B 401 38.30 53.77 -0.37
C HIS B 401 37.44 53.81 0.89
N GLU B 402 36.73 52.71 1.17
CA GLU B 402 35.83 52.68 2.32
C GLU B 402 36.55 52.72 3.65
N ALA B 403 37.84 52.37 3.69
CA ALA B 403 38.60 52.43 4.94
C ALA B 403 38.92 53.85 5.37
N VAL B 404 38.91 54.80 4.45
CA VAL B 404 39.23 56.20 4.75
C VAL B 404 38.01 56.95 5.25
N GLY B 405 36.87 56.79 4.57
CA GLY B 405 35.65 57.43 5.03
C GLY B 405 35.24 56.96 6.40
N GLU B 406 35.48 55.68 6.72
CA GLU B 406 35.12 55.17 8.04
C GLU B 406 35.88 55.89 9.14
N ILE B 407 37.21 56.01 9.01
CA ILE B 407 37.99 56.67 10.04
C ILE B 407 37.67 58.16 10.09
N MET B 408 37.45 58.78 8.92
CA MET B 408 37.12 60.21 8.91
C MET B 408 35.80 60.48 9.61
N SER B 409 34.81 59.61 9.41
CA SER B 409 33.54 59.74 10.11
C SER B 409 33.67 59.42 11.59
N LEU B 410 34.50 58.46 11.96
CA LEU B 410 34.66 58.07 13.35
C LEU B 410 35.40 59.15 14.15
N SER B 411 36.30 59.88 13.49
CA SER B 411 37.10 60.88 14.19
C SER B 411 36.25 61.98 14.80
N ALA B 412 35.11 62.30 14.20
CA ALA B 412 34.22 63.33 14.72
C ALA B 412 33.12 62.78 15.62
N ALA B 413 32.93 61.46 15.64
CA ALA B 413 31.87 60.87 16.45
C ALA B 413 32.20 60.88 17.94
N THR B 414 33.46 61.08 18.31
CA THR B 414 33.83 61.09 19.72
C THR B 414 33.23 62.32 20.41
N PRO B 415 32.83 62.19 21.67
CA PRO B 415 32.34 63.37 22.41
C PRO B 415 33.37 64.46 22.54
N LYS B 416 34.67 64.11 22.56
CA LYS B 416 35.71 65.11 22.71
C LYS B 416 35.71 66.11 21.56
N HIS B 417 35.52 65.63 20.33
CA HIS B 417 35.42 66.52 19.19
C HIS B 417 34.20 67.43 19.28
N LEU B 418 33.07 66.90 19.76
CA LEU B 418 31.89 67.73 19.96
C LEU B 418 32.13 68.79 21.03
N LYS B 419 32.94 68.49 22.04
CA LYS B 419 33.28 69.49 23.04
C LYS B 419 34.00 70.67 22.41
N SER B 420 34.95 70.41 21.51
CA SER B 420 35.63 71.48 20.81
C SER B 420 34.71 72.18 19.81
N ILE B 421 33.79 71.45 19.20
CA ILE B 421 32.86 72.06 18.26
C ILE B 421 31.98 73.10 18.97
N GLY B 422 31.48 72.76 20.15
CA GLY B 422 30.62 73.63 20.93
C GLY B 422 29.24 73.06 21.19
N LEU B 423 28.84 72.07 20.40
CA LEU B 423 27.55 71.41 20.62
C LEU B 423 27.52 70.72 21.98
N LEU B 424 28.60 70.04 22.33
CA LEU B 424 28.73 69.42 23.65
C LEU B 424 29.41 70.41 24.59
N SER B 425 28.65 70.94 25.53
CA SER B 425 29.19 71.93 26.45
C SER B 425 30.23 71.30 27.38
N PRO B 426 31.26 72.06 27.77
CA PRO B 426 32.24 71.51 28.71
C PRO B 426 31.62 71.14 30.05
N ASP B 427 30.54 71.80 30.45
CA ASP B 427 29.88 71.47 31.71
C ASP B 427 29.30 70.06 31.68
N PHE B 428 28.80 69.64 30.53
CA PHE B 428 28.21 68.31 30.41
C PHE B 428 29.25 67.23 30.64
N GLN B 429 28.89 66.22 31.43
CA GLN B 429 29.75 65.09 31.72
C GLN B 429 29.13 63.80 31.19
N GLU B 430 29.98 62.94 30.65
CA GLU B 430 29.55 61.68 30.05
C GLU B 430 30.03 60.53 30.92
N ASP B 431 29.10 59.89 31.63
CA ASP B 431 29.44 58.75 32.47
C ASP B 431 29.79 57.54 31.62
N ASN B 432 30.41 56.54 32.25
CA ASN B 432 30.89 55.38 31.51
C ASN B 432 29.75 54.55 30.93
N GLU B 433 28.54 54.67 31.47
CA GLU B 433 27.42 53.89 30.95
C GLU B 433 27.09 54.31 29.52
N THR B 434 27.17 55.61 29.23
CA THR B 434 27.01 56.07 27.85
C THR B 434 28.07 55.48 26.95
N GLU B 435 29.31 55.41 27.44
CA GLU B 435 30.38 54.80 26.65
C GLU B 435 30.09 53.33 26.39
N ILE B 436 29.59 52.61 27.40
CA ILE B 436 29.26 51.20 27.22
C ILE B 436 28.15 51.03 26.20
N ASN B 437 27.12 51.88 26.28
CA ASN B 437 26.03 51.80 25.31
C ASN B 437 26.53 52.07 23.90
N PHE B 438 27.37 53.10 23.74
CA PHE B 438 27.91 53.40 22.42
C PHE B 438 28.78 52.28 21.89
N LEU B 439 29.60 51.68 22.77
CA LEU B 439 30.44 50.57 22.34
C LEU B 439 29.62 49.37 21.92
N LEU B 440 28.56 49.06 22.67
CA LEU B 440 27.70 47.95 22.28
C LEU B 440 26.98 48.23 20.97
N LYS B 441 26.55 49.48 20.76
CA LYS B 441 25.90 49.84 19.50
C LYS B 441 26.87 49.66 18.34
N GLN B 442 28.12 50.09 18.52
CA GLN B 442 29.13 49.91 17.48
C GLN B 442 29.39 48.43 17.22
N ALA B 443 29.48 47.65 18.31
CA ALA B 443 29.78 46.22 18.17
C ALA B 443 28.68 45.49 17.42
N LEU B 444 27.43 45.79 17.74
CA LEU B 444 26.30 45.10 17.10
C LEU B 444 26.30 45.27 15.60
N THR B 445 26.94 46.30 15.08
CA THR B 445 27.07 46.51 13.65
C THR B 445 28.38 45.98 13.08
N ILE B 446 29.49 46.15 13.80
CA ILE B 446 30.79 45.79 13.26
C ILE B 446 31.06 44.30 13.43
N VAL B 447 30.99 43.81 14.67
CA VAL B 447 31.39 42.44 14.96
C VAL B 447 30.43 41.44 14.33
N GLY B 448 29.13 41.77 14.31
CA GLY B 448 28.13 40.81 13.88
C GLY B 448 28.32 40.33 12.45
N THR B 449 28.76 41.21 11.55
CA THR B 449 28.89 40.85 10.15
C THR B 449 30.12 40.01 9.85
N LEU B 450 31.11 39.98 10.76
CA LEU B 450 32.36 39.28 10.45
C LEU B 450 32.15 37.77 10.28
N PRO B 451 31.56 37.05 11.23
CA PRO B 451 31.35 35.61 11.00
C PRO B 451 30.46 35.32 9.81
N PHE B 452 29.43 36.14 9.60
CA PHE B 452 28.55 35.94 8.46
C PHE B 452 29.31 36.09 7.15
N THR B 453 30.09 37.16 7.03
CA THR B 453 30.87 37.38 5.81
C THR B 453 31.86 36.26 5.58
N TYR B 454 32.58 35.85 6.65
CA TYR B 454 33.57 34.79 6.49
C TYR B 454 32.93 33.49 6.07
N MET B 455 31.81 33.11 6.69
CA MET B 455 31.16 31.86 6.34
C MET B 455 30.62 31.89 4.93
N LEU B 456 30.02 33.02 4.52
CA LEU B 456 29.50 33.14 3.17
C LEU B 456 30.60 33.01 2.13
N GLU B 457 31.72 33.72 2.34
CA GLU B 457 32.82 33.65 1.39
C GLU B 457 33.43 32.26 1.36
N LYS B 458 33.54 31.61 2.52
CA LYS B 458 34.06 30.24 2.55
C LYS B 458 33.16 29.30 1.76
N TRP B 459 31.84 29.44 1.92
CA TRP B 459 30.92 28.59 1.18
C TRP B 459 31.06 28.82 -0.32
N ARG B 460 31.15 30.08 -0.74
CA ARG B 460 31.29 30.37 -2.16
C ARG B 460 32.60 29.79 -2.70
N TRP B 461 33.69 29.95 -1.96
CA TRP B 461 34.97 29.42 -2.42
C TRP B 461 34.95 27.91 -2.54
N MET B 462 34.38 27.23 -1.54
CA MET B 462 34.33 25.77 -1.59
C MET B 462 33.34 25.26 -2.64
N VAL B 463 32.37 26.06 -3.04
CA VAL B 463 31.45 25.60 -4.08
C VAL B 463 31.99 25.92 -5.47
N PHE B 464 32.88 26.91 -5.59
CA PHE B 464 33.44 27.23 -6.89
C PHE B 464 34.52 26.26 -7.34
N LYS B 465 35.18 25.55 -6.42
CA LYS B 465 36.27 24.66 -6.78
C LYS B 465 35.87 23.19 -6.70
N GLY B 466 34.58 22.90 -6.66
CA GLY B 466 34.09 21.55 -6.81
C GLY B 466 34.26 20.64 -5.61
N GLU B 467 34.69 21.16 -4.47
CA GLU B 467 34.80 20.30 -3.28
C GLU B 467 33.46 19.89 -2.71
N ILE B 468 32.37 20.54 -3.12
CA ILE B 468 31.04 20.26 -2.61
C ILE B 468 30.21 19.69 -3.74
N PRO B 469 29.72 18.45 -3.65
CA PRO B 469 28.86 17.91 -4.70
C PRO B 469 27.56 18.70 -4.82
N LYS B 470 27.03 18.74 -6.04
CA LYS B 470 25.85 19.55 -6.32
C LYS B 470 24.66 19.14 -5.47
N ASP B 471 24.60 17.87 -5.07
CA ASP B 471 23.48 17.37 -4.28
C ASP B 471 23.70 17.52 -2.78
N GLN B 472 24.78 18.18 -2.37
CA GLN B 472 25.07 18.40 -0.95
C GLN B 472 25.48 19.84 -0.72
N TRP B 473 24.80 20.78 -1.37
CA TRP B 473 25.09 22.19 -1.13
C TRP B 473 24.43 22.68 0.15
N MET B 474 23.08 22.72 0.16
CA MET B 474 22.37 23.40 1.23
C MET B 474 22.72 22.80 2.58
N LYS B 475 22.70 21.47 2.68
CA LYS B 475 23.12 20.78 3.89
C LYS B 475 24.40 21.39 4.44
N LYS B 476 25.47 21.35 3.64
CA LYS B 476 26.74 21.88 4.10
C LYS B 476 26.60 23.32 4.56
N TRP B 477 25.91 24.14 3.76
CA TRP B 477 25.62 25.51 4.14
C TRP B 477 25.12 25.58 5.58
N TRP B 478 24.01 24.89 5.85
CA TRP B 478 23.43 25.01 7.18
C TRP B 478 24.38 24.48 8.24
N GLU B 479 25.12 23.42 7.94
CA GLU B 479 26.11 22.92 8.90
C GLU B 479 27.06 24.04 9.30
N MET B 480 27.59 24.76 8.31
CA MET B 480 28.46 25.89 8.61
C MET B 480 27.74 26.89 9.50
N LYS B 481 26.47 27.19 9.18
CA LYS B 481 25.72 28.15 9.97
C LYS B 481 25.63 27.71 11.42
N ARG B 482 25.58 26.41 11.67
CA ARG B 482 25.50 25.94 13.04
C ARG B 482 26.86 26.00 13.72
N GLU B 483 27.94 25.77 12.97
CA GLU B 483 29.22 25.53 13.61
C GLU B 483 30.14 26.75 13.55
N ILE B 484 29.94 27.66 12.59
CA ILE B 484 30.72 28.89 12.57
C ILE B 484 29.94 29.99 13.27
N VAL B 485 28.75 30.32 12.75
CA VAL B 485 27.98 31.45 13.25
C VAL B 485 27.09 31.09 14.44
N GLY B 486 26.72 29.82 14.57
CA GLY B 486 25.84 29.43 15.65
C GLY B 486 24.41 29.92 15.48
N VAL B 487 23.86 29.79 14.28
CA VAL B 487 22.47 30.12 14.00
C VAL B 487 21.80 28.89 13.39
N VAL B 488 20.62 28.54 13.90
CA VAL B 488 19.90 27.37 13.47
C VAL B 488 18.65 27.80 12.70
N GLU B 489 18.38 27.11 11.60
CA GLU B 489 17.19 27.42 10.81
C GLU B 489 15.93 26.98 11.55
N PRO B 490 14.82 27.70 11.40
CA PRO B 490 13.58 27.28 12.07
C PRO B 490 12.92 26.08 11.42
N VAL B 491 13.06 25.91 10.11
CA VAL B 491 12.48 24.76 9.42
C VAL B 491 13.52 24.16 8.49
N PRO B 492 13.50 22.83 8.35
CA PRO B 492 14.50 22.18 7.50
C PRO B 492 14.34 22.59 6.04
N HIS B 493 15.47 22.66 5.34
CA HIS B 493 15.51 23.01 3.92
C HIS B 493 16.23 21.91 3.17
N ASP B 494 15.56 21.33 2.17
CA ASP B 494 16.16 20.28 1.36
C ASP B 494 17.00 20.93 0.25
N GLU B 495 17.42 20.13 -0.73
CA GLU B 495 18.31 20.61 -1.78
C GLU B 495 17.59 21.42 -2.85
N THR B 496 16.26 21.48 -2.83
CA THR B 496 15.55 22.28 -3.82
C THR B 496 15.66 23.77 -3.57
N TYR B 497 15.97 24.19 -2.34
CA TYR B 497 16.11 25.60 -2.00
C TYR B 497 17.50 26.11 -2.39
N CYS B 498 17.65 27.43 -2.30
CA CYS B 498 18.96 28.07 -2.49
C CYS B 498 18.97 29.31 -1.60
N ASP B 499 19.45 29.14 -0.37
CA ASP B 499 19.40 30.24 0.60
C ASP B 499 20.38 31.36 0.27
N PRO B 500 21.67 31.11 0.02
CA PRO B 500 22.58 32.24 -0.25
C PRO B 500 22.22 33.03 -1.49
N ALA B 501 21.50 32.45 -2.44
CA ALA B 501 21.09 33.20 -3.62
C ALA B 501 20.15 34.34 -3.29
N SER B 502 19.52 34.31 -2.12
CA SER B 502 18.59 35.37 -1.74
C SER B 502 19.29 36.69 -1.43
N LEU B 503 20.60 36.69 -1.19
CA LEU B 503 21.31 37.91 -0.87
C LEU B 503 21.64 38.67 -2.15
N PHE B 504 21.65 40.01 -2.03
CA PHE B 504 21.85 40.85 -3.20
C PHE B 504 23.23 40.63 -3.81
N HIS B 505 24.27 40.54 -2.99
CA HIS B 505 25.62 40.43 -3.51
C HIS B 505 25.83 39.10 -4.23
N VAL B 506 25.22 38.03 -3.73
CA VAL B 506 25.39 36.72 -4.36
C VAL B 506 24.74 36.69 -5.74
N SER B 507 23.52 37.22 -5.83
CA SER B 507 22.74 37.18 -7.07
C SER B 507 23.10 38.31 -8.02
N ASN B 508 24.18 39.04 -7.76
CA ASN B 508 24.61 40.11 -8.66
C ASN B 508 26.08 40.00 -9.01
N ASP B 509 26.72 38.86 -8.72
CA ASP B 509 28.11 38.61 -9.08
C ASP B 509 29.04 39.67 -8.48
N TYR B 510 29.07 39.70 -7.15
CA TYR B 510 29.89 40.65 -6.41
C TYR B 510 30.70 39.92 -5.35
N SER B 511 31.90 40.41 -5.09
CA SER B 511 32.77 39.82 -4.08
C SER B 511 32.44 40.41 -2.71
N PHE B 512 32.17 39.53 -1.75
CA PHE B 512 31.80 39.94 -0.40
C PHE B 512 32.99 40.07 0.53
N ILE B 513 34.19 39.71 0.09
CA ILE B 513 35.34 39.69 0.99
C ILE B 513 35.83 41.10 1.29
N ARG B 514 35.49 42.07 0.44
CA ARG B 514 35.97 43.44 0.66
C ARG B 514 35.47 44.00 1.97
N TYR B 515 34.27 43.59 2.40
CA TYR B 515 33.74 44.06 3.68
C TYR B 515 34.50 43.49 4.86
N TYR B 516 35.21 42.38 4.66
CA TYR B 516 35.94 41.77 5.77
C TYR B 516 37.25 42.51 6.04
N THR B 517 38.16 42.50 5.05
CA THR B 517 39.48 43.08 5.27
C THR B 517 39.39 44.56 5.62
N ARG B 518 38.53 45.30 4.91
CA ARG B 518 38.32 46.70 5.24
C ARG B 518 37.96 46.88 6.70
N THR B 519 37.09 46.01 7.21
CA THR B 519 36.71 46.08 8.62
C THR B 519 37.93 46.04 9.52
N LEU B 520 38.92 45.20 9.18
CA LEU B 520 40.18 45.21 9.90
C LEU B 520 40.94 46.51 9.65
N TYR B 521 41.09 46.87 8.37
CA TYR B 521 42.02 47.93 7.99
C TYR B 521 41.73 49.23 8.76
N GLN B 522 40.46 49.63 8.78
CA GLN B 522 40.02 50.79 9.55
C GLN B 522 40.64 50.80 10.93
N PHE B 523 40.38 49.74 11.71
CA PHE B 523 40.92 49.69 13.06
C PHE B 523 42.43 49.66 13.04
N GLN B 524 43.02 48.92 12.11
CA GLN B 524 44.47 48.96 11.95
C GLN B 524 44.94 50.37 11.63
N PHE B 525 44.22 51.05 10.72
CA PHE B 525 44.53 52.44 10.44
C PHE B 525 44.43 53.28 11.69
N GLN B 526 43.51 52.93 12.59
CA GLN B 526 43.39 53.66 13.85
C GLN B 526 44.70 53.61 14.63
N GLU B 527 45.35 52.45 14.65
CA GLU B 527 46.65 52.35 15.32
C GLU B 527 47.67 53.26 14.67
N ALA B 528 47.60 53.42 13.35
CA ALA B 528 48.50 54.33 12.66
C ALA B 528 47.99 55.77 12.68
N LEU B 529 46.83 56.02 13.28
CA LEU B 529 46.22 57.34 13.19
C LEU B 529 46.64 58.25 14.33
N CYS B 530 46.35 57.87 15.58
CA CYS B 530 46.64 58.71 16.72
C CYS B 530 47.83 58.25 17.55
N GLN B 531 48.51 57.18 17.14
CA GLN B 531 49.77 56.84 17.78
C GLN B 531 50.81 57.93 17.51
N ALA B 532 50.87 58.43 16.28
CA ALA B 532 51.75 59.55 15.98
C ALA B 532 51.18 60.87 16.48
N ALA B 533 49.88 60.90 16.77
CA ALA B 533 49.25 62.09 17.35
C ALA B 533 49.33 62.13 18.87
N LYS B 534 49.97 61.13 19.49
CA LYS B 534 50.14 61.06 20.93
C LYS B 534 48.80 61.09 21.65
N HIS B 535 47.96 60.08 21.42
CA HIS B 535 46.70 59.92 22.12
C HIS B 535 46.90 58.96 23.28
N GLU B 536 46.44 59.36 24.47
CA GLU B 536 46.66 58.59 25.68
C GLU B 536 45.42 57.86 26.20
N GLY B 537 44.23 58.32 25.85
CA GLY B 537 43.01 57.70 26.32
C GLY B 537 42.66 56.44 25.56
N PRO B 538 41.51 55.85 25.88
CA PRO B 538 41.08 54.65 25.15
C PRO B 538 40.82 54.96 23.68
N LEU B 539 40.94 53.93 22.85
CA LEU B 539 40.84 54.11 21.40
C LEU B 539 39.48 54.63 20.98
N HIS B 540 38.45 54.45 21.82
CA HIS B 540 37.14 55.00 21.48
C HIS B 540 37.09 56.51 21.65
N LYS B 541 38.15 57.13 22.15
CA LYS B 541 38.26 58.58 22.23
C LYS B 541 39.35 59.13 21.33
N CYS B 542 39.89 58.30 20.43
CA CYS B 542 40.95 58.75 19.54
C CYS B 542 40.44 59.82 18.58
N ASP B 543 41.23 60.87 18.39
CA ASP B 543 40.87 61.96 17.51
C ASP B 543 42.15 62.61 16.99
N ILE B 544 42.09 63.15 15.78
CA ILE B 544 43.24 63.77 15.14
C ILE B 544 42.99 65.25 14.86
N SER B 545 42.09 65.89 15.61
CA SER B 545 41.84 67.30 15.42
C SER B 545 43.07 68.12 15.81
N ASN B 546 43.44 69.06 14.94
CA ASN B 546 44.62 69.90 15.14
C ASN B 546 45.89 69.07 15.34
N SER B 547 46.09 68.09 14.45
CA SER B 547 47.30 67.27 14.47
C SER B 547 47.68 67.00 13.02
N THR B 548 48.55 67.84 12.48
CA THR B 548 48.93 67.74 11.07
C THR B 548 49.97 66.67 10.79
N GLU B 549 50.68 66.20 11.82
CA GLU B 549 51.67 65.14 11.61
C GLU B 549 50.99 63.83 11.20
N ALA B 550 49.88 63.49 11.87
CA ALA B 550 49.11 62.31 11.46
C ALA B 550 48.52 62.49 10.07
N GLY B 551 48.06 63.71 9.76
CA GLY B 551 47.55 63.98 8.43
C GLY B 551 48.59 63.76 7.35
N GLN B 552 49.82 64.24 7.59
CA GLN B 552 50.88 64.05 6.61
C GLN B 552 51.28 62.57 6.52
N LYS B 553 51.30 61.87 7.66
CA LYS B 553 51.60 60.44 7.64
C LYS B 553 50.58 59.69 6.81
N LEU B 554 49.30 60.03 6.95
CA LEU B 554 48.26 59.43 6.12
C LEU B 554 48.46 59.81 4.66
N PHE B 555 48.76 61.08 4.39
CA PHE B 555 48.93 61.55 3.03
C PHE B 555 50.07 60.83 2.32
N ASN B 556 51.08 60.40 3.09
CA ASN B 556 52.20 59.67 2.50
C ASN B 556 51.73 58.45 1.72
N MET B 557 50.69 57.77 2.20
CA MET B 557 50.12 56.65 1.47
C MET B 557 48.90 57.04 0.65
N LEU B 558 48.22 58.13 1.00
CA LEU B 558 47.11 58.61 0.18
C LEU B 558 47.60 58.98 -1.22
N ARG B 559 48.75 59.64 -1.31
CA ARG B 559 49.30 60.05 -2.60
C ARG B 559 50.06 58.90 -3.24
N LEU B 560 49.43 57.73 -3.36
CA LEU B 560 50.04 56.59 -4.02
C LEU B 560 49.12 55.88 -5.01
N GLY B 561 47.81 55.96 -4.86
CA GLY B 561 46.91 55.28 -5.78
C GLY B 561 47.17 53.79 -5.81
N LYS B 562 47.18 53.23 -7.02
CA LYS B 562 47.52 51.83 -7.25
C LYS B 562 48.94 51.67 -7.78
N SER B 563 49.74 52.73 -7.77
CA SER B 563 51.09 52.67 -8.34
C SER B 563 52.00 51.72 -7.57
N GLU B 564 51.68 51.43 -6.32
CA GLU B 564 52.49 50.56 -5.47
C GLU B 564 51.62 49.50 -4.83
N PRO B 565 52.18 48.35 -4.49
CA PRO B 565 51.38 47.31 -3.82
C PRO B 565 50.86 47.78 -2.48
N TRP B 566 49.68 47.30 -2.11
CA TRP B 566 49.07 47.66 -0.83
C TRP B 566 49.96 47.25 0.34
N THR B 567 50.72 46.16 0.19
CA THR B 567 51.67 45.77 1.23
C THR B 567 52.73 46.85 1.42
N LEU B 568 53.17 47.47 0.33
CA LEU B 568 54.16 48.54 0.43
C LEU B 568 53.60 49.72 1.21
N ALA B 569 52.35 50.11 0.94
CA ALA B 569 51.75 51.21 1.67
C ALA B 569 51.57 50.85 3.15
N LEU B 570 51.16 49.62 3.43
CA LEU B 570 50.99 49.18 4.81
C LEU B 570 52.31 49.25 5.57
N GLU B 571 53.39 48.79 4.93
CA GLU B 571 54.71 48.91 5.56
C GLU B 571 55.13 50.36 5.68
N ASN B 572 54.70 51.21 4.74
CA ASN B 572 55.06 52.62 4.77
C ASN B 572 54.41 53.36 5.93
N VAL B 573 53.18 53.00 6.28
CA VAL B 573 52.48 53.72 7.35
C VAL B 573 52.35 52.85 8.59
N VAL B 574 51.65 51.72 8.46
CA VAL B 574 51.47 50.84 9.61
C VAL B 574 52.78 50.16 9.98
N GLY B 575 53.58 49.78 8.98
CA GLY B 575 54.84 49.11 9.23
C GLY B 575 54.80 47.61 9.09
N ALA B 576 53.62 47.01 8.90
CA ALA B 576 53.48 45.58 8.72
C ALA B 576 53.16 45.26 7.26
N LYS B 577 53.16 43.96 6.95
CA LYS B 577 52.86 43.48 5.61
C LYS B 577 51.71 42.47 5.64
N ASN B 578 50.80 42.62 6.60
CA ASN B 578 49.65 41.73 6.71
C ASN B 578 48.59 42.42 7.56
N MET B 579 47.36 41.96 7.41
CA MET B 579 46.26 42.49 8.19
C MET B 579 46.34 41.98 9.62
N ASN B 580 46.15 42.89 10.58
CA ASN B 580 46.24 42.57 11.99
C ASN B 580 44.90 42.79 12.67
N VAL B 581 44.55 41.86 13.56
CA VAL B 581 43.30 41.93 14.29
C VAL B 581 43.47 42.51 15.69
N ARG B 582 44.71 42.64 16.17
CA ARG B 582 44.95 43.23 17.49
C ARG B 582 44.34 44.62 17.67
N PRO B 583 44.38 45.54 16.69
CA PRO B 583 43.74 46.85 16.92
C PRO B 583 42.27 46.75 17.30
N LEU B 584 41.52 45.84 16.68
CA LEU B 584 40.10 45.69 17.01
C LEU B 584 39.94 45.20 18.45
N LEU B 585 40.77 44.24 18.85
CA LEU B 585 40.70 43.74 20.22
C LEU B 585 41.04 44.83 21.22
N ASN B 586 42.04 45.66 20.91
CA ASN B 586 42.37 46.78 21.77
C ASN B 586 41.21 47.77 21.86
N TYR B 587 40.53 48.01 20.73
CA TYR B 587 39.39 48.92 20.73
C TYR B 587 38.25 48.38 21.60
N PHE B 588 37.97 47.08 21.52
CA PHE B 588 36.83 46.50 22.20
C PHE B 588 37.17 45.86 23.54
N GLU B 589 38.41 46.05 24.02
CA GLU B 589 38.80 45.48 25.31
C GLU B 589 37.89 45.91 26.47
N PRO B 590 37.56 47.20 26.65
CA PRO B 590 36.66 47.53 27.76
C PRO B 590 35.33 46.83 27.69
N LEU B 591 34.76 46.72 26.49
CA LEU B 591 33.51 45.98 26.34
C LEU B 591 33.70 44.50 26.61
N PHE B 592 34.85 43.94 26.24
CA PHE B 592 35.14 42.55 26.55
C PHE B 592 35.17 42.32 28.06
N THR B 593 35.83 43.23 28.78
CA THR B 593 35.88 43.12 30.24
C THR B 593 34.48 43.26 30.84
N TRP B 594 33.68 44.19 30.33
CA TRP B 594 32.32 44.36 30.82
C TRP B 594 31.49 43.09 30.59
N LEU B 595 31.62 42.49 29.41
CA LEU B 595 30.89 41.25 29.13
C LEU B 595 31.35 40.12 30.06
N LYS B 596 32.66 39.98 30.24
CA LYS B 596 33.16 38.94 31.12
C LYS B 596 32.65 39.12 32.54
N ASP B 597 32.56 40.37 33.00
CA ASP B 597 31.93 40.64 34.29
C ASP B 597 30.46 40.25 34.27
N GLN B 598 29.78 40.50 33.15
CA GLN B 598 28.34 40.26 33.05
C GLN B 598 27.99 38.82 32.67
N ASN B 599 28.98 38.00 32.30
CA ASN B 599 28.72 36.66 31.81
C ASN B 599 29.10 35.57 32.80
N LYS B 600 29.28 35.93 34.08
CA LYS B 600 29.68 34.93 35.06
C LYS B 600 28.61 33.84 35.23
N ASN B 601 27.35 34.24 35.30
CA ASN B 601 26.25 33.29 35.45
C ASN B 601 25.62 32.98 34.10
N SER B 602 26.44 32.42 33.20
CA SER B 602 26.00 32.10 31.85
C SER B 602 26.83 30.93 31.33
N PHE B 603 26.45 30.45 30.16
CA PHE B 603 27.15 29.35 29.49
C PHE B 603 27.62 29.85 28.13
N VAL B 604 28.91 30.21 28.04
CA VAL B 604 29.47 30.66 26.78
C VAL B 604 29.55 29.49 25.81
N GLY B 605 29.09 29.70 24.60
CA GLY B 605 29.12 28.68 23.57
C GLY B 605 27.71 28.22 23.19
N TRP B 606 27.68 27.20 22.36
CA TRP B 606 26.41 26.65 21.87
C TRP B 606 26.63 25.19 21.48
N SER B 607 25.53 24.46 21.36
CA SER B 607 25.54 23.07 20.96
C SER B 607 24.86 22.92 19.60
N THR B 608 25.52 22.25 18.67
CA THR B 608 24.99 22.05 17.33
C THR B 608 24.09 20.83 17.24
N ASP B 609 23.08 20.75 18.09
CA ASP B 609 22.08 19.70 18.04
C ASP B 609 20.66 20.17 18.31
N TRP B 610 20.48 21.27 19.04
CA TRP B 610 19.15 21.79 19.32
C TRP B 610 18.55 22.43 18.07
N SER B 611 17.22 22.39 17.99
CA SER B 611 16.50 23.00 16.89
C SER B 611 15.09 23.33 17.37
N PRO B 612 14.46 24.37 16.81
CA PRO B 612 13.09 24.72 17.25
C PRO B 612 12.04 23.70 16.87
N TYR B 613 12.40 22.61 16.18
CA TYR B 613 11.43 21.60 15.78
C TYR B 613 11.78 20.22 16.30
N ALA B 614 12.85 20.09 17.10
CA ALA B 614 13.25 18.79 17.62
C ALA B 614 12.31 18.25 18.69
N ASP B 615 11.65 19.14 19.44
CA ASP B 615 10.77 18.70 20.51
C ASP B 615 9.47 18.09 20.01
N GLN B 616 9.06 18.40 18.78
CA GLN B 616 7.81 17.88 18.24
C GLN B 616 8.03 17.01 17.00
N SER B 617 9.24 16.51 16.81
CA SER B 617 9.56 15.67 15.67
C SER B 617 9.44 14.19 16.03
N ILE B 618 9.31 13.36 15.00
CA ILE B 618 9.20 11.92 15.16
C ILE B 618 10.25 11.27 14.27
N LYS B 619 10.98 10.31 14.83
CA LYS B 619 12.04 9.62 14.11
C LYS B 619 11.53 8.31 13.52
N VAL B 620 11.92 8.03 12.28
CA VAL B 620 11.52 6.83 11.58
C VAL B 620 12.76 6.01 11.25
N ARG B 621 12.61 4.69 11.21
CA ARG B 621 13.72 3.80 10.91
C ARG B 621 13.19 2.66 10.04
N ILE B 622 13.83 2.47 8.89
CA ILE B 622 13.37 1.52 7.89
C ILE B 622 14.50 0.55 7.55
N SER B 623 14.17 -0.73 7.49
CA SER B 623 15.13 -1.78 7.13
C SER B 623 14.51 -2.62 6.02
N LEU B 624 14.84 -2.28 4.76
CA LEU B 624 14.25 -2.97 3.63
C LEU B 624 14.72 -4.41 3.55
N LYS B 625 16.04 -4.64 3.67
CA LYS B 625 16.58 -5.98 3.48
C LYS B 625 16.22 -6.93 4.61
N SER B 626 15.75 -6.42 5.75
CA SER B 626 15.33 -7.31 6.82
C SER B 626 13.99 -7.97 6.49
N ALA B 627 13.04 -7.20 5.96
CA ALA B 627 11.71 -7.72 5.69
C ALA B 627 11.67 -8.46 4.36
N LEU B 628 11.95 -7.76 3.27
CA LEU B 628 11.87 -8.37 1.95
C LEU B 628 13.04 -9.32 1.68
N GLY B 629 14.22 -9.00 2.21
CA GLY B 629 15.39 -9.83 1.97
C GLY B 629 15.93 -9.64 0.57
N ASP B 630 15.17 -10.09 -0.41
CA ASP B 630 15.50 -9.89 -1.82
C ASP B 630 14.38 -9.09 -2.47
N LYS B 631 14.62 -8.70 -3.73
CA LYS B 631 13.68 -7.92 -4.53
C LYS B 631 13.31 -6.59 -3.86
N ALA B 632 14.15 -6.08 -2.97
CA ALA B 632 13.85 -4.83 -2.30
C ALA B 632 14.06 -3.66 -3.24
N TYR B 633 13.04 -2.83 -3.39
CA TYR B 633 13.12 -1.67 -4.26
C TYR B 633 14.07 -0.63 -3.69
N GLU B 634 14.76 0.07 -4.58
CA GLU B 634 15.65 1.14 -4.17
C GLU B 634 14.86 2.31 -3.59
N TRP B 635 15.43 2.94 -2.57
CA TRP B 635 14.78 4.06 -1.89
C TRP B 635 15.24 5.36 -2.54
N ASN B 636 14.44 5.86 -3.47
CA ASN B 636 14.69 7.13 -4.14
C ASN B 636 13.69 8.17 -3.65
N ASP B 637 13.73 9.35 -4.29
CA ASP B 637 12.89 10.46 -3.86
C ASP B 637 11.40 10.12 -4.00
N ASN B 638 11.05 9.28 -4.97
CA ASN B 638 9.65 8.93 -5.18
C ASN B 638 9.09 8.18 -3.97
N GLU B 639 9.91 7.33 -3.35
CA GLU B 639 9.47 6.64 -2.14
C GLU B 639 9.19 7.64 -1.02
N MET B 640 10.05 8.66 -0.88
CA MET B 640 9.80 9.69 0.13
C MET B 640 8.53 10.46 -0.16
N TYR B 641 8.27 10.75 -1.43
CA TYR B 641 7.03 11.42 -1.80
C TYR B 641 5.82 10.57 -1.44
N LEU B 642 5.90 9.27 -1.72
CA LEU B 642 4.80 8.37 -1.36
C LEU B 642 4.60 8.32 0.14
N PHE B 643 5.70 8.27 0.90
CA PHE B 643 5.59 8.24 2.35
C PHE B 643 4.93 9.51 2.89
N ARG B 644 5.33 10.67 2.36
CA ARG B 644 4.73 11.91 2.80
C ARG B 644 3.25 11.96 2.47
N SER B 645 2.87 11.51 1.27
CA SER B 645 1.46 11.50 0.90
C SER B 645 0.66 10.57 1.82
N SER B 646 1.23 9.41 2.15
CA SER B 646 0.54 8.50 3.06
C SER B 646 0.37 9.11 4.44
N VAL B 647 1.40 9.81 4.92
CA VAL B 647 1.30 10.47 6.23
C VAL B 647 0.21 11.52 6.21
N ALA B 648 0.15 12.31 5.13
CA ALA B 648 -0.91 13.32 5.02
C ALA B 648 -2.29 12.67 4.99
N TYR B 649 -2.41 11.54 4.28
CA TYR B 649 -3.69 10.82 4.26
C TYR B 649 -4.08 10.36 5.66
N ALA B 650 -3.12 9.84 6.42
CA ALA B 650 -3.41 9.40 7.78
C ALA B 650 -3.86 10.56 8.64
N MET B 651 -3.19 11.71 8.52
CA MET B 651 -3.60 12.87 9.30
C MET B 651 -5.00 13.34 8.92
N ARG B 652 -5.32 13.32 7.62
CA ARG B 652 -6.66 13.68 7.18
C ARG B 652 -7.70 12.73 7.78
N GLN B 653 -7.41 11.44 7.77
CA GLN B 653 -8.34 10.47 8.34
C GLN B 653 -8.55 10.72 9.83
N TYR B 654 -7.47 11.00 10.56
CA TYR B 654 -7.60 11.25 11.99
C TYR B 654 -8.44 12.49 12.26
N PHE B 655 -8.16 13.58 11.54
CA PHE B 655 -8.91 14.81 11.77
C PHE B 655 -10.35 14.73 11.28
N LEU B 656 -10.67 13.80 10.38
CA LEU B 656 -12.04 13.64 9.94
C LEU B 656 -12.86 12.71 10.84
N LYS B 657 -12.31 11.57 11.23
CA LYS B 657 -13.07 10.55 11.94
C LYS B 657 -13.06 10.73 13.45
N VAL B 658 -12.41 11.77 13.97
CA VAL B 658 -12.35 11.97 15.41
C VAL B 658 -12.87 13.35 15.76
N LYS B 659 -12.27 14.39 15.18
CA LYS B 659 -12.61 15.76 15.52
C LYS B 659 -13.69 16.35 14.61
N ASN B 660 -14.16 15.60 13.61
CA ASN B 660 -15.20 16.06 12.70
C ASN B 660 -14.83 17.39 12.06
N GLN B 661 -13.57 17.52 11.63
CA GLN B 661 -13.09 18.69 10.92
C GLN B 661 -12.51 18.27 9.58
N MET B 662 -12.60 19.19 8.61
CA MET B 662 -12.07 18.98 7.27
C MET B 662 -10.81 19.81 7.12
N ILE B 663 -9.65 19.15 7.16
CA ILE B 663 -8.36 19.81 7.00
C ILE B 663 -7.68 19.18 5.78
N LEU B 664 -7.30 20.02 4.83
CA LEU B 664 -6.74 19.56 3.56
C LEU B 664 -5.22 19.60 3.65
N PHE B 665 -4.66 18.54 4.24
CA PHE B 665 -3.21 18.42 4.30
C PHE B 665 -2.64 18.08 2.93
N GLY B 666 -1.37 18.43 2.73
CA GLY B 666 -0.69 18.12 1.49
C GLY B 666 0.70 17.57 1.78
N GLU B 667 1.30 17.02 0.72
CA GLU B 667 2.63 16.42 0.87
C GLU B 667 3.69 17.44 1.22
N GLU B 668 3.43 18.73 0.99
CA GLU B 668 4.37 19.78 1.37
C GLU B 668 4.22 20.19 2.83
N ASP B 669 3.24 19.65 3.53
CA ASP B 669 3.03 19.95 4.94
C ASP B 669 3.73 18.97 5.87
N VAL B 670 4.49 18.03 5.31
CA VAL B 670 5.23 17.05 6.09
C VAL B 670 6.71 17.37 5.90
N ARG B 671 7.31 18.03 6.89
CA ARG B 671 8.71 18.41 6.82
C ARG B 671 9.59 17.25 7.29
N VAL B 672 10.67 17.02 6.55
CA VAL B 672 11.61 15.93 6.81
C VAL B 672 13.00 16.52 7.00
N ALA B 673 13.82 15.82 7.77
CA ALA B 673 15.17 16.27 8.03
C ALA B 673 16.03 15.07 8.46
N ASN B 674 17.35 15.26 8.38
CA ASN B 674 18.34 14.27 8.80
C ASN B 674 18.13 12.93 8.09
N LEU B 675 18.27 12.96 6.78
CA LEU B 675 18.18 11.74 5.99
C LEU B 675 19.48 10.95 6.11
N LYS B 676 19.35 9.66 6.36
CA LYS B 676 20.47 8.77 6.63
C LYS B 676 20.45 7.61 5.65
N PRO B 677 21.62 7.01 5.38
CA PRO B 677 21.64 5.80 4.54
C PRO B 677 20.84 4.64 5.11
N ARG B 678 20.62 4.62 6.42
CA ARG B 678 19.77 3.63 7.07
C ARG B 678 18.31 3.83 6.79
N ILE B 679 17.97 4.76 5.89
CA ILE B 679 16.59 5.17 5.65
C ILE B 679 15.99 5.57 6.98
N SER B 680 16.63 6.50 7.67
CA SER B 680 16.16 7.02 8.94
C SER B 680 16.13 8.53 8.87
N PHE B 681 15.06 9.14 9.39
CA PHE B 681 14.90 10.58 9.29
C PHE B 681 13.90 11.06 10.33
N ASN B 682 13.97 12.34 10.67
CA ASN B 682 12.96 12.95 11.52
C ASN B 682 11.95 13.70 10.66
N PHE B 683 10.72 13.77 11.15
CA PHE B 683 9.68 14.43 10.39
C PHE B 683 8.64 15.02 11.33
N PHE B 684 7.91 15.99 10.84
CA PHE B 684 6.79 16.57 11.58
C PHE B 684 5.81 17.20 10.60
N VAL B 685 4.65 17.61 11.12
CA VAL B 685 3.53 18.07 10.31
C VAL B 685 3.09 19.44 10.82
N THR B 686 2.70 20.30 9.87
CA THR B 686 2.25 21.65 10.17
C THR B 686 0.84 21.84 9.63
N ALA B 687 0.34 23.07 9.77
CA ALA B 687 -0.96 23.43 9.24
C ALA B 687 -0.91 23.45 7.71
N PRO B 688 -2.07 23.36 7.03
CA PRO B 688 -2.08 23.34 5.57
C PRO B 688 -1.27 24.46 4.94
N LYS B 689 -1.64 25.71 5.20
CA LYS B 689 -0.81 26.86 4.84
C LYS B 689 -0.68 27.75 6.07
N ASN B 690 0.19 27.36 6.99
CA ASN B 690 0.58 28.23 8.11
C ASN B 690 1.89 27.68 8.66
N VAL B 691 2.99 28.33 8.33
CA VAL B 691 4.30 27.83 8.76
C VAL B 691 4.44 27.92 10.27
N SER B 692 3.91 28.97 10.88
CA SER B 692 4.08 29.21 12.31
C SER B 692 3.17 28.34 13.18
N ASP B 693 2.49 27.37 12.61
CA ASP B 693 1.62 26.47 13.36
C ASP B 693 2.15 25.05 13.22
N ILE B 694 2.39 24.40 14.35
CA ILE B 694 2.92 23.03 14.39
C ILE B 694 1.93 22.15 15.14
N ILE B 695 1.57 21.04 14.53
CA ILE B 695 0.66 20.08 15.18
C ILE B 695 1.39 19.45 16.37
N PRO B 696 0.75 19.37 17.55
CA PRO B 696 1.41 18.73 18.69
C PRO B 696 1.71 17.27 18.42
N ARG B 697 2.77 16.78 19.05
CA ARG B 697 3.27 15.44 18.75
C ARG B 697 2.28 14.35 19.15
N THR B 698 1.52 14.59 20.22
CA THR B 698 0.61 13.55 20.73
C THR B 698 -0.46 13.18 19.70
N GLU B 699 -1.03 14.19 19.05
CA GLU B 699 -2.07 13.94 18.05
C GLU B 699 -1.50 13.19 16.85
N VAL B 700 -0.28 13.54 16.43
CA VAL B 700 0.37 12.82 15.35
C VAL B 700 0.60 11.37 15.75
N GLU B 701 1.02 11.14 17.00
CA GLU B 701 1.22 9.78 17.48
C GLU B 701 -0.09 8.99 17.45
N LYS B 702 -1.19 9.62 17.87
CA LYS B 702 -2.49 8.94 17.82
C LYS B 702 -2.89 8.60 16.39
N ALA B 703 -2.68 9.53 15.46
CA ALA B 703 -3.01 9.27 14.06
C ALA B 703 -2.18 8.12 13.51
N ILE B 704 -0.89 8.10 13.82
CA ILE B 704 -0.04 7.00 13.36
C ILE B 704 -0.49 5.69 13.98
N ARG B 705 -0.88 5.72 15.26
CA ARG B 705 -1.40 4.51 15.88
C ARG B 705 -2.63 4.00 15.14
N MET B 706 -3.51 4.90 14.72
CA MET B 706 -4.70 4.47 14.00
C MET B 706 -4.34 3.89 12.64
N SER B 707 -3.45 4.53 11.90
CA SER B 707 -3.24 4.20 10.48
C SER B 707 -1.96 3.41 10.22
N ARG B 708 -1.33 2.85 11.25
CA ARG B 708 -0.10 2.09 11.03
C ARG B 708 -0.36 0.86 10.15
N SER B 709 -1.48 0.19 10.37
CA SER B 709 -1.78 -1.00 9.58
C SER B 709 -1.93 -0.66 8.10
N ARG B 710 -2.58 0.48 7.81
CA ARG B 710 -2.77 0.87 6.41
C ARG B 710 -1.48 1.41 5.81
N ILE B 711 -0.59 1.96 6.64
CA ILE B 711 0.70 2.42 6.13
C ILE B 711 1.60 1.24 5.80
N ASN B 712 1.55 0.19 6.64
CA ASN B 712 2.51 -0.90 6.53
C ASN B 712 2.47 -1.58 5.17
N ASP B 713 1.28 -1.97 4.72
CA ASP B 713 1.19 -2.73 3.47
C ASP B 713 1.48 -1.87 2.26
N ALA B 714 1.48 -0.55 2.41
CA ALA B 714 1.83 0.32 1.29
C ALA B 714 3.27 0.12 0.86
N PHE B 715 4.17 -0.15 1.81
CA PHE B 715 5.57 -0.42 1.51
C PHE B 715 5.95 -1.88 1.71
N ARG B 716 4.96 -2.77 1.84
CA ARG B 716 5.17 -4.19 2.05
C ARG B 716 5.93 -4.50 3.32
N LEU B 717 5.89 -3.62 4.31
CA LEU B 717 6.56 -3.87 5.58
C LEU B 717 5.59 -4.52 6.57
N ASN B 718 6.15 -5.06 7.65
CA ASN B 718 5.39 -5.88 8.57
C ASN B 718 5.53 -5.40 10.01
N ASP B 719 5.58 -4.09 10.21
CA ASP B 719 5.62 -3.43 11.51
C ASP B 719 6.89 -3.73 12.29
N ASN B 720 7.80 -4.55 11.76
CA ASN B 720 9.09 -4.80 12.39
C ASN B 720 10.22 -4.06 11.70
N SER B 721 9.98 -3.54 10.49
CA SER B 721 10.97 -2.75 9.77
C SER B 721 10.52 -1.31 9.58
N LEU B 722 9.47 -0.88 10.29
CA LEU B 722 8.95 0.48 10.19
C LEU B 722 8.68 1.04 11.58
N GLU B 723 9.64 0.87 12.49
CA GLU B 723 9.47 1.36 13.85
C GLU B 723 9.47 2.88 13.87
N PHE B 724 8.63 3.44 14.75
CA PHE B 724 8.47 4.88 14.87
C PHE B 724 9.15 5.45 16.10
N LEU B 725 9.78 4.61 16.93
CA LEU B 725 10.55 5.05 18.10
C LEU B 725 9.68 5.86 19.05
N GLY B 726 8.70 5.17 19.62
CA GLY B 726 7.78 5.79 20.56
C GLY B 726 6.37 5.26 20.42
N ILE B 727 6.14 4.42 19.41
CA ILE B 727 4.84 3.82 19.15
C ILE B 727 5.06 2.32 19.06
N GLN B 728 4.81 1.61 20.16
CA GLN B 728 4.98 0.16 20.20
C GLN B 728 3.66 -0.53 19.85
N PRO B 729 3.66 -1.42 18.87
CA PRO B 729 2.41 -2.07 18.46
C PRO B 729 2.02 -3.21 19.40
N THR B 730 0.74 -3.23 19.77
CA THR B 730 0.20 -4.31 20.60
C THR B 730 -1.31 -4.40 20.49
N LEU B 731 -1.81 -5.56 20.08
CA LEU B 731 -3.25 -5.80 19.95
C LEU B 731 -3.51 -7.31 19.99
N GLY B 732 -4.33 -7.75 20.94
CA GLY B 732 -4.82 -9.11 20.93
C GLY B 732 -4.09 -10.04 21.89
N PRO B 733 -4.69 -10.30 23.04
CA PRO B 733 -4.16 -11.32 23.95
C PRO B 733 -4.66 -12.69 23.58
N PRO B 734 -3.77 -13.62 23.21
CA PRO B 734 -4.21 -14.97 22.82
C PRO B 734 -4.69 -15.77 24.03
N ASN B 735 -5.95 -16.22 23.95
CA ASN B 735 -6.54 -17.13 24.95
C ASN B 735 -7.12 -18.31 24.19
N GLN B 736 -6.28 -19.31 23.92
CA GLN B 736 -6.66 -20.43 23.08
C GLN B 736 -7.50 -21.52 23.76
N PRO B 737 -7.21 -21.94 25.00
CA PRO B 737 -7.81 -23.19 25.49
C PRO B 737 -9.21 -22.95 26.02
N PRO B 738 -10.24 -23.52 25.37
CA PRO B 738 -11.61 -23.34 25.86
C PRO B 738 -12.04 -24.43 26.82
N VAL B 739 -11.34 -25.56 26.83
CA VAL B 739 -11.80 -26.74 27.56
C VAL B 739 -10.75 -27.37 28.46
N SER B 740 -9.47 -27.01 28.36
CA SER B 740 -8.40 -27.60 29.17
C SER B 740 -8.33 -29.10 28.97
N ILE B 741 -7.97 -29.48 27.75
CA ILE B 741 -8.04 -30.86 27.27
C ILE B 741 -7.32 -31.83 28.21
N TRP B 742 -6.26 -31.37 28.87
CA TRP B 742 -5.43 -32.25 29.69
C TRP B 742 -6.25 -32.87 30.83
N LEU B 743 -7.11 -32.08 31.46
CA LEU B 743 -7.97 -32.61 32.51
C LEU B 743 -8.92 -33.66 31.96
N ILE B 744 -9.44 -33.44 30.75
CA ILE B 744 -10.33 -34.42 30.12
C ILE B 744 -9.60 -35.73 29.87
N VAL B 745 -8.34 -35.63 29.42
CA VAL B 745 -7.56 -36.83 29.16
C VAL B 745 -7.31 -37.58 30.46
N PHE B 746 -6.98 -36.85 31.53
CA PHE B 746 -6.95 -37.48 32.85
C PHE B 746 -8.25 -38.19 33.16
N GLY B 747 -9.39 -37.52 32.97
CA GLY B 747 -10.65 -38.13 33.35
C GLY B 747 -10.89 -39.44 32.62
N VAL B 748 -10.68 -39.45 31.31
CA VAL B 748 -10.96 -40.63 30.52
C VAL B 748 -9.97 -41.75 30.84
N VAL B 749 -8.71 -41.41 31.11
CA VAL B 749 -7.73 -42.44 31.43
C VAL B 749 -8.00 -43.02 32.83
N MET B 750 -8.29 -42.14 33.80
CA MET B 750 -8.49 -42.58 35.17
C MET B 750 -9.75 -43.44 35.29
N GLY B 751 -10.81 -43.09 34.56
CA GLY B 751 -12.00 -43.92 34.59
C GLY B 751 -11.73 -45.34 34.14
N VAL B 752 -11.04 -45.49 33.01
CA VAL B 752 -10.76 -46.83 32.49
C VAL B 752 -9.79 -47.57 33.40
N ILE B 753 -8.80 -46.89 33.97
CA ILE B 753 -7.86 -47.60 34.83
C ILE B 753 -8.54 -48.05 36.11
N VAL B 754 -9.44 -47.23 36.66
CA VAL B 754 -10.11 -47.62 37.90
C VAL B 754 -11.12 -48.73 37.63
N VAL B 755 -11.80 -48.71 36.49
CA VAL B 755 -12.73 -49.80 36.19
C VAL B 755 -11.95 -51.10 35.94
N GLY B 756 -10.76 -50.99 35.35
CA GLY B 756 -9.92 -52.16 35.20
C GLY B 756 -9.46 -52.73 36.53
N ILE B 757 -9.02 -51.85 37.44
CA ILE B 757 -8.59 -52.33 38.76
C ILE B 757 -9.76 -52.90 39.53
N VAL B 758 -10.98 -52.43 39.28
CA VAL B 758 -12.14 -53.00 39.94
C VAL B 758 -12.49 -54.37 39.36
N ILE B 759 -12.48 -54.51 38.03
CA ILE B 759 -12.86 -55.78 37.44
C ILE B 759 -11.82 -56.85 37.75
N LEU B 760 -10.54 -56.47 37.80
CA LEU B 760 -9.52 -57.44 38.15
C LEU B 760 -9.69 -57.93 39.59
N ILE B 761 -10.01 -57.03 40.52
CA ILE B 761 -10.24 -57.43 41.90
C ILE B 761 -11.47 -58.32 41.99
N PHE B 762 -12.53 -57.98 41.25
CA PHE B 762 -13.73 -58.80 41.27
C PHE B 762 -13.46 -60.19 40.72
N THR B 763 -12.66 -60.29 39.66
CA THR B 763 -12.30 -61.59 39.11
C THR B 763 -11.44 -62.38 40.10
N GLY B 764 -10.53 -61.69 40.81
CA GLY B 764 -9.75 -62.37 41.82
C GLY B 764 -10.59 -62.93 42.94
N ILE B 765 -11.61 -62.17 43.38
CA ILE B 765 -12.54 -62.68 44.38
C ILE B 765 -13.35 -63.85 43.81
N ARG B 766 -13.75 -63.75 42.54
CA ARG B 766 -14.52 -64.81 41.91
C ARG B 766 -13.72 -66.11 41.85
N ASP B 767 -12.42 -66.01 41.60
CA ASP B 767 -11.55 -67.18 41.54
C ASP B 767 -11.00 -67.58 42.90
N ARG B 768 -11.29 -66.80 43.95
CA ARG B 768 -10.81 -67.09 45.30
C ARG B 768 -9.29 -67.23 45.36
N LEU C 31 -19.86 -68.39 12.35
CA LEU C 31 -19.54 -67.18 13.11
C LEU C 31 -19.26 -66.01 12.19
N GLN C 32 -18.31 -65.16 12.58
CA GLN C 32 -17.99 -63.98 11.79
C GLN C 32 -17.22 -64.36 10.52
N PHE C 33 -16.57 -65.52 10.50
CA PHE C 33 -15.83 -65.92 9.31
C PHE C 33 -16.77 -66.18 8.14
N VAL C 34 -17.94 -66.76 8.42
CA VAL C 34 -18.93 -67.00 7.37
C VAL C 34 -19.37 -65.68 6.75
N PHE C 35 -19.65 -64.67 7.58
CA PHE C 35 -20.08 -63.37 7.06
C PHE C 35 -18.96 -62.69 6.30
N ALA C 36 -17.73 -62.77 6.81
CA ALA C 36 -16.60 -62.16 6.11
C ALA C 36 -16.38 -62.80 4.76
N CYS C 37 -16.52 -64.13 4.67
CA CYS C 37 -16.43 -64.80 3.38
C CYS C 37 -17.58 -64.39 2.47
N THR C 38 -18.79 -64.29 3.01
CA THR C 38 -19.95 -63.96 2.19
C THR C 38 -19.93 -62.52 1.71
N SER C 39 -19.13 -61.66 2.32
CA SER C 39 -19.03 -60.28 1.85
C SER C 39 -18.57 -60.20 0.39
N TYR C 40 -17.86 -61.21 -0.06
CA TYR C 40 -17.34 -61.18 -1.42
C TYR C 40 -18.39 -60.85 -2.46
N ALA C 41 -19.66 -60.86 -2.08
CA ALA C 41 -20.69 -60.62 -3.09
C ALA C 41 -20.67 -59.21 -3.64
N VAL C 42 -20.07 -58.26 -2.91
CA VAL C 42 -19.96 -56.91 -3.44
C VAL C 42 -19.02 -56.92 -4.66
N GLY C 43 -19.27 -56.00 -5.58
CA GLY C 43 -18.51 -55.95 -6.80
C GLY C 43 -18.48 -54.55 -7.37
N LEU C 44 -18.03 -54.47 -8.62
CA LEU C 44 -17.91 -53.19 -9.32
C LEU C 44 -19.16 -52.85 -10.12
N GLY C 45 -20.31 -53.38 -9.72
CA GLY C 45 -21.57 -52.99 -10.30
C GLY C 45 -22.40 -52.21 -9.32
N ASN C 46 -22.14 -52.42 -8.03
CA ASN C 46 -22.86 -51.71 -6.98
C ASN C 46 -22.37 -50.28 -6.82
N VAL C 47 -21.08 -50.03 -7.02
CA VAL C 47 -20.49 -48.72 -6.81
C VAL C 47 -20.23 -48.00 -8.13
N TRP C 48 -19.72 -48.73 -9.13
CA TRP C 48 -19.41 -48.10 -10.41
C TRP C 48 -20.68 -47.78 -11.20
N ARG C 49 -21.60 -48.74 -11.29
CA ARG C 49 -22.68 -48.67 -12.26
C ARG C 49 -24.02 -48.27 -11.67
N PHE C 50 -24.29 -48.63 -10.41
CA PHE C 50 -25.58 -48.29 -9.82
C PHE C 50 -25.81 -46.79 -9.72
N PRO C 51 -24.89 -45.98 -9.18
CA PRO C 51 -25.16 -44.53 -9.10
C PRO C 51 -25.40 -43.87 -10.44
N TYR C 52 -24.71 -44.33 -11.49
CA TYR C 52 -24.94 -43.77 -12.82
C TYR C 52 -26.38 -43.99 -13.26
N LEU C 53 -26.89 -45.22 -13.09
CA LEU C 53 -28.27 -45.49 -13.44
C LEU C 53 -29.24 -44.70 -12.56
N CYS C 54 -28.93 -44.57 -11.27
CA CYS C 54 -29.79 -43.80 -10.38
C CYS C 54 -29.90 -42.35 -10.82
N GLN C 55 -28.76 -41.75 -11.21
CA GLN C 55 -28.78 -40.40 -11.72
C GLN C 55 -29.53 -40.32 -13.03
N MET C 56 -29.36 -41.31 -13.90
CA MET C 56 -29.92 -41.23 -15.25
C MET C 56 -31.44 -41.16 -15.23
N TYR C 57 -32.08 -41.85 -14.29
CA TYR C 57 -33.54 -41.96 -14.27
C TYR C 57 -34.17 -41.22 -13.09
N GLY C 58 -33.66 -40.05 -12.78
CA GLY C 58 -34.31 -39.13 -11.87
C GLY C 58 -34.01 -39.31 -10.40
N GLY C 59 -33.40 -40.41 -10.00
CA GLY C 59 -33.09 -40.61 -8.60
C GLY C 59 -34.21 -41.29 -7.83
N GLY C 60 -35.05 -40.49 -7.16
CA GLY C 60 -36.11 -41.06 -6.34
C GLY C 60 -37.03 -41.98 -7.09
N SER C 61 -37.27 -41.70 -8.37
CA SER C 61 -38.12 -42.56 -9.18
C SER C 61 -37.47 -43.89 -9.51
N PHE C 62 -36.19 -44.07 -9.21
CA PHE C 62 -35.48 -45.30 -9.53
C PHE C 62 -35.33 -46.24 -8.34
N LEU C 63 -35.50 -45.76 -7.11
CA LEU C 63 -35.28 -46.62 -5.96
C LEU C 63 -36.38 -47.66 -5.79
N VAL C 64 -37.65 -47.26 -5.91
CA VAL C 64 -38.75 -48.19 -5.65
C VAL C 64 -38.78 -49.36 -6.64
N PRO C 65 -38.56 -49.19 -7.96
CA PRO C 65 -38.53 -50.40 -8.80
C PRO C 65 -37.40 -51.33 -8.42
N TYR C 66 -36.27 -50.79 -7.95
CA TYR C 66 -35.19 -51.63 -7.44
C TYR C 66 -35.65 -52.46 -6.26
N ILE C 67 -36.37 -51.83 -5.32
CA ILE C 67 -36.86 -52.55 -4.15
C ILE C 67 -37.83 -53.65 -4.57
N ILE C 68 -38.73 -53.33 -5.50
CA ILE C 68 -39.71 -54.34 -5.94
C ILE C 68 -39.00 -55.51 -6.61
N MET C 69 -38.11 -55.22 -7.56
CA MET C 69 -37.34 -56.25 -8.25
C MET C 69 -36.50 -57.10 -7.30
N LEU C 70 -35.96 -56.50 -6.24
CA LEU C 70 -35.24 -57.27 -5.24
C LEU C 70 -36.16 -58.16 -4.41
N ILE C 71 -37.34 -57.65 -4.02
CA ILE C 71 -38.20 -58.39 -3.11
C ILE C 71 -39.06 -59.44 -3.81
N VAL C 72 -39.19 -59.38 -5.13
CA VAL C 72 -40.03 -60.35 -5.85
C VAL C 72 -39.23 -61.20 -6.82
N GLU C 73 -38.08 -60.76 -7.30
CA GLU C 73 -37.38 -61.46 -8.37
C GLU C 73 -36.03 -62.01 -7.95
N GLY C 74 -35.21 -61.21 -7.26
CA GLY C 74 -33.86 -61.66 -6.94
C GLY C 74 -33.85 -62.87 -6.04
N MET C 75 -34.64 -62.85 -4.97
CA MET C 75 -34.61 -63.94 -4.00
C MET C 75 -35.05 -65.28 -4.59
N PRO C 76 -36.22 -65.40 -5.25
CA PRO C 76 -36.61 -66.73 -5.74
C PRO C 76 -35.63 -67.31 -6.73
N LEU C 77 -35.25 -66.54 -7.74
CA LEU C 77 -34.33 -67.04 -8.76
C LEU C 77 -32.97 -67.37 -8.14
N LEU C 78 -32.45 -66.50 -7.28
CA LEU C 78 -31.15 -66.73 -6.67
C LEU C 78 -31.14 -68.02 -5.86
N TYR C 79 -32.12 -68.18 -4.97
CA TYR C 79 -32.08 -69.36 -4.10
C TYR C 79 -32.41 -70.63 -4.88
N LEU C 80 -33.28 -70.55 -5.87
CA LEU C 80 -33.57 -71.71 -6.70
C LEU C 80 -32.34 -72.15 -7.48
N GLU C 81 -31.62 -71.18 -7.99
CA GLU C 81 -30.40 -71.54 -8.68
C GLU C 81 -29.52 -72.24 -7.68
N LEU C 82 -29.24 -71.57 -6.58
CA LEU C 82 -28.31 -72.13 -5.61
C LEU C 82 -28.68 -73.57 -5.27
N ALA C 83 -29.98 -73.84 -5.09
CA ALA C 83 -30.42 -75.20 -4.79
C ALA C 83 -30.12 -76.14 -5.95
N VAL C 84 -30.35 -75.68 -7.18
CA VAL C 84 -30.05 -76.51 -8.35
C VAL C 84 -28.56 -76.83 -8.40
N GLY C 85 -27.72 -75.82 -8.16
CA GLY C 85 -26.29 -76.05 -8.15
C GLY C 85 -25.86 -77.02 -7.06
N GLN C 86 -26.49 -76.92 -5.88
CA GLN C 86 -26.16 -77.83 -4.79
C GLN C 86 -26.55 -79.27 -5.13
N ARG C 87 -27.75 -79.47 -5.67
CA ARG C 87 -28.24 -80.82 -5.89
C ARG C 87 -27.56 -81.49 -7.09
N MET C 88 -27.37 -80.74 -8.18
CA MET C 88 -26.86 -81.35 -9.40
C MET C 88 -25.40 -81.80 -9.26
N ARG C 89 -24.61 -81.12 -8.43
CA ARG C 89 -23.23 -81.52 -8.14
C ARG C 89 -22.35 -81.51 -9.39
N GLN C 90 -22.74 -80.76 -10.41
CA GLN C 90 -22.01 -80.77 -11.67
C GLN C 90 -22.27 -79.46 -12.40
N GLY C 91 -21.58 -79.29 -13.52
CA GLY C 91 -21.67 -78.04 -14.27
C GLY C 91 -23.03 -77.85 -14.91
N SER C 92 -23.26 -76.63 -15.39
CA SER C 92 -24.53 -76.28 -16.00
C SER C 92 -24.83 -77.13 -17.22
N ILE C 93 -23.80 -77.44 -18.02
CA ILE C 93 -23.99 -78.27 -19.20
C ILE C 93 -24.57 -79.63 -18.80
N GLY C 94 -23.94 -80.27 -17.82
CA GLY C 94 -24.44 -81.55 -17.34
C GLY C 94 -25.84 -81.45 -16.79
N ALA C 95 -26.15 -80.33 -16.13
CA ALA C 95 -27.52 -80.12 -15.66
C ALA C 95 -28.50 -80.10 -16.82
N TRP C 96 -28.14 -79.42 -17.92
CA TRP C 96 -29.02 -79.39 -19.08
C TRP C 96 -29.20 -80.78 -19.67
N ARG C 97 -28.10 -81.56 -19.75
CA ARG C 97 -28.24 -82.95 -20.19
C ARG C 97 -29.17 -83.74 -19.28
N THR C 98 -29.08 -83.54 -17.97
CA THR C 98 -29.95 -84.25 -17.05
C THR C 98 -31.42 -83.88 -17.28
N ILE C 99 -31.71 -82.59 -17.45
CA ILE C 99 -33.10 -82.17 -17.62
C ILE C 99 -33.61 -82.56 -19.00
N SER C 100 -32.93 -82.15 -20.06
CA SER C 100 -33.42 -82.43 -21.40
C SER C 100 -32.33 -82.25 -22.45
N PRO C 101 -32.19 -83.20 -23.39
CA PRO C 101 -31.25 -82.99 -24.50
C PRO C 101 -31.58 -81.78 -25.34
N TYR C 102 -32.87 -81.45 -25.49
CA TYR C 102 -33.25 -80.22 -26.18
C TYR C 102 -32.73 -78.98 -25.46
N LEU C 103 -32.74 -79.02 -24.12
CA LEU C 103 -32.36 -77.86 -23.32
C LEU C 103 -30.87 -77.56 -23.35
N SER C 104 -30.09 -78.33 -24.12
CA SER C 104 -28.66 -78.07 -24.23
C SER C 104 -28.41 -76.72 -24.91
N GLY C 105 -27.30 -76.09 -24.54
CA GLY C 105 -26.87 -74.84 -25.14
C GLY C 105 -27.03 -73.63 -24.25
N VAL C 106 -27.82 -73.73 -23.19
CA VAL C 106 -27.98 -72.59 -22.27
C VAL C 106 -26.64 -72.22 -21.67
N GLY C 107 -25.84 -73.21 -21.28
CA GLY C 107 -24.51 -72.93 -20.78
C GLY C 107 -23.62 -72.26 -21.80
N VAL C 108 -23.72 -72.66 -23.06
CA VAL C 108 -22.93 -72.02 -24.12
C VAL C 108 -23.32 -70.56 -24.25
N ALA C 109 -24.63 -70.28 -24.21
CA ALA C 109 -25.09 -68.89 -24.28
C ALA C 109 -24.58 -68.09 -23.09
N SER C 110 -24.62 -68.68 -21.89
CA SER C 110 -24.10 -67.99 -20.72
C SER C 110 -22.61 -67.72 -20.84
N VAL C 111 -21.87 -68.66 -21.42
CA VAL C 111 -20.45 -68.47 -21.62
C VAL C 111 -20.18 -67.32 -22.58
N VAL C 112 -20.92 -67.28 -23.70
CA VAL C 112 -20.76 -66.18 -24.65
C VAL C 112 -21.11 -64.85 -24.00
N VAL C 113 -22.18 -64.83 -23.19
CA VAL C 113 -22.56 -63.61 -22.49
C VAL C 113 -21.45 -63.16 -21.55
N SER C 114 -20.85 -64.11 -20.83
CA SER C 114 -19.76 -63.76 -19.92
C SER C 114 -18.56 -63.18 -20.67
N PHE C 115 -18.22 -63.76 -21.81
CA PHE C 115 -17.06 -63.31 -22.56
C PHE C 115 -17.31 -61.90 -23.11
N PHE C 116 -18.53 -61.69 -23.64
CA PHE C 116 -18.94 -60.36 -24.06
C PHE C 116 -18.87 -59.36 -22.92
N LEU C 117 -19.28 -59.78 -21.72
CA LEU C 117 -19.17 -58.90 -20.57
C LEU C 117 -17.71 -58.57 -20.28
N SER C 118 -16.85 -59.59 -20.34
CA SER C 118 -15.46 -59.43 -19.94
C SER C 118 -14.73 -58.41 -20.81
N MET C 119 -14.94 -58.45 -22.14
CA MET C 119 -14.16 -57.56 -23.01
C MET C 119 -14.30 -56.11 -22.61
N TYR C 120 -15.53 -55.62 -22.48
CA TYR C 120 -15.76 -54.25 -22.08
C TYR C 120 -15.67 -54.06 -20.57
N TYR C 121 -15.57 -55.12 -19.82
CA TYR C 121 -15.44 -54.96 -18.41
C TYR C 121 -14.05 -54.51 -18.10
N ASN C 122 -13.08 -55.17 -18.71
CA ASN C 122 -11.68 -54.88 -18.35
C ASN C 122 -11.30 -53.43 -18.61
N VAL C 123 -12.05 -52.72 -19.46
CA VAL C 123 -11.70 -51.35 -19.77
C VAL C 123 -11.88 -50.46 -18.53
N ILE C 124 -12.78 -50.84 -17.62
CA ILE C 124 -12.93 -50.09 -16.38
C ILE C 124 -11.66 -50.20 -15.55
N ASN C 125 -11.09 -51.41 -15.48
CA ASN C 125 -9.81 -51.58 -14.81
C ASN C 125 -8.72 -50.77 -15.50
N ALA C 126 -8.77 -50.69 -16.83
CA ALA C 126 -7.80 -49.88 -17.56
C ALA C 126 -7.89 -48.42 -17.16
N TRP C 127 -9.12 -47.89 -17.09
CA TRP C 127 -9.30 -46.50 -16.69
C TRP C 127 -8.86 -46.27 -15.26
N ALA C 128 -9.12 -47.24 -14.37
CA ALA C 128 -8.67 -47.12 -12.99
C ALA C 128 -7.15 -47.07 -12.93
N PHE C 129 -6.48 -47.91 -13.71
CA PHE C 129 -5.02 -47.86 -13.77
C PHE C 129 -4.54 -46.50 -14.26
N TRP C 130 -5.19 -45.96 -15.29
CA TRP C 130 -4.80 -44.66 -15.83
C TRP C 130 -4.91 -43.58 -14.76
N TYR C 131 -6.04 -43.56 -14.06
CA TYR C 131 -6.25 -42.53 -13.03
C TYR C 131 -5.26 -42.70 -11.87
N LEU C 132 -5.02 -43.95 -11.46
CA LEU C 132 -4.08 -44.19 -10.37
C LEU C 132 -2.68 -43.74 -10.75
N PHE C 133 -2.25 -44.01 -11.98
CA PHE C 133 -0.93 -43.57 -12.41
C PHE C 133 -0.85 -42.05 -12.47
N HIS C 134 -1.91 -41.39 -12.96
CA HIS C 134 -1.87 -39.94 -13.03
C HIS C 134 -2.08 -39.27 -11.68
N SER C 135 -2.47 -40.02 -10.66
CA SER C 135 -2.73 -39.44 -9.34
C SER C 135 -1.46 -39.18 -8.52
N PHE C 136 -0.28 -39.16 -9.14
CA PHE C 136 0.96 -38.96 -8.40
C PHE C 136 1.60 -37.59 -8.62
N GLN C 137 1.01 -36.78 -9.49
CA GLN C 137 1.62 -35.48 -9.82
C GLN C 137 1.10 -34.34 -8.97
N ASP C 138 1.95 -33.34 -8.74
CA ASP C 138 1.56 -32.20 -7.94
C ASP C 138 1.91 -30.89 -8.63
N PRO C 139 0.94 -29.98 -8.73
CA PRO C 139 -0.43 -30.16 -8.21
C PRO C 139 -1.19 -31.18 -9.03
N LEU C 140 -2.26 -31.75 -8.47
CA LEU C 140 -2.95 -32.79 -9.20
C LEU C 140 -3.62 -32.21 -10.45
N PRO C 141 -3.73 -33.00 -11.51
CA PRO C 141 -4.54 -32.57 -12.66
C PRO C 141 -6.01 -32.44 -12.28
N TRP C 142 -6.86 -32.06 -13.23
CA TRP C 142 -8.29 -31.86 -13.02
C TRP C 142 -8.58 -30.93 -11.85
N SER C 143 -7.58 -30.16 -11.41
CA SER C 143 -7.74 -29.18 -10.35
C SER C 143 -7.59 -27.77 -10.88
N VAL C 144 -6.65 -27.53 -11.79
CA VAL C 144 -6.51 -26.27 -12.49
C VAL C 144 -6.69 -26.53 -13.97
N CYS C 145 -6.95 -25.47 -14.72
CA CYS C 145 -7.21 -25.59 -16.14
C CYS C 145 -6.04 -25.05 -16.94
N PRO C 146 -5.70 -25.68 -18.06
CA PRO C 146 -4.68 -25.12 -18.95
C PRO C 146 -5.10 -23.74 -19.44
N LEU C 147 -4.12 -22.84 -19.51
CA LEU C 147 -4.37 -21.49 -19.96
C LEU C 147 -4.53 -21.46 -21.48
N ASN C 148 -5.15 -20.39 -21.96
CA ASN C 148 -5.31 -20.22 -23.40
C ASN C 148 -3.95 -19.94 -24.05
N GLY C 149 -3.94 -20.01 -25.38
CA GLY C 149 -2.72 -19.71 -26.12
C GLY C 149 -2.24 -18.29 -25.93
N ASN C 150 -3.12 -17.39 -25.46
CA ASN C 150 -2.71 -16.02 -25.19
C ASN C 150 -1.97 -15.90 -23.86
N HIS C 151 -2.07 -16.91 -22.99
CA HIS C 151 -1.57 -16.85 -21.62
C HIS C 151 -2.17 -15.68 -20.85
N THR C 152 -3.38 -15.27 -21.21
CA THR C 152 -4.10 -14.22 -20.50
C THR C 152 -5.35 -14.71 -19.79
N GLY C 153 -5.81 -15.93 -20.05
CA GLY C 153 -6.99 -16.45 -19.41
C GLY C 153 -7.04 -17.96 -19.53
N TYR C 154 -8.14 -18.53 -19.04
CA TYR C 154 -8.33 -19.96 -19.10
C TYR C 154 -9.01 -20.36 -20.40
N ASP C 155 -9.02 -21.66 -20.68
CA ASP C 155 -9.65 -22.16 -21.89
C ASP C 155 -11.16 -22.00 -21.78
N GLU C 156 -11.79 -21.62 -22.90
CA GLU C 156 -13.24 -21.46 -22.92
C GLU C 156 -13.95 -22.77 -22.62
N GLU C 157 -13.32 -23.90 -22.97
CA GLU C 157 -13.91 -25.20 -22.67
C GLU C 157 -14.05 -25.39 -21.17
N CYS C 158 -13.09 -24.88 -20.40
CA CYS C 158 -13.18 -24.98 -18.95
C CYS C 158 -14.30 -24.10 -18.40
N GLU C 159 -14.52 -22.94 -19.01
CA GLU C 159 -15.68 -22.15 -18.61
C GLU C 159 -16.99 -22.87 -18.91
N LYS C 160 -17.08 -23.53 -20.07
CA LYS C 160 -18.28 -24.29 -20.38
C LYS C 160 -18.40 -25.53 -19.51
N ALA C 161 -17.43 -26.43 -19.59
CA ALA C 161 -17.43 -27.65 -18.81
C ALA C 161 -16.35 -27.57 -17.74
N SER C 162 -16.67 -27.99 -16.53
CA SER C 162 -15.74 -27.87 -15.40
C SER C 162 -14.46 -28.66 -15.67
N SER C 163 -13.49 -28.46 -14.78
CA SER C 163 -12.17 -29.06 -14.97
C SER C 163 -12.23 -30.57 -15.00
N THR C 164 -13.05 -31.17 -14.13
CA THR C 164 -13.17 -32.62 -14.12
C THR C 164 -13.76 -33.15 -15.42
N GLN C 165 -14.81 -32.48 -15.92
CA GLN C 165 -15.39 -32.89 -17.20
C GLN C 165 -14.38 -32.75 -18.33
N TYR C 166 -13.62 -31.66 -18.34
CA TYR C 166 -12.60 -31.47 -19.36
C TYR C 166 -11.56 -32.58 -19.30
N PHE C 167 -11.12 -32.94 -18.09
CA PHE C 167 -10.14 -34.00 -17.93
C PHE C 167 -10.68 -35.33 -18.43
N TRP C 168 -11.93 -35.64 -18.11
CA TRP C 168 -12.47 -36.94 -18.47
C TRP C 168 -12.92 -37.03 -19.92
N TYR C 169 -13.19 -35.90 -20.58
CA TYR C 169 -13.69 -35.95 -21.95
C TYR C 169 -12.64 -35.62 -22.99
N ARG C 170 -11.67 -34.76 -22.67
CA ARG C 170 -10.66 -34.36 -23.64
C ARG C 170 -9.26 -34.84 -23.30
N LYS C 171 -8.87 -34.84 -22.02
CA LYS C 171 -7.54 -35.28 -21.64
C LYS C 171 -7.35 -36.79 -21.73
N THR C 172 -8.34 -37.57 -21.28
CA THR C 172 -8.21 -39.01 -21.19
C THR C 172 -9.03 -39.77 -22.22
N LEU C 173 -9.92 -39.12 -22.95
CA LEU C 173 -10.72 -39.82 -23.95
C LEU C 173 -10.62 -39.16 -25.31
N ASN C 174 -10.55 -37.83 -25.35
CA ASN C 174 -10.55 -37.08 -26.61
C ASN C 174 -11.73 -37.50 -27.48
N ILE C 175 -12.92 -37.53 -26.88
CA ILE C 175 -14.10 -38.06 -27.54
C ILE C 175 -14.42 -37.21 -28.77
N SER C 176 -14.71 -37.89 -29.88
CA SER C 176 -15.08 -37.23 -31.12
C SER C 176 -16.43 -36.55 -30.97
N PRO C 177 -16.69 -35.50 -31.76
CA PRO C 177 -17.99 -34.81 -31.65
C PRO C 177 -19.18 -35.71 -31.93
N SER C 178 -19.04 -36.69 -32.82
CA SER C 178 -20.15 -37.56 -33.18
C SER C 178 -19.66 -38.99 -33.32
N LEU C 179 -20.60 -39.93 -33.21
CA LEU C 179 -20.26 -41.34 -33.33
C LEU C 179 -19.82 -41.68 -34.75
N GLN C 180 -20.44 -41.05 -35.74
CA GLN C 180 -20.10 -41.35 -37.14
C GLN C 180 -18.63 -41.01 -37.41
N GLU C 181 -18.16 -39.87 -36.93
CA GLU C 181 -16.75 -39.54 -37.06
C GLU C 181 -15.91 -40.44 -36.17
N ASN C 182 -14.80 -40.93 -36.71
CA ASN C 182 -13.89 -41.78 -35.96
C ASN C 182 -12.46 -41.36 -36.24
N GLY C 183 -11.58 -41.63 -35.27
CA GLY C 183 -10.18 -41.32 -35.40
C GLY C 183 -9.32 -42.56 -35.17
N GLY C 184 -8.01 -42.34 -35.28
CA GLY C 184 -7.08 -43.43 -35.07
C GLY C 184 -7.02 -43.86 -33.62
N VAL C 185 -6.47 -45.07 -33.41
CA VAL C 185 -6.34 -45.60 -32.06
C VAL C 185 -5.36 -44.74 -31.28
N GLN C 186 -5.69 -44.51 -30.00
CA GLN C 186 -4.83 -43.70 -29.15
C GLN C 186 -3.74 -44.57 -28.54
N TRP C 187 -2.79 -43.94 -27.85
CA TRP C 187 -1.59 -44.60 -27.37
C TRP C 187 -1.70 -44.98 -25.89
N GLU C 188 -2.12 -44.04 -25.05
CA GLU C 188 -2.23 -44.33 -23.61
C GLU C 188 -3.29 -45.38 -23.29
N PRO C 189 -4.54 -45.26 -23.74
CA PRO C 189 -5.55 -46.26 -23.34
C PRO C 189 -5.21 -47.68 -23.80
N ALA C 190 -4.67 -47.82 -25.00
CA ALA C 190 -4.31 -49.15 -25.50
C ALA C 190 -3.27 -49.81 -24.61
N LEU C 191 -2.22 -49.07 -24.27
CA LEU C 191 -1.11 -49.65 -23.53
C LEU C 191 -1.51 -49.92 -22.09
N CYS C 192 -2.34 -49.03 -21.51
CA CYS C 192 -2.87 -49.28 -20.18
C CYS C 192 -3.77 -50.51 -20.16
N LEU C 193 -4.60 -50.68 -21.19
CA LEU C 193 -5.43 -51.88 -21.28
C LEU C 193 -4.58 -53.12 -21.37
N LEU C 194 -3.50 -53.06 -22.14
CA LEU C 194 -2.57 -54.19 -22.20
C LEU C 194 -2.01 -54.49 -20.82
N LEU C 195 -1.59 -53.46 -20.08
CA LEU C 195 -1.04 -53.69 -18.74
C LEU C 195 -2.06 -54.38 -17.84
N ALA C 196 -3.31 -53.90 -17.87
CA ALA C 196 -4.35 -54.50 -17.04
C ALA C 196 -4.58 -55.96 -17.44
N TRP C 197 -4.52 -56.24 -18.75
CA TRP C 197 -4.74 -57.61 -19.20
C TRP C 197 -3.63 -58.54 -18.75
N LEU C 198 -2.37 -58.09 -18.79
CA LEU C 198 -1.31 -58.94 -18.25
C LEU C 198 -1.43 -59.09 -16.73
N VAL C 199 -1.91 -58.07 -16.03
CA VAL C 199 -2.15 -58.23 -14.59
C VAL C 199 -3.18 -59.33 -14.36
N VAL C 200 -4.26 -59.31 -15.14
CA VAL C 200 -5.29 -60.35 -15.02
C VAL C 200 -4.71 -61.72 -15.32
N TYR C 201 -3.89 -61.80 -16.37
CA TYR C 201 -3.29 -63.09 -16.75
C TYR C 201 -2.40 -63.62 -15.65
N LEU C 202 -1.59 -62.75 -15.03
CA LEU C 202 -0.75 -63.18 -13.92
C LEU C 202 -1.61 -63.67 -12.76
N CYS C 203 -2.67 -62.94 -12.44
CA CYS C 203 -3.54 -63.34 -11.33
C CYS C 203 -4.18 -64.69 -11.61
N ILE C 204 -4.50 -64.97 -12.88
CA ILE C 204 -5.01 -66.29 -13.24
C ILE C 204 -3.94 -67.36 -13.05
N LEU C 205 -2.74 -67.10 -13.57
CA LEU C 205 -1.69 -68.11 -13.59
C LEU C 205 -1.24 -68.49 -12.19
N ARG C 206 -1.13 -67.50 -11.30
CA ARG C 206 -0.64 -67.79 -9.96
C ARG C 206 -1.56 -68.75 -9.22
N GLY C 207 -2.87 -68.57 -9.37
CA GLY C 207 -3.82 -69.47 -8.73
C GLY C 207 -3.79 -69.42 -7.22
N THR C 208 -3.21 -68.36 -6.64
CA THR C 208 -3.14 -68.23 -5.19
C THR C 208 -4.37 -67.50 -4.65
N GLU C 209 -5.53 -68.03 -5.03
CA GLU C 209 -6.80 -67.46 -4.63
C GLU C 209 -7.28 -67.96 -3.27
N SER C 210 -6.91 -69.18 -2.89
CA SER C 210 -7.39 -69.76 -1.64
C SER C 210 -6.72 -69.08 -0.45
N THR C 211 -7.53 -68.48 0.41
CA THR C 211 -7.04 -67.85 1.63
C THR C 211 -8.17 -67.70 2.64
N GLY C 212 -7.83 -67.47 3.91
CA GLY C 212 -8.84 -67.38 4.94
C GLY C 212 -8.68 -66.21 5.89
N LYS C 213 -7.56 -65.50 5.82
CA LYS C 213 -7.30 -64.41 6.75
C LYS C 213 -7.23 -63.03 6.10
N VAL C 214 -6.71 -62.93 4.87
CA VAL C 214 -6.63 -61.62 4.22
C VAL C 214 -8.02 -61.19 3.74
N VAL C 215 -8.94 -62.14 3.60
CA VAL C 215 -10.28 -61.81 3.11
C VAL C 215 -10.98 -60.84 4.04
N TYR C 216 -10.64 -60.89 5.34
CA TYR C 216 -11.16 -59.89 6.27
C TYR C 216 -10.73 -58.50 5.85
N PHE C 217 -9.46 -58.33 5.53
CA PHE C 217 -8.94 -57.04 5.10
C PHE C 217 -9.57 -56.61 3.78
N THR C 218 -9.70 -57.55 2.84
CA THR C 218 -10.26 -57.21 1.52
C THR C 218 -11.73 -56.81 1.63
N ALA C 219 -12.46 -57.39 2.59
CA ALA C 219 -13.85 -57.03 2.77
C ALA C 219 -14.02 -55.77 3.62
N SER C 220 -13.04 -55.46 4.48
CA SER C 220 -13.17 -54.29 5.34
C SER C 220 -12.67 -53.00 4.68
N LEU C 221 -11.71 -53.11 3.76
CA LEU C 221 -11.16 -51.92 3.10
C LEU C 221 -12.20 -51.09 2.37
N PRO C 222 -13.10 -51.65 1.55
CA PRO C 222 -14.06 -50.79 0.83
C PRO C 222 -14.87 -49.89 1.74
N TYR C 223 -15.47 -50.47 2.79
CA TYR C 223 -16.35 -49.69 3.65
C TYR C 223 -15.58 -48.60 4.38
N CYS C 224 -14.44 -48.97 4.99
CA CYS C 224 -13.68 -47.99 5.76
C CYS C 224 -13.16 -46.88 4.86
N VAL C 225 -12.86 -47.21 3.60
CA VAL C 225 -12.52 -46.16 2.63
C VAL C 225 -13.73 -45.25 2.41
N LEU C 226 -14.91 -45.85 2.28
CA LEU C 226 -16.09 -45.05 1.95
C LEU C 226 -16.53 -44.14 3.10
N ILE C 227 -16.22 -44.49 4.35
CA ILE C 227 -16.59 -43.61 5.46
C ILE C 227 -15.94 -42.23 5.32
N ILE C 228 -14.67 -42.18 4.92
CA ILE C 228 -13.99 -40.89 4.80
C ILE C 228 -14.69 -40.01 3.78
N TYR C 229 -15.02 -40.59 2.62
CA TYR C 229 -15.69 -39.81 1.59
C TYR C 229 -17.09 -39.42 2.02
N LEU C 230 -17.79 -40.29 2.76
CA LEU C 230 -19.10 -39.93 3.27
C LEU C 230 -19.01 -38.74 4.22
N ILE C 231 -18.00 -38.76 5.11
CA ILE C 231 -17.83 -37.65 6.04
C ILE C 231 -17.55 -36.36 5.29
N ARG C 232 -16.64 -36.40 4.32
CA ARG C 232 -16.30 -35.19 3.59
C ARG C 232 -17.49 -34.68 2.79
N GLY C 233 -18.26 -35.59 2.18
CA GLY C 233 -19.44 -35.17 1.45
C GLY C 233 -20.50 -34.56 2.35
N LEU C 234 -20.71 -35.13 3.54
CA LEU C 234 -21.72 -34.61 4.45
C LEU C 234 -21.29 -33.31 5.11
N THR C 235 -19.98 -33.05 5.21
CA THR C 235 -19.50 -31.83 5.84
C THR C 235 -19.46 -30.64 4.89
N LEU C 236 -19.77 -30.84 3.60
CA LEU C 236 -19.72 -29.78 2.61
C LEU C 236 -21.10 -29.15 2.44
N HIS C 237 -21.10 -27.87 2.04
CA HIS C 237 -22.34 -27.13 1.91
C HIS C 237 -23.17 -27.64 0.74
N GLY C 238 -24.49 -27.62 0.92
CA GLY C 238 -25.40 -27.96 -0.15
C GLY C 238 -25.54 -29.44 -0.44
N ALA C 239 -24.97 -30.31 0.40
CA ALA C 239 -25.02 -31.74 0.13
C ALA C 239 -26.43 -32.31 0.32
N THR C 240 -27.26 -31.62 1.11
CA THR C 240 -28.59 -32.14 1.41
C THR C 240 -29.50 -32.10 0.18
N ASN C 241 -29.24 -31.17 -0.75
CA ASN C 241 -30.04 -31.08 -1.96
C ASN C 241 -29.93 -32.34 -2.81
N GLY C 242 -28.73 -32.92 -2.88
CA GLY C 242 -28.59 -34.20 -3.57
C GLY C 242 -29.41 -35.29 -2.90
N LEU C 243 -29.48 -35.27 -1.56
CA LEU C 243 -30.27 -36.26 -0.85
C LEU C 243 -31.76 -36.13 -1.17
N MET C 244 -32.29 -34.89 -1.13
CA MET C 244 -33.70 -34.76 -1.49
C MET C 244 -33.91 -35.20 -2.94
N TYR C 245 -32.97 -34.86 -3.83
CA TYR C 245 -33.16 -35.22 -5.23
C TYR C 245 -33.18 -36.73 -5.43
N MET C 246 -32.26 -37.45 -4.78
CA MET C 246 -32.19 -38.89 -5.00
C MET C 246 -33.26 -39.65 -4.24
N PHE C 247 -33.79 -39.08 -3.16
CA PHE C 247 -34.84 -39.74 -2.39
C PHE C 247 -36.23 -39.49 -2.93
N THR C 248 -36.61 -38.24 -3.15
CA THR C 248 -37.98 -37.90 -3.51
C THR C 248 -38.34 -38.47 -4.88
N PRO C 249 -39.31 -39.38 -4.95
CA PRO C 249 -39.72 -39.92 -6.25
C PRO C 249 -40.61 -38.93 -7.00
N LYS C 250 -40.72 -39.15 -8.29
CA LYS C 250 -41.52 -38.31 -9.18
C LYS C 250 -42.63 -39.15 -9.79
N ILE C 251 -43.45 -38.49 -10.62
CA ILE C 251 -44.59 -39.14 -11.25
C ILE C 251 -44.30 -39.41 -12.73
N GLU C 252 -43.84 -38.37 -13.43
CA GLU C 252 -43.58 -38.51 -14.86
C GLU C 252 -42.47 -39.52 -15.12
N GLN C 253 -41.42 -39.50 -14.29
CA GLN C 253 -40.31 -40.42 -14.49
C GLN C 253 -40.75 -41.87 -14.32
N LEU C 254 -41.68 -42.12 -13.40
CA LEU C 254 -42.19 -43.47 -13.19
C LEU C 254 -43.07 -43.95 -14.33
N ALA C 255 -43.55 -43.04 -15.18
CA ALA C 255 -44.40 -43.45 -16.30
C ALA C 255 -43.61 -44.26 -17.33
N ASN C 256 -42.35 -43.91 -17.55
CA ASN C 256 -41.55 -44.61 -18.54
C ASN C 256 -41.32 -46.06 -18.12
N PRO C 257 -41.33 -46.99 -19.09
CA PRO C 257 -41.10 -48.40 -18.76
C PRO C 257 -39.63 -48.78 -18.75
N LYS C 258 -38.79 -47.96 -19.40
CA LYS C 258 -37.38 -48.30 -19.54
C LYS C 258 -36.69 -48.36 -18.18
N ALA C 259 -37.23 -47.66 -17.19
CA ALA C 259 -36.66 -47.73 -15.85
C ALA C 259 -36.75 -49.15 -15.30
N TRP C 260 -37.88 -49.84 -15.54
CA TRP C 260 -38.07 -51.17 -14.99
C TRP C 260 -37.09 -52.17 -15.60
N ILE C 261 -36.96 -52.16 -16.92
CA ILE C 261 -36.03 -53.08 -17.57
C ILE C 261 -34.60 -52.76 -17.17
N ASN C 262 -34.28 -51.47 -17.07
CA ASN C 262 -32.93 -51.09 -16.66
C ASN C 262 -32.62 -51.56 -15.24
N ALA C 263 -33.59 -51.42 -14.33
CA ALA C 263 -33.39 -51.90 -12.97
C ALA C 263 -33.24 -53.41 -12.91
N ALA C 264 -34.05 -54.13 -13.71
CA ALA C 264 -33.94 -55.58 -13.74
C ALA C 264 -32.57 -56.01 -14.26
N THR C 265 -32.10 -55.37 -15.33
CA THR C 265 -30.78 -55.69 -15.85
C THR C 265 -29.69 -55.36 -14.83
N GLN C 266 -29.83 -54.24 -14.13
CA GLN C 266 -28.85 -53.85 -13.13
C GLN C 266 -28.78 -54.87 -12.00
N ILE C 267 -29.92 -55.30 -11.49
CA ILE C 267 -29.92 -56.24 -10.37
C ILE C 267 -29.41 -57.60 -10.83
N PHE C 268 -29.75 -58.01 -12.05
CA PHE C 268 -29.24 -59.27 -12.58
C PHE C 268 -27.72 -59.22 -12.73
N PHE C 269 -27.20 -58.11 -13.24
CA PHE C 269 -25.75 -57.96 -13.40
C PHE C 269 -25.05 -57.94 -12.05
N SER C 270 -25.64 -57.26 -11.06
CA SER C 270 -25.01 -57.19 -9.75
C SER C 270 -25.00 -58.54 -9.05
N LEU C 271 -26.14 -59.24 -9.06
CA LEU C 271 -26.18 -60.56 -8.43
C LEU C 271 -25.36 -61.58 -9.22
N GLY C 272 -25.30 -61.42 -10.54
CA GLY C 272 -24.52 -62.30 -11.38
C GLY C 272 -25.21 -63.59 -11.78
N LEU C 273 -26.49 -63.76 -11.45
CA LEU C 273 -27.19 -64.97 -11.82
C LEU C 273 -27.31 -65.08 -13.33
N GLY C 274 -27.30 -66.32 -13.82
CA GLY C 274 -27.34 -66.60 -15.24
C GLY C 274 -25.98 -66.69 -15.91
N PHE C 275 -24.91 -66.33 -15.21
CA PHE C 275 -23.57 -66.40 -15.79
C PHE C 275 -22.97 -67.79 -15.70
N GLY C 276 -23.55 -68.68 -14.89
CA GLY C 276 -22.99 -70.00 -14.70
C GLY C 276 -21.87 -70.07 -13.68
N SER C 277 -21.61 -69.00 -12.96
CA SER C 277 -20.56 -68.99 -11.94
C SER C 277 -21.10 -69.40 -10.58
N LEU C 278 -22.30 -68.95 -10.26
CA LEU C 278 -22.90 -69.36 -9.02
C LEU C 278 -23.07 -70.85 -9.02
N ILE C 279 -23.77 -71.36 -10.01
CA ILE C 279 -24.04 -72.80 -10.08
C ILE C 279 -22.78 -73.54 -9.74
N ALA C 280 -21.67 -73.11 -10.32
CA ALA C 280 -20.42 -73.75 -10.05
C ALA C 280 -20.15 -73.67 -8.56
N PHE C 281 -20.08 -72.46 -8.05
CA PHE C 281 -19.72 -72.37 -6.66
C PHE C 281 -20.57 -73.32 -5.86
N ALA C 282 -21.87 -73.21 -6.03
CA ALA C 282 -22.76 -74.06 -5.26
C ALA C 282 -22.38 -75.53 -5.39
N SER C 283 -22.01 -75.95 -6.60
CA SER C 283 -21.58 -77.33 -6.82
C SER C 283 -20.31 -77.64 -6.03
N TYR C 284 -19.44 -76.64 -5.87
CA TYR C 284 -18.20 -76.85 -5.12
C TYR C 284 -18.47 -77.19 -3.66
N ASN C 285 -19.41 -76.48 -3.03
CA ASN C 285 -19.57 -76.60 -1.58
C ASN C 285 -20.28 -77.89 -1.21
N GLU C 286 -20.18 -78.26 0.07
CA GLU C 286 -20.73 -79.51 0.55
C GLU C 286 -22.26 -79.49 0.43
N PRO C 287 -22.88 -80.59 -0.05
CA PRO C 287 -24.33 -80.61 -0.29
C PRO C 287 -25.17 -80.73 0.97
N SER C 288 -24.81 -79.94 1.98
CA SER C 288 -25.62 -79.84 3.21
C SER C 288 -25.37 -78.44 3.79
N ASN C 289 -26.24 -77.49 3.46
CA ASN C 289 -26.14 -76.12 3.92
C ASN C 289 -27.46 -75.42 3.65
N ASN C 290 -27.79 -74.47 4.52
CA ASN C 290 -29.05 -73.72 4.39
C ASN C 290 -28.79 -72.63 3.35
N CYS C 291 -29.08 -72.97 2.11
CA CYS C 291 -28.80 -72.05 1.00
C CYS C 291 -29.67 -70.79 1.09
N GLN C 292 -30.87 -70.91 1.65
CA GLN C 292 -31.78 -69.77 1.71
C GLN C 292 -31.19 -68.65 2.57
N LYS C 293 -30.59 -69.01 3.71
CA LYS C 293 -29.93 -68.01 4.55
C LYS C 293 -28.78 -67.35 3.82
N HIS C 294 -28.01 -68.13 3.06
CA HIS C 294 -26.92 -67.57 2.27
C HIS C 294 -27.46 -66.56 1.26
N ALA C 295 -28.54 -66.92 0.57
CA ALA C 295 -29.11 -66.03 -0.44
C ALA C 295 -29.60 -64.74 0.17
N ILE C 296 -30.31 -64.82 1.30
CA ILE C 296 -30.87 -63.60 1.89
C ILE C 296 -29.74 -62.73 2.44
N ILE C 297 -28.73 -63.33 3.04
CA ILE C 297 -27.61 -62.56 3.57
C ILE C 297 -26.79 -61.93 2.45
N VAL C 298 -26.74 -62.55 1.28
CA VAL C 298 -26.08 -61.94 0.13
C VAL C 298 -26.89 -60.76 -0.40
N SER C 299 -28.20 -60.95 -0.58
CA SER C 299 -29.03 -59.88 -1.14
C SER C 299 -29.07 -58.67 -0.22
N LEU C 300 -29.20 -58.89 1.09
CA LEU C 300 -29.27 -57.78 2.01
C LEU C 300 -28.00 -56.95 1.97
N ILE C 301 -26.83 -57.61 2.01
CA ILE C 301 -25.58 -56.86 2.02
C ILE C 301 -25.36 -56.16 0.69
N ASN C 302 -25.75 -56.80 -0.42
CA ASN C 302 -25.62 -56.16 -1.73
C ASN C 302 -26.44 -54.88 -1.80
N SER C 303 -27.72 -54.96 -1.41
CA SER C 303 -28.58 -53.78 -1.44
C SER C 303 -28.07 -52.69 -0.51
N PHE C 304 -27.63 -53.08 0.69
CA PHE C 304 -27.15 -52.09 1.65
C PHE C 304 -25.92 -51.37 1.13
N THR C 305 -24.98 -52.12 0.53
CA THR C 305 -23.79 -51.49 -0.01
C THR C 305 -24.13 -50.57 -1.17
N SER C 306 -25.05 -51.00 -2.04
CA SER C 306 -25.45 -50.15 -3.15
C SER C 306 -26.06 -48.85 -2.67
N ILE C 307 -26.95 -48.92 -1.67
CA ILE C 307 -27.59 -47.73 -1.14
C ILE C 307 -26.56 -46.82 -0.49
N PHE C 308 -25.61 -47.39 0.26
CA PHE C 308 -24.59 -46.60 0.91
C PHE C 308 -23.74 -45.85 -0.13
N ALA C 309 -23.33 -46.55 -1.18
CA ALA C 309 -22.55 -45.91 -2.23
C ALA C 309 -23.35 -44.81 -2.93
N SER C 310 -24.64 -45.05 -3.16
CA SER C 310 -25.48 -44.03 -3.77
C SER C 310 -25.55 -42.79 -2.91
N ILE C 311 -25.69 -42.97 -1.59
CA ILE C 311 -25.68 -41.83 -0.67
C ILE C 311 -24.39 -41.04 -0.81
N VAL C 312 -23.25 -41.75 -0.76
CA VAL C 312 -21.96 -41.06 -0.77
C VAL C 312 -21.77 -40.28 -2.07
N THR C 313 -22.15 -40.89 -3.20
CA THR C 313 -21.97 -40.21 -4.49
C THR C 313 -22.90 -39.02 -4.61
N PHE C 314 -24.17 -39.19 -4.25
CA PHE C 314 -25.14 -38.14 -4.49
C PHE C 314 -24.93 -36.94 -3.58
N SER C 315 -24.31 -37.14 -2.41
CA SER C 315 -23.96 -35.98 -1.60
C SER C 315 -23.04 -35.03 -2.36
N ILE C 316 -21.95 -35.57 -2.92
CA ILE C 316 -21.00 -34.74 -3.66
C ILE C 316 -21.65 -34.19 -4.91
N TYR C 317 -22.50 -34.98 -5.56
CA TYR C 317 -23.19 -34.49 -6.76
C TYR C 317 -24.06 -33.28 -6.44
N GLY C 318 -24.81 -33.34 -5.33
CA GLY C 318 -25.61 -32.21 -4.93
C GLY C 318 -24.77 -30.99 -4.58
N PHE C 319 -23.62 -31.22 -3.93
CA PHE C 319 -22.73 -30.10 -3.64
C PHE C 319 -22.27 -29.42 -4.93
N LYS C 320 -21.88 -30.21 -5.92
CA LYS C 320 -21.43 -29.65 -7.19
C LYS C 320 -22.55 -28.87 -7.88
N ALA C 321 -23.76 -29.42 -7.88
CA ALA C 321 -24.88 -28.72 -8.51
C ALA C 321 -25.16 -27.40 -7.81
N THR C 322 -25.12 -27.39 -6.47
CA THR C 322 -25.35 -26.16 -5.74
C THR C 322 -24.27 -25.13 -6.06
N PHE C 323 -23.01 -25.57 -6.16
CA PHE C 323 -21.93 -24.65 -6.51
C PHE C 323 -22.15 -24.03 -7.88
N ASN C 324 -22.56 -24.85 -8.85
CA ASN C 324 -22.80 -24.31 -10.19
C ASN C 324 -23.95 -23.31 -10.19
N TYR C 325 -25.01 -23.60 -9.43
CA TYR C 325 -26.13 -22.66 -9.33
C TYR C 325 -25.67 -21.33 -8.72
N GLU C 326 -24.85 -21.40 -7.67
CA GLU C 326 -24.34 -20.18 -7.06
C GLU C 326 -23.47 -19.40 -8.05
N ASN C 327 -22.66 -20.10 -8.84
CA ASN C 327 -21.83 -19.41 -9.83
C ASN C 327 -22.70 -18.71 -10.88
N CYS C 328 -23.77 -19.38 -11.32
CA CYS C 328 -24.69 -18.75 -12.26
C CYS C 328 -25.27 -17.46 -11.68
N LEU C 329 -25.73 -17.53 -10.42
CA LEU C 329 -26.28 -16.33 -9.78
C LEU C 329 -25.25 -15.23 -9.68
N LYS C 330 -24.02 -15.58 -9.31
CA LYS C 330 -22.96 -14.58 -9.16
C LYS C 330 -22.65 -13.91 -10.49
N LYS C 331 -22.58 -14.69 -11.57
CA LYS C 331 -22.29 -14.10 -12.88
C LYS C 331 -23.41 -13.15 -13.31
N VAL C 332 -24.67 -13.56 -13.12
CA VAL C 332 -25.78 -12.68 -13.49
C VAL C 332 -25.73 -11.39 -12.68
N SER C 333 -25.47 -11.52 -11.37
CA SER C 333 -25.41 -10.35 -10.50
C SER C 333 -24.30 -9.41 -10.94
N LEU C 334 -23.13 -9.96 -11.27
CA LEU C 334 -22.02 -9.13 -11.70
C LEU C 334 -22.34 -8.40 -13.00
N LEU C 335 -22.96 -9.09 -13.96
CA LEU C 335 -23.31 -8.44 -15.21
C LEU C 335 -24.29 -7.30 -14.97
N LEU C 336 -25.31 -7.53 -14.16
CA LEU C 336 -26.29 -6.46 -13.88
C LEU C 336 -25.63 -5.28 -13.18
N THR C 337 -24.77 -5.55 -12.20
CA THR C 337 -24.11 -4.48 -11.46
C THR C 337 -23.21 -3.66 -12.38
N ASN C 338 -22.45 -4.33 -13.26
CA ASN C 338 -21.61 -3.60 -14.19
C ASN C 338 -22.43 -2.76 -15.15
N THR C 339 -23.55 -3.30 -15.64
CA THR C 339 -24.34 -2.55 -16.61
C THR C 339 -24.99 -1.33 -15.98
N PHE C 340 -25.67 -1.50 -14.85
CA PHE C 340 -26.45 -0.42 -14.26
C PHE C 340 -25.70 0.38 -13.20
N ASP C 341 -24.44 0.06 -12.95
CA ASP C 341 -23.59 0.81 -12.01
C ASP C 341 -24.22 0.88 -10.62
N LEU C 342 -24.84 -0.22 -10.21
CA LEU C 342 -25.40 -0.30 -8.86
C LEU C 342 -24.29 -0.53 -7.85
N GLU C 343 -24.54 -0.08 -6.62
CA GLU C 343 -23.57 -0.25 -5.54
C GLU C 343 -23.35 -1.74 -5.27
N ASP C 344 -22.09 -2.11 -5.07
CA ASP C 344 -21.73 -3.50 -4.85
C ASP C 344 -22.33 -4.00 -3.54
N GLY C 345 -22.76 -5.27 -3.55
CA GLY C 345 -23.33 -5.88 -2.37
C GLY C 345 -24.80 -5.56 -2.19
N PHE C 346 -25.25 -4.44 -2.75
CA PHE C 346 -26.66 -4.07 -2.64
C PHE C 346 -27.56 -5.06 -3.36
N LEU C 347 -27.12 -5.56 -4.52
CA LEU C 347 -27.90 -6.50 -5.31
C LEU C 347 -27.56 -7.90 -4.83
N THR C 348 -28.49 -8.51 -4.10
CA THR C 348 -28.30 -9.84 -3.54
C THR C 348 -29.11 -10.88 -4.31
N ALA C 349 -28.95 -12.14 -3.89
CA ALA C 349 -29.70 -13.22 -4.52
C ALA C 349 -31.18 -13.15 -4.18
N SER C 350 -31.50 -12.79 -2.93
CA SER C 350 -32.88 -12.79 -2.50
C SER C 350 -33.72 -11.74 -3.22
N ASN C 351 -33.19 -10.51 -3.30
CA ASN C 351 -33.92 -9.39 -3.87
C ASN C 351 -33.72 -9.26 -5.38
N LEU C 352 -33.34 -10.35 -6.06
CA LEU C 352 -33.05 -10.27 -7.48
C LEU C 352 -34.27 -9.86 -8.29
N GLU C 353 -35.44 -10.45 -7.97
CA GLU C 353 -36.64 -10.18 -8.74
C GLU C 353 -37.10 -8.74 -8.58
N GLN C 354 -37.07 -8.22 -7.35
CA GLN C 354 -37.50 -6.85 -7.12
C GLN C 354 -36.60 -5.87 -7.86
N VAL C 355 -35.29 -6.08 -7.82
CA VAL C 355 -34.37 -5.19 -8.52
C VAL C 355 -34.56 -5.31 -10.02
N LYS C 356 -34.80 -6.52 -10.51
CA LYS C 356 -35.04 -6.70 -11.94
C LYS C 356 -36.27 -5.93 -12.39
N GLY C 357 -37.36 -6.03 -11.62
CA GLY C 357 -38.57 -5.31 -11.98
C GLY C 357 -38.38 -3.80 -11.91
N TYR C 358 -37.71 -3.32 -10.85
CA TYR C 358 -37.49 -1.89 -10.70
C TYR C 358 -36.61 -1.36 -11.83
N LEU C 359 -35.58 -2.10 -12.21
CA LEU C 359 -34.71 -1.66 -13.30
C LEU C 359 -35.44 -1.69 -14.64
N ALA C 360 -36.27 -2.71 -14.86
CA ALA C 360 -37.07 -2.73 -16.08
C ALA C 360 -38.01 -1.54 -16.14
N SER C 361 -38.57 -1.15 -14.99
CA SER C 361 -39.39 0.05 -14.95
C SER C 361 -38.57 1.30 -15.23
N ALA C 362 -37.35 1.36 -14.70
CA ALA C 362 -36.56 2.59 -14.77
C ALA C 362 -36.10 2.87 -16.21
N TYR C 363 -35.53 1.86 -16.87
CA TYR C 363 -34.97 2.02 -18.21
C TYR C 363 -35.50 0.91 -19.11
N PRO C 364 -36.78 0.97 -19.46
CA PRO C 364 -37.39 -0.16 -20.20
C PRO C 364 -36.73 -0.44 -21.54
N SER C 365 -36.27 0.59 -22.25
CA SER C 365 -35.74 0.38 -23.59
C SER C 365 -34.46 -0.45 -23.57
N LYS C 366 -33.43 0.04 -22.87
CA LYS C 366 -32.17 -0.67 -22.86
C LYS C 366 -32.26 -1.98 -22.08
N TYR C 367 -33.12 -2.04 -21.06
CA TYR C 367 -33.35 -3.29 -20.36
C TYR C 367 -33.95 -4.34 -21.31
N SER C 368 -34.94 -3.94 -22.10
CA SER C 368 -35.53 -4.87 -23.06
C SER C 368 -34.52 -5.28 -24.12
N GLU C 369 -33.68 -4.35 -24.55
CA GLU C 369 -32.64 -4.68 -25.52
C GLU C 369 -31.66 -5.70 -24.94
N MET C 370 -31.27 -5.53 -23.68
CA MET C 370 -30.32 -6.42 -23.02
C MET C 370 -30.94 -7.75 -22.61
N PHE C 371 -32.25 -7.80 -22.45
CA PHE C 371 -32.90 -9.03 -21.98
C PHE C 371 -32.35 -10.31 -22.64
N PRO C 372 -32.37 -10.40 -23.97
CA PRO C 372 -31.86 -11.65 -24.56
C PRO C 372 -30.48 -12.05 -24.06
N GLN C 373 -29.60 -11.08 -23.77
CA GLN C 373 -28.30 -11.41 -23.19
C GLN C 373 -28.38 -11.90 -21.76
N ILE C 374 -29.51 -11.67 -21.08
CA ILE C 374 -29.65 -12.08 -19.68
C ILE C 374 -29.97 -13.56 -19.60
N LYS C 375 -29.41 -14.19 -18.60
CA LYS C 375 -29.72 -15.58 -18.39
C LYS C 375 -30.50 -15.71 -17.12
N ASN C 376 -31.04 -16.88 -16.87
CA ASN C 376 -31.80 -17.15 -15.66
C ASN C 376 -31.36 -18.49 -15.06
N CYS C 377 -30.96 -18.46 -13.79
CA CYS C 377 -30.54 -19.68 -13.11
C CYS C 377 -31.74 -20.57 -12.86
N SER C 378 -31.54 -21.89 -12.99
CA SER C 378 -32.59 -22.87 -12.77
C SER C 378 -32.01 -23.99 -11.92
N LEU C 379 -32.33 -23.98 -10.62
CA LEU C 379 -31.74 -24.94 -9.70
C LEU C 379 -32.15 -26.37 -10.03
N GLU C 380 -33.43 -26.58 -10.37
CA GLU C 380 -33.92 -27.93 -10.58
C GLU C 380 -33.37 -28.54 -11.86
N SER C 381 -33.44 -27.79 -12.96
CA SER C 381 -32.92 -28.30 -14.21
C SER C 381 -31.43 -28.52 -14.08
N GLU C 382 -30.77 -27.68 -13.29
CA GLU C 382 -29.35 -27.83 -13.09
C GLU C 382 -29.05 -29.09 -12.31
N LEU C 383 -29.82 -29.33 -11.26
CA LEU C 383 -29.61 -30.49 -10.43
C LEU C 383 -29.86 -31.78 -11.17
N ASP C 384 -30.98 -31.88 -11.88
CA ASP C 384 -31.27 -33.15 -12.53
C ASP C 384 -30.35 -33.42 -13.70
N THR C 385 -29.79 -32.36 -14.30
CA THR C 385 -28.82 -32.48 -15.40
C THR C 385 -27.64 -31.57 -15.08
N ALA C 386 -26.69 -32.09 -14.31
CA ALA C 386 -25.43 -31.40 -14.05
C ALA C 386 -24.25 -32.17 -14.61
N VAL C 387 -24.09 -33.42 -14.22
CA VAL C 387 -23.13 -34.33 -14.84
C VAL C 387 -23.88 -35.60 -15.22
N GLN C 388 -23.59 -36.12 -16.41
CA GLN C 388 -24.26 -37.31 -16.92
C GLN C 388 -23.27 -38.12 -17.73
N GLY C 389 -23.62 -39.37 -17.97
CA GLY C 389 -22.81 -40.26 -18.76
C GLY C 389 -22.30 -41.43 -17.95
N THR C 390 -21.49 -42.26 -18.62
CA THR C 390 -21.02 -43.49 -17.99
C THR C 390 -20.06 -43.21 -16.84
N GLY C 391 -19.07 -42.34 -17.07
CA GLY C 391 -18.01 -42.13 -16.11
C GLY C 391 -18.35 -41.19 -14.97
N LEU C 392 -19.62 -41.17 -14.56
CA LEU C 392 -20.06 -40.27 -13.50
C LEU C 392 -19.18 -40.42 -12.25
N ALA C 393 -19.02 -41.66 -11.77
CA ALA C 393 -18.24 -41.90 -10.58
C ALA C 393 -16.80 -41.39 -10.71
N PHE C 394 -16.28 -41.32 -11.93
CA PHE C 394 -14.94 -40.79 -12.13
C PHE C 394 -14.92 -39.27 -12.03
N ILE C 395 -15.95 -38.59 -12.53
CA ILE C 395 -15.94 -37.13 -12.57
C ILE C 395 -16.56 -36.52 -11.33
N VAL C 396 -16.99 -37.32 -10.37
CA VAL C 396 -17.60 -36.80 -9.15
C VAL C 396 -16.58 -36.87 -8.03
N TYR C 397 -16.06 -38.08 -7.75
CA TYR C 397 -15.09 -38.25 -6.69
C TYR C 397 -13.83 -37.44 -6.93
N THR C 398 -13.36 -37.41 -8.18
CA THR C 398 -12.23 -36.52 -8.50
C THR C 398 -12.56 -35.08 -8.15
N GLU C 399 -13.79 -34.65 -8.42
CA GLU C 399 -14.24 -33.36 -7.93
C GLU C 399 -14.05 -33.26 -6.42
N ALA C 400 -14.57 -34.25 -5.69
CA ALA C 400 -14.35 -34.29 -4.25
C ALA C 400 -12.86 -34.31 -3.92
N ILE C 401 -12.04 -34.92 -4.77
CA ILE C 401 -10.61 -34.96 -4.51
C ILE C 401 -10.01 -33.56 -4.53
N LYS C 402 -10.52 -32.68 -5.40
CA LYS C 402 -9.86 -31.40 -5.61
C LYS C 402 -9.98 -30.47 -4.41
N ASN C 403 -10.79 -30.81 -3.41
CA ASN C 403 -10.86 -30.07 -2.17
C ASN C 403 -10.71 -30.99 -0.96
N MET C 404 -9.77 -31.93 -1.03
CA MET C 404 -9.28 -32.68 0.12
C MET C 404 -8.25 -31.87 0.91
N GLU C 405 -8.07 -32.26 2.16
CA GLU C 405 -6.94 -31.75 2.94
C GLU C 405 -5.63 -32.23 2.35
N VAL C 406 -5.54 -33.52 2.04
CA VAL C 406 -4.41 -34.10 1.31
C VAL C 406 -4.96 -34.97 0.20
N SER C 407 -5.03 -34.42 -1.01
CA SER C 407 -5.76 -35.09 -2.10
C SER C 407 -5.13 -36.43 -2.46
N GLN C 408 -3.80 -36.48 -2.51
CA GLN C 408 -3.12 -37.64 -3.06
C GLN C 408 -3.41 -38.89 -2.24
N LEU C 409 -3.43 -38.77 -0.92
CA LEU C 409 -3.66 -39.94 -0.07
C LEU C 409 -4.98 -40.61 -0.39
N TRP C 410 -6.10 -39.90 -0.20
CA TRP C 410 -7.40 -40.49 -0.43
C TRP C 410 -7.61 -40.85 -1.89
N SER C 411 -7.02 -40.09 -2.82
CA SER C 411 -7.10 -40.47 -4.22
C SER C 411 -6.49 -41.84 -4.46
N VAL C 412 -5.31 -42.08 -3.89
CA VAL C 412 -4.65 -43.37 -4.04
C VAL C 412 -5.47 -44.47 -3.40
N LEU C 413 -6.00 -44.23 -2.19
CA LEU C 413 -6.80 -45.26 -1.53
C LEU C 413 -8.02 -45.63 -2.37
N TYR C 414 -8.74 -44.63 -2.86
CA TYR C 414 -9.95 -44.91 -3.63
C TYR C 414 -9.61 -45.63 -4.93
N PHE C 415 -8.55 -45.20 -5.62
CA PHE C 415 -8.21 -45.86 -6.88
C PHE C 415 -7.75 -47.30 -6.63
N PHE C 416 -7.03 -47.53 -5.53
CA PHE C 416 -6.63 -48.89 -5.20
C PHE C 416 -7.83 -49.76 -4.88
N MET C 417 -8.82 -49.22 -4.16
CA MET C 417 -10.04 -49.98 -3.88
C MET C 417 -10.77 -50.34 -5.16
N LEU C 418 -10.90 -49.37 -6.09
CA LEU C 418 -11.54 -49.67 -7.36
C LEU C 418 -10.76 -50.72 -8.13
N LEU C 419 -9.43 -50.63 -8.12
CA LEU C 419 -8.61 -51.59 -8.83
C LEU C 419 -8.78 -52.99 -8.28
N MET C 420 -8.79 -53.14 -6.94
CA MET C 420 -8.90 -54.47 -6.36
C MET C 420 -10.29 -55.06 -6.59
N LEU C 421 -11.34 -54.22 -6.53
CA LEU C 421 -12.67 -54.72 -6.81
C LEU C 421 -12.78 -55.18 -8.27
N GLY C 422 -12.24 -54.39 -9.20
CA GLY C 422 -12.26 -54.80 -10.59
C GLY C 422 -11.47 -56.06 -10.84
N ILE C 423 -10.33 -56.20 -10.15
CA ILE C 423 -9.52 -57.41 -10.30
C ILE C 423 -10.28 -58.63 -9.79
N GLY C 424 -10.96 -58.50 -8.65
CA GLY C 424 -11.75 -59.61 -8.14
C GLY C 424 -12.87 -60.00 -9.08
N SER C 425 -13.58 -59.00 -9.62
CA SER C 425 -14.65 -59.29 -10.56
C SER C 425 -14.11 -59.96 -11.82
N MET C 426 -12.97 -59.48 -12.32
CA MET C 426 -12.35 -60.09 -13.50
C MET C 426 -11.93 -61.52 -13.20
N LEU C 427 -11.49 -61.75 -11.98
CA LEU C 427 -11.03 -63.08 -11.65
C LEU C 427 -12.22 -63.98 -11.71
N GLY C 428 -13.36 -63.44 -11.33
CA GLY C 428 -14.55 -64.26 -11.31
C GLY C 428 -14.87 -64.65 -12.72
N ASN C 429 -15.46 -63.71 -13.42
CA ASN C 429 -15.96 -64.01 -14.74
C ASN C 429 -14.95 -64.75 -15.58
N THR C 430 -13.70 -64.78 -15.13
CA THR C 430 -12.74 -65.59 -15.86
C THR C 430 -12.96 -67.00 -15.37
N ALA C 431 -12.77 -67.23 -14.08
CA ALA C 431 -13.10 -68.56 -13.57
C ALA C 431 -14.38 -69.09 -14.21
N ALA C 432 -15.32 -68.19 -14.51
CA ALA C 432 -16.55 -68.62 -15.19
C ALA C 432 -16.26 -69.11 -16.61
N ILE C 433 -15.47 -68.34 -17.37
CA ILE C 433 -15.25 -68.71 -18.77
C ILE C 433 -14.36 -69.94 -18.89
N LEU C 434 -13.33 -70.06 -18.04
CA LEU C 434 -12.33 -71.11 -18.23
C LEU C 434 -12.92 -72.50 -17.98
N THR C 435 -13.80 -72.63 -16.99
CA THR C 435 -14.25 -73.95 -16.55
C THR C 435 -14.89 -74.80 -17.65
N PRO C 436 -15.84 -74.29 -18.45
CA PRO C 436 -16.38 -75.14 -19.53
C PRO C 436 -15.33 -75.57 -20.55
N LEU C 437 -14.35 -74.71 -20.83
CA LEU C 437 -13.30 -75.09 -21.77
C LEU C 437 -12.27 -76.01 -21.14
N THR C 438 -12.27 -76.09 -19.80
CA THR C 438 -11.31 -76.95 -19.12
C THR C 438 -11.61 -78.43 -19.37
N ASP C 439 -12.89 -78.78 -19.48
CA ASP C 439 -13.27 -80.18 -19.68
C ASP C 439 -13.02 -80.67 -21.10
N SER C 440 -12.62 -79.79 -22.02
CA SER C 440 -12.35 -80.19 -23.39
C SER C 440 -11.06 -81.00 -23.48
N LYS C 441 -11.13 -82.27 -23.08
CA LYS C 441 -9.94 -83.12 -23.11
C LYS C 441 -9.44 -83.34 -24.54
N ILE C 442 -10.36 -83.27 -25.52
CA ILE C 442 -9.98 -83.54 -26.91
C ILE C 442 -8.92 -82.56 -27.37
N ILE C 443 -9.01 -81.30 -26.94
CA ILE C 443 -8.04 -80.29 -27.30
C ILE C 443 -6.95 -80.15 -26.24
N SER C 444 -7.30 -80.37 -24.97
CA SER C 444 -6.33 -80.24 -23.89
C SER C 444 -5.35 -81.40 -23.85
N SER C 445 -5.58 -82.46 -24.64
CA SER C 445 -4.67 -83.59 -24.65
C SER C 445 -3.28 -83.18 -25.14
N HIS C 446 -3.22 -82.32 -26.15
CA HIS C 446 -1.96 -81.87 -26.72
C HIS C 446 -1.66 -80.41 -26.40
N LEU C 447 -2.54 -79.75 -25.65
CA LEU C 447 -2.33 -78.36 -25.26
C LEU C 447 -2.52 -78.18 -23.77
N PRO C 448 -1.53 -77.63 -23.07
CA PRO C 448 -1.70 -77.36 -21.64
C PRO C 448 -2.72 -76.25 -21.39
N LYS C 449 -3.32 -76.30 -20.21
CA LYS C 449 -4.35 -75.32 -19.87
C LYS C 449 -3.79 -73.91 -19.80
N GLU C 450 -2.52 -73.77 -19.41
CA GLU C 450 -1.90 -72.45 -19.34
C GLU C 450 -1.83 -71.80 -20.72
N ALA C 451 -1.46 -72.57 -21.73
CA ALA C 451 -1.38 -72.04 -23.09
C ALA C 451 -2.76 -71.62 -23.59
N ILE C 452 -3.79 -72.42 -23.31
CA ILE C 452 -5.14 -72.07 -23.73
C ILE C 452 -5.61 -70.81 -23.02
N SER C 453 -5.33 -70.70 -21.73
CA SER C 453 -5.71 -69.50 -20.98
C SER C 453 -5.01 -68.26 -21.53
N GLY C 454 -3.72 -68.39 -21.84
CA GLY C 454 -2.99 -67.27 -22.43
C GLY C 454 -3.54 -66.87 -23.78
N LEU C 455 -3.85 -67.85 -24.63
CA LEU C 455 -4.43 -67.55 -25.93
C LEU C 455 -5.76 -66.84 -25.79
N VAL C 456 -6.60 -67.31 -24.86
CA VAL C 456 -7.90 -66.68 -24.63
C VAL C 456 -7.71 -65.24 -24.15
N CYS C 457 -6.78 -65.04 -23.23
CA CYS C 457 -6.53 -63.70 -22.71
C CYS C 457 -6.06 -62.75 -23.81
N LEU C 458 -5.12 -63.22 -24.65
CA LEU C 458 -4.64 -62.38 -25.73
C LEU C 458 -5.72 -62.08 -26.75
N VAL C 459 -6.56 -63.08 -27.07
CA VAL C 459 -7.64 -62.86 -28.04
C VAL C 459 -8.63 -61.84 -27.49
N ASN C 460 -8.99 -61.97 -26.21
CA ASN C 460 -9.93 -61.03 -25.63
C ASN C 460 -9.33 -59.63 -25.54
N CYS C 461 -8.04 -59.53 -25.22
CA CYS C 461 -7.38 -58.23 -25.22
C CYS C 461 -7.40 -57.61 -26.61
N ALA C 462 -7.15 -58.41 -27.64
CA ALA C 462 -7.15 -57.89 -29.00
C ALA C 462 -8.54 -57.42 -29.42
N ILE C 463 -9.57 -58.20 -29.08
CA ILE C 463 -10.92 -57.82 -29.47
C ILE C 463 -11.41 -56.65 -28.64
N GLY C 464 -10.84 -56.42 -27.47
CA GLY C 464 -11.19 -55.25 -26.69
C GLY C 464 -10.52 -53.98 -27.13
N MET C 465 -9.70 -54.04 -28.18
CA MET C 465 -9.02 -52.86 -28.69
C MET C 465 -9.98 -51.86 -29.33
N VAL C 466 -11.22 -52.25 -29.59
CA VAL C 466 -12.18 -51.40 -30.27
C VAL C 466 -12.71 -50.27 -29.39
N PHE C 467 -12.23 -50.17 -28.14
CA PHE C 467 -12.67 -49.13 -27.23
C PHE C 467 -11.56 -48.13 -26.91
N THR C 468 -10.65 -47.90 -27.86
CA THR C 468 -9.51 -47.03 -27.62
C THR C 468 -9.29 -46.00 -28.72
N MET C 469 -10.29 -45.76 -29.57
CA MET C 469 -10.19 -44.69 -30.55
C MET C 469 -10.96 -43.47 -30.07
N GLU C 470 -10.94 -42.42 -30.88
CA GLU C 470 -11.59 -41.16 -30.53
C GLU C 470 -13.11 -41.29 -30.44
N ALA C 471 -13.70 -42.37 -30.95
CA ALA C 471 -15.13 -42.60 -30.86
C ALA C 471 -15.47 -43.93 -30.20
N GLY C 472 -14.51 -44.57 -29.53
CA GLY C 472 -14.78 -45.87 -28.95
C GLY C 472 -15.69 -45.80 -27.73
N ASN C 473 -15.80 -44.62 -27.13
CA ASN C 473 -16.62 -44.47 -25.93
C ASN C 473 -18.08 -44.77 -26.22
N TYR C 474 -18.60 -44.31 -27.36
CA TYR C 474 -19.98 -44.61 -27.74
C TYR C 474 -20.18 -46.10 -27.90
N TRP C 475 -19.21 -46.77 -28.53
CA TRP C 475 -19.28 -48.23 -28.62
C TRP C 475 -19.32 -48.85 -27.23
N PHE C 476 -18.57 -48.29 -26.28
CA PHE C 476 -18.57 -48.84 -24.93
C PHE C 476 -19.92 -48.66 -24.25
N ASP C 477 -20.54 -47.49 -24.40
CA ASP C 477 -21.87 -47.33 -23.81
C ASP C 477 -22.88 -48.27 -24.46
N ILE C 478 -22.75 -48.49 -25.77
CA ILE C 478 -23.61 -49.49 -26.43
C ILE C 478 -23.39 -50.86 -25.83
N PHE C 479 -22.13 -51.23 -25.60
CA PHE C 479 -21.83 -52.55 -25.06
C PHE C 479 -22.21 -52.69 -23.60
N ASN C 480 -22.39 -51.58 -22.89
CA ASN C 480 -22.66 -51.67 -21.46
C ASN C 480 -24.11 -51.34 -21.11
N ASP C 481 -24.71 -50.35 -21.76
CA ASP C 481 -26.04 -49.89 -21.39
C ASP C 481 -27.10 -50.27 -22.43
N TYR C 482 -26.94 -49.86 -23.68
CA TYR C 482 -28.00 -49.98 -24.66
C TYR C 482 -28.07 -51.42 -25.15
N ALA C 483 -29.19 -52.09 -24.87
CA ALA C 483 -29.43 -53.46 -25.30
C ALA C 483 -28.26 -54.37 -24.96
N ALA C 484 -27.71 -54.20 -23.77
CA ALA C 484 -26.55 -54.96 -23.31
C ALA C 484 -26.99 -55.96 -22.26
N THR C 485 -26.58 -57.22 -22.43
CA THR C 485 -26.90 -58.31 -21.50
C THR C 485 -28.41 -58.48 -21.33
N LEU C 486 -29.18 -58.12 -22.36
CA LEU C 486 -30.62 -58.34 -22.32
C LEU C 486 -30.97 -59.81 -22.53
N SER C 487 -30.10 -60.56 -23.19
CA SER C 487 -30.32 -61.99 -23.36
C SER C 487 -30.27 -62.73 -22.03
N LEU C 488 -29.74 -62.10 -20.98
CA LEU C 488 -29.81 -62.70 -19.65
C LEU C 488 -31.25 -62.90 -19.24
N LEU C 489 -32.12 -61.95 -19.59
CA LEU C 489 -33.54 -62.08 -19.28
C LEU C 489 -34.13 -63.32 -19.93
N LEU C 490 -33.85 -63.53 -21.22
CA LEU C 490 -34.42 -64.69 -21.91
C LEU C 490 -33.80 -65.98 -21.39
N ILE C 491 -32.53 -65.95 -20.98
CA ILE C 491 -31.91 -67.13 -20.39
C ILE C 491 -32.62 -67.51 -19.10
N VAL C 492 -32.86 -66.53 -18.24
CA VAL C 492 -33.57 -66.79 -16.99
C VAL C 492 -34.99 -67.28 -17.26
N LEU C 493 -35.64 -66.68 -18.25
CA LEU C 493 -37.00 -67.09 -18.61
C LEU C 493 -37.02 -68.55 -19.06
N VAL C 494 -36.08 -68.94 -19.90
CA VAL C 494 -36.00 -70.31 -20.37
C VAL C 494 -35.75 -71.25 -19.20
N GLU C 495 -34.84 -70.87 -18.29
CA GLU C 495 -34.56 -71.71 -17.14
C GLU C 495 -35.81 -71.90 -16.28
N THR C 496 -36.55 -70.83 -16.02
CA THR C 496 -37.68 -70.94 -15.11
C THR C 496 -38.84 -71.68 -15.75
N ILE C 497 -39.04 -71.52 -17.07
CA ILE C 497 -40.12 -72.29 -17.71
C ILE C 497 -39.74 -73.77 -17.75
N ALA C 498 -38.45 -74.07 -17.94
CA ALA C 498 -38.01 -75.46 -17.88
C ALA C 498 -38.25 -76.05 -16.50
N VAL C 499 -37.98 -75.27 -15.45
CA VAL C 499 -38.26 -75.76 -14.09
C VAL C 499 -39.77 -75.92 -13.87
N CYS C 500 -40.58 -75.05 -14.46
CA CYS C 500 -42.01 -75.08 -14.23
C CYS C 500 -42.70 -76.26 -14.90
N TYR C 501 -42.00 -76.99 -15.75
CA TYR C 501 -42.61 -78.09 -16.49
C TYR C 501 -42.80 -79.30 -15.57
N VAL C 502 -43.25 -80.41 -16.17
CA VAL C 502 -43.57 -81.63 -15.43
C VAL C 502 -42.32 -82.18 -14.74
N TYR C 503 -41.14 -81.89 -15.31
CA TYR C 503 -39.90 -82.32 -14.68
C TYR C 503 -39.60 -81.52 -13.41
N GLY C 504 -40.34 -80.44 -13.16
CA GLY C 504 -40.15 -79.67 -11.95
C GLY C 504 -41.33 -79.67 -11.02
N LEU C 505 -41.10 -80.03 -9.76
CA LEU C 505 -42.10 -79.97 -8.70
C LEU C 505 -43.28 -80.92 -8.96
N ARG C 506 -43.15 -81.79 -9.95
CA ARG C 506 -44.19 -82.77 -10.24
C ARG C 506 -43.61 -84.18 -10.23
N ARG C 507 -42.40 -84.33 -10.76
CA ARG C 507 -41.67 -85.58 -10.72
C ARG C 507 -40.30 -85.43 -10.06
N PHE C 508 -39.62 -84.32 -10.29
CA PHE C 508 -38.31 -84.05 -9.73
C PHE C 508 -38.38 -82.75 -8.92
N GLU C 509 -37.65 -82.70 -7.81
CA GLU C 509 -37.76 -81.62 -6.82
C GLU C 509 -39.15 -81.58 -6.21
N SER C 510 -39.83 -82.72 -6.21
CA SER C 510 -41.21 -82.81 -5.71
C SER C 510 -41.22 -83.03 -4.20
N ASP C 511 -40.83 -81.98 -3.48
CA ASP C 511 -40.84 -81.97 -2.02
C ASP C 511 -40.02 -83.15 -1.46
N LEU C 512 -38.81 -83.29 -1.97
CA LEU C 512 -37.93 -84.39 -1.58
C LEU C 512 -37.21 -84.05 -0.28
N LYS C 513 -36.75 -85.09 0.42
CA LYS C 513 -35.98 -84.90 1.64
C LYS C 513 -34.57 -84.42 1.34
N ALA C 514 -34.10 -84.62 0.10
CA ALA C 514 -32.71 -84.37 -0.26
C ALA C 514 -32.26 -82.94 0.02
N MET C 515 -33.16 -81.97 0.01
CA MET C 515 -32.77 -80.60 0.33
C MET C 515 -32.78 -80.36 1.84
N THR C 516 -32.01 -81.15 2.57
CA THR C 516 -31.75 -80.97 4.00
C THR C 516 -33.01 -81.03 4.86
N GLY C 517 -34.15 -81.36 4.26
CA GLY C 517 -35.39 -81.52 5.00
C GLY C 517 -36.02 -80.25 5.51
N ARG C 518 -35.44 -79.09 5.22
CA ARG C 518 -35.97 -77.81 5.69
C ARG C 518 -36.31 -76.94 4.49
N ALA C 519 -37.27 -76.02 4.71
CA ALA C 519 -37.74 -75.11 3.68
C ALA C 519 -38.19 -75.87 2.43
N VAL C 520 -38.93 -76.95 2.64
CA VAL C 520 -39.33 -77.86 1.58
C VAL C 520 -40.70 -77.43 1.08
N SER C 521 -40.76 -77.03 -0.19
CA SER C 521 -42.01 -76.67 -0.87
C SER C 521 -42.80 -75.60 -0.11
N TRP C 522 -42.10 -74.60 0.42
CA TRP C 522 -42.78 -73.55 1.15
C TRP C 522 -43.51 -72.62 0.20
N TYR C 523 -44.06 -71.53 0.76
CA TYR C 523 -44.85 -70.61 -0.05
C TYR C 523 -43.99 -69.84 -1.06
N TRP C 524 -42.67 -69.93 -0.93
CA TRP C 524 -41.80 -69.19 -1.86
C TRP C 524 -42.01 -69.64 -3.30
N LYS C 525 -42.56 -70.83 -3.49
CA LYS C 525 -42.84 -71.29 -4.85
C LYS C 525 -43.71 -70.30 -5.59
N VAL C 526 -44.60 -69.60 -4.88
CA VAL C 526 -45.54 -68.69 -5.54
C VAL C 526 -44.81 -67.63 -6.34
N MET C 527 -43.52 -67.41 -6.07
CA MET C 527 -42.76 -66.62 -7.05
C MET C 527 -42.06 -67.52 -8.07
N TRP C 528 -41.21 -68.45 -7.63
CA TRP C 528 -40.30 -69.05 -8.60
C TRP C 528 -41.01 -70.11 -9.44
N ALA C 529 -42.16 -70.58 -8.97
CA ALA C 529 -43.05 -71.39 -9.79
C ALA C 529 -44.29 -70.64 -10.22
N GLY C 530 -44.47 -69.41 -9.74
CA GLY C 530 -45.69 -68.66 -9.96
C GLY C 530 -45.56 -67.38 -10.77
N VAL C 531 -45.42 -66.26 -10.06
CA VAL C 531 -45.62 -64.95 -10.69
C VAL C 531 -44.39 -64.52 -11.48
N SER C 532 -43.21 -64.96 -11.06
CA SER C 532 -41.97 -64.51 -11.70
C SER C 532 -41.94 -64.70 -13.21
N PRO C 533 -42.33 -65.89 -13.72
CA PRO C 533 -42.29 -65.96 -15.19
C PRO C 533 -43.07 -64.83 -15.83
N LEU C 534 -44.30 -64.62 -15.38
CA LEU C 534 -45.12 -63.55 -15.95
C LEU C 534 -44.42 -62.21 -15.77
N LEU C 535 -43.79 -62.02 -14.62
CA LEU C 535 -43.09 -60.77 -14.37
C LEU C 535 -42.08 -60.54 -15.47
N ILE C 536 -41.49 -61.61 -15.97
CA ILE C 536 -40.46 -61.48 -17.00
C ILE C 536 -41.05 -60.90 -18.29
N VAL C 537 -42.24 -61.36 -18.67
CA VAL C 537 -42.86 -60.84 -19.88
C VAL C 537 -43.66 -59.57 -19.65
N SER C 538 -44.05 -59.28 -18.41
CA SER C 538 -44.89 -58.11 -18.14
C SER C 538 -44.19 -56.81 -18.54
N LEU C 539 -42.88 -56.70 -18.26
CA LEU C 539 -42.13 -55.54 -18.69
C LEU C 539 -41.48 -55.72 -20.06
N PHE C 540 -41.30 -56.96 -20.50
CA PHE C 540 -40.80 -57.20 -21.85
C PHE C 540 -41.79 -56.69 -22.89
N VAL C 541 -43.09 -56.91 -22.66
CA VAL C 541 -44.10 -56.45 -23.61
C VAL C 541 -44.11 -54.92 -23.66
N PHE C 542 -43.95 -54.27 -22.51
CA PHE C 542 -43.85 -52.82 -22.51
C PHE C 542 -42.63 -52.34 -23.27
N TYR C 543 -41.50 -53.01 -23.08
CA TYR C 543 -40.27 -52.63 -23.80
C TYR C 543 -40.48 -52.74 -25.30
N LEU C 544 -40.99 -53.88 -25.78
CA LEU C 544 -41.18 -54.04 -27.21
C LEU C 544 -42.27 -53.13 -27.76
N SER C 545 -43.27 -52.78 -26.95
CA SER C 545 -44.28 -51.84 -27.39
C SER C 545 -43.69 -50.44 -27.57
N ASP C 546 -42.88 -50.00 -26.62
CA ASP C 546 -42.25 -48.69 -26.74
C ASP C 546 -41.25 -48.66 -27.89
N TYR C 547 -40.54 -49.77 -28.12
CA TYR C 547 -39.56 -49.80 -29.21
C TYR C 547 -40.22 -49.54 -30.55
N ILE C 548 -41.38 -50.13 -30.80
CA ILE C 548 -42.07 -49.96 -32.06
C ILE C 548 -42.88 -48.66 -32.09
N LEU C 549 -43.41 -48.23 -30.95
CA LEU C 549 -44.18 -47.00 -30.91
C LEU C 549 -43.29 -45.78 -31.17
N THR C 550 -42.19 -45.68 -30.44
CA THR C 550 -41.27 -44.57 -30.66
C THR C 550 -40.50 -44.74 -31.96
N GLY C 551 -39.96 -45.93 -32.20
CA GLY C 551 -39.20 -46.20 -33.40
C GLY C 551 -37.97 -45.33 -33.55
N THR C 552 -37.42 -44.85 -32.44
CA THR C 552 -36.28 -43.94 -32.46
C THR C 552 -35.44 -44.16 -31.21
N LEU C 553 -34.12 -44.16 -31.40
CA LEU C 553 -33.19 -44.34 -30.30
C LEU C 553 -32.17 -43.21 -30.33
N LYS C 554 -31.85 -42.67 -29.15
CA LYS C 554 -30.96 -41.52 -29.02
C LYS C 554 -29.78 -41.88 -28.13
N TYR C 555 -28.59 -41.50 -28.55
CA TYR C 555 -27.36 -41.68 -27.77
C TYR C 555 -26.81 -40.30 -27.43
N GLN C 556 -26.11 -40.21 -26.31
CA GLN C 556 -25.58 -38.94 -25.84
C GLN C 556 -24.24 -38.64 -26.51
N ALA C 557 -24.08 -37.40 -26.94
CA ALA C 557 -22.85 -36.88 -27.51
C ALA C 557 -22.33 -35.73 -26.66
N TRP C 558 -21.01 -35.55 -26.67
CA TRP C 558 -20.34 -34.58 -25.81
C TRP C 558 -20.61 -33.14 -26.22
N ASP C 559 -20.47 -32.82 -27.51
CA ASP C 559 -20.72 -31.49 -28.05
C ASP C 559 -19.86 -30.43 -27.34
N ALA C 560 -18.55 -30.56 -27.55
CA ALA C 560 -17.59 -29.68 -26.89
C ALA C 560 -17.81 -28.22 -27.27
N SER C 561 -18.48 -27.96 -28.40
CA SER C 561 -18.72 -26.59 -28.83
C SER C 561 -19.53 -25.80 -27.81
N GLN C 562 -20.40 -26.49 -27.06
CA GLN C 562 -21.20 -25.86 -26.03
C GLN C 562 -20.83 -26.29 -24.62
N GLY C 563 -20.39 -27.53 -24.43
CA GLY C 563 -20.03 -28.02 -23.12
C GLY C 563 -21.08 -28.87 -22.44
N GLN C 564 -22.15 -29.24 -23.13
CA GLN C 564 -23.21 -30.06 -22.56
C GLN C 564 -23.56 -31.19 -23.52
N LEU C 565 -23.94 -32.33 -22.95
CA LEU C 565 -24.31 -33.47 -23.76
C LEU C 565 -25.61 -33.23 -24.50
N VAL C 566 -25.69 -33.77 -25.71
CA VAL C 566 -26.86 -33.65 -26.58
C VAL C 566 -27.27 -35.04 -27.03
N THR C 567 -28.39 -35.11 -27.75
CA THR C 567 -28.93 -36.37 -28.25
C THR C 567 -28.71 -36.47 -29.75
N LYS C 568 -28.31 -37.66 -30.21
CA LYS C 568 -28.15 -37.92 -31.63
C LYS C 568 -28.68 -39.30 -31.96
N ASP C 569 -28.96 -39.52 -33.24
CA ASP C 569 -29.59 -40.75 -33.69
C ASP C 569 -28.54 -41.80 -34.05
N TYR C 570 -28.84 -43.05 -33.71
CA TYR C 570 -27.97 -44.15 -34.07
C TYR C 570 -27.99 -44.39 -35.58
N PRO C 571 -26.86 -44.79 -36.14
CA PRO C 571 -26.81 -45.18 -37.55
C PRO C 571 -27.42 -46.56 -37.74
N ALA C 572 -27.64 -46.92 -39.00
CA ALA C 572 -28.27 -48.20 -39.33
C ALA C 572 -27.38 -49.37 -38.94
N TYR C 573 -26.07 -49.25 -39.19
CA TYR C 573 -25.18 -50.36 -38.89
C TYR C 573 -25.06 -50.61 -37.39
N ALA C 574 -25.27 -49.59 -36.57
CA ALA C 574 -25.35 -49.81 -35.13
C ALA C 574 -26.54 -50.70 -34.79
N LEU C 575 -27.69 -50.44 -35.41
CA LEU C 575 -28.84 -51.30 -35.21
C LEU C 575 -28.55 -52.72 -35.68
N ALA C 576 -27.89 -52.85 -36.83
CA ALA C 576 -27.57 -54.18 -37.34
C ALA C 576 -26.66 -54.94 -36.39
N VAL C 577 -25.62 -54.26 -35.87
CA VAL C 577 -24.66 -54.95 -35.02
C VAL C 577 -25.28 -55.32 -33.68
N ILE C 578 -26.12 -54.45 -33.12
CA ILE C 578 -26.77 -54.80 -31.85
C ILE C 578 -27.77 -55.94 -32.07
N GLY C 579 -28.46 -55.94 -33.22
CA GLY C 579 -29.38 -57.03 -33.52
C GLY C 579 -28.67 -58.36 -33.64
N LEU C 580 -27.55 -58.40 -34.37
CA LEU C 580 -26.81 -59.65 -34.46
C LEU C 580 -26.19 -60.03 -33.12
N LEU C 581 -25.82 -59.05 -32.29
CA LEU C 581 -25.28 -59.34 -30.97
C LEU C 581 -26.32 -60.06 -30.11
N VAL C 582 -27.54 -59.54 -30.06
CA VAL C 582 -28.57 -60.21 -29.26
C VAL C 582 -28.96 -61.54 -29.89
N ALA C 583 -28.97 -61.61 -31.22
CA ALA C 583 -29.30 -62.86 -31.89
C ALA C 583 -28.29 -63.96 -31.55
N SER C 584 -27.01 -63.59 -31.45
CA SER C 584 -25.95 -64.57 -31.20
C SER C 584 -26.22 -65.36 -29.93
N SER C 585 -26.81 -64.73 -28.91
CA SER C 585 -27.20 -65.42 -27.70
C SER C 585 -28.65 -65.89 -27.74
N THR C 586 -29.45 -65.41 -28.70
CA THR C 586 -30.85 -65.81 -28.76
C THR C 586 -31.04 -67.16 -29.45
N MET C 587 -30.36 -67.37 -30.58
CA MET C 587 -30.69 -68.51 -31.44
C MET C 587 -30.04 -69.82 -31.01
N CYS C 588 -29.38 -69.86 -29.85
CA CYS C 588 -28.63 -71.05 -29.45
C CYS C 588 -29.52 -72.27 -29.27
N ILE C 589 -30.62 -72.13 -28.54
CA ILE C 589 -31.48 -73.28 -28.25
C ILE C 589 -32.07 -73.90 -29.50
N PRO C 590 -32.63 -73.13 -30.46
CA PRO C 590 -33.16 -73.77 -31.68
C PRO C 590 -32.12 -74.59 -32.43
N LEU C 591 -30.86 -74.17 -32.44
CA LEU C 591 -29.82 -75.00 -33.05
C LEU C 591 -29.67 -76.33 -32.35
N ALA C 592 -29.69 -76.33 -31.02
CA ALA C 592 -29.59 -77.57 -30.26
C ALA C 592 -30.79 -78.47 -30.51
N ALA C 593 -31.97 -77.88 -30.68
CA ALA C 593 -33.15 -78.68 -30.98
C ALA C 593 -32.96 -79.52 -32.24
N LEU C 594 -32.51 -78.88 -33.32
CA LEU C 594 -32.27 -79.61 -34.56
C LEU C 594 -31.08 -80.56 -34.42
N GLY C 595 -30.05 -80.16 -33.67
CA GLY C 595 -28.90 -81.02 -33.46
C GLY C 595 -29.24 -82.30 -32.73
N THR C 596 -30.23 -82.27 -31.84
CA THR C 596 -30.72 -83.49 -31.23
C THR C 596 -31.73 -84.24 -32.10
N PHE C 597 -32.56 -83.51 -32.84
CA PHE C 597 -33.55 -84.17 -33.69
C PHE C 597 -32.91 -84.96 -34.82
N VAL C 598 -31.80 -84.47 -35.38
CA VAL C 598 -31.16 -85.20 -36.47
C VAL C 598 -30.66 -86.56 -36.00
N GLN C 599 -30.08 -86.63 -34.80
CA GLN C 599 -29.70 -87.92 -34.23
C GLN C 599 -30.92 -88.74 -33.85
N ARG C 600 -31.98 -88.08 -33.37
CA ARG C 600 -33.19 -88.80 -32.98
C ARG C 600 -33.87 -89.47 -34.18
N ARG C 601 -33.67 -88.90 -35.38
CA ARG C 601 -34.31 -89.47 -36.57
C ARG C 601 -33.85 -90.90 -36.82
N LEU C 602 -32.55 -91.16 -36.68
CA LEU C 602 -32.00 -92.49 -36.89
C LEU C 602 -32.05 -93.31 -35.61
N SER D 20 -60.01 61.17 7.52
CA SER D 20 -59.69 59.76 7.66
C SER D 20 -58.20 59.52 7.60
N ILE D 21 -57.78 58.29 7.91
CA ILE D 21 -56.36 57.94 7.87
C ILE D 21 -55.80 58.08 6.46
N GLU D 22 -56.65 57.93 5.45
CA GLU D 22 -56.20 58.12 4.07
C GLU D 22 -55.71 59.54 3.84
N GLU D 23 -56.43 60.52 4.38
CA GLU D 23 -55.99 61.91 4.26
C GLU D 23 -54.66 62.13 4.96
N GLN D 24 -54.47 61.52 6.13
CA GLN D 24 -53.20 61.64 6.85
C GLN D 24 -52.06 61.04 6.03
N ALA D 25 -52.30 59.86 5.43
CA ALA D 25 -51.27 59.26 4.59
C ALA D 25 -50.96 60.12 3.38
N LYS D 26 -52.01 60.70 2.76
CA LYS D 26 -51.80 61.53 1.59
C LYS D 26 -51.00 62.77 1.92
N THR D 27 -51.31 63.44 3.03
CA THR D 27 -50.55 64.63 3.40
C THR D 27 -49.15 64.26 3.87
N PHE D 28 -48.98 63.07 4.45
CA PHE D 28 -47.65 62.58 4.79
C PHE D 28 -46.80 62.43 3.53
N LEU D 29 -47.36 61.80 2.50
CA LEU D 29 -46.63 61.66 1.23
C LEU D 29 -46.38 63.01 0.58
N ASP D 30 -47.34 63.93 0.69
CA ASP D 30 -47.17 65.27 0.13
C ASP D 30 -46.02 66.00 0.80
N LYS D 31 -45.90 65.87 2.12
CA LYS D 31 -44.76 66.48 2.80
C LYS D 31 -43.46 65.76 2.46
N PHE D 32 -43.51 64.43 2.35
CA PHE D 32 -42.29 63.65 2.16
C PHE D 32 -41.68 63.84 0.77
N ASN D 33 -42.53 64.00 -0.25
CA ASN D 33 -42.04 63.97 -1.62
C ASN D 33 -41.12 65.15 -1.92
N HIS D 34 -41.46 66.33 -1.40
CA HIS D 34 -40.63 67.51 -1.66
C HIS D 34 -39.23 67.33 -1.08
N GLU D 35 -39.14 66.88 0.18
CA GLU D 35 -37.84 66.67 0.79
C GLU D 35 -37.07 65.55 0.09
N ALA D 36 -37.76 64.48 -0.29
CA ALA D 36 -37.09 63.39 -1.00
C ALA D 36 -36.54 63.86 -2.33
N GLU D 37 -37.33 64.65 -3.07
CA GLU D 37 -36.87 65.18 -4.35
C GLU D 37 -35.69 66.12 -4.15
N ASP D 38 -35.73 66.96 -3.12
CA ASP D 38 -34.62 67.86 -2.86
C ASP D 38 -33.34 67.10 -2.54
N LEU D 39 -33.45 66.07 -1.69
CA LEU D 39 -32.27 65.28 -1.35
C LEU D 39 -31.73 64.55 -2.57
N PHE D 40 -32.61 63.97 -3.38
CA PHE D 40 -32.18 63.28 -4.59
C PHE D 40 -31.52 64.26 -5.57
N TYR D 41 -32.06 65.46 -5.69
CA TYR D 41 -31.48 66.45 -6.59
C TYR D 41 -30.10 66.89 -6.12
N GLN D 42 -29.93 67.08 -4.81
CA GLN D 42 -28.62 67.43 -4.28
C GLN D 42 -27.62 66.30 -4.50
N SER D 43 -28.05 65.06 -4.30
CA SER D 43 -27.18 63.92 -4.56
C SER D 43 -26.79 63.84 -6.03
N SER D 44 -27.75 64.11 -6.92
CA SER D 44 -27.47 64.11 -8.35
C SER D 44 -26.48 65.21 -8.71
N LEU D 45 -26.64 66.40 -8.13
CA LEU D 45 -25.69 67.48 -8.36
C LEU D 45 -24.30 67.09 -7.89
N ALA D 46 -24.22 66.45 -6.73
CA ALA D 46 -22.92 65.98 -6.23
C ALA D 46 -22.30 64.96 -7.18
N SER D 47 -23.10 64.02 -7.69
CA SER D 47 -22.59 63.01 -8.61
C SER D 47 -22.07 63.65 -9.88
N TRP D 48 -22.83 64.61 -10.42
CA TRP D 48 -22.39 65.31 -11.63
C TRP D 48 -21.10 66.06 -11.38
N ASN D 49 -20.98 66.72 -10.23
CA ASN D 49 -19.77 67.46 -9.92
C ASN D 49 -18.57 66.53 -9.80
N TYR D 50 -18.74 65.40 -9.12
CA TYR D 50 -17.63 64.45 -8.95
C TYR D 50 -17.21 63.87 -10.29
N ASN D 51 -18.17 63.48 -11.12
CA ASN D 51 -17.81 62.98 -12.45
C ASN D 51 -17.12 64.06 -13.27
N THR D 52 -17.51 65.32 -13.06
CA THR D 52 -16.82 66.44 -13.69
C THR D 52 -15.51 66.79 -12.97
N ASN D 53 -15.44 66.61 -11.65
CA ASN D 53 -14.29 67.03 -10.87
C ASN D 53 -14.03 65.99 -9.76
N ILE D 54 -12.87 65.34 -9.82
CA ILE D 54 -12.52 64.32 -8.83
C ILE D 54 -11.78 64.99 -7.68
N THR D 55 -12.45 65.11 -6.53
CA THR D 55 -11.83 65.66 -5.33
C THR D 55 -12.23 64.79 -4.13
N GLU D 56 -11.40 64.84 -3.09
CA GLU D 56 -11.73 64.18 -1.84
C GLU D 56 -12.98 64.81 -1.22
N GLU D 57 -13.11 66.13 -1.34
CA GLU D 57 -14.32 66.81 -0.88
C GLU D 57 -15.55 66.26 -1.60
N ASN D 58 -15.41 65.98 -2.89
CA ASN D 58 -16.52 65.37 -3.64
C ASN D 58 -16.85 63.99 -3.09
N VAL D 59 -15.84 63.21 -2.72
CA VAL D 59 -16.07 61.87 -2.20
C VAL D 59 -16.79 61.93 -0.85
N GLN D 60 -16.34 62.82 0.04
CA GLN D 60 -17.02 62.95 1.32
C GLN D 60 -18.41 63.53 1.15
N ASN D 61 -18.62 64.36 0.11
CA ASN D 61 -19.96 64.81 -0.21
C ASN D 61 -20.84 63.65 -0.63
N MET D 62 -20.29 62.72 -1.42
CA MET D 62 -20.99 61.46 -1.69
C MET D 62 -21.39 60.77 -0.41
N ASN D 63 -20.43 60.58 0.49
CA ASN D 63 -20.72 59.84 1.72
C ASN D 63 -21.83 60.52 2.51
N ASN D 64 -21.72 61.83 2.70
CA ASN D 64 -22.71 62.56 3.49
C ASN D 64 -24.08 62.55 2.84
N ALA D 65 -24.14 62.86 1.54
CA ALA D 65 -25.42 62.92 0.84
C ALA D 65 -26.10 61.56 0.79
N GLY D 66 -25.34 60.51 0.49
CA GLY D 66 -25.91 59.17 0.48
C GLY D 66 -26.41 58.73 1.84
N ASP D 67 -25.62 59.00 2.89
CA ASP D 67 -26.06 58.64 4.23
C ASP D 67 -27.31 59.41 4.62
N LYS D 68 -27.37 60.70 4.29
CA LYS D 68 -28.55 61.50 4.61
C LYS D 68 -29.77 60.98 3.88
N TRP D 69 -29.62 60.67 2.59
CA TRP D 69 -30.74 60.18 1.80
C TRP D 69 -31.24 58.83 2.32
N SER D 70 -30.30 57.92 2.64
CA SER D 70 -30.69 56.62 3.18
C SER D 70 -31.38 56.76 4.54
N ALA D 71 -30.86 57.63 5.40
CA ALA D 71 -31.48 57.83 6.71
C ALA D 71 -32.88 58.42 6.56
N PHE D 72 -33.04 59.38 5.64
CA PHE D 72 -34.36 59.94 5.40
C PHE D 72 -35.32 58.88 4.89
N LEU D 73 -34.86 58.03 3.97
CA LEU D 73 -35.72 56.96 3.46
C LEU D 73 -36.13 56.01 4.58
N LYS D 74 -35.17 55.62 5.43
CA LYS D 74 -35.46 54.68 6.51
C LYS D 74 -36.44 55.29 7.51
N GLU D 75 -36.22 56.55 7.89
CA GLU D 75 -37.10 57.18 8.85
C GLU D 75 -38.50 57.37 8.28
N GLN D 76 -38.60 57.72 7.00
CA GLN D 76 -39.92 57.87 6.38
C GLN D 76 -40.63 56.53 6.31
N SER D 77 -39.90 55.46 5.99
CA SER D 77 -40.51 54.13 5.95
C SER D 77 -41.01 53.72 7.33
N THR D 78 -40.20 53.96 8.36
CA THR D 78 -40.61 53.61 9.72
C THR D 78 -41.83 54.43 10.15
N LEU D 79 -41.88 55.70 9.76
CA LEU D 79 -43.01 56.54 10.13
C LEU D 79 -44.28 56.11 9.40
N ALA D 80 -44.16 55.75 8.12
CA ALA D 80 -45.31 55.36 7.32
C ALA D 80 -45.74 53.92 7.53
N GLN D 81 -44.92 53.11 8.20
CA GLN D 81 -45.26 51.71 8.38
C GLN D 81 -46.51 51.50 9.21
N MET D 82 -46.93 52.49 9.99
CA MET D 82 -48.15 52.34 10.79
C MET D 82 -49.42 52.54 9.97
N TYR D 83 -49.31 53.05 8.76
CA TYR D 83 -50.47 53.11 7.87
C TYR D 83 -50.79 51.71 7.35
N PRO D 84 -52.00 51.22 7.53
CA PRO D 84 -52.34 49.90 6.99
C PRO D 84 -52.50 49.94 5.47
N LEU D 85 -52.40 48.75 4.87
CA LEU D 85 -52.37 48.65 3.41
C LEU D 85 -53.72 48.36 2.81
N GLN D 86 -54.45 47.38 3.34
CA GLN D 86 -55.70 46.94 2.71
C GLN D 86 -56.87 47.83 3.08
N GLU D 87 -56.67 49.15 2.98
CA GLU D 87 -57.75 50.12 3.22
C GLU D 87 -57.84 51.21 2.17
N ILE D 88 -56.80 51.46 1.38
CA ILE D 88 -56.81 52.52 0.38
C ILE D 88 -57.04 51.86 -0.98
N GLN D 89 -58.21 52.12 -1.56
CA GLN D 89 -58.55 51.55 -2.87
C GLN D 89 -58.00 52.37 -4.03
N ASN D 90 -57.40 53.53 -3.74
CA ASN D 90 -56.80 54.36 -4.79
C ASN D 90 -55.41 53.80 -5.07
N LEU D 91 -55.21 53.31 -6.30
CA LEU D 91 -54.02 52.53 -6.61
C LEU D 91 -52.77 53.38 -6.80
N THR D 92 -52.90 54.61 -7.30
CA THR D 92 -51.71 55.41 -7.58
C THR D 92 -51.01 55.87 -6.31
N VAL D 93 -51.65 55.73 -5.15
CA VAL D 93 -51.00 56.06 -3.88
C VAL D 93 -50.65 54.75 -3.18
N LYS D 94 -51.43 53.70 -3.44
CA LYS D 94 -51.09 52.39 -2.90
C LYS D 94 -49.77 51.87 -3.46
N LEU D 95 -49.49 52.17 -4.72
CA LEU D 95 -48.22 51.78 -5.31
C LEU D 95 -47.05 52.47 -4.60
N GLN D 96 -47.21 53.77 -4.30
CA GLN D 96 -46.18 54.48 -3.56
C GLN D 96 -46.01 53.91 -2.16
N LEU D 97 -47.12 53.58 -1.50
CA LEU D 97 -47.04 52.97 -0.17
C LEU D 97 -46.29 51.66 -0.22
N GLN D 98 -46.58 50.82 -1.23
CA GLN D 98 -45.87 49.56 -1.37
C GLN D 98 -44.39 49.78 -1.66
N ALA D 99 -44.07 50.75 -2.52
CA ALA D 99 -42.68 50.98 -2.91
C ALA D 99 -41.89 51.61 -1.77
N LEU D 100 -42.57 52.21 -0.79
CA LEU D 100 -41.91 52.73 0.39
C LEU D 100 -42.03 51.81 1.60
N GLN D 101 -42.76 50.70 1.47
CA GLN D 101 -43.07 49.85 2.62
C GLN D 101 -42.01 48.78 2.88
N GLN D 102 -41.11 48.51 1.92
CA GLN D 102 -40.13 47.45 2.09
C GLN D 102 -39.23 47.73 3.28
N ASN D 103 -39.05 46.73 4.15
CA ASN D 103 -38.18 46.90 5.30
C ASN D 103 -36.74 46.49 4.99
N GLY D 104 -36.53 45.87 3.82
CA GLY D 104 -35.19 45.54 3.37
C GLY D 104 -34.46 44.56 4.27
N SER D 105 -33.14 44.73 4.30
CA SER D 105 -32.27 43.87 5.10
C SER D 105 -32.29 44.22 6.58
N SER D 106 -32.97 45.30 6.96
CA SER D 106 -33.01 45.70 8.37
C SER D 106 -33.68 44.66 9.25
N VAL D 107 -34.53 43.81 8.68
CA VAL D 107 -35.16 42.74 9.45
C VAL D 107 -34.11 41.76 9.95
N LEU D 108 -33.00 41.65 9.24
CA LEU D 108 -31.96 40.71 9.63
C LEU D 108 -31.16 41.26 10.81
N SER D 109 -30.51 40.36 11.54
CA SER D 109 -29.79 40.74 12.75
C SER D 109 -28.60 41.65 12.41
N GLU D 110 -28.21 42.46 13.39
CA GLU D 110 -27.18 43.47 13.17
C GLU D 110 -25.82 42.84 12.86
N ASP D 111 -25.40 41.87 13.67
CA ASP D 111 -24.13 41.19 13.41
C ASP D 111 -24.18 40.47 12.07
N LYS D 112 -25.31 39.82 11.78
CA LYS D 112 -25.48 39.18 10.49
C LYS D 112 -25.46 40.21 9.36
N SER D 113 -26.05 41.38 9.60
CA SER D 113 -26.07 42.42 8.58
C SER D 113 -24.66 42.90 8.24
N LYS D 114 -23.86 43.20 9.27
CA LYS D 114 -22.50 43.66 9.01
C LYS D 114 -21.66 42.54 8.40
N ARG D 115 -21.89 41.29 8.81
CA ARG D 115 -21.19 40.18 8.17
C ARG D 115 -21.53 40.10 6.69
N LEU D 116 -22.81 40.25 6.35
CA LEU D 116 -23.23 40.21 4.95
C LEU D 116 -22.60 41.35 4.15
N ASN D 117 -22.58 42.55 4.72
CA ASN D 117 -21.97 43.68 4.03
C ASN D 117 -20.48 43.46 3.81
N THR D 118 -19.79 42.94 4.84
CA THR D 118 -18.37 42.65 4.71
C THR D 118 -18.13 41.60 3.62
N ILE D 119 -19.00 40.59 3.56
CA ILE D 119 -18.85 39.53 2.56
C ILE D 119 -19.04 40.08 1.16
N LEU D 120 -20.05 40.95 0.98
CA LEU D 120 -20.28 41.55 -0.33
C LEU D 120 -19.09 42.40 -0.75
N ASN D 121 -18.56 43.20 0.18
CA ASN D 121 -17.40 44.02 -0.14
C ASN D 121 -16.19 43.17 -0.48
N THR D 122 -16.00 42.07 0.25
CA THR D 122 -14.90 41.16 -0.04
C THR D 122 -15.04 40.56 -1.43
N MET D 123 -16.26 40.16 -1.80
CA MET D 123 -16.49 39.60 -3.13
C MET D 123 -16.17 40.61 -4.21
N SER D 124 -16.67 41.84 -4.04
CA SER D 124 -16.39 42.87 -5.04
C SER D 124 -14.90 43.14 -5.16
N THR D 125 -14.20 43.22 -4.02
CA THR D 125 -12.77 43.50 -4.04
C THR D 125 -12.00 42.38 -4.71
N ILE D 126 -12.31 41.12 -4.37
CA ILE D 126 -11.57 39.99 -4.93
C ILE D 126 -11.83 39.88 -6.43
N TYR D 127 -13.05 40.19 -6.87
CA TYR D 127 -13.32 40.20 -8.30
C TYR D 127 -12.55 41.31 -9.00
N SER D 128 -12.47 42.49 -8.37
CA SER D 128 -11.83 43.62 -9.03
C SER D 128 -10.31 43.50 -9.06
N THR D 129 -9.72 42.83 -8.06
CA THR D 129 -8.27 42.83 -7.91
C THR D 129 -7.64 41.45 -8.11
N GLY D 130 -8.38 40.50 -8.68
CA GLY D 130 -7.78 39.20 -8.97
C GLY D 130 -6.75 39.28 -10.07
N LYS D 131 -5.79 38.37 -10.02
CA LYS D 131 -4.72 38.35 -11.01
C LYS D 131 -4.15 36.95 -11.13
N VAL D 132 -3.86 36.54 -12.37
CA VAL D 132 -3.18 35.29 -12.68
C VAL D 132 -2.08 35.61 -13.68
N CYS D 133 -1.13 34.68 -13.82
CA CYS D 133 0.00 34.95 -14.69
C CYS D 133 0.76 33.67 -15.03
N ASN D 134 1.70 33.82 -15.95
CA ASN D 134 2.39 32.70 -16.56
C ASN D 134 3.26 31.97 -15.53
N PRO D 135 3.13 30.66 -15.40
CA PRO D 135 4.09 29.91 -14.57
C PRO D 135 5.51 30.04 -15.03
N ASP D 136 5.74 30.21 -16.34
CA ASP D 136 7.11 30.30 -16.85
C ASP D 136 7.84 31.51 -16.29
N ASN D 137 7.19 32.67 -16.29
CA ASN D 137 7.77 33.91 -15.79
C ASN D 137 6.78 34.54 -14.82
N PRO D 138 6.77 34.08 -13.56
CA PRO D 138 5.80 34.62 -12.60
C PRO D 138 6.07 36.05 -12.17
N GLN D 139 7.09 36.71 -12.70
CA GLN D 139 7.38 38.09 -12.33
C GLN D 139 6.48 39.10 -13.03
N GLU D 140 5.86 38.72 -14.15
CA GLU D 140 4.90 39.58 -14.84
C GLU D 140 3.51 38.95 -14.69
N CYS D 141 2.56 39.74 -14.20
CA CYS D 141 1.23 39.21 -13.96
C CYS D 141 0.18 40.19 -14.47
N LEU D 142 -0.97 39.65 -14.84
CA LEU D 142 -2.01 40.38 -15.55
C LEU D 142 -3.31 40.37 -14.74
N LEU D 143 -4.04 41.48 -14.82
CA LEU D 143 -5.37 41.57 -14.23
C LEU D 143 -6.39 40.96 -15.18
N LEU D 144 -7.67 41.17 -14.92
CA LEU D 144 -8.71 40.65 -15.79
C LEU D 144 -9.14 41.67 -16.84
N GLU D 145 -9.51 42.88 -16.41
CA GLU D 145 -10.04 43.87 -17.34
C GLU D 145 -9.03 44.25 -18.44
N PRO D 146 -7.78 44.59 -18.13
CA PRO D 146 -6.83 44.84 -19.22
C PRO D 146 -6.05 43.59 -19.59
N GLY D 147 -5.74 43.49 -20.88
CA GLY D 147 -4.90 42.41 -21.37
C GLY D 147 -5.60 41.07 -21.48
N LEU D 148 -6.04 40.52 -20.36
CA LEU D 148 -6.63 39.19 -20.35
C LEU D 148 -7.88 39.14 -21.23
N ASN D 149 -8.77 40.13 -21.06
CA ASN D 149 -9.91 40.22 -21.96
C ASN D 149 -9.46 40.45 -23.39
N GLU D 150 -8.45 41.31 -23.58
CA GLU D 150 -7.91 41.53 -24.91
C GLU D 150 -7.30 40.25 -25.47
N ILE D 151 -6.63 39.48 -24.62
CA ILE D 151 -6.05 38.22 -25.07
C ILE D 151 -7.14 37.27 -25.55
N MET D 152 -8.18 37.08 -24.74
CA MET D 152 -9.23 36.16 -25.14
C MET D 152 -10.06 36.69 -26.31
N ALA D 153 -10.03 38.00 -26.54
CA ALA D 153 -10.75 38.58 -27.67
C ALA D 153 -9.89 38.70 -28.92
N ASN D 154 -8.59 38.42 -28.85
CA ASN D 154 -7.74 38.59 -30.02
C ASN D 154 -6.91 37.36 -30.35
N SER D 155 -6.54 36.58 -29.33
CA SER D 155 -5.64 35.46 -29.55
C SER D 155 -6.31 34.36 -30.37
N LEU D 156 -5.49 33.65 -31.15
CA LEU D 156 -5.95 32.53 -31.96
C LEU D 156 -5.22 31.23 -31.59
N ASP D 157 -4.55 31.22 -30.45
CA ASP D 157 -3.79 30.06 -30.01
C ASP D 157 -4.65 29.20 -29.08
N TYR D 158 -4.77 27.92 -29.40
CA TYR D 158 -5.55 27.01 -28.57
C TYR D 158 -4.98 26.92 -27.17
N ASN D 159 -3.66 26.74 -27.07
CA ASN D 159 -3.02 26.54 -25.77
C ASN D 159 -3.14 27.79 -24.90
N GLU D 160 -2.92 28.97 -25.48
CA GLU D 160 -2.99 30.20 -24.69
C GLU D 160 -4.39 30.43 -24.14
N ARG D 161 -5.40 30.27 -24.99
CA ARG D 161 -6.77 30.46 -24.55
C ARG D 161 -7.15 29.44 -23.48
N LEU D 162 -6.76 28.18 -23.68
CA LEU D 162 -7.05 27.16 -22.69
C LEU D 162 -6.40 27.49 -21.35
N TRP D 163 -5.14 27.91 -21.39
CA TRP D 163 -4.44 28.23 -20.15
C TRP D 163 -5.11 29.38 -19.43
N ALA D 164 -5.45 30.44 -20.15
CA ALA D 164 -6.08 31.60 -19.51
C ALA D 164 -7.43 31.21 -18.91
N TRP D 165 -8.25 30.50 -19.69
CA TRP D 165 -9.58 30.13 -19.23
C TRP D 165 -9.51 29.25 -18.00
N GLU D 166 -8.60 28.28 -18.00
CA GLU D 166 -8.49 27.39 -16.83
C GLU D 166 -7.93 28.13 -15.63
N SER D 167 -6.89 28.95 -15.84
CA SER D 167 -6.21 29.58 -14.72
C SER D 167 -7.11 30.60 -14.02
N TRP D 168 -7.86 31.40 -14.77
CA TRP D 168 -8.72 32.38 -14.13
C TRP D 168 -9.71 31.72 -13.19
N ARG D 169 -10.38 30.68 -13.67
CA ARG D 169 -11.33 29.96 -12.82
C ARG D 169 -10.63 29.32 -11.64
N SER D 170 -9.53 28.60 -11.91
CA SER D 170 -8.85 27.88 -10.84
C SER D 170 -8.28 28.79 -9.77
N GLU D 171 -8.04 30.06 -10.09
CA GLU D 171 -7.47 30.99 -9.12
C GLU D 171 -8.47 32.00 -8.56
N VAL D 172 -9.70 32.05 -9.08
CA VAL D 172 -10.72 32.94 -8.55
C VAL D 172 -11.87 32.16 -7.90
N GLY D 173 -12.43 31.19 -8.63
CA GLY D 173 -13.57 30.46 -8.11
C GLY D 173 -13.25 29.66 -6.85
N LYS D 174 -12.03 29.14 -6.76
CA LYS D 174 -11.64 28.40 -5.56
C LYS D 174 -11.71 29.29 -4.33
N GLN D 175 -11.26 30.54 -4.45
CA GLN D 175 -11.39 31.48 -3.35
C GLN D 175 -12.85 31.85 -3.11
N LEU D 176 -13.61 32.03 -4.18
CA LEU D 176 -14.97 32.54 -4.04
C LEU D 176 -15.97 31.49 -3.55
N ARG D 177 -15.63 30.22 -3.61
CA ARG D 177 -16.61 29.17 -3.32
C ARG D 177 -17.22 29.24 -1.92
N PRO D 178 -16.41 29.26 -0.84
CA PRO D 178 -17.05 29.28 0.50
C PRO D 178 -17.87 30.53 0.75
N LEU D 179 -17.39 31.67 0.25
CA LEU D 179 -18.12 32.92 0.43
C LEU D 179 -19.50 32.84 -0.19
N TYR D 180 -19.60 32.29 -1.40
CA TYR D 180 -20.92 32.11 -2.01
C TYR D 180 -21.74 31.07 -1.28
N GLU D 181 -21.10 29.97 -0.85
CA GLU D 181 -21.82 28.92 -0.14
C GLU D 181 -22.49 29.44 1.12
N GLU D 182 -21.90 30.45 1.76
CA GLU D 182 -22.51 31.03 2.94
C GLU D 182 -23.41 32.21 2.59
N TYR D 183 -23.09 32.94 1.51
CA TYR D 183 -23.89 34.07 1.09
C TYR D 183 -25.29 33.64 0.65
N VAL D 184 -25.38 32.49 -0.02
CA VAL D 184 -26.70 31.99 -0.42
C VAL D 184 -27.55 31.71 0.81
N VAL D 185 -26.95 31.15 1.86
CA VAL D 185 -27.69 30.88 3.09
C VAL D 185 -28.16 32.18 3.73
N LEU D 186 -27.27 33.17 3.80
CA LEU D 186 -27.66 34.45 4.38
C LEU D 186 -28.82 35.08 3.61
N LYS D 187 -28.73 35.07 2.27
CA LYS D 187 -29.79 35.65 1.47
C LYS D 187 -31.10 34.89 1.63
N ASN D 188 -31.02 33.56 1.71
CA ASN D 188 -32.22 32.75 1.91
C ASN D 188 -32.89 33.10 3.23
N GLU D 189 -32.09 33.23 4.31
CA GLU D 189 -32.66 33.61 5.59
C GLU D 189 -33.29 35.01 5.53
N MET D 190 -32.61 35.95 4.88
CA MET D 190 -33.14 37.31 4.78
C MET D 190 -34.46 37.30 4.03
N ALA D 191 -34.53 36.58 2.92
CA ALA D 191 -35.76 36.53 2.14
C ALA D 191 -36.89 35.86 2.91
N ARG D 192 -36.57 34.75 3.59
CA ARG D 192 -37.60 34.07 4.38
C ARG D 192 -38.10 34.96 5.51
N ALA D 193 -37.26 35.86 6.02
CA ALA D 193 -37.70 36.80 7.03
C ALA D 193 -38.68 37.85 6.49
N ASN D 194 -38.84 37.94 5.17
CA ASN D 194 -39.69 38.95 4.55
C ASN D 194 -40.86 38.33 3.81
N HIS D 195 -41.37 37.20 4.32
CA HIS D 195 -42.55 36.54 3.77
C HIS D 195 -42.35 36.17 2.30
N TYR D 196 -41.15 35.68 1.97
CA TYR D 196 -40.83 35.21 0.63
C TYR D 196 -40.27 33.80 0.73
N GLU D 197 -40.55 32.99 -0.29
CA GLU D 197 -40.05 31.61 -0.29
C GLU D 197 -38.53 31.59 -0.32
N ASP D 198 -37.92 32.41 -1.17
CA ASP D 198 -36.47 32.50 -1.24
C ASP D 198 -36.11 33.80 -1.93
N TYR D 199 -34.79 34.08 -1.99
CA TYR D 199 -34.34 35.31 -2.62
C TYR D 199 -34.68 35.33 -4.11
N GLY D 200 -34.75 34.15 -4.74
CA GLY D 200 -35.23 34.10 -6.11
C GLY D 200 -36.65 34.60 -6.24
N ASP D 201 -37.50 34.27 -5.27
CA ASP D 201 -38.85 34.82 -5.25
C ASP D 201 -38.82 36.33 -5.10
N TYR D 202 -37.91 36.83 -4.27
CA TYR D 202 -37.78 38.28 -4.10
C TYR D 202 -37.41 38.95 -5.42
N TRP D 203 -36.48 38.35 -6.17
CA TRP D 203 -36.12 38.90 -7.48
C TRP D 203 -37.29 38.83 -8.45
N ARG D 204 -37.99 37.69 -8.48
CA ARG D 204 -39.12 37.54 -9.39
C ARG D 204 -40.27 38.47 -9.04
N GLY D 205 -40.32 38.96 -7.80
CA GLY D 205 -41.36 39.89 -7.40
C GLY D 205 -41.33 41.21 -8.16
N ASP D 206 -40.26 41.49 -8.91
CA ASP D 206 -40.20 42.72 -9.69
C ASP D 206 -41.32 42.78 -10.72
N TYR D 207 -41.57 41.66 -11.41
CA TYR D 207 -42.62 41.60 -12.42
C TYR D 207 -44.00 41.34 -11.84
N GLU D 208 -44.10 41.11 -10.53
CA GLU D 208 -45.38 40.77 -9.93
C GLU D 208 -46.32 41.97 -9.93
N VAL D 209 -47.55 41.74 -10.36
CA VAL D 209 -48.60 42.76 -10.39
C VAL D 209 -49.85 42.16 -9.78
N ASN D 210 -50.49 42.92 -8.88
CA ASN D 210 -51.64 42.41 -8.13
C ASN D 210 -52.74 43.46 -8.06
N GLY D 211 -53.98 42.98 -7.92
CA GLY D 211 -55.12 43.83 -7.64
C GLY D 211 -55.47 44.85 -8.70
N VAL D 212 -55.40 44.46 -9.97
CA VAL D 212 -55.74 45.35 -11.07
C VAL D 212 -56.78 44.70 -11.99
N ASP D 213 -57.60 43.82 -11.42
CA ASP D 213 -58.80 43.29 -12.06
C ASP D 213 -58.46 42.52 -13.35
N GLY D 214 -57.76 41.40 -13.19
CA GLY D 214 -57.55 40.46 -14.26
C GLY D 214 -56.25 40.65 -15.03
N TYR D 215 -55.59 41.79 -14.86
CA TYR D 215 -54.29 42.02 -15.48
C TYR D 215 -53.15 41.51 -14.62
N ASP D 216 -53.46 40.89 -13.48
CA ASP D 216 -52.44 40.43 -12.55
C ASP D 216 -51.55 39.37 -13.21
N TYR D 217 -50.30 39.30 -12.73
CA TYR D 217 -49.33 38.35 -13.24
C TYR D 217 -48.69 37.64 -12.05
N SER D 218 -48.97 36.36 -11.90
CA SER D 218 -48.37 35.58 -10.82
C SER D 218 -46.86 35.44 -11.07
N ARG D 219 -46.11 35.36 -9.97
CA ARG D 219 -44.66 35.24 -10.06
C ARG D 219 -44.26 33.93 -10.75
N GLY D 220 -44.97 32.85 -10.44
CA GLY D 220 -44.65 31.57 -11.04
C GLY D 220 -44.91 31.53 -12.54
N GLN D 221 -45.77 32.44 -13.03
CA GLN D 221 -46.09 32.46 -14.45
C GLN D 221 -44.88 32.87 -15.29
N LEU D 222 -43.92 33.56 -14.68
CA LEU D 222 -42.74 34.02 -15.40
C LEU D 222 -41.94 32.84 -15.94
N ILE D 223 -41.80 31.79 -15.12
CA ILE D 223 -41.04 30.60 -15.51
C ILE D 223 -41.68 29.96 -16.72
N GLU D 224 -43.01 29.82 -16.69
CA GLU D 224 -43.72 29.19 -17.80
C GLU D 224 -43.51 29.97 -19.09
N ASP D 225 -43.60 31.29 -19.02
CA ASP D 225 -43.37 32.13 -20.19
C ASP D 225 -41.96 31.95 -20.71
N VAL D 226 -40.99 31.89 -19.81
CA VAL D 226 -39.59 31.77 -20.22
C VAL D 226 -39.36 30.44 -20.95
N GLU D 227 -39.86 29.33 -20.38
CA GLU D 227 -39.67 28.05 -21.05
C GLU D 227 -40.39 28.00 -22.39
N HIS D 228 -41.62 28.52 -22.45
CA HIS D 228 -42.35 28.51 -23.71
C HIS D 228 -41.64 29.34 -24.77
N THR D 229 -41.06 30.47 -24.37
CA THR D 229 -40.30 31.28 -25.33
C THR D 229 -39.04 30.55 -25.79
N PHE D 230 -38.31 29.94 -24.86
CA PHE D 230 -37.08 29.26 -25.22
C PHE D 230 -37.34 28.04 -26.11
N GLU D 231 -38.51 27.42 -25.96
CA GLU D 231 -38.84 26.27 -26.80
C GLU D 231 -38.86 26.64 -28.27
N GLU D 232 -39.46 27.79 -28.60
CA GLU D 232 -39.48 28.25 -29.98
C GLU D 232 -38.13 28.80 -30.44
N ILE D 233 -37.27 29.22 -29.51
CA ILE D 233 -35.96 29.73 -29.88
C ILE D 233 -34.98 28.61 -30.20
N LYS D 234 -35.13 27.46 -29.53
CA LYS D 234 -34.17 26.35 -29.70
C LYS D 234 -33.87 25.97 -31.14
N PRO D 235 -34.86 25.81 -32.04
CA PRO D 235 -34.52 25.36 -33.41
C PRO D 235 -33.57 26.28 -34.14
N LEU D 236 -33.73 27.60 -34.01
CA LEU D 236 -32.85 28.54 -34.72
C LEU D 236 -31.46 28.51 -34.12
N TYR D 237 -31.36 28.47 -32.79
CA TYR D 237 -30.08 28.40 -32.13
C TYR D 237 -29.34 27.13 -32.52
N GLU D 238 -30.08 26.04 -32.73
CA GLU D 238 -29.46 24.79 -33.17
C GLU D 238 -28.75 24.96 -34.51
N HIS D 239 -29.45 25.56 -35.48
CA HIS D 239 -28.87 25.78 -36.80
C HIS D 239 -27.67 26.72 -36.73
N LEU D 240 -27.80 27.79 -35.95
CA LEU D 240 -26.70 28.74 -35.83
C LEU D 240 -25.47 28.08 -35.20
N HIS D 241 -25.68 27.27 -34.16
CA HIS D 241 -24.59 26.58 -33.49
C HIS D 241 -23.92 25.59 -34.44
N ALA D 242 -24.73 24.87 -35.22
CA ALA D 242 -24.17 23.93 -36.19
C ALA D 242 -23.32 24.65 -37.23
N TYR D 243 -23.81 25.79 -37.73
CA TYR D 243 -23.05 26.55 -38.71
C TYR D 243 -21.75 27.07 -38.12
N VAL D 244 -21.81 27.54 -36.86
CA VAL D 244 -20.60 28.04 -36.20
C VAL D 244 -19.58 26.91 -36.03
N ARG D 245 -20.04 25.73 -35.64
CA ARG D 245 -19.14 24.59 -35.51
C ARG D 245 -18.51 24.23 -36.85
N ALA D 246 -19.32 24.24 -37.92
CA ALA D 246 -18.79 23.93 -39.24
C ALA D 246 -17.73 24.94 -39.66
N LYS D 247 -17.98 26.23 -39.41
CA LYS D 247 -16.98 27.25 -39.74
C LYS D 247 -15.72 27.14 -38.89
N LEU D 248 -15.85 26.81 -37.60
CA LEU D 248 -14.70 26.65 -36.73
C LEU D 248 -13.91 25.39 -37.03
N MET D 249 -14.50 24.42 -37.72
CA MET D 249 -13.76 23.24 -38.13
C MET D 249 -12.53 23.58 -38.96
N ASN D 250 -12.53 24.71 -39.67
CA ASN D 250 -11.39 25.08 -40.51
C ASN D 250 -10.31 25.81 -39.74
N ALA D 251 -10.68 26.56 -38.70
CA ALA D 251 -9.71 27.35 -37.94
C ALA D 251 -8.91 26.54 -36.94
N TYR D 252 -9.52 25.53 -36.32
CA TYR D 252 -8.85 24.69 -35.32
C TYR D 252 -9.03 23.22 -35.69
N PRO D 253 -8.31 22.73 -36.69
CA PRO D 253 -8.45 21.34 -37.09
C PRO D 253 -7.96 20.39 -35.99
N SER D 254 -8.55 19.20 -35.97
CA SER D 254 -8.25 18.14 -35.03
C SER D 254 -8.52 18.51 -33.58
N TYR D 255 -9.35 19.52 -33.34
CA TYR D 255 -9.70 19.93 -31.99
C TYR D 255 -11.20 19.93 -31.72
N ILE D 256 -12.04 19.89 -32.75
CA ILE D 256 -13.49 19.97 -32.60
C ILE D 256 -14.11 18.75 -33.26
N SER D 257 -14.99 18.07 -32.53
CA SER D 257 -15.75 17.00 -33.15
C SER D 257 -16.90 17.57 -33.97
N PRO D 258 -17.19 17.01 -35.15
CA PRO D 258 -18.28 17.56 -35.97
C PRO D 258 -19.67 17.37 -35.38
N ILE D 259 -19.83 16.47 -34.40
CA ILE D 259 -21.13 16.23 -33.79
C ILE D 259 -21.16 16.61 -32.32
N GLY D 260 -20.02 16.95 -31.71
CA GLY D 260 -19.96 17.27 -30.31
C GLY D 260 -20.27 18.73 -30.03
N CYS D 261 -20.18 19.09 -28.76
CA CYS D 261 -20.41 20.46 -28.32
C CYS D 261 -19.17 21.31 -28.61
N LEU D 262 -19.29 22.61 -28.37
CA LEU D 262 -18.10 23.40 -28.64
C LEU D 262 -17.25 23.53 -27.37
N PRO D 263 -15.93 23.52 -27.50
CA PRO D 263 -15.07 23.83 -26.36
C PRO D 263 -15.32 25.26 -25.88
N ALA D 264 -15.27 25.43 -24.56
CA ALA D 264 -15.65 26.71 -23.98
C ALA D 264 -14.65 27.83 -24.29
N HIS D 265 -13.36 27.50 -24.35
CA HIS D 265 -12.32 28.51 -24.46
C HIS D 265 -12.11 29.02 -25.88
N LEU D 266 -13.07 28.80 -26.79
CA LEU D 266 -12.96 29.28 -28.17
C LEU D 266 -14.12 30.17 -28.56
N LEU D 267 -14.80 30.78 -27.59
CA LEU D 267 -16.01 31.55 -27.86
C LEU D 267 -15.74 33.04 -28.05
N GLY D 268 -14.49 33.48 -27.91
CA GLY D 268 -14.18 34.88 -28.12
C GLY D 268 -14.30 35.72 -26.86
N ASP D 269 -14.89 35.15 -25.82
CA ASP D 269 -15.11 35.86 -24.57
C ASP D 269 -14.75 34.96 -23.39
N MET D 270 -14.66 35.58 -22.21
CA MET D 270 -14.31 34.84 -21.00
C MET D 270 -15.33 33.74 -20.70
N TRP D 271 -16.62 34.06 -20.83
CA TRP D 271 -17.68 33.11 -20.52
C TRP D 271 -18.57 32.76 -21.69
N GLY D 272 -18.51 33.52 -22.79
CA GLY D 272 -19.38 33.31 -23.92
C GLY D 272 -20.67 34.10 -23.91
N ARG D 273 -20.73 35.19 -23.14
CA ARG D 273 -21.93 36.01 -23.10
C ARG D 273 -22.28 36.58 -24.46
N PHE D 274 -21.27 36.81 -25.31
CA PHE D 274 -21.49 37.32 -26.65
C PHE D 274 -20.58 36.59 -27.62
N TRP D 275 -21.03 36.46 -28.86
CA TRP D 275 -20.26 35.78 -29.90
C TRP D 275 -19.77 36.73 -30.98
N THR D 276 -19.76 38.03 -30.70
CA THR D 276 -19.35 39.00 -31.70
C THR D 276 -17.90 38.81 -32.11
N ASN D 277 -17.05 38.40 -31.17
CA ASN D 277 -15.62 38.28 -31.43
C ASN D 277 -15.30 37.19 -32.46
N LEU D 278 -16.25 36.33 -32.78
CA LEU D 278 -16.06 35.31 -33.81
C LEU D 278 -16.42 35.79 -35.20
N TYR D 279 -16.82 37.06 -35.34
CA TYR D 279 -17.27 37.57 -36.63
C TYR D 279 -16.20 37.41 -37.71
N SER D 280 -14.95 37.70 -37.36
CA SER D 280 -13.87 37.58 -38.32
C SER D 280 -13.67 36.15 -38.79
N LEU D 281 -14.03 35.17 -37.95
CA LEU D 281 -13.84 33.78 -38.29
C LEU D 281 -15.09 33.12 -38.88
N THR D 282 -16.17 33.89 -39.08
CA THR D 282 -17.41 33.32 -39.57
C THR D 282 -18.06 34.20 -40.64
N VAL D 283 -17.27 35.01 -41.34
CA VAL D 283 -17.81 35.90 -42.35
C VAL D 283 -18.31 35.07 -43.54
N PRO D 284 -19.56 35.23 -43.94
CA PRO D 284 -20.06 34.45 -45.10
C PRO D 284 -19.41 34.85 -46.40
N PHE D 285 -19.18 36.15 -46.62
CA PHE D 285 -18.65 36.67 -47.87
C PHE D 285 -17.60 37.73 -47.53
N GLY D 286 -16.33 37.31 -47.47
CA GLY D 286 -15.26 38.25 -47.17
C GLY D 286 -14.83 39.07 -48.37
N GLN D 287 -15.26 38.71 -49.57
CA GLN D 287 -14.88 39.46 -50.76
C GLN D 287 -15.43 40.87 -50.71
N LYS D 288 -16.69 41.02 -50.32
CA LYS D 288 -17.28 42.35 -50.21
C LYS D 288 -17.34 42.77 -48.76
N PRO D 289 -17.00 44.02 -48.43
CA PRO D 289 -17.03 44.47 -47.05
C PRO D 289 -18.45 44.76 -46.61
N ASN D 290 -18.60 44.99 -45.30
CA ASN D 290 -19.90 45.32 -44.72
C ASN D 290 -20.19 46.80 -44.95
N ILE D 291 -21.24 47.29 -44.32
CA ILE D 291 -21.64 48.70 -44.44
C ILE D 291 -20.77 49.52 -43.50
N ASP D 292 -19.89 50.34 -44.08
CA ASP D 292 -19.02 51.22 -43.31
C ASP D 292 -19.06 52.61 -43.93
N VAL D 293 -19.25 53.62 -43.10
CA VAL D 293 -19.33 55.00 -43.57
C VAL D 293 -18.38 55.88 -42.75
N THR D 294 -17.37 55.26 -42.14
CA THR D 294 -16.51 55.98 -41.22
C THR D 294 -15.77 57.13 -41.90
N ASP D 295 -15.56 57.05 -43.22
CA ASP D 295 -14.88 58.13 -43.92
C ASP D 295 -15.86 59.21 -44.37
N ALA D 296 -17.16 58.96 -44.26
CA ALA D 296 -18.15 59.93 -44.74
C ALA D 296 -18.11 61.19 -43.89
N MET D 297 -18.08 61.05 -42.56
CA MET D 297 -18.00 62.22 -41.71
C MET D 297 -16.64 62.89 -41.83
N VAL D 298 -15.60 62.10 -42.11
CA VAL D 298 -14.26 62.68 -42.32
C VAL D 298 -14.26 63.58 -43.55
N ASP D 299 -14.90 63.14 -44.63
CA ASP D 299 -14.95 63.93 -45.85
C ASP D 299 -15.65 65.27 -45.63
N GLN D 300 -16.74 65.25 -44.87
CA GLN D 300 -17.48 66.48 -44.59
C GLN D 300 -16.93 67.25 -43.40
N ALA D 301 -15.85 66.76 -42.78
CA ALA D 301 -15.23 67.42 -41.63
C ALA D 301 -16.22 67.57 -40.47
N TRP D 302 -16.73 66.43 -40.01
CA TRP D 302 -17.72 66.39 -38.95
C TRP D 302 -16.99 66.46 -37.61
N ASP D 303 -17.14 67.59 -36.92
CA ASP D 303 -16.55 67.76 -35.60
C ASP D 303 -17.36 66.98 -34.57
N ALA D 304 -16.93 67.06 -33.31
CA ALA D 304 -17.66 66.40 -32.23
C ALA D 304 -18.73 67.29 -31.64
N GLN D 305 -19.56 67.89 -32.50
CA GLN D 305 -20.72 68.66 -32.09
C GLN D 305 -21.89 68.35 -33.01
N ARG D 306 -21.56 67.94 -34.24
CA ARG D 306 -22.59 67.72 -35.27
C ARG D 306 -23.45 66.50 -34.94
N ILE D 307 -22.94 65.58 -34.14
CA ILE D 307 -23.68 64.35 -33.85
C ILE D 307 -25.00 64.67 -33.15
N PHE D 308 -24.94 65.50 -32.11
CA PHE D 308 -26.14 65.81 -31.35
C PHE D 308 -27.13 66.64 -32.16
N LYS D 309 -26.62 67.57 -32.98
CA LYS D 309 -27.50 68.36 -33.83
C LYS D 309 -28.19 67.47 -34.86
N GLU D 310 -27.46 66.52 -35.44
CA GLU D 310 -28.07 65.59 -36.38
C GLU D 310 -29.11 64.71 -35.70
N ALA D 311 -28.83 64.29 -34.46
CA ALA D 311 -29.82 63.51 -33.71
C ALA D 311 -31.08 64.34 -33.46
N GLU D 312 -30.91 65.61 -33.10
CA GLU D 312 -32.06 66.49 -32.90
C GLU D 312 -32.84 66.66 -34.19
N LYS D 313 -32.15 66.81 -35.32
CA LYS D 313 -32.84 66.94 -36.60
C LYS D 313 -33.62 65.67 -36.93
N PHE D 314 -33.03 64.50 -36.67
CA PHE D 314 -33.73 63.25 -36.90
C PHE D 314 -34.97 63.14 -36.01
N PHE D 315 -34.85 63.54 -34.75
CA PHE D 315 -35.99 63.51 -33.84
C PHE D 315 -37.09 64.45 -34.32
N VAL D 316 -36.71 65.64 -34.80
CA VAL D 316 -37.70 66.58 -35.31
C VAL D 316 -38.39 66.00 -36.54
N SER D 317 -37.64 65.36 -37.43
CA SER D 317 -38.25 64.75 -38.62
C SER D 317 -39.21 63.63 -38.23
N VAL D 318 -38.85 62.86 -37.20
CA VAL D 318 -39.75 61.82 -36.71
C VAL D 318 -41.03 62.44 -36.17
N GLY D 319 -40.90 63.51 -35.39
CA GLY D 319 -42.06 64.19 -34.87
C GLY D 319 -41.90 64.67 -33.44
N LEU D 320 -40.84 64.22 -32.77
CA LEU D 320 -40.61 64.64 -31.39
C LEU D 320 -40.19 66.12 -31.35
N PRO D 321 -40.51 66.82 -30.27
CA PRO D 321 -40.26 68.27 -30.22
C PRO D 321 -38.77 68.58 -30.10
N ASN D 322 -38.48 69.88 -30.01
CA ASN D 322 -37.12 70.35 -29.94
C ASN D 322 -36.49 69.98 -28.59
N MET D 323 -35.25 70.40 -28.40
CA MET D 323 -34.50 70.08 -27.20
C MET D 323 -34.25 71.34 -26.37
N THR D 324 -34.06 71.15 -25.08
CA THR D 324 -33.90 72.25 -24.14
C THR D 324 -32.51 72.87 -24.29
N GLN D 325 -32.47 74.20 -24.40
CA GLN D 325 -31.20 74.90 -24.44
C GLN D 325 -30.43 74.72 -23.14
N GLY D 326 -31.14 74.72 -22.01
CA GLY D 326 -30.49 74.47 -20.74
C GLY D 326 -29.79 73.13 -20.72
N PHE D 327 -30.41 72.10 -21.30
CA PHE D 327 -29.76 70.80 -21.41
C PHE D 327 -28.49 70.92 -22.26
N TRP D 328 -28.54 71.71 -23.33
CA TRP D 328 -27.34 71.92 -24.15
C TRP D 328 -26.23 72.56 -23.33
N GLU D 329 -26.60 73.44 -22.39
CA GLU D 329 -25.59 74.13 -21.60
C GLU D 329 -25.06 73.26 -20.46
N ASN D 330 -25.95 72.81 -19.57
CA ASN D 330 -25.50 72.08 -18.38
C ASN D 330 -25.31 70.59 -18.65
N SER D 331 -24.55 70.24 -19.68
CA SER D 331 -24.31 68.85 -20.02
C SER D 331 -22.85 68.69 -20.44
N MET D 332 -22.52 67.50 -20.92
CA MET D 332 -21.14 67.08 -21.17
C MET D 332 -21.07 66.42 -22.55
N LEU D 333 -21.46 67.17 -23.57
CA LEU D 333 -21.47 66.61 -24.91
C LEU D 333 -20.12 66.04 -25.27
N THR D 334 -19.06 66.79 -24.98
CA THR D 334 -17.74 66.33 -25.34
C THR D 334 -16.77 66.42 -24.20
N ASP D 335 -15.93 65.43 -24.05
CA ASP D 335 -14.92 65.45 -22.99
C ASP D 335 -13.98 66.64 -23.18
N PRO D 336 -13.77 67.41 -22.11
CA PRO D 336 -12.81 68.53 -22.18
C PRO D 336 -11.42 68.12 -22.63
N GLY D 337 -10.97 66.92 -22.25
CA GLY D 337 -9.66 66.45 -22.62
C GLY D 337 -8.52 67.01 -21.81
N ASN D 338 -8.81 67.83 -20.79
CA ASN D 338 -7.77 68.47 -19.99
C ASN D 338 -7.23 67.48 -18.98
N VAL D 339 -6.39 67.97 -18.05
CA VAL D 339 -5.78 67.13 -17.04
C VAL D 339 -6.78 66.59 -16.02
N GLN D 340 -8.04 67.06 -16.06
CA GLN D 340 -9.04 66.59 -15.12
C GLN D 340 -9.69 65.30 -15.61
N LYS D 341 -9.49 64.21 -14.86
CA LYS D 341 -9.99 62.90 -15.28
C LYS D 341 -11.51 62.83 -15.12
N ALA D 342 -12.16 62.26 -16.13
CA ALA D 342 -13.58 61.96 -16.08
C ALA D 342 -13.82 60.65 -16.81
N VAL D 343 -14.86 59.94 -16.38
CA VAL D 343 -15.21 58.66 -16.97
C VAL D 343 -15.86 58.88 -18.32
N CYS D 344 -15.37 58.15 -19.33
CA CYS D 344 -15.93 58.25 -20.68
C CYS D 344 -17.14 57.36 -20.88
N HIS D 345 -17.55 56.60 -19.86
CA HIS D 345 -18.71 55.75 -19.99
C HIS D 345 -19.97 56.58 -20.19
N PRO D 346 -20.71 56.38 -21.29
CA PRO D 346 -21.94 57.15 -21.51
C PRO D 346 -22.98 56.87 -20.43
N THR D 347 -23.70 57.93 -20.05
CA THR D 347 -24.78 57.79 -19.09
C THR D 347 -25.69 59.01 -19.18
N ALA D 348 -26.99 58.77 -19.09
CA ALA D 348 -27.99 59.82 -19.03
C ALA D 348 -28.35 60.10 -17.58
N TRP D 349 -28.65 61.36 -17.28
CA TRP D 349 -28.93 61.77 -15.92
C TRP D 349 -30.39 62.18 -15.76
N ASP D 350 -30.90 61.98 -14.54
CA ASP D 350 -32.29 62.25 -14.19
C ASP D 350 -32.34 63.19 -12.99
N LEU D 351 -31.61 64.30 -13.09
CA LEU D 351 -31.58 65.29 -12.02
C LEU D 351 -32.97 65.78 -11.66
N GLY D 352 -33.89 65.80 -12.63
CA GLY D 352 -35.20 66.34 -12.37
C GLY D 352 -35.16 67.86 -12.32
N LYS D 353 -36.28 68.41 -11.85
CA LYS D 353 -36.49 69.85 -11.65
C LYS D 353 -36.44 70.61 -12.98
N GLY D 354 -36.34 69.92 -14.11
CA GLY D 354 -36.30 70.56 -15.41
C GLY D 354 -34.97 70.55 -16.14
N ASP D 355 -33.97 69.86 -15.61
CA ASP D 355 -32.65 69.80 -16.24
C ASP D 355 -32.15 68.36 -16.31
N PHE D 356 -31.53 68.02 -17.42
CA PHE D 356 -30.94 66.72 -17.64
C PHE D 356 -29.60 66.90 -18.36
N ARG D 357 -28.80 65.85 -18.39
CA ARG D 357 -27.48 65.91 -19.00
C ARG D 357 -27.03 64.51 -19.40
N ILE D 358 -26.01 64.46 -20.24
CA ILE D 358 -25.44 63.21 -20.75
C ILE D 358 -23.92 63.28 -20.61
N LEU D 359 -23.33 62.18 -20.14
CA LEU D 359 -21.88 62.07 -19.97
C LEU D 359 -21.36 61.01 -20.93
N MET D 360 -20.63 61.45 -21.95
CA MET D 360 -20.03 60.54 -22.93
C MET D 360 -19.01 61.29 -23.77
N CYS D 361 -17.92 60.59 -24.10
CA CYS D 361 -16.77 61.20 -24.76
C CYS D 361 -16.92 61.17 -26.28
N THR D 362 -17.18 62.31 -26.89
CA THR D 362 -17.45 62.33 -28.33
C THR D 362 -16.31 61.88 -29.21
N LYS D 363 -16.64 61.38 -30.40
CA LYS D 363 -15.64 60.93 -31.35
C LYS D 363 -16.32 60.70 -32.68
N VAL D 364 -15.62 60.94 -33.78
CA VAL D 364 -16.25 60.80 -35.08
C VAL D 364 -16.35 59.35 -35.52
N THR D 365 -17.39 58.66 -35.06
CA THR D 365 -17.59 57.26 -35.43
C THR D 365 -19.06 56.93 -35.23
N MET D 366 -19.55 55.96 -36.03
CA MET D 366 -20.97 55.63 -36.03
C MET D 366 -21.45 55.18 -34.66
N ASP D 367 -20.62 54.42 -33.94
CA ASP D 367 -21.03 53.93 -32.63
C ASP D 367 -21.35 55.07 -31.68
N ASP D 368 -20.63 56.19 -31.80
CA ASP D 368 -20.96 57.37 -30.99
C ASP D 368 -22.33 57.91 -31.36
N PHE D 369 -22.67 57.90 -32.65
CA PHE D 369 -23.99 58.33 -33.07
C PHE D 369 -25.08 57.44 -32.48
N LEU D 370 -24.87 56.13 -32.53
CA LEU D 370 -25.85 55.20 -31.97
C LEU D 370 -25.98 55.36 -30.47
N THR D 371 -24.87 55.55 -29.77
CA THR D 371 -24.91 55.75 -28.34
C THR D 371 -25.60 57.07 -27.98
N ALA D 372 -25.38 58.10 -28.79
CA ALA D 372 -26.06 59.37 -28.59
C ALA D 372 -27.57 59.20 -28.74
N HIS D 373 -27.99 58.44 -29.76
CA HIS D 373 -29.41 58.16 -29.91
C HIS D 373 -29.96 57.37 -28.74
N HIS D 374 -29.20 56.39 -28.25
CA HIS D 374 -29.61 55.58 -27.10
C HIS D 374 -29.83 56.44 -25.87
N GLU D 375 -28.84 57.27 -25.53
CA GLU D 375 -28.96 58.14 -24.36
C GLU D 375 -30.03 59.20 -24.56
N MET D 376 -30.22 59.68 -25.79
CA MET D 376 -31.23 60.70 -26.05
C MET D 376 -32.61 60.08 -25.86
N GLY D 377 -32.77 58.82 -26.26
CA GLY D 377 -34.01 58.10 -25.97
C GLY D 377 -34.25 57.95 -24.48
N HIS D 378 -33.21 57.60 -23.73
CA HIS D 378 -33.34 57.59 -22.27
C HIS D 378 -33.82 58.95 -21.75
N ILE D 379 -33.23 60.02 -22.26
CA ILE D 379 -33.56 61.36 -21.78
C ILE D 379 -35.00 61.73 -22.13
N GLN D 380 -35.46 61.37 -23.33
CA GLN D 380 -36.84 61.60 -23.71
C GLN D 380 -37.79 60.82 -22.80
N TYR D 381 -37.46 59.56 -22.53
CA TYR D 381 -38.28 58.79 -21.60
C TYR D 381 -38.27 59.44 -20.21
N ASP D 382 -37.17 60.11 -19.87
CA ASP D 382 -37.09 60.80 -18.59
C ASP D 382 -38.05 61.98 -18.52
N MET D 383 -38.08 62.83 -19.56
CA MET D 383 -39.08 63.90 -19.51
C MET D 383 -40.49 63.36 -19.67
N ALA D 384 -40.63 62.15 -20.21
CA ALA D 384 -41.97 61.60 -20.44
C ALA D 384 -42.76 61.49 -19.14
N TYR D 385 -42.09 61.14 -18.04
CA TYR D 385 -42.73 61.08 -16.73
C TYR D 385 -42.32 62.24 -15.82
N ALA D 386 -41.89 63.36 -16.40
CA ALA D 386 -41.49 64.51 -15.60
C ALA D 386 -42.64 65.11 -14.80
N ALA D 387 -43.89 64.90 -15.22
CA ALA D 387 -45.05 65.39 -14.51
C ALA D 387 -45.68 64.31 -13.61
N GLN D 388 -44.87 63.44 -13.05
CA GLN D 388 -45.30 62.33 -12.23
C GLN D 388 -44.68 62.44 -10.85
N PRO D 389 -45.29 61.81 -9.85
CA PRO D 389 -44.69 61.82 -8.50
C PRO D 389 -43.32 61.16 -8.50
N PHE D 390 -42.57 61.45 -7.44
CA PHE D 390 -41.20 60.92 -7.33
C PHE D 390 -41.20 59.40 -7.33
N LEU D 391 -42.16 58.77 -6.66
CA LEU D 391 -42.23 57.32 -6.65
C LEU D 391 -42.51 56.76 -8.04
N LEU D 392 -43.12 57.54 -8.93
CA LEU D 392 -43.44 57.11 -10.28
C LEU D 392 -42.45 57.63 -11.31
N ARG D 393 -41.39 58.30 -10.88
CA ARG D 393 -40.39 58.84 -11.81
C ARG D 393 -39.39 57.75 -12.18
N ASN D 394 -39.90 56.72 -12.86
CA ASN D 394 -39.09 55.59 -13.28
C ASN D 394 -39.84 54.86 -14.38
N GLY D 395 -39.20 53.83 -14.93
CA GLY D 395 -39.82 53.01 -15.94
C GLY D 395 -40.82 52.03 -15.37
N ALA D 396 -41.52 51.34 -16.28
CA ALA D 396 -42.48 50.32 -15.85
C ALA D 396 -41.78 49.18 -15.11
N ASN D 397 -40.64 48.74 -15.64
CA ASN D 397 -39.85 47.71 -14.97
C ASN D 397 -38.38 47.95 -15.32
N GLU D 398 -37.53 46.96 -15.05
CA GLU D 398 -36.11 47.11 -15.30
C GLU D 398 -35.76 47.05 -16.78
N GLY D 399 -36.62 46.44 -17.59
CA GLY D 399 -36.31 46.24 -18.99
C GLY D 399 -36.92 47.24 -19.93
N PHE D 400 -37.33 48.41 -19.42
CA PHE D 400 -38.00 49.41 -20.23
C PHE D 400 -37.06 50.52 -20.70
N HIS D 401 -36.16 50.99 -19.85
CA HIS D 401 -35.23 52.03 -20.26
C HIS D 401 -34.33 51.55 -21.39
N GLU D 402 -33.80 50.33 -21.27
CA GLU D 402 -32.89 49.81 -22.28
C GLU D 402 -33.59 49.45 -23.58
N ALA D 403 -34.90 49.17 -23.54
CA ALA D 403 -35.62 48.82 -24.75
C ALA D 403 -35.84 50.00 -25.69
N VAL D 404 -35.96 51.21 -25.14
CA VAL D 404 -36.21 52.40 -25.96
C VAL D 404 -34.97 52.80 -26.75
N GLY D 405 -33.82 52.86 -26.08
CA GLY D 405 -32.59 53.24 -26.76
C GLY D 405 -32.21 52.26 -27.85
N GLU D 406 -32.44 50.97 -27.63
CA GLU D 406 -32.09 49.96 -28.63
C GLU D 406 -32.88 50.17 -29.91
N ILE D 407 -34.21 50.32 -29.80
CA ILE D 407 -35.01 50.52 -30.99
C ILE D 407 -34.70 51.86 -31.64
N MET D 408 -34.41 52.88 -30.83
CA MET D 408 -34.09 54.18 -31.40
C MET D 408 -32.82 54.10 -32.23
N SER D 409 -31.78 53.47 -31.69
CA SER D 409 -30.54 53.30 -32.45
C SER D 409 -30.75 52.41 -33.68
N LEU D 410 -31.54 51.34 -33.54
CA LEU D 410 -31.75 50.44 -34.66
C LEU D 410 -32.48 51.13 -35.81
N SER D 411 -33.45 51.99 -35.49
CA SER D 411 -34.18 52.69 -36.53
C SER D 411 -33.27 53.60 -37.35
N ALA D 412 -32.28 54.21 -36.72
CA ALA D 412 -31.33 55.06 -37.42
C ALA D 412 -30.16 54.28 -38.00
N ALA D 413 -29.98 53.01 -37.63
CA ALA D 413 -28.87 52.22 -38.12
C ALA D 413 -29.14 51.59 -39.48
N THR D 414 -30.36 51.69 -40.00
CA THR D 414 -30.67 51.07 -41.28
C THR D 414 -29.94 51.81 -42.41
N PRO D 415 -29.51 51.10 -43.46
CA PRO D 415 -28.89 51.78 -44.60
C PRO D 415 -29.81 52.78 -45.29
N LYS D 416 -31.13 52.56 -45.21
CA LYS D 416 -32.07 53.51 -45.80
C LYS D 416 -31.97 54.88 -45.14
N HIS D 417 -31.81 54.91 -43.82
CA HIS D 417 -31.61 56.17 -43.12
C HIS D 417 -30.31 56.84 -43.56
N LEU D 418 -29.25 56.06 -43.74
CA LEU D 418 -27.99 56.62 -44.21
C LEU D 418 -28.12 57.21 -45.61
N LYS D 419 -28.84 56.52 -46.50
CA LYS D 419 -29.08 57.07 -47.83
C LYS D 419 -29.90 58.34 -47.77
N SER D 420 -30.93 58.36 -46.91
CA SER D 420 -31.77 59.54 -46.78
C SER D 420 -31.00 60.74 -46.23
N ILE D 421 -30.07 60.49 -45.29
CA ILE D 421 -29.29 61.58 -44.71
C ILE D 421 -28.49 62.29 -45.79
N GLY D 422 -27.87 61.54 -46.69
CA GLY D 422 -27.02 62.07 -47.74
C GLY D 422 -25.58 61.61 -47.65
N LEU D 423 -25.19 61.04 -46.50
CA LEU D 423 -23.85 60.51 -46.36
C LEU D 423 -23.61 59.35 -47.33
N LEU D 424 -24.62 58.48 -47.49
CA LEU D 424 -24.56 57.42 -48.48
C LEU D 424 -25.18 57.91 -49.77
N SER D 425 -24.41 57.92 -50.85
CA SER D 425 -24.90 58.43 -52.12
C SER D 425 -26.00 57.52 -52.67
N PRO D 426 -27.02 58.11 -53.30
CA PRO D 426 -28.15 57.31 -53.79
C PRO D 426 -27.76 56.26 -54.83
N ASP D 427 -26.77 56.54 -55.67
CA ASP D 427 -26.44 55.62 -56.75
C ASP D 427 -25.89 54.30 -56.23
N PHE D 428 -25.15 54.33 -55.13
CA PHE D 428 -24.59 53.10 -54.57
C PHE D 428 -25.71 52.19 -54.06
N GLN D 429 -25.51 50.89 -54.22
CA GLN D 429 -26.51 49.91 -53.81
C GLN D 429 -25.82 48.79 -53.06
N GLU D 430 -26.62 48.11 -52.21
CA GLU D 430 -26.15 46.99 -51.41
C GLU D 430 -26.92 45.74 -51.81
N ASP D 431 -26.20 44.67 -52.13
CA ASP D 431 -26.84 43.43 -52.55
C ASP D 431 -27.31 42.61 -51.36
N ASN D 432 -27.73 41.37 -51.65
CA ASN D 432 -28.24 40.50 -50.60
C ASN D 432 -27.13 40.08 -49.64
N GLU D 433 -25.90 39.92 -50.14
CA GLU D 433 -24.81 39.41 -49.31
C GLU D 433 -24.47 40.40 -48.19
N THR D 434 -24.52 41.70 -48.47
CA THR D 434 -24.29 42.68 -47.42
C THR D 434 -25.35 42.58 -46.33
N GLU D 435 -26.61 42.39 -46.73
CA GLU D 435 -27.68 42.20 -45.76
C GLU D 435 -27.46 40.95 -44.93
N ILE D 436 -27.01 39.86 -45.58
CA ILE D 436 -26.74 38.63 -44.86
C ILE D 436 -25.63 38.84 -43.84
N ASN D 437 -24.56 39.53 -44.25
CA ASN D 437 -23.45 39.79 -43.33
C ASN D 437 -23.89 40.62 -42.15
N PHE D 438 -24.68 41.67 -42.40
CA PHE D 438 -25.15 42.52 -41.31
C PHE D 438 -26.07 41.74 -40.37
N LEU D 439 -26.95 40.92 -40.93
CA LEU D 439 -27.84 40.12 -40.09
C LEU D 439 -27.07 39.11 -39.26
N LEU D 440 -26.04 38.49 -39.83
CA LEU D 440 -25.22 37.56 -39.06
C LEU D 440 -24.47 38.28 -37.95
N LYS D 441 -23.96 39.48 -38.24
CA LYS D 441 -23.29 40.26 -37.20
C LYS D 441 -24.24 40.58 -36.06
N GLN D 442 -25.47 40.98 -36.39
CA GLN D 442 -26.47 41.26 -35.35
C GLN D 442 -26.81 39.99 -34.57
N ALA D 443 -26.93 38.87 -35.27
CA ALA D 443 -27.30 37.62 -34.62
C ALA D 443 -26.22 37.16 -33.65
N LEU D 444 -24.95 37.31 -34.03
CA LEU D 444 -23.86 36.88 -33.17
C LEU D 444 -23.87 37.57 -31.82
N THR D 445 -24.49 38.75 -31.73
CA THR D 445 -24.66 39.46 -30.48
C THR D 445 -25.99 39.14 -29.80
N ILE D 446 -27.08 39.07 -30.57
CA ILE D 446 -28.40 38.88 -29.97
C ILE D 446 -28.60 37.43 -29.55
N VAL D 447 -28.56 36.52 -30.51
CA VAL D 447 -28.94 35.13 -30.26
C VAL D 447 -28.00 34.47 -29.26
N GLY D 448 -26.72 34.84 -29.31
CA GLY D 448 -25.74 34.15 -28.48
C GLY D 448 -26.02 34.24 -26.99
N THR D 449 -26.55 35.38 -26.53
CA THR D 449 -26.74 35.59 -25.11
C THR D 449 -28.03 34.98 -24.57
N LEU D 450 -28.98 34.60 -25.44
CA LEU D 450 -30.25 34.09 -24.94
C LEU D 450 -30.10 32.77 -24.19
N PRO D 451 -29.53 31.71 -24.78
CA PRO D 451 -29.36 30.47 -24.00
C PRO D 451 -28.50 30.66 -22.78
N PHE D 452 -27.45 31.48 -22.88
CA PHE D 452 -26.58 31.72 -21.73
C PHE D 452 -27.35 32.38 -20.59
N THR D 453 -28.11 33.44 -20.90
CA THR D 453 -28.88 34.12 -19.88
C THR D 453 -29.92 33.20 -19.26
N TYR D 454 -30.64 32.46 -20.09
CA TYR D 454 -31.66 31.56 -19.58
C TYR D 454 -31.06 30.50 -18.67
N MET D 455 -29.94 29.90 -19.09
CA MET D 455 -29.30 28.87 -18.28
C MET D 455 -28.80 29.44 -16.97
N LEU D 456 -28.19 30.62 -16.99
CA LEU D 456 -27.68 31.22 -15.76
C LEU D 456 -28.81 31.50 -14.78
N GLU D 457 -29.88 32.11 -15.27
CA GLU D 457 -31.00 32.44 -14.39
C GLU D 457 -31.66 31.18 -13.86
N LYS D 458 -31.80 30.15 -14.69
CA LYS D 458 -32.38 28.89 -14.23
C LYS D 458 -31.53 28.27 -13.14
N TRP D 459 -30.21 28.27 -13.31
CA TRP D 459 -29.34 27.72 -12.29
C TRP D 459 -29.44 28.49 -10.98
N ARG D 460 -29.46 29.82 -11.06
CA ARG D 460 -29.58 30.60 -9.84
C ARG D 460 -30.91 30.35 -9.14
N TRP D 461 -32.00 30.29 -9.91
CA TRP D 461 -33.31 30.06 -9.33
C TRP D 461 -33.37 28.68 -8.65
N MET D 462 -32.83 27.66 -9.31
CA MET D 462 -32.88 26.33 -8.73
C MET D 462 -31.94 26.17 -7.55
N VAL D 463 -30.89 26.99 -7.46
CA VAL D 463 -30.01 26.88 -6.31
C VAL D 463 -30.54 27.71 -5.14
N PHE D 464 -31.36 28.73 -5.41
CA PHE D 464 -31.89 29.53 -4.31
C PHE D 464 -33.05 28.86 -3.59
N LYS D 465 -33.69 27.87 -4.20
CA LYS D 465 -34.81 27.19 -3.57
C LYS D 465 -34.43 25.84 -2.98
N GLY D 466 -33.14 25.55 -2.91
CA GLY D 466 -32.67 24.34 -2.27
C GLY D 466 -32.90 23.06 -3.02
N GLU D 467 -33.34 23.13 -4.28
CA GLU D 467 -33.56 21.91 -5.06
C GLU D 467 -32.27 21.22 -5.46
N ILE D 468 -31.13 21.88 -5.29
CA ILE D 468 -29.83 21.33 -5.65
C ILE D 468 -29.02 21.14 -4.38
N PRO D 469 -28.58 19.92 -4.06
CA PRO D 469 -27.71 19.73 -2.89
C PRO D 469 -26.42 20.52 -3.04
N LYS D 470 -25.92 21.02 -1.91
CA LYS D 470 -24.73 21.87 -1.93
C LYS D 470 -23.54 21.14 -2.54
N ASP D 471 -23.42 19.84 -2.29
CA ASP D 471 -22.31 19.05 -2.84
C ASP D 471 -22.56 18.61 -4.27
N GLN D 472 -23.63 19.09 -4.91
CA GLN D 472 -23.94 18.73 -6.28
C GLN D 472 -24.27 19.96 -7.10
N TRP D 473 -23.54 21.05 -6.84
CA TRP D 473 -23.75 22.26 -7.64
C TRP D 473 -23.04 22.16 -8.98
N MET D 474 -21.71 22.08 -8.94
CA MET D 474 -20.92 22.27 -10.15
C MET D 474 -21.31 21.28 -11.23
N LYS D 475 -21.33 19.99 -10.86
CA LYS D 475 -21.81 18.95 -11.77
C LYS D 475 -23.08 19.39 -12.49
N LYS D 476 -24.14 19.68 -11.74
CA LYS D 476 -25.41 20.04 -12.36
C LYS D 476 -25.21 21.20 -13.32
N TRP D 477 -24.50 22.24 -12.87
CA TRP D 477 -24.16 23.38 -13.73
C TRP D 477 -23.69 22.90 -15.09
N TRP D 478 -22.61 22.12 -15.11
CA TRP D 478 -22.03 21.73 -16.39
C TRP D 478 -23.01 20.91 -17.21
N GLU D 479 -23.82 20.08 -16.57
CA GLU D 479 -24.81 19.31 -17.32
C GLU D 479 -25.71 20.23 -18.13
N MET D 480 -26.19 21.30 -17.50
CA MET D 480 -27.01 22.26 -18.23
C MET D 480 -26.24 22.84 -19.40
N LYS D 481 -24.96 23.18 -19.17
CA LYS D 481 -24.15 23.75 -20.23
C LYS D 481 -24.08 22.82 -21.44
N ARG D 482 -24.12 21.51 -21.19
CA ARG D 482 -24.09 20.56 -22.29
C ARG D 482 -25.44 20.46 -22.97
N GLU D 483 -26.53 20.56 -22.19
CA GLU D 483 -27.83 20.20 -22.74
C GLU D 483 -28.68 21.42 -23.10
N ILE D 484 -28.42 22.58 -22.50
CA ILE D 484 -29.11 23.80 -22.90
C ILE D 484 -28.30 24.55 -23.94
N VAL D 485 -27.06 24.90 -23.57
CA VAL D 485 -26.21 25.73 -24.43
C VAL D 485 -25.41 24.91 -25.42
N GLY D 486 -25.13 23.64 -25.11
CA GLY D 486 -24.30 22.84 -25.99
C GLY D 486 -22.84 23.24 -26.00
N VAL D 487 -22.28 23.52 -24.83
CA VAL D 487 -20.87 23.83 -24.68
C VAL D 487 -20.28 22.90 -23.62
N VAL D 488 -19.13 22.32 -23.93
CA VAL D 488 -18.47 21.37 -23.04
C VAL D 488 -17.19 22.00 -22.52
N GLU D 489 -16.92 21.80 -21.23
CA GLU D 489 -15.71 22.34 -20.64
C GLU D 489 -14.49 21.57 -21.13
N PRO D 490 -13.35 22.24 -21.31
CA PRO D 490 -12.15 21.53 -21.78
C PRO D 490 -11.55 20.60 -20.75
N VAL D 491 -11.64 20.93 -19.46
CA VAL D 491 -11.11 20.06 -18.41
C VAL D 491 -12.15 19.91 -17.32
N PRO D 492 -12.21 18.72 -16.71
CA PRO D 492 -13.21 18.49 -15.67
C PRO D 492 -12.99 19.38 -14.46
N HIS D 493 -14.09 19.86 -13.89
CA HIS D 493 -14.06 20.71 -12.71
C HIS D 493 -14.85 20.01 -11.60
N ASP D 494 -14.19 19.75 -10.48
CA ASP D 494 -14.83 19.10 -9.35
C ASP D 494 -15.64 20.13 -8.56
N GLU D 495 -16.09 19.75 -7.36
CA GLU D 495 -16.96 20.61 -6.58
C GLU D 495 -16.21 21.69 -5.81
N THR D 496 -14.88 21.69 -5.83
CA THR D 496 -14.14 22.74 -5.15
C THR D 496 -14.18 24.07 -5.91
N TYR D 497 -14.46 24.05 -7.20
CA TYR D 497 -14.52 25.26 -8.00
C TYR D 497 -15.87 25.97 -7.84
N CYS D 498 -15.96 27.16 -8.41
CA CYS D 498 -17.23 27.89 -8.49
C CYS D 498 -17.19 28.75 -9.76
N ASP D 499 -17.69 28.18 -10.85
CA ASP D 499 -17.55 28.84 -12.16
C ASP D 499 -18.47 30.04 -12.32
N PRO D 500 -19.80 29.95 -12.09
CA PRO D 500 -20.64 31.12 -12.29
C PRO D 500 -20.28 32.29 -11.39
N ALA D 501 -19.64 32.05 -10.25
CA ALA D 501 -19.22 33.14 -9.39
C ALA D 501 -18.16 34.02 -10.07
N SER D 502 -17.54 33.53 -11.14
CA SER D 502 -16.55 34.34 -11.85
C SER D 502 -17.18 35.50 -12.62
N LEU D 503 -18.45 35.38 -13.00
CA LEU D 503 -19.11 36.43 -13.75
C LEU D 503 -19.43 37.61 -12.84
N PHE D 504 -19.33 38.81 -13.40
CA PHE D 504 -19.49 40.03 -12.60
C PHE D 504 -20.89 40.11 -11.99
N HIS D 505 -21.92 39.79 -12.77
CA HIS D 505 -23.29 39.95 -12.28
C HIS D 505 -23.58 38.99 -11.14
N VAL D 506 -23.04 37.78 -11.20
CA VAL D 506 -23.31 36.79 -10.15
C VAL D 506 -22.67 37.21 -8.84
N SER D 507 -21.40 37.64 -8.89
CA SER D 507 -20.65 37.99 -7.70
C SER D 507 -20.89 39.42 -7.25
N ASN D 508 -21.97 40.06 -7.70
CA ASN D 508 -22.27 41.41 -7.28
C ASN D 508 -23.75 41.60 -6.95
N ASP D 509 -24.49 40.51 -6.76
CA ASP D 509 -25.90 40.56 -6.37
C ASP D 509 -26.72 41.36 -7.37
N TYR D 510 -26.77 40.85 -8.60
CA TYR D 510 -27.50 41.49 -9.68
C TYR D 510 -28.40 40.47 -10.37
N SER D 511 -29.55 40.94 -10.83
CA SER D 511 -30.49 40.08 -11.55
C SER D 511 -30.15 40.08 -13.04
N PHE D 512 -29.99 38.88 -13.61
CA PHE D 512 -29.60 38.74 -15.00
C PHE D 512 -30.77 38.64 -15.96
N ILE D 513 -32.00 38.58 -15.44
CA ILE D 513 -33.15 38.36 -16.31
C ILE D 513 -33.48 39.61 -17.13
N ARG D 514 -32.98 40.78 -16.71
CA ARG D 514 -33.31 42.00 -17.43
C ARG D 514 -32.79 41.97 -18.86
N TYR D 515 -31.69 41.26 -19.09
CA TYR D 515 -31.15 41.16 -20.44
C TYR D 515 -31.99 40.24 -21.32
N TYR D 516 -32.82 39.38 -20.72
CA TYR D 516 -33.63 38.48 -21.51
C TYR D 516 -34.90 39.17 -22.00
N THR D 517 -35.76 39.57 -21.07
CA THR D 517 -37.08 40.08 -21.44
C THR D 517 -36.97 41.32 -22.32
N ARG D 518 -36.07 42.24 -21.95
CA ARG D 518 -35.85 43.42 -22.78
C ARG D 518 -35.52 43.04 -24.21
N THR D 519 -34.65 42.03 -24.37
CA THR D 519 -34.28 41.58 -25.70
C THR D 519 -35.52 41.20 -26.50
N LEU D 520 -36.49 40.55 -25.85
CA LEU D 520 -37.75 40.27 -26.52
C LEU D 520 -38.52 41.57 -26.78
N TYR D 521 -38.67 42.41 -25.76
CA TYR D 521 -39.53 43.58 -25.85
C TYR D 521 -39.15 44.44 -27.04
N GLN D 522 -37.86 44.73 -27.17
CA GLN D 522 -37.32 45.45 -28.32
C GLN D 522 -37.93 44.95 -29.62
N PHE D 523 -37.74 43.66 -29.91
CA PHE D 523 -38.25 43.12 -31.16
C PHE D 523 -39.77 43.19 -31.20
N GLN D 524 -40.42 42.92 -30.07
CA GLN D 524 -41.88 43.10 -30.01
C GLN D 524 -42.24 44.56 -30.28
N PHE D 525 -41.49 45.48 -29.67
CA PHE D 525 -41.69 46.89 -29.96
C PHE D 525 -41.53 47.16 -31.45
N GLN D 526 -40.62 46.43 -32.11
CA GLN D 526 -40.46 46.55 -33.55
C GLN D 526 -41.79 46.34 -34.27
N GLU D 527 -42.51 45.28 -33.90
CA GLU D 527 -43.80 45.02 -34.53
C GLU D 527 -44.79 46.14 -34.22
N ALA D 528 -44.68 46.75 -33.05
CA ALA D 528 -45.53 47.88 -32.71
C ALA D 528 -44.97 49.21 -33.20
N LEU D 529 -43.81 49.21 -33.86
CA LEU D 529 -43.13 50.46 -34.12
C LEU D 529 -43.43 50.98 -35.53
N CYS D 530 -43.18 50.17 -36.56
CA CYS D 530 -43.38 50.59 -37.93
C CYS D 530 -44.47 49.81 -38.65
N GLN D 531 -44.98 48.72 -38.06
CA GLN D 531 -46.13 48.06 -38.66
C GLN D 531 -47.36 48.95 -38.61
N ALA D 532 -47.56 49.66 -37.50
CA ALA D 532 -48.57 50.70 -37.46
C ALA D 532 -48.24 51.85 -38.40
N ALA D 533 -46.95 52.12 -38.60
CA ALA D 533 -46.49 53.12 -39.55
C ALA D 533 -46.49 52.63 -40.99
N LYS D 534 -47.21 51.53 -41.27
CA LYS D 534 -47.37 50.93 -42.59
C LYS D 534 -46.04 50.79 -43.33
N HIS D 535 -45.09 50.08 -42.73
CA HIS D 535 -43.85 49.72 -43.39
C HIS D 535 -44.01 48.37 -44.08
N GLU D 536 -43.68 48.32 -45.36
CA GLU D 536 -43.90 47.13 -46.17
C GLU D 536 -42.63 46.38 -46.55
N GLY D 537 -41.46 46.99 -46.39
CA GLY D 537 -40.21 46.37 -46.75
C GLY D 537 -39.76 45.34 -45.72
N PRO D 538 -38.52 44.88 -45.85
CA PRO D 538 -37.99 43.92 -44.87
C PRO D 538 -37.94 44.52 -43.47
N LEU D 539 -38.14 43.65 -42.48
CA LEU D 539 -38.17 44.11 -41.09
C LEU D 539 -36.82 44.68 -40.66
N HIS D 540 -35.74 44.26 -41.29
CA HIS D 540 -34.42 44.81 -40.99
C HIS D 540 -34.17 46.15 -41.67
N LYS D 541 -35.12 46.61 -42.48
CA LYS D 541 -35.05 47.93 -43.10
C LYS D 541 -36.05 48.91 -42.49
N CYS D 542 -36.60 48.58 -41.32
CA CYS D 542 -37.62 49.44 -40.71
C CYS D 542 -37.05 50.80 -40.34
N ASP D 543 -37.81 51.84 -40.64
CA ASP D 543 -37.48 53.20 -40.25
C ASP D 543 -38.78 53.95 -40.01
N ILE D 544 -38.73 55.00 -39.19
CA ILE D 544 -39.93 55.72 -38.78
C ILE D 544 -39.81 57.22 -39.01
N SER D 545 -38.86 57.66 -39.84
CA SER D 545 -38.80 59.06 -40.21
C SER D 545 -40.04 59.40 -41.03
N ASN D 546 -40.56 60.61 -40.83
CA ASN D 546 -41.82 61.06 -41.46
C ASN D 546 -42.98 60.13 -41.09
N SER D 547 -43.08 59.80 -39.80
CA SER D 547 -44.18 58.96 -39.31
C SER D 547 -44.58 59.47 -37.94
N THR D 548 -45.58 60.35 -37.91
CA THR D 548 -46.06 60.91 -36.65
C THR D 548 -46.97 59.96 -35.88
N GLU D 549 -47.58 58.98 -36.57
CA GLU D 549 -48.43 58.02 -35.87
C GLU D 549 -47.60 57.12 -34.96
N ALA D 550 -46.44 56.68 -35.43
CA ALA D 550 -45.54 55.90 -34.58
C ALA D 550 -45.06 56.71 -33.39
N GLY D 551 -44.76 57.99 -33.61
CA GLY D 551 -44.37 58.85 -32.50
C GLY D 551 -45.48 59.02 -31.47
N GLN D 552 -46.72 59.21 -31.93
CA GLN D 552 -47.84 59.32 -31.00
C GLN D 552 -48.04 58.02 -30.23
N LYS D 553 -47.96 56.88 -30.91
CA LYS D 553 -48.12 55.59 -30.24
C LYS D 553 -47.03 55.39 -29.19
N LEU D 554 -45.79 55.76 -29.53
CA LEU D 554 -44.70 55.65 -28.58
C LEU D 554 -44.93 56.55 -27.37
N PHE D 555 -45.30 57.82 -27.64
CA PHE D 555 -45.52 58.78 -26.57
C PHE D 555 -46.63 58.34 -25.62
N ASN D 556 -47.66 57.69 -26.17
CA ASN D 556 -48.77 57.23 -25.33
C ASN D 556 -48.30 56.34 -24.20
N MET D 557 -47.27 55.52 -24.43
CA MET D 557 -46.71 54.68 -23.39
C MET D 557 -45.53 55.31 -22.68
N LEU D 558 -44.79 56.20 -23.35
CA LEU D 558 -43.69 56.91 -22.69
C LEU D 558 -44.22 57.75 -21.54
N ARG D 559 -45.31 58.49 -21.78
CA ARG D 559 -45.86 59.39 -20.76
C ARG D 559 -46.73 58.62 -19.78
N LEU D 560 -46.18 57.56 -19.18
CA LEU D 560 -46.88 56.80 -18.16
C LEU D 560 -46.04 56.47 -16.94
N GLY D 561 -44.72 56.41 -17.06
CA GLY D 561 -43.88 56.08 -15.92
C GLY D 561 -44.22 54.72 -15.36
N LYS D 562 -44.30 54.64 -14.03
CA LYS D 562 -44.71 53.44 -13.33
C LYS D 562 -46.15 53.50 -12.84
N SER D 563 -46.91 54.51 -13.29
CA SER D 563 -48.28 54.68 -12.81
C SER D 563 -49.19 53.53 -13.20
N GLU D 564 -48.86 52.81 -14.27
CA GLU D 564 -49.68 51.71 -14.76
C GLU D 564 -48.81 50.48 -14.94
N PRO D 565 -49.39 49.28 -14.84
CA PRO D 565 -48.61 48.06 -15.02
C PRO D 565 -48.04 47.97 -16.44
N TRP D 566 -46.87 47.33 -16.55
CA TRP D 566 -46.25 47.13 -17.85
C TRP D 566 -47.14 46.31 -18.77
N THR D 567 -47.95 45.40 -18.22
CA THR D 567 -48.91 44.68 -19.04
C THR D 567 -49.91 45.63 -19.67
N LEU D 568 -50.34 46.64 -18.92
CA LEU D 568 -51.25 47.64 -19.47
C LEU D 568 -50.61 48.40 -20.62
N ALA D 569 -49.32 48.75 -20.48
CA ALA D 569 -48.62 49.42 -21.58
C ALA D 569 -48.51 48.51 -22.80
N LEU D 570 -48.21 47.23 -22.58
CA LEU D 570 -48.12 46.29 -23.69
C LEU D 570 -49.45 46.18 -24.42
N GLU D 571 -50.55 46.10 -23.68
CA GLU D 571 -51.86 46.07 -24.30
C GLU D 571 -52.19 47.39 -25.00
N ASN D 572 -51.72 48.51 -24.44
CA ASN D 572 -51.97 49.82 -25.03
C ASN D 572 -51.25 50.01 -26.35
N VAL D 573 -50.03 49.47 -26.49
CA VAL D 573 -49.25 49.71 -27.70
C VAL D 573 -49.20 48.45 -28.54
N VAL D 574 -48.61 47.39 -28.01
CA VAL D 574 -48.51 46.15 -28.77
C VAL D 574 -49.88 45.48 -28.89
N GLY D 575 -50.67 45.50 -27.82
CA GLY D 575 -51.97 44.87 -27.83
C GLY D 575 -52.05 43.52 -27.16
N ALA D 576 -50.96 43.04 -26.58
CA ALA D 576 -50.92 41.77 -25.87
C ALA D 576 -50.74 42.02 -24.38
N LYS D 577 -50.84 40.94 -23.60
CA LYS D 577 -50.67 40.99 -22.16
C LYS D 577 -49.54 40.07 -21.71
N ASN D 578 -48.62 39.76 -22.63
CA ASN D 578 -47.47 38.91 -22.32
C ASN D 578 -46.42 39.13 -23.39
N MET D 579 -45.20 38.69 -23.09
CA MET D 579 -44.10 38.80 -24.05
C MET D 579 -44.25 37.74 -25.12
N ASN D 580 -43.95 38.12 -26.36
CA ASN D 580 -44.08 37.23 -27.51
C ASN D 580 -42.74 37.08 -28.21
N VAL D 581 -42.54 35.89 -28.78
CA VAL D 581 -41.31 35.58 -29.50
C VAL D 581 -41.49 35.58 -31.01
N ARG D 582 -42.73 35.57 -31.50
CA ARG D 582 -42.97 35.59 -32.94
C ARG D 582 -42.32 36.77 -33.66
N PRO D 583 -42.33 38.00 -33.14
CA PRO D 583 -41.61 39.09 -33.83
C PRO D 583 -40.14 38.78 -34.08
N LEU D 584 -39.45 38.18 -33.10
CA LEU D 584 -38.05 37.86 -33.28
C LEU D 584 -37.85 36.85 -34.40
N LEU D 585 -38.70 35.82 -34.44
CA LEU D 585 -38.61 34.82 -35.51
C LEU D 585 -38.88 35.46 -36.86
N ASN D 586 -39.85 36.36 -36.93
CA ASN D 586 -40.14 37.04 -38.18
C ASN D 586 -38.98 37.93 -38.62
N TYR D 587 -38.25 38.50 -37.66
CA TYR D 587 -37.15 39.40 -38.01
C TYR D 587 -36.03 38.66 -38.74
N PHE D 588 -35.70 37.46 -38.29
CA PHE D 588 -34.55 36.72 -38.81
C PHE D 588 -34.95 35.64 -39.81
N GLU D 589 -36.12 35.78 -40.43
CA GLU D 589 -36.60 34.79 -41.38
C GLU D 589 -35.67 34.63 -42.59
N PRO D 590 -35.20 35.71 -43.22
CA PRO D 590 -34.28 35.52 -44.36
C PRO D 590 -33.00 34.80 -43.96
N LEU D 591 -32.39 35.17 -42.84
CA LEU D 591 -31.19 34.49 -42.40
C LEU D 591 -31.48 33.05 -41.97
N PHE D 592 -32.68 32.81 -41.40
CA PHE D 592 -33.06 31.45 -41.07
C PHE D 592 -33.14 30.59 -42.33
N THR D 593 -33.75 31.12 -43.39
CA THR D 593 -33.82 30.38 -44.65
C THR D 593 -32.43 30.16 -45.23
N TRP D 594 -31.57 31.18 -45.15
CA TRP D 594 -30.21 31.04 -45.65
C TRP D 594 -29.45 29.95 -44.91
N LEU D 595 -29.59 29.92 -43.58
CA LEU D 595 -28.94 28.87 -42.79
C LEU D 595 -29.48 27.50 -43.13
N LYS D 596 -30.80 27.39 -43.28
CA LYS D 596 -31.39 26.11 -43.64
C LYS D 596 -30.88 25.61 -44.98
N ASP D 597 -30.74 26.52 -45.94
CA ASP D 597 -30.14 26.16 -47.23
C ASP D 597 -28.69 25.74 -47.06
N GLN D 598 -27.95 26.44 -46.20
CA GLN D 598 -26.53 26.19 -46.03
C GLN D 598 -26.22 25.00 -45.12
N ASN D 599 -27.22 24.45 -44.43
CA ASN D 599 -27.01 23.38 -43.48
C ASN D 599 -27.47 22.03 -44.00
N LYS D 600 -27.66 21.91 -45.32
CA LYS D 600 -28.09 20.63 -45.89
C LYS D 600 -27.04 19.55 -45.66
N ASN D 601 -25.77 19.89 -45.88
CA ASN D 601 -24.67 18.94 -45.65
C ASN D 601 -24.06 19.18 -44.28
N SER D 602 -24.88 18.96 -43.26
CA SER D 602 -24.49 19.20 -41.88
C SER D 602 -25.33 18.32 -40.96
N PHE D 603 -25.01 18.35 -39.68
CA PHE D 603 -25.74 17.62 -38.65
C PHE D 603 -26.23 18.64 -37.62
N VAL D 604 -27.47 19.08 -37.76
CA VAL D 604 -28.03 20.04 -36.82
C VAL D 604 -28.24 19.36 -35.48
N GLY D 605 -27.76 19.98 -34.42
CA GLY D 605 -27.83 19.43 -33.09
C GLY D 605 -26.46 18.98 -32.60
N TRP D 606 -26.47 18.33 -31.45
CA TRP D 606 -25.23 17.86 -30.83
C TRP D 606 -25.55 16.70 -29.92
N SER D 607 -24.51 15.98 -29.52
CA SER D 607 -24.61 14.87 -28.57
C SER D 607 -23.86 15.24 -27.31
N THR D 608 -24.54 15.14 -26.17
CA THR D 608 -23.96 15.54 -24.89
C THR D 608 -23.16 14.41 -24.25
N ASP D 609 -22.21 13.87 -25.00
CA ASP D 609 -21.32 12.83 -24.50
C ASP D 609 -19.87 13.00 -24.91
N TRP D 610 -19.58 13.69 -26.00
CA TRP D 610 -18.20 13.92 -26.42
C TRP D 610 -17.53 14.94 -25.51
N SER D 611 -16.21 14.81 -25.37
CA SER D 611 -15.43 15.74 -24.58
C SER D 611 -14.02 15.78 -25.14
N PRO D 612 -13.32 16.92 -25.03
CA PRO D 612 -11.95 17.00 -25.57
C PRO D 612 -10.93 16.17 -24.82
N TYR D 613 -11.32 15.44 -23.78
CA TYR D 613 -10.38 14.66 -23.00
C TYR D 613 -10.76 13.19 -22.92
N ALA D 614 -11.86 12.78 -23.55
CA ALA D 614 -12.27 11.38 -23.50
C ALA D 614 -11.37 10.48 -24.33
N ASP D 615 -10.76 11.00 -25.39
CA ASP D 615 -9.92 10.18 -26.25
C ASP D 615 -8.64 9.75 -25.58
N GLN D 616 -8.17 10.48 -24.56
CA GLN D 616 -6.92 10.17 -23.88
C GLN D 616 -7.13 9.84 -22.41
N SER D 617 -8.34 9.43 -22.05
CA SER D 617 -8.66 9.11 -20.65
C SER D 617 -8.71 7.60 -20.45
N ILE D 618 -8.59 7.19 -19.19
CA ILE D 618 -8.57 5.79 -18.80
C ILE D 618 -9.65 5.57 -17.76
N LYS D 619 -10.47 4.54 -17.95
CA LYS D 619 -11.54 4.22 -17.02
C LYS D 619 -11.05 3.23 -15.97
N VAL D 620 -11.52 3.42 -14.74
CA VAL D 620 -11.16 2.57 -13.62
C VAL D 620 -12.43 1.98 -13.02
N ARG D 621 -12.32 0.76 -12.50
CA ARG D 621 -13.45 0.07 -11.89
C ARG D 621 -12.98 -0.64 -10.65
N ILE D 622 -13.60 -0.34 -9.51
CA ILE D 622 -13.20 -0.89 -8.22
C ILE D 622 -14.39 -1.57 -7.57
N SER D 623 -14.16 -2.77 -7.04
CA SER D 623 -15.19 -3.54 -6.33
C SER D 623 -14.60 -3.97 -4.99
N LEU D 624 -14.89 -3.20 -3.95
CA LEU D 624 -14.33 -3.50 -2.63
C LEU D 624 -14.95 -4.75 -2.03
N LYS D 625 -16.27 -4.87 -2.11
CA LYS D 625 -16.96 -5.98 -1.46
C LYS D 625 -16.65 -7.32 -2.11
N SER D 626 -16.18 -7.33 -3.35
CA SER D 626 -15.78 -8.58 -3.98
C SER D 626 -14.43 -9.06 -3.45
N ALA D 627 -13.50 -8.13 -3.22
CA ALA D 627 -12.15 -8.51 -2.82
C ALA D 627 -12.08 -8.76 -1.32
N LEU D 628 -12.54 -7.79 -0.51
CA LEU D 628 -12.46 -7.92 0.93
C LEU D 628 -13.68 -8.61 1.52
N GLY D 629 -14.85 -8.43 0.92
CA GLY D 629 -16.06 -9.03 1.45
C GLY D 629 -16.54 -8.31 2.69
N ASP D 630 -15.79 -8.45 3.77
CA ASP D 630 -16.04 -7.74 5.01
C ASP D 630 -14.86 -6.83 5.32
N LYS D 631 -15.00 -6.04 6.38
CA LYS D 631 -14.00 -5.09 6.86
C LYS D 631 -13.58 -4.08 5.80
N ALA D 632 -14.40 -3.88 4.76
CA ALA D 632 -14.06 -2.96 3.69
C ALA D 632 -14.22 -1.51 4.16
N TYR D 633 -13.19 -0.72 3.96
CA TYR D 633 -13.22 0.68 4.33
C TYR D 633 -14.11 1.47 3.36
N GLU D 634 -14.80 2.47 3.89
CA GLU D 634 -15.64 3.32 3.08
C GLU D 634 -14.79 4.21 2.18
N TRP D 635 -15.27 4.45 0.97
CA TRP D 635 -14.54 5.21 -0.04
C TRP D 635 -14.91 6.68 0.11
N ASN D 636 -14.03 7.44 0.75
CA ASN D 636 -14.17 8.88 0.91
C ASN D 636 -13.11 9.60 0.08
N ASP D 637 -13.06 10.92 0.25
CA ASP D 637 -12.18 11.74 -0.57
C ASP D 637 -10.71 11.39 -0.34
N ASN D 638 -10.36 11.00 0.89
CA ASN D 638 -8.97 10.67 1.18
C ASN D 638 -8.48 9.50 0.34
N GLU D 639 -9.37 8.54 0.06
CA GLU D 639 -8.99 7.44 -0.82
C GLU D 639 -8.67 7.94 -2.22
N MET D 640 -9.46 8.89 -2.72
CA MET D 640 -9.18 9.48 -4.03
C MET D 640 -7.85 10.20 -4.02
N TYR D 641 -7.55 10.92 -2.93
CA TYR D 641 -6.26 11.59 -2.81
C TYR D 641 -5.11 10.59 -2.84
N LEU D 642 -5.27 9.48 -2.11
CA LEU D 642 -4.24 8.44 -2.11
C LEU D 642 -4.06 7.85 -3.50
N PHE D 643 -5.17 7.60 -4.20
CA PHE D 643 -5.09 7.04 -5.55
C PHE D 643 -4.37 7.99 -6.49
N ARG D 644 -4.68 9.28 -6.42
CA ARG D 644 -4.02 10.25 -7.28
C ARG D 644 -2.53 10.32 -6.98
N SER D 645 -2.16 10.31 -5.69
CA SER D 645 -0.75 10.35 -5.34
C SER D 645 -0.02 9.11 -5.85
N SER D 646 -0.66 7.93 -5.74
CA SER D 646 -0.04 6.72 -6.24
C SER D 646 0.15 6.77 -7.75
N VAL D 647 -0.85 7.30 -8.47
CA VAL D 647 -0.73 7.42 -9.92
C VAL D 647 0.42 8.35 -10.28
N ALA D 648 0.54 9.47 -9.57
CA ALA D 648 1.64 10.40 -9.83
C ALA D 648 2.98 9.73 -9.55
N TYR D 649 3.05 8.93 -8.48
CA TYR D 649 4.29 8.21 -8.18
C TYR D 649 4.65 7.23 -9.29
N ALA D 650 3.66 6.52 -9.81
CA ALA D 650 3.92 5.59 -10.92
C ALA D 650 4.41 6.32 -12.15
N MET D 651 3.80 7.47 -12.46
CA MET D 651 4.26 8.25 -13.61
C MET D 651 5.69 8.74 -13.41
N ARG D 652 6.02 9.17 -12.20
CA ARG D 652 7.39 9.58 -11.90
C ARG D 652 8.36 8.43 -12.10
N GLN D 653 7.99 7.24 -11.63
CA GLN D 653 8.86 6.08 -11.79
C GLN D 653 9.08 5.76 -13.27
N TYR D 654 8.01 5.82 -14.07
CA TYR D 654 8.15 5.53 -15.49
C TYR D 654 9.05 6.55 -16.18
N PHE D 655 8.84 7.83 -15.88
CA PHE D 655 9.65 8.84 -16.55
C PHE D 655 11.08 8.89 -16.02
N LEU D 656 11.35 8.31 -14.86
CA LEU D 656 12.72 8.27 -14.36
C LEU D 656 13.49 7.04 -14.83
N LYS D 657 12.89 5.85 -14.78
CA LYS D 657 13.61 4.61 -15.03
C LYS D 657 13.59 4.18 -16.49
N VAL D 658 12.94 4.94 -17.37
CA VAL D 658 12.85 4.53 -18.77
C VAL D 658 13.43 5.61 -19.67
N LYS D 659 12.83 6.80 -19.64
CA LYS D 659 13.23 7.89 -20.52
C LYS D 659 14.35 8.74 -19.93
N ASN D 660 14.78 8.46 -18.72
CA ASN D 660 15.91 9.15 -18.09
C ASN D 660 15.67 10.67 -18.05
N GLN D 661 14.48 11.05 -17.63
CA GLN D 661 14.12 12.44 -17.44
C GLN D 661 13.59 12.65 -16.03
N MET D 662 13.63 13.90 -15.59
CA MET D 662 13.22 14.27 -14.23
C MET D 662 11.95 15.12 -14.33
N ILE D 663 10.82 14.53 -13.98
CA ILE D 663 9.53 15.21 -14.01
C ILE D 663 8.91 15.13 -12.62
N LEU D 664 8.51 16.29 -12.09
CA LEU D 664 7.91 16.36 -10.76
C LEU D 664 6.38 16.42 -10.91
N PHE D 665 5.79 15.24 -11.03
CA PHE D 665 4.34 15.15 -11.08
C PHE D 665 3.74 15.42 -9.71
N GLY D 666 2.49 15.89 -9.71
CA GLY D 666 1.79 16.14 -8.48
C GLY D 666 0.36 15.64 -8.57
N GLU D 667 -0.28 15.54 -7.41
CA GLU D 667 -1.65 15.05 -7.35
C GLU D 667 -2.64 15.95 -8.07
N GLU D 668 -2.30 17.24 -8.24
CA GLU D 668 -3.16 18.15 -8.98
C GLU D 668 -3.07 17.97 -10.48
N ASP D 669 -2.12 17.16 -10.95
CA ASP D 669 -1.96 16.89 -12.37
C ASP D 669 -2.66 15.61 -12.81
N VAL D 670 -3.47 15.02 -11.95
CA VAL D 670 -4.23 13.83 -12.26
C VAL D 670 -5.70 14.22 -12.24
N ARG D 671 -6.24 14.57 -13.39
CA ARG D 671 -7.63 14.98 -13.48
C ARG D 671 -8.54 13.77 -13.50
N VAL D 672 -9.66 13.88 -12.77
CA VAL D 672 -10.62 12.80 -12.63
C VAL D 672 -12.01 13.34 -12.93
N ALA D 673 -12.89 12.45 -13.39
CA ALA D 673 -14.24 12.85 -13.75
C ALA D 673 -15.16 11.63 -13.75
N ASN D 674 -16.47 11.90 -13.71
CA ASN D 674 -17.51 10.89 -13.76
C ASN D 674 -17.37 9.87 -12.63
N LEU D 675 -17.50 10.37 -11.41
CA LEU D 675 -17.45 9.49 -10.24
C LEU D 675 -18.82 8.84 -10.03
N LYS D 676 -18.81 7.54 -9.77
CA LYS D 676 -20.01 6.74 -9.64
C LYS D 676 -19.95 5.94 -8.33
N PRO D 677 -21.11 5.54 -7.80
CA PRO D 677 -21.09 4.73 -6.57
C PRO D 677 -20.41 3.39 -6.74
N ARG D 678 -20.31 2.88 -7.96
CA ARG D 678 -19.54 1.66 -8.23
C ARG D 678 -18.02 1.88 -8.08
N ILE D 679 -17.62 3.08 -7.67
CA ILE D 679 -16.23 3.50 -7.63
C ILE D 679 -15.65 3.34 -9.03
N SER D 680 -16.28 4.00 -10.00
CA SER D 680 -15.83 4.00 -11.38
C SER D 680 -15.70 5.45 -11.84
N PHE D 681 -14.58 5.77 -12.48
CA PHE D 681 -14.31 7.15 -12.88
C PHE D 681 -13.23 7.16 -13.96
N ASN D 682 -13.33 8.13 -14.87
CA ASN D 682 -12.29 8.33 -15.85
C ASN D 682 -11.25 9.31 -15.31
N PHE D 683 -10.03 9.19 -15.82
CA PHE D 683 -8.96 10.07 -15.36
C PHE D 683 -7.90 10.17 -16.45
N PHE D 684 -7.07 11.19 -16.31
CA PHE D 684 -5.92 11.37 -17.20
C PHE D 684 -4.90 12.25 -16.51
N VAL D 685 -3.71 12.33 -17.10
CA VAL D 685 -2.56 12.98 -16.49
C VAL D 685 -2.02 14.04 -17.44
N THR D 686 -1.57 15.16 -16.87
CA THR D 686 -1.04 16.27 -17.65
C THR D 686 0.39 16.55 -17.22
N ALA D 687 0.97 17.59 -17.84
CA ALA D 687 2.30 18.04 -17.50
C ALA D 687 2.29 18.68 -16.10
N PRO D 688 3.48 18.82 -15.46
CA PRO D 688 3.51 19.37 -14.10
C PRO D 688 2.75 20.67 -13.95
N LYS D 689 3.14 21.72 -14.68
CA LYS D 689 2.33 22.93 -14.77
C LYS D 689 2.21 23.29 -16.24
N ASN D 690 1.28 22.61 -16.93
CA ASN D 690 0.97 22.94 -18.31
C ASN D 690 -0.40 22.32 -18.62
N VAL D 691 -1.44 23.13 -18.61
CA VAL D 691 -2.78 22.60 -18.82
C VAL D 691 -2.94 22.05 -20.24
N SER D 692 -2.40 22.75 -21.23
CA SER D 692 -2.57 22.38 -22.63
C SER D 692 -1.70 21.21 -23.05
N ASP D 693 -1.05 20.52 -22.11
CA ASP D 693 -0.21 19.36 -22.41
C ASP D 693 -0.83 18.13 -21.77
N ILE D 694 -1.25 17.18 -22.61
CA ILE D 694 -1.85 15.94 -22.15
C ILE D 694 -0.89 14.81 -22.49
N ILE D 695 -0.54 14.01 -21.48
CA ILE D 695 0.34 12.87 -21.72
C ILE D 695 -0.39 11.85 -22.59
N PRO D 696 0.20 11.37 -23.68
CA PRO D 696 -0.48 10.38 -24.52
C PRO D 696 -0.76 9.10 -23.76
N ARG D 697 -1.80 8.41 -24.19
CA ARG D 697 -2.37 7.32 -23.38
C ARG D 697 -1.42 6.13 -23.29
N THR D 698 -0.65 5.87 -24.33
CA THR D 698 0.16 4.65 -24.38
C THR D 698 1.23 4.64 -23.28
N GLU D 699 1.87 5.79 -23.05
CA GLU D 699 2.88 5.87 -21.99
C GLU D 699 2.25 5.68 -20.62
N VAL D 700 1.05 6.22 -20.41
CA VAL D 700 0.35 6.00 -19.15
C VAL D 700 0.04 4.51 -18.98
N GLU D 701 -0.37 3.86 -20.07
CA GLU D 701 -0.63 2.42 -20.01
C GLU D 701 0.63 1.65 -19.64
N LYS D 702 1.76 2.03 -20.23
CA LYS D 702 3.02 1.36 -19.89
C LYS D 702 3.38 1.56 -18.43
N ALA D 703 3.22 2.78 -17.92
CA ALA D 703 3.53 3.06 -16.52
C ALA D 703 2.63 2.24 -15.60
N ILE D 704 1.34 2.16 -15.91
CA ILE D 704 0.43 1.36 -15.10
C ILE D 704 0.81 -0.10 -15.17
N ARG D 705 1.17 -0.59 -16.35
CA ARG D 705 1.61 -1.97 -16.49
C ARG D 705 2.81 -2.26 -15.59
N MET D 706 3.74 -1.31 -15.52
CA MET D 706 4.93 -1.55 -14.70
C MET D 706 4.61 -1.50 -13.22
N SER D 707 3.78 -0.54 -12.79
CA SER D 707 3.58 -0.29 -11.36
C SER D 707 2.27 -0.86 -10.81
N ARG D 708 1.59 -1.72 -11.55
CA ARG D 708 0.34 -2.29 -11.07
C ARG D 708 0.55 -3.11 -9.81
N SER D 709 1.64 -3.86 -9.74
CA SER D 709 1.90 -4.67 -8.55
C SER D 709 2.05 -3.80 -7.32
N ARG D 710 2.76 -2.68 -7.45
CA ARG D 710 2.95 -1.77 -6.33
C ARG D 710 1.69 -0.97 -6.01
N ILE D 711 0.81 -0.78 -6.99
CA ILE D 711 -0.44 -0.07 -6.72
C ILE D 711 -1.44 -0.98 -6.00
N ASN D 712 -1.47 -2.25 -6.38
CA ASN D 712 -2.51 -3.16 -5.90
C ASN D 712 -2.48 -3.30 -4.39
N ASP D 713 -1.30 -3.57 -3.82
CA ASP D 713 -1.22 -3.81 -2.39
C ASP D 713 -1.47 -2.55 -1.57
N ALA D 714 -1.41 -1.37 -2.19
CA ALA D 714 -1.69 -0.14 -1.45
C ALA D 714 -3.14 -0.12 -0.95
N PHE D 715 -4.07 -0.59 -1.78
CA PHE D 715 -5.48 -0.63 -1.41
C PHE D 715 -5.95 -2.03 -1.05
N ARG D 716 -5.02 -2.98 -0.83
CA ARG D 716 -5.31 -4.36 -0.50
C ARG D 716 -6.12 -5.08 -1.57
N LEU D 717 -6.00 -4.66 -2.82
CA LEU D 717 -6.67 -5.34 -3.92
C LEU D 717 -5.76 -6.39 -4.53
N ASN D 718 -6.35 -7.26 -5.35
CA ASN D 718 -5.64 -8.43 -5.89
C ASN D 718 -5.79 -8.54 -7.40
N ASP D 719 -5.83 -7.40 -8.10
CA ASP D 719 -5.90 -7.30 -9.55
C ASP D 719 -7.21 -7.84 -10.12
N ASN D 720 -8.11 -8.36 -9.28
CA ASN D 720 -9.44 -8.77 -9.73
C ASN D 720 -10.49 -7.71 -9.44
N SER D 721 -10.16 -6.70 -8.64
CA SER D 721 -11.08 -5.62 -8.30
C SER D 721 -10.53 -4.26 -8.69
N LEU D 722 -9.51 -4.22 -9.54
CA LEU D 722 -8.90 -2.97 -9.99
C LEU D 722 -8.63 -3.02 -11.48
N GLU D 723 -9.59 -3.52 -12.25
CA GLU D 723 -9.41 -3.59 -13.70
C GLU D 723 -9.40 -2.19 -14.30
N PHE D 724 -8.55 -2.02 -15.31
CA PHE D 724 -8.36 -0.73 -15.95
C PHE D 724 -9.03 -0.62 -17.32
N LEU D 725 -9.72 -1.66 -17.78
CA LEU D 725 -10.46 -1.65 -19.03
C LEU D 725 -9.52 -1.31 -20.21
N GLY D 726 -8.58 -2.23 -20.44
CA GLY D 726 -7.64 -2.07 -21.51
C GLY D 726 -6.26 -2.61 -21.16
N ILE D 727 -6.08 -3.00 -19.90
CA ILE D 727 -4.83 -3.56 -19.42
C ILE D 727 -5.16 -4.87 -18.72
N GLN D 728 -4.84 -5.99 -19.36
CA GLN D 728 -5.07 -7.30 -18.74
C GLN D 728 -3.76 -7.87 -18.22
N PRO D 729 -3.75 -8.45 -17.02
CA PRO D 729 -2.49 -8.94 -16.46
C PRO D 729 -2.14 -10.33 -16.93
N THR D 730 -0.85 -10.55 -17.20
CA THR D 730 -0.34 -11.86 -17.57
C THR D 730 1.17 -11.94 -17.35
N LEU D 731 1.60 -12.78 -16.42
CA LEU D 731 3.02 -12.95 -16.12
C LEU D 731 3.25 -14.33 -15.54
N GLY D 732 3.98 -15.18 -16.28
CA GLY D 732 4.41 -16.45 -15.77
C GLY D 732 3.57 -17.62 -16.27
N PRO D 733 4.08 -18.33 -17.27
CA PRO D 733 3.41 -19.55 -17.73
C PRO D 733 3.79 -20.74 -16.89
N PRO D 734 2.83 -21.34 -16.17
CA PRO D 734 3.14 -22.50 -15.31
C PRO D 734 3.42 -23.73 -16.15
N ASN D 735 4.67 -24.21 -16.08
CA ASN D 735 5.09 -25.45 -16.74
C ASN D 735 5.84 -26.29 -15.70
N GLN D 736 5.09 -27.06 -14.93
CA GLN D 736 5.67 -27.83 -13.82
C GLN D 736 6.35 -29.15 -14.23
N PRO D 737 5.77 -29.98 -15.10
CA PRO D 737 6.27 -31.37 -15.21
C PRO D 737 7.51 -31.44 -16.09
N PRO D 738 8.66 -31.80 -15.53
CA PRO D 738 9.88 -31.91 -16.34
C PRO D 738 10.12 -33.31 -16.90
N VAL D 739 9.41 -34.30 -16.36
CA VAL D 739 9.74 -35.70 -16.63
C VAL D 739 8.56 -36.54 -17.08
N SER D 740 7.32 -36.06 -16.99
CA SER D 740 6.12 -36.84 -17.33
C SER D 740 6.06 -38.12 -16.50
N ILE D 741 5.88 -37.91 -15.19
CA ILE D 741 5.95 -38.94 -14.16
C ILE D 741 5.14 -40.17 -14.53
N TRP D 742 4.01 -39.98 -15.21
CA TRP D 742 3.18 -41.10 -15.60
C TRP D 742 3.95 -42.09 -16.47
N LEU D 743 4.76 -41.57 -17.40
CA LEU D 743 5.51 -42.44 -18.29
C LEU D 743 6.50 -43.31 -17.53
N ILE D 744 7.29 -42.72 -16.64
CA ILE D 744 8.32 -43.48 -15.93
C ILE D 744 7.67 -44.47 -14.95
N VAL D 745 6.56 -44.05 -14.31
CA VAL D 745 5.87 -44.97 -13.41
C VAL D 745 5.33 -46.16 -14.19
N PHE D 746 4.71 -45.92 -15.33
CA PHE D 746 4.18 -47.04 -16.10
C PHE D 746 5.34 -47.90 -16.59
N GLY D 747 6.48 -47.28 -16.90
CA GLY D 747 7.63 -48.05 -17.34
C GLY D 747 8.14 -49.01 -16.28
N VAL D 748 8.27 -48.54 -15.04
CA VAL D 748 8.75 -49.42 -13.98
C VAL D 748 7.72 -50.52 -13.71
N VAL D 749 6.43 -50.19 -13.74
CA VAL D 749 5.42 -51.23 -13.53
C VAL D 749 5.45 -52.26 -14.65
N MET D 750 5.59 -51.82 -15.91
CA MET D 750 5.61 -52.81 -16.98
C MET D 750 6.86 -53.67 -16.92
N GLY D 751 7.99 -53.10 -16.53
CA GLY D 751 9.19 -53.91 -16.34
C GLY D 751 9.01 -54.96 -15.26
N VAL D 752 8.44 -54.55 -14.12
CA VAL D 752 8.26 -55.52 -13.04
C VAL D 752 7.24 -56.58 -13.43
N ILE D 753 6.22 -56.22 -14.20
CA ILE D 753 5.20 -57.20 -14.56
C ILE D 753 5.76 -58.20 -15.58
N VAL D 754 6.59 -57.73 -16.52
CA VAL D 754 7.14 -58.67 -17.48
C VAL D 754 8.14 -59.60 -16.80
N VAL D 755 8.97 -59.07 -15.90
CA VAL D 755 9.91 -59.95 -15.21
C VAL D 755 9.15 -60.96 -14.35
N GLY D 756 8.04 -60.53 -13.73
CA GLY D 756 7.25 -61.45 -12.94
C GLY D 756 6.60 -62.54 -13.78
N ILE D 757 6.05 -62.18 -14.93
CA ILE D 757 5.38 -63.18 -15.76
C ILE D 757 6.41 -64.14 -16.33
N VAL D 758 7.60 -63.66 -16.70
CA VAL D 758 8.63 -64.56 -17.22
C VAL D 758 9.12 -65.51 -16.14
N ILE D 759 9.38 -64.99 -14.93
CA ILE D 759 9.86 -65.88 -13.87
C ILE D 759 8.78 -66.89 -13.49
N LEU D 760 7.52 -66.46 -13.50
CA LEU D 760 6.43 -67.40 -13.17
C LEU D 760 6.26 -68.48 -14.22
N ILE D 761 6.32 -68.13 -15.50
CA ILE D 761 6.16 -69.14 -16.54
C ILE D 761 7.36 -70.08 -16.53
N PHE D 762 8.55 -69.55 -16.25
CA PHE D 762 9.73 -70.42 -16.16
C PHE D 762 9.61 -71.37 -14.99
N THR D 763 9.11 -70.89 -13.84
CA THR D 763 8.90 -71.77 -12.69
C THR D 763 7.85 -72.83 -13.00
N GLY D 764 6.78 -72.45 -13.71
CA GLY D 764 5.77 -73.42 -14.08
C GLY D 764 6.31 -74.49 -15.01
N ILE D 765 7.15 -74.11 -15.97
CA ILE D 765 7.79 -75.09 -16.84
C ILE D 765 8.73 -75.99 -16.04
N ARG D 766 9.49 -75.40 -15.11
CA ARG D 766 10.38 -76.19 -14.27
C ARG D 766 9.60 -77.18 -13.41
N ASP D 767 8.38 -76.83 -13.02
CA ASP D 767 7.52 -77.71 -12.25
C ASP D 767 6.72 -78.65 -13.14
N ARG D 768 7.03 -78.72 -14.43
CA ARG D 768 6.37 -79.61 -15.37
C ARG D 768 4.87 -79.36 -15.44
#